data_9B7Q
#
_entry.id   9B7Q
#
_cell.length_a   1.00
_cell.length_b   1.00
_cell.length_c   1.00
_cell.angle_alpha   90.00
_cell.angle_beta   90.00
_cell.angle_gamma   90.00
#
_symmetry.space_group_name_H-M   'P 1'
#
loop_
_entity.id
_entity.type
_entity.pdbx_description
1 polymer 'Capsid protein VP1'
2 polymer 'Fab2-7 heavy chain'
3 polymer 'Fab2-7 light chain'
#
loop_
_entity_poly.entity_id
_entity_poly.type
_entity_poly.pdbx_seq_one_letter_code
_entity_poly.pdbx_strand_id
1 'polypeptide(L)'
;MASGGGAPVADNNEGADGVGSSSGNWHCDSQWLGDRVITTSTRTWALPTYNNHLYKQISNSTSGGSSNDNAYFGYSTPWG
YFDFNRFHCHFSPRDWQRLINNNWGFRPKRLNFKLFNIQVKEVTDNNGVKTIANNLTSTVQVFTDSDYQLPYVLGSAHEG
CLPPFPADVFMIPQYGYLTLNDGSQAVGRSSFYCLEYFPSQMLRTGNNFQFSYEFENVPFHSSYAHSQSLDRLMNPLIDQ
YLYYLSKTINGSGQNQQTLKFSVAGPSNMAVQGRNYIPGPSYRQQRVSTTVTQNNNSEFAWPGASSWALNGRNSLMNPGP
AMASHKEGEDRFFPLSGSLIFGKQGTGRDNVDADKVMITNEEEIKTTNPVATESYGQVATNHQSAQAQAQTGWVQNQGIL
PGMVWQDRDVYLQGPIWAKIPHTDGNFHPSPLMGGFGMKHPPPQILIKNTPVPADPPTAFNKDKLNSFITQYSTGQVSVE
IEWELQKENSKRWNPEIQYTSNYYKSNNVEFAVNTEGVYSEPRPIGTRYLTRNL
;
A,B,C,D,E
2 'polypeptide(L)'
;EVQLLESGGGLVQPGGSLRLSCAASGFTFSTYAMNWVRQAPGKGLEWVAGISASGGSAYYVDSVEGRFTISRDNSNNMLY
LQMNSLRAEDTAVYYCAKAVYAITMVRGSITTNYYHYYAMDVWGQGTTVTV
;
H,h,1,3,5
3 'polypeptide(L)'
;EIVLTQSPGTLSLSPGERATLSCRASQGVSSNYLAWYQQKPGQAPRLLIYDASNRATGIPDRFSGSGSGTDFTLTISRLE
PEDFAVYYCQQYGSSPPLTFGGGTKVQI
;
L,l,2,4,6
#
# COMPACT_ATOMS: atom_id res chain seq x y z
N ASP A 17 -18.84 8.40 -8.48
CA ASP A 17 -18.71 9.73 -7.89
C ASP A 17 -17.38 9.93 -7.16
N GLY A 18 -17.12 9.14 -6.13
CA GLY A 18 -15.86 9.23 -5.42
C GLY A 18 -15.53 7.95 -4.68
N VAL A 19 -14.24 7.78 -4.40
CA VAL A 19 -13.76 6.64 -3.63
C VAL A 19 -14.29 6.68 -2.21
N GLY A 20 -14.25 7.84 -1.57
CA GLY A 20 -14.59 7.90 -0.16
C GLY A 20 -16.07 8.13 0.09
N SER A 21 -16.87 8.13 -0.97
CA SER A 21 -18.28 8.36 -0.82
C SER A 21 -19.05 7.08 -1.14
N SER A 22 -20.18 6.91 -0.51
CA SER A 22 -21.02 5.74 -0.71
C SER A 22 -22.02 5.99 -1.82
N SER A 23 -22.25 4.97 -2.65
CA SER A 23 -23.13 5.09 -3.79
C SER A 23 -24.53 4.56 -3.54
N GLY A 24 -24.83 4.10 -2.34
CA GLY A 24 -26.18 3.69 -2.02
C GLY A 24 -26.33 3.35 -0.56
N ASN A 25 -27.58 3.27 -0.13
CA ASN A 25 -27.93 2.98 1.24
C ASN A 25 -28.70 1.68 1.30
N TRP A 26 -28.75 1.11 2.49
CA TRP A 26 -29.38 -0.18 2.71
C TRP A 26 -30.89 -0.01 2.84
N HIS A 27 -31.66 -0.73 2.03
CA HIS A 27 -33.11 -0.69 2.14
C HIS A 27 -33.66 -2.12 2.23
N CYS A 28 -34.14 -2.50 3.40
CA CYS A 28 -34.98 -3.68 3.57
C CYS A 28 -36.23 -3.23 4.31
N ASP A 29 -37.37 -3.44 3.70
CA ASP A 29 -38.60 -2.92 4.29
C ASP A 29 -39.76 -3.64 3.62
N SER A 30 -40.91 -3.57 4.25
CA SER A 30 -42.15 -3.81 3.54
C SER A 30 -43.07 -2.65 3.83
N GLN A 31 -43.86 -2.27 2.84
CA GLN A 31 -44.81 -1.18 2.99
C GLN A 31 -46.16 -1.68 2.52
N TRP A 32 -47.10 -1.79 3.44
CA TRP A 32 -48.43 -2.30 3.16
C TRP A 32 -49.37 -1.11 3.01
N LEU A 33 -49.77 -0.81 1.79
CA LEU A 33 -50.62 0.34 1.54
C LEU A 33 -51.85 -0.14 0.80
N GLY A 34 -52.97 -0.29 1.51
CA GLY A 34 -54.18 -0.62 0.82
C GLY A 34 -54.13 -1.91 0.03
N ASP A 35 -54.30 -1.75 -1.27
CA ASP A 35 -54.38 -2.85 -2.23
C ASP A 35 -53.02 -3.23 -2.78
N ARG A 36 -51.95 -2.74 -2.18
CA ARG A 36 -50.65 -3.08 -2.68
C ARG A 36 -49.62 -3.18 -1.59
N VAL A 37 -48.62 -3.97 -1.86
CA VAL A 37 -47.48 -4.14 -0.96
C VAL A 37 -46.24 -3.81 -1.75
N ILE A 38 -45.26 -3.17 -1.11
CA ILE A 38 -43.98 -2.92 -1.71
C ILE A 38 -42.92 -3.56 -0.83
N THR A 39 -42.17 -4.49 -1.39
CA THR A 39 -41.07 -5.12 -0.70
C THR A 39 -39.78 -4.50 -1.18
N THR A 40 -38.81 -4.37 -0.28
CA THR A 40 -37.46 -4.02 -0.69
C THR A 40 -36.49 -4.85 0.12
N SER A 41 -35.46 -5.33 -0.54
CA SER A 41 -34.47 -6.21 0.07
C SER A 41 -33.09 -5.77 -0.37
N THR A 42 -32.17 -5.70 0.57
CA THR A 42 -30.77 -5.47 0.28
C THR A 42 -29.99 -6.68 0.75
N ARG A 43 -29.02 -7.10 -0.05
CA ARG A 43 -28.12 -8.18 0.33
C ARG A 43 -26.70 -7.78 -0.02
N THR A 44 -25.75 -8.52 0.50
CA THR A 44 -24.35 -8.36 0.15
C THR A 44 -23.91 -9.56 -0.68
N TRP A 45 -23.29 -9.27 -1.82
CA TRP A 45 -22.90 -10.28 -2.78
C TRP A 45 -21.40 -10.30 -2.94
N ALA A 46 -20.91 -11.41 -3.48
CA ALA A 46 -19.51 -11.58 -3.84
C ALA A 46 -19.44 -12.25 -5.20
N LEU A 47 -18.70 -11.65 -6.12
CA LEU A 47 -18.53 -12.17 -7.46
C LEU A 47 -17.10 -12.64 -7.67
N PRO A 48 -16.86 -13.91 -7.90
CA PRO A 48 -15.51 -14.34 -8.27
C PRO A 48 -15.21 -14.12 -9.73
N THR A 49 -14.01 -14.44 -10.15
CA THR A 49 -13.71 -14.65 -11.55
C THR A 49 -14.02 -16.10 -11.91
N TYR A 50 -14.94 -16.31 -12.84
CA TYR A 50 -15.27 -17.64 -13.30
C TYR A 50 -14.50 -17.98 -14.56
N ASN A 51 -14.07 -19.23 -14.66
CA ASN A 51 -13.31 -19.79 -15.78
C ASN A 51 -12.04 -19.04 -16.08
N ASN A 52 -11.53 -18.25 -15.15
CA ASN A 52 -10.39 -17.36 -15.39
C ASN A 52 -10.53 -16.62 -16.72
N HIS A 53 -11.69 -15.99 -16.91
CA HIS A 53 -12.01 -15.12 -18.05
C HIS A 53 -12.16 -15.88 -19.36
N LEU A 54 -12.60 -17.14 -19.31
CA LEU A 54 -12.75 -17.89 -20.53
C LEU A 54 -14.20 -18.29 -20.77
N TYR A 55 -14.57 -18.36 -22.03
CA TYR A 55 -15.73 -19.13 -22.49
C TYR A 55 -15.25 -20.55 -22.77
N LYS A 56 -16.01 -21.53 -22.33
CA LYS A 56 -15.66 -22.92 -22.60
C LYS A 56 -16.86 -23.72 -23.05
N GLN A 57 -16.68 -24.45 -24.15
CA GLN A 57 -17.59 -25.51 -24.53
C GLN A 57 -17.61 -26.62 -23.48
N ILE A 58 -18.80 -26.96 -23.01
CA ILE A 58 -19.02 -28.07 -22.10
C ILE A 58 -19.98 -29.06 -22.74
N SER A 59 -19.89 -30.30 -22.30
CA SER A 59 -20.82 -31.30 -22.77
C SER A 59 -20.88 -32.41 -21.73
N ASN A 60 -21.71 -33.40 -21.99
CA ASN A 60 -21.81 -34.52 -21.06
C ASN A 60 -20.55 -35.37 -21.13
N SER A 61 -19.78 -35.23 -22.20
CA SER A 61 -18.50 -35.92 -22.28
C SER A 61 -17.42 -35.19 -21.48
N THR A 62 -17.44 -33.85 -21.49
CA THR A 62 -16.52 -33.13 -20.62
C THR A 62 -16.85 -33.40 -19.16
N SER A 63 -18.12 -33.73 -18.89
CA SER A 63 -18.51 -34.21 -17.56
C SER A 63 -18.26 -35.71 -17.40
N GLY A 64 -18.57 -36.50 -18.43
CA GLY A 64 -18.33 -37.93 -18.41
C GLY A 64 -19.56 -38.82 -18.35
N GLY A 65 -20.76 -38.26 -18.15
CA GLY A 65 -21.96 -39.08 -18.16
C GLY A 65 -22.33 -39.54 -19.55
N SER A 66 -22.67 -40.83 -19.67
CA SER A 66 -22.86 -41.44 -20.97
C SER A 66 -24.31 -41.62 -21.45
N SER A 67 -25.32 -41.32 -20.64
CA SER A 67 -26.66 -41.79 -21.00
C SER A 67 -27.36 -40.83 -21.95
N ASN A 68 -28.11 -41.41 -22.89
CA ASN A 68 -28.75 -40.61 -23.93
C ASN A 68 -29.72 -39.59 -23.35
N ASP A 69 -30.47 -39.98 -22.32
CA ASP A 69 -31.41 -39.06 -21.71
C ASP A 69 -30.71 -37.86 -21.11
N ASN A 70 -29.47 -38.01 -20.72
CA ASN A 70 -28.72 -36.97 -20.03
C ASN A 70 -27.75 -36.19 -20.92
N ALA A 71 -27.71 -36.43 -22.23
CA ALA A 71 -26.71 -35.79 -23.05
C ALA A 71 -26.98 -34.29 -23.24
N TYR A 72 -25.92 -33.50 -23.35
CA TYR A 72 -26.09 -32.08 -23.56
C TYR A 72 -24.87 -31.48 -24.25
N PHE A 73 -25.06 -30.27 -24.76
CA PHE A 73 -24.00 -29.49 -25.38
C PHE A 73 -24.23 -28.04 -25.00
N GLY A 74 -23.18 -27.32 -24.66
CA GLY A 74 -23.38 -25.95 -24.29
C GLY A 74 -22.09 -25.22 -24.00
N TYR A 75 -22.23 -24.13 -23.26
CA TYR A 75 -21.11 -23.27 -22.95
C TYR A 75 -21.20 -22.79 -21.52
N SER A 76 -20.05 -22.59 -20.91
CA SER A 76 -19.95 -21.85 -19.67
C SER A 76 -19.27 -20.52 -19.97
N THR A 77 -19.67 -19.48 -19.26
CA THR A 77 -19.19 -18.14 -19.56
C THR A 77 -18.47 -17.57 -18.36
N PRO A 78 -17.65 -16.55 -18.54
CA PRO A 78 -17.04 -15.89 -17.39
C PRO A 78 -18.02 -15.10 -16.54
N TRP A 79 -19.22 -14.84 -17.04
CA TRP A 79 -20.17 -13.96 -16.38
C TRP A 79 -20.93 -14.66 -15.26
N GLY A 80 -21.38 -13.86 -14.30
CA GLY A 80 -22.38 -14.26 -13.34
C GLY A 80 -23.72 -13.59 -13.59
N TYR A 81 -24.75 -13.96 -12.84
CA TYR A 81 -26.05 -13.33 -12.98
C TYR A 81 -26.73 -13.27 -11.63
N PHE A 82 -27.61 -12.29 -11.48
CA PHE A 82 -28.41 -12.14 -10.27
C PHE A 82 -29.73 -12.89 -10.40
N ASP A 83 -30.14 -13.54 -9.32
CA ASP A 83 -31.35 -14.33 -9.26
C ASP A 83 -32.12 -13.96 -8.01
N PHE A 84 -33.21 -13.23 -8.18
CA PHE A 84 -34.16 -12.93 -7.10
C PHE A 84 -35.48 -13.67 -7.25
N ASN A 85 -35.52 -14.75 -8.02
CA ASN A 85 -36.74 -15.40 -8.49
C ASN A 85 -37.38 -16.33 -7.46
N ARG A 86 -37.07 -16.19 -6.19
CA ARG A 86 -37.83 -16.91 -5.18
C ARG A 86 -38.56 -15.93 -4.27
N PHE A 87 -39.68 -16.38 -3.69
CA PHE A 87 -40.51 -15.48 -2.89
C PHE A 87 -39.83 -15.06 -1.60
N HIS A 88 -39.00 -15.92 -1.02
CA HIS A 88 -38.37 -15.48 0.22
C HIS A 88 -37.29 -14.45 -0.02
N CYS A 89 -36.96 -14.16 -1.27
CA CYS A 89 -36.08 -13.04 -1.52
C CYS A 89 -36.78 -11.74 -1.14
N HIS A 90 -38.08 -11.69 -1.33
CA HIS A 90 -38.83 -10.47 -1.11
C HIS A 90 -39.69 -10.45 0.14
N PHE A 91 -40.00 -11.59 0.74
CA PHE A 91 -40.92 -11.63 1.87
C PHE A 91 -40.25 -12.25 3.06
N SER A 92 -40.25 -11.55 4.18
CA SER A 92 -39.95 -12.20 5.44
C SER A 92 -41.11 -13.15 5.77
N PRO A 93 -40.87 -14.14 6.62
CA PRO A 93 -41.97 -15.06 6.98
C PRO A 93 -43.18 -14.38 7.61
N ARG A 94 -42.98 -13.34 8.40
CA ARG A 94 -44.11 -12.58 8.90
C ARG A 94 -44.83 -11.85 7.76
N ASP A 95 -44.08 -11.30 6.82
CA ASP A 95 -44.69 -10.69 5.65
C ASP A 95 -45.53 -11.69 4.86
N TRP A 96 -45.02 -12.91 4.72
CA TRP A 96 -45.73 -13.92 3.96
C TRP A 96 -47.03 -14.31 4.65
N GLN A 97 -46.98 -14.47 5.97
CA GLN A 97 -48.19 -14.71 6.76
C GLN A 97 -49.18 -13.58 6.59
N ARG A 98 -48.69 -12.35 6.70
CA ARG A 98 -49.52 -11.18 6.55
C ARG A 98 -50.15 -11.15 5.16
N LEU A 99 -49.43 -11.67 4.16
CA LEU A 99 -49.98 -11.77 2.81
C LEU A 99 -51.07 -12.83 2.72
N ILE A 100 -50.77 -14.05 3.14
CA ILE A 100 -51.64 -15.19 2.82
C ILE A 100 -52.87 -15.28 3.71
N ASN A 101 -52.87 -14.66 4.88
CA ASN A 101 -54.05 -14.77 5.71
C ASN A 101 -55.12 -13.76 5.35
N ASN A 102 -54.75 -12.68 4.68
CA ASN A 102 -55.71 -11.63 4.43
C ASN A 102 -56.12 -11.44 2.98
N ASN A 103 -55.56 -12.16 2.05
CA ASN A 103 -55.74 -11.79 0.65
C ASN A 103 -56.14 -12.99 -0.17
N TRP A 104 -57.08 -12.77 -1.07
CA TRP A 104 -57.48 -13.81 -2.02
C TRP A 104 -56.52 -13.94 -3.19
N GLY A 105 -55.74 -12.91 -3.49
CA GLY A 105 -54.84 -12.99 -4.60
C GLY A 105 -53.83 -11.89 -4.54
N PHE A 106 -52.79 -12.06 -5.34
CA PHE A 106 -51.72 -11.07 -5.47
C PHE A 106 -51.02 -11.35 -6.79
N ARG A 107 -50.20 -10.40 -7.21
CA ARG A 107 -49.44 -10.51 -8.44
C ARG A 107 -48.46 -9.34 -8.53
N PRO A 108 -47.33 -9.53 -9.18
CA PRO A 108 -46.34 -8.47 -9.27
C PRO A 108 -46.70 -7.39 -10.30
N LYS A 109 -46.23 -6.18 -10.02
CA LYS A 109 -46.53 -4.99 -10.83
C LYS A 109 -45.26 -4.32 -11.33
N ARG A 110 -44.44 -3.82 -10.41
CA ARG A 110 -43.23 -3.12 -10.81
C ARG A 110 -41.99 -3.63 -10.09
N LEU A 111 -40.85 -3.38 -10.71
CA LEU A 111 -39.56 -3.80 -10.17
C LEU A 111 -38.54 -2.67 -10.24
N ASN A 112 -37.74 -2.54 -9.19
CA ASN A 112 -36.66 -1.57 -9.13
C ASN A 112 -35.44 -2.37 -8.72
N PHE A 113 -34.30 -2.13 -9.35
CA PHE A 113 -33.09 -2.91 -9.09
C PHE A 113 -31.91 -1.97 -8.97
N LYS A 114 -31.10 -2.15 -7.94
CA LYS A 114 -29.90 -1.33 -7.76
C LYS A 114 -28.69 -2.18 -7.46
N LEU A 115 -27.55 -1.68 -7.92
CA LEU A 115 -26.26 -2.32 -7.68
C LEU A 115 -25.30 -1.21 -7.28
N PHE A 116 -24.73 -1.29 -6.09
CA PHE A 116 -24.04 -0.15 -5.52
C PHE A 116 -23.02 -0.61 -4.50
N ASN A 117 -22.12 0.31 -4.14
CA ASN A 117 -21.03 0.07 -3.19
C ASN A 117 -20.10 -1.02 -3.69
N ILE A 118 -19.70 -0.90 -4.95
CA ILE A 118 -18.84 -1.89 -5.60
C ILE A 118 -17.45 -1.81 -5.02
N GLN A 119 -16.87 -2.98 -4.73
CA GLN A 119 -15.51 -3.09 -4.22
C GLN A 119 -14.80 -4.19 -4.98
N VAL A 120 -13.73 -3.86 -5.67
CA VAL A 120 -12.91 -4.86 -6.35
C VAL A 120 -11.66 -5.11 -5.52
N LYS A 121 -11.32 -6.38 -5.34
CA LYS A 121 -10.23 -6.80 -4.47
C LYS A 121 -9.16 -7.54 -5.27
N GLU A 122 -7.92 -7.39 -4.84
CA GLU A 122 -6.81 -8.13 -5.41
C GLU A 122 -6.30 -9.13 -4.38
N VAL A 123 -6.14 -10.38 -4.80
CA VAL A 123 -5.69 -11.44 -3.91
C VAL A 123 -4.26 -11.83 -4.30
N THR A 124 -3.36 -11.82 -3.32
CA THR A 124 -1.99 -12.25 -3.53
C THR A 124 -1.72 -13.42 -2.61
N ASP A 125 -1.06 -14.46 -3.10
CA ASP A 125 -0.80 -15.62 -2.25
C ASP A 125 0.65 -16.12 -2.27
N ASN A 126 1.52 -15.50 -1.48
CA ASN A 126 2.94 -15.90 -1.46
C ASN A 126 3.26 -17.31 -0.97
N ASN A 127 2.67 -17.73 0.16
CA ASN A 127 2.97 -19.06 0.71
C ASN A 127 1.77 -19.81 1.30
N GLY A 128 0.60 -19.68 0.69
CA GLY A 128 -0.59 -20.33 1.22
C GLY A 128 -1.38 -19.40 2.15
N VAL A 129 -0.83 -18.22 2.42
CA VAL A 129 -1.49 -17.22 3.24
C VAL A 129 -1.87 -16.06 2.33
N LYS A 130 -3.16 -15.90 2.14
CA LYS A 130 -3.73 -14.90 1.25
C LYS A 130 -3.65 -13.50 1.85
N THR A 131 -3.19 -12.55 1.03
CA THR A 131 -3.27 -11.13 1.32
C THR A 131 -4.30 -10.52 0.37
N ILE A 132 -5.14 -9.62 0.88
CA ILE A 132 -6.20 -9.01 0.09
C ILE A 132 -6.05 -7.50 0.17
N ALA A 133 -6.09 -6.85 -0.97
CA ALA A 133 -5.98 -5.40 -1.07
C ALA A 133 -7.03 -4.85 -2.02
N ASN A 134 -7.33 -3.57 -1.88
CA ASN A 134 -8.22 -2.86 -2.77
C ASN A 134 -7.53 -2.62 -4.08
N ASN A 135 -8.25 -2.80 -5.18
CA ASN A 135 -7.81 -2.31 -6.46
C ASN A 135 -8.78 -1.23 -6.88
N LEU A 136 -8.34 0.01 -6.79
CA LEU A 136 -9.28 1.12 -6.89
C LEU A 136 -9.67 1.43 -8.32
N THR A 137 -8.89 0.99 -9.30
CA THR A 137 -9.14 1.31 -10.69
C THR A 137 -9.83 0.19 -11.46
N SER A 138 -10.12 -0.93 -10.85
CA SER A 138 -10.74 -2.01 -11.60
C SER A 138 -12.24 -1.80 -11.75
N THR A 139 -12.79 -2.38 -12.82
CA THR A 139 -14.20 -2.24 -13.12
C THR A 139 -14.92 -3.58 -13.04
N VAL A 140 -16.22 -3.47 -12.86
CA VAL A 140 -17.17 -4.55 -13.06
C VAL A 140 -18.09 -4.16 -14.21
N GLN A 141 -18.53 -5.14 -14.98
CA GLN A 141 -19.45 -4.92 -16.10
C GLN A 141 -20.79 -5.52 -15.77
N VAL A 142 -21.86 -4.83 -16.14
CA VAL A 142 -23.21 -5.30 -15.88
C VAL A 142 -24.11 -4.88 -17.02
N PHE A 143 -25.00 -5.77 -17.45
CA PHE A 143 -26.05 -5.38 -18.36
C PHE A 143 -27.26 -6.26 -18.11
N THR A 144 -28.40 -5.77 -18.55
CA THR A 144 -29.62 -6.55 -18.55
C THR A 144 -29.88 -6.97 -19.98
N ASP A 145 -30.47 -8.14 -20.16
CA ASP A 145 -30.85 -8.59 -21.48
C ASP A 145 -32.32 -8.22 -21.61
N SER A 146 -32.56 -7.03 -22.13
CA SER A 146 -33.91 -6.51 -22.13
C SER A 146 -34.66 -6.83 -23.42
N ASP A 147 -33.94 -7.29 -24.43
CA ASP A 147 -34.51 -7.81 -25.66
C ASP A 147 -34.64 -9.32 -25.65
N TYR A 148 -34.26 -9.98 -24.56
CA TYR A 148 -34.42 -11.41 -24.40
C TYR A 148 -33.65 -12.18 -25.46
N GLN A 149 -32.45 -11.71 -25.74
CA GLN A 149 -31.59 -12.27 -26.75
C GLN A 149 -30.69 -13.39 -26.24
N LEU A 150 -30.54 -13.55 -24.96
CA LEU A 150 -29.81 -14.70 -24.43
C LEU A 150 -30.73 -15.85 -24.08
N PRO A 151 -30.20 -17.06 -24.01
CA PRO A 151 -30.94 -18.16 -23.37
C PRO A 151 -31.29 -17.80 -21.94
N TYR A 152 -32.52 -18.12 -21.55
CA TYR A 152 -33.07 -17.62 -20.29
C TYR A 152 -33.08 -18.75 -19.27
N VAL A 153 -32.18 -18.67 -18.29
CA VAL A 153 -32.04 -19.74 -17.30
C VAL A 153 -32.72 -19.41 -15.97
N LEU A 154 -33.34 -18.25 -15.84
CA LEU A 154 -33.94 -17.90 -14.56
C LEU A 154 -35.19 -18.69 -14.22
N GLY A 155 -35.74 -19.47 -15.15
CA GLY A 155 -36.96 -20.20 -14.89
C GLY A 155 -36.81 -21.68 -14.68
N SER A 156 -35.61 -22.15 -14.36
CA SER A 156 -35.34 -23.56 -14.18
C SER A 156 -35.23 -23.99 -12.72
N ALA A 157 -35.52 -23.11 -11.78
CA ALA A 157 -35.48 -23.42 -10.34
C ALA A 157 -34.07 -23.74 -9.86
N HIS A 158 -33.11 -22.96 -10.33
CA HIS A 158 -31.73 -23.13 -9.90
C HIS A 158 -31.45 -22.43 -8.58
N GLU A 159 -30.44 -22.94 -7.92
CA GLU A 159 -29.92 -22.32 -6.72
C GLU A 159 -29.16 -21.03 -7.09
N GLY A 160 -28.73 -20.29 -6.09
CA GLY A 160 -28.04 -19.05 -6.33
C GLY A 160 -28.89 -17.81 -6.15
N CYS A 161 -30.05 -17.93 -5.52
CA CYS A 161 -30.89 -16.80 -5.23
C CYS A 161 -30.24 -15.87 -4.20
N LEU A 162 -30.73 -14.65 -4.17
CA LEU A 162 -30.57 -13.83 -2.99
C LEU A 162 -31.11 -14.60 -1.78
N PRO A 163 -30.37 -14.69 -0.68
CA PRO A 163 -30.76 -15.61 0.38
C PRO A 163 -31.94 -15.08 1.18
N PRO A 164 -32.76 -15.97 1.74
CA PRO A 164 -33.91 -15.50 2.51
C PRO A 164 -33.54 -14.66 3.70
N PHE A 165 -32.43 -14.88 4.28
CA PHE A 165 -32.16 -14.18 5.51
C PHE A 165 -31.22 -13.02 5.23
N PRO A 166 -31.60 -11.80 5.61
CA PRO A 166 -30.90 -10.62 5.09
C PRO A 166 -29.46 -10.47 5.54
N ALA A 167 -29.04 -11.19 6.58
CA ALA A 167 -27.67 -10.99 7.06
C ALA A 167 -26.68 -11.90 6.36
N ASP A 168 -27.15 -12.82 5.54
CA ASP A 168 -26.24 -13.74 4.88
C ASP A 168 -25.62 -13.12 3.64
N VAL A 169 -24.37 -13.47 3.38
CA VAL A 169 -23.63 -12.98 2.24
C VAL A 169 -23.57 -14.10 1.21
N PHE A 170 -23.98 -13.81 -0.02
CA PHE A 170 -24.17 -14.87 -0.99
C PHE A 170 -23.22 -14.69 -2.15
N MET A 171 -23.04 -15.79 -2.85
CA MET A 171 -22.15 -15.88 -3.98
C MET A 171 -22.98 -15.78 -5.26
N ILE A 172 -22.53 -14.97 -6.19
CA ILE A 172 -23.24 -14.84 -7.47
C ILE A 172 -22.96 -16.08 -8.32
N PRO A 173 -23.98 -16.75 -8.83
CA PRO A 173 -23.74 -17.98 -9.60
C PRO A 173 -23.26 -17.71 -11.02
N GLN A 174 -22.71 -18.74 -11.63
CA GLN A 174 -22.11 -18.62 -12.95
C GLN A 174 -23.16 -18.83 -14.04
N TYR A 175 -23.15 -17.96 -15.05
CA TYR A 175 -24.07 -18.10 -16.17
C TYR A 175 -23.53 -19.11 -17.18
N GLY A 176 -24.40 -20.02 -17.60
CA GLY A 176 -24.10 -20.98 -18.65
C GLY A 176 -25.39 -21.38 -19.33
N TYR A 177 -25.27 -21.85 -20.57
CA TYR A 177 -26.46 -22.17 -21.31
C TYR A 177 -26.23 -23.41 -22.15
N LEU A 178 -27.32 -23.97 -22.63
CA LEU A 178 -27.30 -25.13 -23.52
C LEU A 178 -27.89 -24.76 -24.86
N THR A 179 -27.46 -25.47 -25.89
CA THR A 179 -28.02 -25.32 -27.22
C THR A 179 -28.32 -26.71 -27.74
N LEU A 180 -28.64 -26.84 -29.02
CA LEU A 180 -29.01 -28.15 -29.54
C LEU A 180 -27.85 -29.12 -29.49
N ASN A 181 -28.12 -30.35 -29.12
CA ASN A 181 -27.09 -31.37 -29.16
C ASN A 181 -27.61 -32.60 -29.88
N ASP A 182 -26.68 -33.39 -30.37
CA ASP A 182 -26.93 -34.78 -30.76
C ASP A 182 -25.85 -35.63 -30.09
N GLY A 183 -26.26 -36.45 -29.14
CA GLY A 183 -25.26 -37.03 -28.24
C GLY A 183 -24.55 -35.92 -27.52
N SER A 184 -23.23 -35.96 -27.53
CA SER A 184 -22.45 -34.86 -27.00
C SER A 184 -22.02 -33.86 -28.05
N GLN A 185 -22.31 -34.12 -29.32
CA GLN A 185 -21.95 -33.24 -30.41
C GLN A 185 -22.96 -32.12 -30.62
N ALA A 186 -22.49 -31.05 -31.25
CA ALA A 186 -23.37 -29.99 -31.72
C ALA A 186 -23.85 -30.28 -33.14
N VAL A 187 -24.74 -29.43 -33.63
CA VAL A 187 -25.18 -29.46 -35.01
C VAL A 187 -25.06 -28.05 -35.55
N GLY A 188 -25.21 -27.92 -36.86
CA GLY A 188 -25.12 -26.61 -37.46
C GLY A 188 -26.16 -25.65 -36.96
N ARG A 189 -27.23 -26.15 -36.37
CA ARG A 189 -28.26 -25.26 -35.88
C ARG A 189 -27.94 -24.75 -34.48
N SER A 190 -26.86 -25.23 -33.86
CA SER A 190 -26.50 -24.82 -32.51
C SER A 190 -25.95 -23.40 -32.47
N SER A 191 -26.31 -22.66 -31.45
CA SER A 191 -25.93 -21.26 -31.33
C SER A 191 -24.89 -21.07 -30.24
N PHE A 192 -23.95 -20.18 -30.50
CA PHE A 192 -22.95 -19.78 -29.54
C PHE A 192 -23.10 -18.29 -29.28
N TYR A 193 -23.04 -17.92 -28.01
CA TYR A 193 -23.23 -16.54 -27.62
C TYR A 193 -21.99 -16.03 -26.91
N CYS A 194 -21.54 -14.85 -27.29
CA CYS A 194 -20.56 -14.10 -26.53
C CYS A 194 -21.28 -12.99 -25.81
N LEU A 195 -21.10 -12.91 -24.50
CA LEU A 195 -21.77 -11.87 -23.77
C LEU A 195 -21.01 -10.56 -23.83
N GLU A 196 -19.78 -10.59 -24.36
CA GLU A 196 -19.04 -9.38 -24.61
C GLU A 196 -19.62 -8.60 -25.76
N TYR A 197 -20.42 -9.30 -26.54
CA TYR A 197 -21.03 -8.77 -27.72
C TYR A 197 -22.24 -7.91 -27.44
N PHE A 198 -22.44 -7.57 -26.17
CA PHE A 198 -23.53 -6.71 -25.81
C PHE A 198 -22.95 -5.49 -25.18
N PRO A 199 -23.64 -4.36 -25.33
CA PRO A 199 -23.16 -3.22 -24.58
C PRO A 199 -23.46 -3.37 -23.10
N SER A 200 -22.52 -2.96 -22.25
CA SER A 200 -22.71 -3.04 -20.81
C SER A 200 -22.10 -1.83 -20.13
N GLN A 201 -22.55 -1.59 -18.91
CA GLN A 201 -22.07 -0.49 -18.10
C GLN A 201 -20.88 -0.96 -17.28
N MET A 202 -19.82 -0.15 -17.24
CA MET A 202 -18.62 -0.48 -16.50
C MET A 202 -18.59 0.35 -15.24
N LEU A 203 -18.26 -0.29 -14.13
CA LEU A 203 -18.40 0.31 -12.81
C LEU A 203 -17.08 0.22 -12.07
N ARG A 204 -16.48 1.36 -11.76
CA ARG A 204 -15.47 1.42 -10.74
C ARG A 204 -16.15 1.60 -9.38
N THR A 205 -15.34 1.66 -8.33
CA THR A 205 -15.87 1.55 -6.98
C THR A 205 -16.81 2.69 -6.62
N GLY A 206 -16.73 3.83 -7.30
CA GLY A 206 -17.68 4.88 -7.03
C GLY A 206 -18.98 4.84 -7.80
N ASN A 207 -19.08 4.00 -8.82
CA ASN A 207 -20.24 3.95 -9.68
C ASN A 207 -21.35 3.07 -9.10
N ASN A 208 -22.58 3.35 -9.49
CA ASN A 208 -23.71 2.50 -9.16
C ASN A 208 -24.52 2.22 -10.42
N PHE A 209 -25.42 1.26 -10.31
CA PHE A 209 -26.21 0.76 -11.43
C PHE A 209 -27.66 0.65 -11.02
N GLN A 210 -28.58 0.97 -11.92
CA GLN A 210 -29.97 0.72 -11.63
C GLN A 210 -30.75 0.52 -12.91
N PHE A 211 -31.91 -0.11 -12.79
CA PHE A 211 -32.92 -0.07 -13.83
C PHE A 211 -34.24 -0.44 -13.21
N SER A 212 -35.31 -0.10 -13.91
CA SER A 212 -36.64 -0.47 -13.48
C SER A 212 -37.28 -1.30 -14.58
N TYR A 213 -38.27 -2.09 -14.17
CA TYR A 213 -38.96 -3.03 -15.03
C TYR A 213 -40.45 -3.01 -14.73
N GLU A 214 -41.25 -3.12 -15.77
CA GLU A 214 -42.68 -3.25 -15.62
C GLU A 214 -43.09 -4.67 -15.97
N PHE A 215 -43.74 -5.35 -15.04
CA PHE A 215 -44.35 -6.65 -15.30
C PHE A 215 -45.48 -6.52 -16.30
N GLU A 216 -45.60 -7.51 -17.16
CA GLU A 216 -46.77 -7.54 -18.01
C GLU A 216 -47.95 -8.10 -17.24
N ASN A 217 -49.15 -7.72 -17.69
CA ASN A 217 -50.36 -8.13 -17.03
C ASN A 217 -50.45 -9.64 -16.92
N VAL A 218 -50.65 -10.13 -15.72
CA VAL A 218 -50.85 -11.55 -15.44
C VAL A 218 -52.05 -11.67 -14.53
N PRO A 219 -52.68 -12.85 -14.49
CA PRO A 219 -53.77 -13.05 -13.52
C PRO A 219 -53.25 -13.02 -12.10
N PHE A 220 -54.13 -12.65 -11.17
CA PHE A 220 -53.81 -12.86 -9.77
C PHE A 220 -53.61 -14.34 -9.49
N HIS A 221 -52.56 -14.66 -8.77
CA HIS A 221 -52.35 -16.03 -8.36
C HIS A 221 -53.44 -16.27 -7.35
N SER A 222 -54.17 -17.36 -7.48
CA SER A 222 -55.24 -17.59 -6.53
C SER A 222 -54.64 -18.06 -5.21
N SER A 223 -54.98 -17.39 -4.13
CA SER A 223 -54.43 -17.78 -2.84
C SER A 223 -55.58 -17.96 -1.89
N TYR A 224 -56.33 -19.00 -2.19
CA TYR A 224 -57.49 -19.43 -1.43
C TYR A 224 -57.75 -20.88 -1.81
N ALA A 225 -58.53 -21.55 -0.99
CA ALA A 225 -58.90 -22.93 -1.24
C ALA A 225 -60.41 -22.92 -1.36
N HIS A 226 -60.95 -23.73 -2.26
CA HIS A 226 -62.39 -23.78 -2.40
C HIS A 226 -63.07 -24.47 -1.23
N SER A 227 -64.08 -23.82 -0.67
CA SER A 227 -64.89 -24.36 0.40
C SER A 227 -66.05 -25.18 -0.13
N GLN A 228 -66.08 -25.41 -1.43
CA GLN A 228 -67.13 -26.14 -2.10
C GLN A 228 -66.44 -27.02 -3.14
N SER A 229 -66.99 -28.16 -3.47
CA SER A 229 -66.34 -29.03 -4.45
C SER A 229 -67.16 -29.12 -5.72
N LEU A 230 -66.48 -29.45 -6.82
CA LEU A 230 -67.08 -29.39 -8.14
C LEU A 230 -68.29 -30.31 -8.27
N ASP A 231 -68.32 -31.40 -7.53
CA ASP A 231 -69.45 -32.31 -7.68
C ASP A 231 -70.57 -32.04 -6.69
N ARG A 232 -70.42 -31.11 -5.77
CA ARG A 232 -71.44 -30.78 -4.79
C ARG A 232 -72.18 -29.47 -5.06
N LEU A 233 -72.04 -28.88 -6.24
CA LEU A 233 -72.54 -27.52 -6.47
C LEU A 233 -74.07 -27.39 -6.42
N MET A 234 -74.80 -28.48 -6.31
CA MET A 234 -76.27 -28.49 -6.34
C MET A 234 -76.89 -27.95 -5.05
N ASN A 235 -78.16 -27.58 -5.15
CA ASN A 235 -79.02 -27.36 -3.99
C ASN A 235 -79.45 -28.70 -3.41
N PRO A 236 -79.04 -29.03 -2.18
CA PRO A 236 -79.31 -30.38 -1.65
C PRO A 236 -80.75 -30.69 -1.36
N LEU A 237 -81.64 -29.69 -1.37
CA LEU A 237 -83.03 -29.88 -1.00
C LEU A 237 -83.96 -30.19 -2.16
N ILE A 238 -83.52 -29.98 -3.40
CA ILE A 238 -84.44 -29.94 -4.53
C ILE A 238 -84.02 -31.01 -5.53
N ASP A 239 -84.99 -31.54 -6.26
CA ASP A 239 -84.72 -32.45 -7.37
C ASP A 239 -84.26 -31.71 -8.62
N GLN A 240 -83.64 -32.47 -9.51
CA GLN A 240 -83.51 -32.04 -10.89
C GLN A 240 -84.77 -32.34 -11.68
N TYR A 241 -84.96 -31.60 -12.76
CA TYR A 241 -85.95 -31.95 -13.77
C TYR A 241 -85.38 -32.88 -14.83
N LEU A 242 -84.17 -33.38 -14.64
CA LEU A 242 -83.56 -34.32 -15.56
C LEU A 242 -83.67 -35.75 -15.04
N TYR A 243 -83.83 -36.69 -15.94
CA TYR A 243 -83.90 -38.11 -15.64
C TYR A 243 -82.62 -38.81 -16.04
N TYR A 244 -82.26 -39.83 -15.28
CA TYR A 244 -81.14 -40.70 -15.62
C TYR A 244 -81.67 -42.12 -15.70
N LEU A 245 -80.93 -42.99 -16.39
CA LEU A 245 -81.37 -44.36 -16.56
C LEU A 245 -81.02 -45.18 -15.33
N SER A 246 -82.03 -45.61 -14.59
CA SER A 246 -81.84 -46.32 -13.33
C SER A 246 -81.73 -47.84 -13.46
N LYS A 247 -82.54 -48.50 -14.28
CA LYS A 247 -82.51 -49.97 -14.34
C LYS A 247 -82.60 -50.50 -15.76
N THR A 248 -81.73 -51.44 -16.09
CA THR A 248 -81.76 -52.14 -17.37
C THR A 248 -82.44 -53.52 -17.35
N ILE A 249 -82.74 -54.10 -16.21
CA ILE A 249 -83.44 -55.39 -16.17
C ILE A 249 -84.49 -55.39 -15.07
N ASN A 250 -85.57 -56.14 -15.30
CA ASN A 250 -86.61 -56.28 -14.30
C ASN A 250 -86.13 -57.10 -13.11
N GLY A 251 -85.54 -58.25 -13.37
CA GLY A 251 -85.12 -59.12 -12.29
C GLY A 251 -84.24 -60.22 -12.82
N SER A 252 -84.07 -61.25 -11.99
CA SER A 252 -83.32 -62.42 -12.40
C SER A 252 -84.07 -63.19 -13.48
N GLY A 253 -83.33 -64.01 -14.21
CA GLY A 253 -83.91 -64.83 -15.25
C GLY A 253 -83.64 -64.26 -16.63
N GLN A 254 -84.16 -64.96 -17.62
CA GLN A 254 -83.93 -64.61 -19.01
C GLN A 254 -84.91 -63.55 -19.50
N ASN A 255 -84.45 -62.74 -20.44
CA ASN A 255 -85.33 -61.87 -21.21
C ASN A 255 -85.96 -60.79 -20.34
N GLN A 256 -85.17 -60.27 -19.41
CA GLN A 256 -85.65 -59.29 -18.45
C GLN A 256 -85.37 -57.85 -18.87
N GLN A 257 -84.85 -57.63 -20.08
CA GLN A 257 -84.47 -56.28 -20.50
C GLN A 257 -85.61 -55.29 -20.29
N THR A 258 -85.25 -54.12 -19.78
CA THR A 258 -86.20 -53.03 -19.61
C THR A 258 -85.42 -51.73 -19.54
N LEU A 259 -86.15 -50.63 -19.67
CA LEU A 259 -85.58 -49.31 -19.50
C LEU A 259 -86.38 -48.59 -18.42
N LYS A 260 -85.74 -48.29 -17.31
CA LYS A 260 -86.36 -47.57 -16.21
C LYS A 260 -85.58 -46.28 -15.96
N PHE A 261 -86.29 -45.20 -15.70
CA PHE A 261 -85.68 -43.90 -15.53
C PHE A 261 -86.15 -43.29 -14.22
N SER A 262 -85.25 -42.58 -13.55
CA SER A 262 -85.57 -41.92 -12.29
C SER A 262 -85.11 -40.48 -12.32
N VAL A 263 -85.70 -39.68 -11.47
CA VAL A 263 -85.27 -38.31 -11.23
C VAL A 263 -83.97 -38.35 -10.42
N ALA A 264 -83.01 -37.55 -10.83
CA ALA A 264 -81.81 -37.37 -10.01
C ALA A 264 -82.08 -36.30 -8.98
N GLY A 265 -81.77 -36.60 -7.73
CA GLY A 265 -82.22 -35.79 -6.64
C GLY A 265 -81.26 -35.88 -5.49
N PRO A 266 -81.65 -35.31 -4.35
CA PRO A 266 -80.74 -35.25 -3.20
C PRO A 266 -80.17 -36.59 -2.78
N SER A 267 -80.91 -37.68 -2.92
CA SER A 267 -80.44 -38.93 -2.35
C SER A 267 -79.40 -39.60 -3.24
N ASN A 268 -79.48 -39.40 -4.54
CA ASN A 268 -78.43 -39.89 -5.41
C ASN A 268 -77.80 -38.67 -6.09
N MET A 269 -76.70 -38.18 -5.54
CA MET A 269 -76.04 -37.01 -6.10
C MET A 269 -75.02 -37.37 -7.15
N ALA A 270 -74.63 -38.64 -7.22
CA ALA A 270 -73.62 -39.04 -8.19
C ALA A 270 -74.11 -38.96 -9.61
N VAL A 271 -75.42 -39.11 -9.84
CA VAL A 271 -75.93 -39.20 -11.20
C VAL A 271 -76.49 -37.89 -11.72
N GLN A 272 -76.45 -36.81 -10.96
CA GLN A 272 -77.08 -35.59 -11.46
C GLN A 272 -76.30 -35.01 -12.63
N GLY A 273 -77.03 -34.40 -13.55
CA GLY A 273 -76.37 -33.69 -14.63
C GLY A 273 -75.58 -32.50 -14.10
N ARG A 274 -74.38 -32.30 -14.64
CA ARG A 274 -73.51 -31.25 -14.17
C ARG A 274 -72.98 -30.46 -15.36
N ASN A 275 -72.81 -29.17 -15.13
CA ASN A 275 -72.33 -28.28 -16.17
C ASN A 275 -70.82 -28.29 -16.35
N TYR A 276 -70.07 -28.57 -15.30
CA TYR A 276 -68.63 -28.44 -15.35
C TYR A 276 -68.00 -29.68 -14.76
N ILE A 277 -66.86 -30.08 -15.31
CA ILE A 277 -66.23 -31.35 -14.94
C ILE A 277 -64.81 -31.05 -14.52
N PRO A 278 -64.17 -31.98 -13.82
CA PRO A 278 -62.81 -31.74 -13.34
C PRO A 278 -61.78 -31.64 -14.45
N GLY A 279 -60.68 -31.00 -14.11
CA GLY A 279 -59.61 -30.71 -15.04
C GLY A 279 -58.77 -31.90 -15.43
N PRO A 280 -57.75 -31.64 -16.23
CA PRO A 280 -57.00 -32.71 -16.87
C PRO A 280 -56.03 -33.42 -15.93
N SER A 281 -55.58 -34.59 -16.37
CA SER A 281 -54.80 -35.47 -15.51
C SER A 281 -53.82 -36.29 -16.32
N TYR A 282 -52.67 -36.59 -15.73
CA TYR A 282 -51.67 -37.49 -16.30
C TYR A 282 -51.19 -38.34 -15.13
N ARG A 283 -51.48 -39.63 -15.10
CA ARG A 283 -51.39 -40.34 -13.82
C ARG A 283 -49.95 -40.50 -13.34
N GLN A 284 -49.75 -40.20 -12.06
CA GLN A 284 -48.53 -40.41 -11.29
C GLN A 284 -48.65 -41.69 -10.45
N GLN A 285 -47.51 -42.34 -10.24
CA GLN A 285 -47.41 -43.49 -9.36
C GLN A 285 -47.43 -43.06 -7.89
N ARG A 286 -48.04 -43.89 -7.05
CA ARG A 286 -48.24 -43.54 -5.65
C ARG A 286 -47.17 -44.19 -4.78
N VAL A 287 -46.60 -43.41 -3.88
CA VAL A 287 -45.55 -43.86 -2.96
C VAL A 287 -45.97 -43.53 -1.55
N SER A 288 -45.66 -44.41 -0.61
CA SER A 288 -45.97 -44.19 0.79
C SER A 288 -44.74 -43.82 1.59
N THR A 289 -44.89 -42.88 2.52
CA THR A 289 -43.79 -42.54 3.42
C THR A 289 -43.65 -43.56 4.54
N THR A 290 -44.59 -44.48 4.64
CA THR A 290 -44.40 -45.70 5.41
C THR A 290 -43.87 -46.76 4.45
N VAL A 291 -42.59 -47.11 4.60
CA VAL A 291 -41.89 -47.76 3.49
C VAL A 291 -42.27 -49.23 3.37
N THR A 292 -42.81 -49.82 4.44
CA THR A 292 -43.19 -51.22 4.34
C THR A 292 -44.41 -51.40 3.45
N GLN A 293 -45.18 -50.33 3.28
CA GLN A 293 -46.32 -50.39 2.38
C GLN A 293 -45.87 -50.30 0.92
N ASN A 294 -44.66 -49.84 0.69
CA ASN A 294 -44.11 -49.79 -0.66
C ASN A 294 -43.57 -51.16 -1.07
N ASN A 295 -43.50 -51.37 -2.38
CA ASN A 295 -43.03 -52.62 -2.96
C ASN A 295 -41.53 -52.77 -2.85
N ASN A 296 -41.07 -54.01 -2.68
CA ASN A 296 -39.65 -54.29 -2.55
C ASN A 296 -38.91 -54.43 -3.88
N SER A 297 -38.76 -53.31 -4.58
CA SER A 297 -38.07 -53.26 -5.85
C SER A 297 -37.65 -51.84 -6.15
N GLU A 298 -36.80 -51.64 -7.15
CA GLU A 298 -36.41 -50.29 -7.51
C GLU A 298 -37.33 -49.85 -8.63
N PHE A 299 -38.11 -48.79 -8.37
CA PHE A 299 -39.06 -48.32 -9.38
C PHE A 299 -39.05 -46.81 -9.50
N ALA A 300 -38.08 -46.17 -8.86
CA ALA A 300 -38.02 -44.72 -8.91
C ALA A 300 -37.94 -44.20 -10.35
N TRP A 301 -36.94 -44.62 -11.09
CA TRP A 301 -36.99 -44.36 -12.52
C TRP A 301 -37.98 -45.26 -13.27
N PRO A 302 -37.96 -46.60 -13.08
CA PRO A 302 -38.81 -47.44 -13.92
C PRO A 302 -40.31 -47.19 -13.78
N GLY A 303 -40.78 -46.82 -12.61
CA GLY A 303 -42.19 -46.52 -12.48
C GLY A 303 -42.59 -45.09 -12.72
N ALA A 304 -41.72 -44.27 -13.30
CA ALA A 304 -41.97 -42.85 -13.39
C ALA A 304 -42.82 -42.49 -14.60
N SER A 305 -43.66 -41.48 -14.44
CA SER A 305 -44.34 -40.91 -15.58
C SER A 305 -43.39 -40.00 -16.34
N SER A 306 -43.40 -40.10 -17.65
CA SER A 306 -42.41 -39.40 -18.44
C SER A 306 -43.01 -38.89 -19.73
N TRP A 307 -42.29 -37.97 -20.35
CA TRP A 307 -42.55 -37.59 -21.73
C TRP A 307 -41.26 -37.69 -22.51
N ALA A 308 -41.41 -37.78 -23.82
CA ALA A 308 -40.30 -38.04 -24.72
C ALA A 308 -40.15 -36.87 -25.67
N LEU A 309 -38.93 -36.45 -25.92
CA LEU A 309 -38.67 -35.40 -26.86
C LEU A 309 -37.46 -35.80 -27.68
N ASN A 310 -37.66 -35.97 -28.99
CA ASN A 310 -36.58 -36.28 -29.92
C ASN A 310 -35.74 -37.46 -29.45
N GLY A 311 -36.41 -38.48 -28.91
CA GLY A 311 -35.73 -39.69 -28.52
C GLY A 311 -35.24 -39.77 -27.10
N ARG A 312 -35.29 -38.68 -26.33
CA ARG A 312 -34.84 -38.67 -24.94
C ARG A 312 -36.04 -38.63 -24.00
N ASN A 313 -35.88 -39.26 -22.84
CA ASN A 313 -36.95 -39.32 -21.86
C ASN A 313 -36.71 -38.30 -20.76
N SER A 314 -37.73 -37.48 -20.50
CA SER A 314 -37.74 -36.61 -19.34
C SER A 314 -38.83 -37.05 -18.38
N LEU A 315 -38.53 -36.96 -17.10
CA LEU A 315 -39.51 -37.20 -16.06
C LEU A 315 -40.65 -36.21 -16.16
N MET A 316 -41.88 -36.64 -15.84
CA MET A 316 -42.95 -35.66 -15.79
C MET A 316 -42.94 -35.10 -14.38
N ASN A 317 -42.38 -33.91 -14.27
CA ASN A 317 -42.08 -33.36 -12.97
C ASN A 317 -42.14 -31.84 -12.95
N PRO A 318 -42.90 -31.25 -12.03
CA PRO A 318 -43.93 -31.86 -11.19
C PRO A 318 -45.14 -32.29 -12.00
N GLY A 319 -45.21 -31.87 -13.24
CA GLY A 319 -46.28 -32.26 -14.12
C GLY A 319 -47.52 -31.40 -13.96
N PRO A 320 -48.63 -31.87 -14.51
CA PRO A 320 -49.89 -31.14 -14.40
C PRO A 320 -50.38 -31.07 -12.96
N ALA A 321 -51.06 -29.98 -12.64
CA ALA A 321 -51.42 -29.71 -11.26
C ALA A 321 -52.58 -30.60 -10.83
N MET A 322 -52.33 -31.44 -9.85
CA MET A 322 -53.29 -32.44 -9.43
C MET A 322 -53.26 -32.56 -7.92
N ALA A 323 -54.40 -32.97 -7.37
CA ALA A 323 -54.48 -33.22 -5.94
C ALA A 323 -53.50 -34.32 -5.55
N SER A 324 -52.73 -34.06 -4.49
CA SER A 324 -51.64 -34.97 -4.13
C SER A 324 -52.14 -36.32 -3.67
N HIS A 325 -53.24 -36.36 -2.93
CA HIS A 325 -53.72 -37.61 -2.37
C HIS A 325 -55.20 -37.48 -2.07
N LYS A 326 -55.83 -38.62 -1.81
CA LYS A 326 -57.23 -38.62 -1.40
C LYS A 326 -57.38 -38.14 0.03
N GLU A 327 -58.59 -37.70 0.35
CA GLU A 327 -58.94 -37.28 1.69
C GLU A 327 -58.54 -38.33 2.71
N GLY A 328 -57.86 -37.89 3.76
CA GLY A 328 -57.50 -38.77 4.84
C GLY A 328 -56.23 -39.55 4.66
N GLU A 329 -55.64 -39.56 3.47
CA GLU A 329 -54.42 -40.31 3.25
C GLU A 329 -53.30 -39.31 2.98
N ASP A 330 -52.58 -38.91 4.02
CA ASP A 330 -51.53 -37.94 3.80
C ASP A 330 -50.17 -38.59 3.77
N ARG A 331 -50.10 -39.90 3.93
CA ARG A 331 -48.84 -40.61 3.82
C ARG A 331 -48.43 -40.86 2.39
N PHE A 332 -49.33 -40.69 1.44
CA PHE A 332 -49.04 -40.96 0.04
C PHE A 332 -48.67 -39.68 -0.68
N PHE A 333 -47.80 -39.79 -1.67
CA PHE A 333 -47.44 -38.66 -2.49
C PHE A 333 -47.14 -39.16 -3.88
N PRO A 334 -47.40 -38.33 -4.89
CA PRO A 334 -47.09 -38.68 -6.28
C PRO A 334 -45.58 -38.77 -6.40
N LEU A 335 -45.06 -39.72 -7.19
CA LEU A 335 -43.62 -39.93 -7.27
C LEU A 335 -42.83 -38.71 -7.73
N SER A 336 -43.25 -38.09 -8.82
CA SER A 336 -42.60 -36.85 -9.27
C SER A 336 -43.67 -35.74 -9.38
N GLY A 337 -44.78 -35.96 -8.68
CA GLY A 337 -45.90 -35.06 -8.60
C GLY A 337 -45.75 -33.73 -7.88
N SER A 338 -44.97 -33.73 -6.81
CA SER A 338 -44.82 -32.53 -5.98
C SER A 338 -43.42 -31.93 -5.89
N LEU A 339 -43.38 -30.61 -5.75
CA LEU A 339 -42.12 -29.92 -5.58
C LEU A 339 -41.58 -30.39 -4.24
N ILE A 340 -40.30 -30.74 -4.19
CA ILE A 340 -39.71 -31.18 -2.94
C ILE A 340 -38.53 -30.31 -2.54
N PHE A 341 -38.61 -29.72 -1.36
CA PHE A 341 -37.54 -28.86 -0.88
C PHE A 341 -36.70 -29.57 0.17
N GLY A 342 -35.44 -29.20 0.25
CA GLY A 342 -34.56 -29.72 1.28
C GLY A 342 -34.55 -28.86 2.52
N LYS A 343 -34.28 -29.49 3.65
CA LYS A 343 -34.07 -28.78 4.90
C LYS A 343 -32.69 -28.15 4.93
N GLN A 344 -32.54 -27.15 5.78
CA GLN A 344 -31.24 -26.54 5.99
C GLN A 344 -30.25 -27.59 6.45
N GLY A 345 -29.12 -27.67 5.77
CA GLY A 345 -28.09 -28.63 6.09
C GLY A 345 -28.21 -29.97 5.37
N THR A 346 -29.24 -30.17 4.58
CA THR A 346 -29.44 -31.45 3.91
C THR A 346 -28.46 -31.62 2.78
N GLY A 347 -27.95 -32.83 2.62
CA GLY A 347 -26.92 -33.08 1.64
C GLY A 347 -27.44 -33.16 0.23
N ARG A 348 -26.51 -33.45 -0.68
CA ARG A 348 -26.82 -33.39 -2.10
C ARG A 348 -27.46 -34.69 -2.60
N ASP A 349 -27.01 -35.83 -2.11
CA ASP A 349 -27.33 -37.11 -2.74
C ASP A 349 -27.79 -38.16 -1.73
N ASN A 350 -28.94 -38.77 -2.02
CA ASN A 350 -29.47 -39.94 -1.29
C ASN A 350 -29.73 -39.64 0.18
N VAL A 351 -30.38 -38.53 0.46
CA VAL A 351 -30.79 -38.21 1.80
C VAL A 351 -32.08 -38.93 2.15
N ASP A 352 -32.32 -39.11 3.44
CA ASP A 352 -33.54 -39.76 3.89
C ASP A 352 -34.75 -38.84 3.78
N ALA A 353 -35.92 -39.39 4.09
CA ALA A 353 -37.17 -38.66 3.89
C ALA A 353 -37.32 -37.54 4.91
N ASP A 354 -36.78 -37.74 6.11
CA ASP A 354 -36.87 -36.70 7.12
C ASP A 354 -35.96 -35.52 6.80
N LYS A 355 -35.14 -35.65 5.76
CA LYS A 355 -34.27 -34.55 5.38
C LYS A 355 -34.94 -33.61 4.40
N VAL A 356 -36.06 -34.01 3.83
CA VAL A 356 -36.70 -33.23 2.80
C VAL A 356 -38.09 -32.84 3.25
N MET A 357 -38.64 -31.84 2.60
CA MET A 357 -39.99 -31.36 2.86
C MET A 357 -40.80 -31.53 1.59
N ILE A 358 -41.81 -32.38 1.65
CA ILE A 358 -42.63 -32.70 0.49
C ILE A 358 -43.89 -31.85 0.55
N THR A 359 -44.09 -31.00 -0.45
CA THR A 359 -45.33 -30.25 -0.50
C THR A 359 -46.47 -31.15 -0.94
N ASN A 360 -47.69 -30.74 -0.61
CA ASN A 360 -48.86 -31.42 -1.13
C ASN A 360 -49.88 -30.39 -1.58
N GLU A 361 -50.58 -30.73 -2.65
CA GLU A 361 -51.53 -29.87 -3.34
C GLU A 361 -52.98 -30.11 -2.91
N GLU A 362 -53.19 -30.77 -1.78
CA GLU A 362 -54.54 -31.25 -1.42
C GLU A 362 -55.63 -30.18 -1.52
N GLU A 363 -55.31 -28.90 -1.36
CA GLU A 363 -56.36 -27.89 -1.36
C GLU A 363 -57.11 -27.88 -2.68
N ILE A 364 -56.49 -28.35 -3.76
CA ILE A 364 -57.14 -28.29 -5.06
C ILE A 364 -57.95 -29.54 -5.38
N LYS A 365 -58.13 -30.46 -4.44
CA LYS A 365 -58.93 -31.65 -4.72
C LYS A 365 -60.39 -31.32 -4.98
N THR A 366 -60.82 -30.10 -4.68
CA THR A 366 -62.19 -29.74 -4.97
C THR A 366 -62.45 -29.66 -6.47
N THR A 367 -61.55 -29.04 -7.23
CA THR A 367 -61.65 -29.08 -8.68
C THR A 367 -60.67 -29.97 -9.42
N ASN A 368 -59.53 -30.33 -8.85
CA ASN A 368 -58.53 -31.03 -9.67
C ASN A 368 -58.52 -32.50 -9.33
N PRO A 369 -58.50 -33.39 -10.32
CA PRO A 369 -58.44 -34.82 -10.04
C PRO A 369 -57.20 -35.21 -9.23
N VAL A 370 -57.30 -36.34 -8.54
CA VAL A 370 -56.19 -36.83 -7.73
C VAL A 370 -55.10 -37.38 -8.63
N ALA A 371 -53.85 -37.12 -8.25
CA ALA A 371 -52.71 -37.39 -9.13
C ALA A 371 -52.42 -38.88 -9.28
N THR A 372 -52.72 -39.67 -8.26
CA THR A 372 -52.46 -41.10 -8.26
C THR A 372 -53.66 -41.95 -8.63
N GLU A 373 -54.74 -41.34 -9.07
CA GLU A 373 -55.96 -42.04 -9.44
C GLU A 373 -56.17 -41.90 -10.94
N SER A 374 -56.99 -42.79 -11.48
CA SER A 374 -57.49 -42.59 -12.83
C SER A 374 -58.40 -41.36 -12.90
N TYR A 375 -58.47 -40.77 -14.08
CA TYR A 375 -59.43 -39.69 -14.28
C TYR A 375 -60.84 -40.20 -14.18
N GLY A 376 -61.10 -41.38 -14.72
CA GLY A 376 -62.42 -41.96 -14.69
C GLY A 376 -62.48 -43.17 -15.59
N GLN A 377 -63.69 -43.47 -16.04
CA GLN A 377 -63.94 -44.62 -16.90
C GLN A 377 -64.68 -44.19 -18.16
N VAL A 378 -64.38 -44.88 -19.27
CA VAL A 378 -65.13 -44.74 -20.51
C VAL A 378 -65.56 -46.12 -20.97
N ALA A 379 -66.60 -46.13 -21.79
CA ALA A 379 -67.08 -47.36 -22.41
C ALA A 379 -66.13 -47.80 -23.52
N THR A 380 -65.82 -49.08 -23.55
CA THR A 380 -64.92 -49.61 -24.56
C THR A 380 -65.57 -50.38 -25.69
N ASN A 381 -66.89 -50.57 -25.69
CA ASN A 381 -67.47 -51.41 -26.75
C ASN A 381 -68.92 -50.98 -26.99
N HIS A 382 -69.58 -51.75 -27.84
CA HIS A 382 -71.04 -51.76 -27.96
C HIS A 382 -71.56 -52.97 -27.23
N GLN A 383 -72.23 -52.74 -26.12
CA GLN A 383 -72.94 -53.83 -25.48
C GLN A 383 -74.04 -54.32 -26.40
N SER A 384 -74.49 -55.54 -26.18
CA SER A 384 -75.60 -56.07 -26.97
C SER A 384 -76.19 -57.26 -26.23
N ALA A 385 -77.10 -57.96 -26.89
CA ALA A 385 -77.63 -59.19 -26.32
C ALA A 385 -76.52 -60.20 -26.07
N GLN A 386 -75.49 -60.20 -26.92
CA GLN A 386 -74.38 -61.13 -26.75
C GLN A 386 -73.16 -60.54 -26.07
N ALA A 387 -73.15 -59.25 -25.74
CA ALA A 387 -71.95 -58.63 -25.19
C ALA A 387 -72.30 -57.75 -24.01
N GLN A 388 -71.61 -57.97 -22.90
CA GLN A 388 -71.80 -57.13 -21.73
C GLN A 388 -71.12 -55.78 -21.91
N ALA A 389 -71.64 -54.78 -21.19
CA ALA A 389 -71.05 -53.46 -21.23
C ALA A 389 -69.66 -53.49 -20.60
N GLN A 390 -68.69 -52.95 -21.32
CA GLN A 390 -67.31 -52.96 -20.88
C GLN A 390 -66.80 -51.53 -20.71
N THR A 391 -65.97 -51.33 -19.70
CA THR A 391 -65.36 -50.05 -19.44
C THR A 391 -63.86 -50.22 -19.34
N GLY A 392 -63.15 -49.11 -19.40
CA GLY A 392 -61.72 -49.10 -19.19
C GLY A 392 -61.32 -47.83 -18.47
N TRP A 393 -60.12 -47.85 -17.94
CA TRP A 393 -59.67 -46.75 -17.10
C TRP A 393 -58.96 -45.69 -17.92
N VAL A 394 -59.26 -44.44 -17.63
CA VAL A 394 -58.62 -43.32 -18.30
C VAL A 394 -57.43 -42.93 -17.43
N GLN A 395 -56.23 -43.19 -17.94
CA GLN A 395 -55.03 -42.91 -17.16
C GLN A 395 -54.52 -41.51 -17.42
N ASN A 396 -54.94 -40.89 -18.51
CA ASN A 396 -54.55 -39.55 -18.86
C ASN A 396 -55.66 -38.91 -19.68
N GLN A 397 -55.95 -37.66 -19.40
CA GLN A 397 -57.09 -36.99 -19.99
C GLN A 397 -56.72 -35.57 -20.36
N GLY A 398 -56.78 -35.24 -21.62
CA GLY A 398 -56.57 -33.88 -22.06
C GLY A 398 -57.78 -32.99 -21.82
N ILE A 399 -57.58 -31.72 -22.07
CA ILE A 399 -58.61 -30.69 -21.92
C ILE A 399 -59.88 -31.07 -22.66
N LEU A 400 -60.91 -30.99 -22.04
CA LEU A 400 -62.23 -31.10 -22.62
C LEU A 400 -63.00 -29.80 -22.40
N PRO A 401 -63.91 -29.45 -23.29
CA PRO A 401 -64.78 -28.30 -23.01
C PRO A 401 -65.58 -28.53 -21.73
N GLY A 402 -65.59 -27.53 -20.87
CA GLY A 402 -66.26 -27.62 -19.60
C GLY A 402 -65.40 -28.03 -18.42
N MET A 403 -64.10 -28.17 -18.60
CA MET A 403 -63.23 -28.41 -17.47
C MET A 403 -62.86 -27.12 -16.76
N VAL A 404 -62.72 -27.22 -15.45
CA VAL A 404 -62.18 -26.15 -14.63
C VAL A 404 -61.13 -26.79 -13.74
N TRP A 405 -60.10 -26.03 -13.39
CA TRP A 405 -59.01 -26.54 -12.55
C TRP A 405 -58.36 -25.36 -11.85
N GLN A 406 -57.59 -25.67 -10.82
CA GLN A 406 -56.73 -24.73 -10.15
C GLN A 406 -55.28 -25.02 -10.51
N ASP A 407 -54.49 -23.97 -10.66
CA ASP A 407 -53.07 -24.11 -10.90
C ASP A 407 -52.38 -24.55 -9.62
N ARG A 408 -51.08 -24.80 -9.72
CA ARG A 408 -50.34 -25.22 -8.55
C ARG A 408 -50.05 -24.03 -7.65
N ASP A 409 -49.84 -24.32 -6.38
CA ASP A 409 -49.62 -23.34 -5.34
C ASP A 409 -48.21 -22.76 -5.46
N VAL A 410 -48.02 -21.59 -4.87
CA VAL A 410 -46.70 -20.99 -4.72
C VAL A 410 -46.31 -21.08 -3.25
N TYR A 411 -45.02 -21.08 -3.01
CA TYR A 411 -44.48 -21.24 -1.67
C TYR A 411 -43.55 -20.10 -1.34
N LEU A 412 -43.29 -19.94 -0.04
CA LEU A 412 -42.26 -19.00 0.39
C LEU A 412 -40.91 -19.37 -0.22
N GLN A 413 -40.63 -20.67 -0.31
CA GLN A 413 -39.41 -21.22 -0.89
C GLN A 413 -39.45 -21.31 -2.40
N GLY A 414 -40.58 -21.07 -3.04
CA GLY A 414 -40.74 -21.43 -4.42
C GLY A 414 -40.41 -20.33 -5.41
N PRO A 415 -40.52 -20.66 -6.69
CA PRO A 415 -40.29 -19.67 -7.75
C PRO A 415 -41.44 -18.70 -7.90
N ILE A 416 -41.14 -17.55 -8.47
CA ILE A 416 -42.13 -16.51 -8.68
C ILE A 416 -42.59 -16.52 -10.13
N TRP A 417 -41.68 -16.32 -11.06
CA TRP A 417 -42.06 -16.23 -12.47
C TRP A 417 -41.29 -17.25 -13.29
N ALA A 418 -41.81 -17.53 -14.47
CA ALA A 418 -41.06 -18.24 -15.51
C ALA A 418 -41.20 -17.47 -16.80
N LYS A 419 -40.28 -17.74 -17.72
CA LYS A 419 -40.42 -17.27 -19.10
C LYS A 419 -41.23 -18.28 -19.89
N ILE A 420 -42.30 -17.81 -20.50
CA ILE A 420 -43.06 -18.63 -21.44
C ILE A 420 -42.22 -18.85 -22.69
N PRO A 421 -42.04 -20.08 -23.13
CA PRO A 421 -41.25 -20.33 -24.35
C PRO A 421 -41.85 -19.59 -25.54
N HIS A 422 -40.99 -19.21 -26.47
CA HIS A 422 -41.43 -18.45 -27.62
C HIS A 422 -41.83 -19.45 -28.69
N THR A 423 -43.13 -19.62 -28.90
CA THR A 423 -43.64 -20.69 -29.75
C THR A 423 -44.89 -20.21 -30.46
N ASP A 424 -45.30 -20.98 -31.46
CA ASP A 424 -46.54 -20.69 -32.15
C ASP A 424 -47.73 -20.81 -31.23
N GLY A 425 -47.75 -21.84 -30.39
CA GLY A 425 -48.90 -22.06 -29.55
C GLY A 425 -48.52 -22.69 -28.23
N ASN A 426 -49.35 -22.37 -27.26
CA ASN A 426 -49.22 -22.87 -25.91
C ASN A 426 -50.61 -22.85 -25.32
N PHE A 427 -50.86 -23.66 -24.32
CA PHE A 427 -52.16 -23.62 -23.72
C PHE A 427 -52.05 -23.36 -22.25
N HIS A 428 -52.73 -22.31 -21.78
CA HIS A 428 -52.74 -21.97 -20.36
C HIS A 428 -51.34 -21.94 -19.78
N PRO A 429 -50.46 -21.11 -20.34
CA PRO A 429 -49.03 -20.97 -20.04
C PRO A 429 -48.63 -20.66 -18.61
N SER A 430 -49.33 -21.20 -17.63
CA SER A 430 -48.94 -21.00 -16.25
C SER A 430 -47.82 -22.01 -16.00
N PRO A 431 -46.67 -21.55 -15.48
CA PRO A 431 -45.52 -22.43 -15.22
C PRO A 431 -45.91 -23.58 -14.32
N LEU A 432 -45.53 -24.80 -14.66
CA LEU A 432 -45.94 -25.97 -13.90
C LEU A 432 -45.33 -26.04 -12.51
N MET A 433 -44.11 -25.59 -12.31
CA MET A 433 -43.59 -25.54 -10.95
C MET A 433 -44.25 -24.42 -10.12
N GLY A 434 -45.05 -23.58 -10.73
CA GLY A 434 -45.88 -22.62 -10.04
C GLY A 434 -45.42 -21.18 -10.24
N GLY A 435 -46.35 -20.26 -10.09
CA GLY A 435 -46.10 -18.85 -10.31
C GLY A 435 -46.64 -18.30 -11.60
N PHE A 436 -46.05 -17.19 -12.01
CA PHE A 436 -46.61 -16.33 -13.04
C PHE A 436 -45.85 -16.54 -14.33
N GLY A 437 -46.56 -16.97 -15.38
CA GLY A 437 -45.92 -17.10 -16.68
C GLY A 437 -45.93 -15.79 -17.44
N MET A 438 -44.83 -15.49 -18.10
CA MET A 438 -44.68 -14.20 -18.74
C MET A 438 -43.94 -14.38 -20.04
N LYS A 439 -44.41 -13.73 -21.10
CA LYS A 439 -43.64 -13.73 -22.34
C LYS A 439 -42.46 -12.79 -22.25
N HIS A 440 -42.54 -11.79 -21.40
CA HIS A 440 -41.42 -10.88 -21.15
C HIS A 440 -41.23 -10.79 -19.64
N PRO A 441 -40.53 -11.75 -19.06
CA PRO A 441 -40.34 -11.79 -17.62
C PRO A 441 -39.38 -10.72 -17.17
N PRO A 442 -39.06 -10.66 -15.87
CA PRO A 442 -37.95 -9.82 -15.45
C PRO A 442 -36.69 -10.22 -16.19
N PRO A 443 -35.97 -9.27 -16.76
CA PRO A 443 -34.84 -9.62 -17.61
C PRO A 443 -33.65 -10.09 -16.80
N GLN A 444 -32.81 -10.88 -17.46
CA GLN A 444 -31.60 -11.36 -16.84
C GLN A 444 -30.59 -10.24 -16.65
N ILE A 445 -29.91 -10.27 -15.52
CA ILE A 445 -28.96 -9.25 -15.10
C ILE A 445 -27.61 -9.92 -15.01
N LEU A 446 -26.69 -9.57 -15.89
CA LEU A 446 -25.43 -10.26 -16.05
C LEU A 446 -24.30 -9.43 -15.49
N ILE A 447 -23.31 -10.07 -14.88
CA ILE A 447 -22.26 -9.32 -14.20
C ILE A 447 -20.96 -10.11 -14.27
N LYS A 448 -19.84 -9.40 -14.45
CA LYS A 448 -18.52 -10.03 -14.45
C LYS A 448 -17.49 -9.03 -13.99
N ASN A 449 -16.37 -9.55 -13.51
CA ASN A 449 -15.20 -8.72 -13.29
C ASN A 449 -14.50 -8.50 -14.62
N THR A 450 -14.18 -7.25 -14.92
CA THR A 450 -13.38 -6.95 -16.09
C THR A 450 -11.99 -7.51 -15.89
N PRO A 451 -11.47 -8.31 -16.81
CA PRO A 451 -10.13 -8.90 -16.63
C PRO A 451 -9.06 -7.84 -16.63
N VAL A 452 -8.13 -7.97 -15.69
CA VAL A 452 -6.95 -7.11 -15.62
C VAL A 452 -5.75 -7.99 -15.89
N PRO A 453 -5.10 -7.89 -17.05
CA PRO A 453 -3.98 -8.76 -17.33
C PRO A 453 -2.79 -8.47 -16.44
N ALA A 454 -2.08 -9.52 -16.09
CA ALA A 454 -0.76 -9.45 -15.51
C ALA A 454 0.22 -8.89 -16.54
N ASP A 455 1.39 -8.49 -16.06
CA ASP A 455 2.36 -7.81 -16.92
C ASP A 455 2.67 -8.60 -18.19
N PRO A 456 2.51 -7.99 -19.36
CA PRO A 456 2.84 -8.67 -20.61
C PRO A 456 4.33 -8.72 -20.82
N PRO A 457 4.82 -9.56 -21.73
CA PRO A 457 6.25 -9.58 -22.02
C PRO A 457 6.69 -8.35 -22.78
N THR A 458 8.01 -8.15 -22.82
CA THR A 458 8.53 -6.91 -23.38
C THR A 458 8.83 -7.03 -24.86
N ALA A 459 8.55 -8.17 -25.45
CA ALA A 459 8.57 -8.30 -26.90
C ALA A 459 7.18 -8.69 -27.36
N PHE A 460 6.77 -8.17 -28.51
CA PHE A 460 5.42 -8.44 -28.97
C PHE A 460 5.21 -9.91 -29.26
N ASN A 461 4.05 -10.41 -28.84
CA ASN A 461 3.60 -11.77 -29.06
C ASN A 461 2.14 -11.69 -29.45
N LYS A 462 1.73 -12.46 -30.46
CA LYS A 462 0.40 -12.30 -31.00
C LYS A 462 -0.66 -13.05 -30.20
N ASP A 463 -0.25 -13.92 -29.30
CA ASP A 463 -1.21 -14.73 -28.57
C ASP A 463 -2.08 -13.87 -27.67
N LYS A 464 -3.26 -14.37 -27.36
CA LYS A 464 -4.02 -13.74 -26.30
C LYS A 464 -3.28 -13.93 -24.98
N LEU A 465 -3.41 -12.95 -24.10
CA LEU A 465 -2.77 -13.02 -22.80
C LEU A 465 -3.51 -14.02 -21.93
N ASN A 466 -2.79 -14.97 -21.38
CA ASN A 466 -3.36 -16.00 -20.51
C ASN A 466 -3.15 -15.75 -19.03
N SER A 467 -2.56 -14.63 -18.65
CA SER A 467 -2.11 -14.41 -17.29
C SER A 467 -2.77 -13.16 -16.73
N PHE A 468 -3.46 -13.30 -15.60
CA PHE A 468 -4.29 -12.22 -15.09
C PHE A 468 -4.06 -11.99 -13.60
N ILE A 469 -4.29 -10.75 -13.18
CA ILE A 469 -4.30 -10.43 -11.76
C ILE A 469 -5.52 -11.06 -11.11
N THR A 470 -5.31 -11.72 -9.98
CA THR A 470 -6.39 -12.42 -9.30
C THR A 470 -7.31 -11.42 -8.60
N GLN A 471 -8.57 -11.42 -8.98
CA GLN A 471 -9.48 -10.43 -8.46
C GLN A 471 -10.82 -11.06 -8.14
N TYR A 472 -11.55 -10.40 -7.25
CA TYR A 472 -12.96 -10.67 -7.08
C TYR A 472 -13.59 -9.36 -6.65
N SER A 473 -14.90 -9.27 -6.78
CA SER A 473 -15.62 -8.08 -6.39
C SER A 473 -16.70 -8.42 -5.39
N THR A 474 -17.21 -7.39 -4.74
CA THR A 474 -18.31 -7.53 -3.81
C THR A 474 -19.07 -6.22 -3.72
N GLY A 475 -20.31 -6.30 -3.26
CA GLY A 475 -21.11 -5.11 -3.14
C GLY A 475 -22.49 -5.35 -2.59
N GLN A 476 -23.40 -4.41 -2.83
CA GLN A 476 -24.75 -4.51 -2.33
C GLN A 476 -25.70 -4.59 -3.52
N VAL A 477 -26.83 -5.26 -3.33
CA VAL A 477 -27.92 -5.25 -4.29
C VAL A 477 -29.19 -4.93 -3.53
N SER A 478 -30.02 -4.08 -4.13
CA SER A 478 -31.35 -3.87 -3.63
C SER A 478 -32.35 -4.14 -4.74
N VAL A 479 -33.42 -4.83 -4.39
CA VAL A 479 -34.51 -5.12 -5.31
C VAL A 479 -35.81 -4.74 -4.62
N GLU A 480 -36.65 -4.02 -5.36
CA GLU A 480 -37.91 -3.49 -4.85
C GLU A 480 -39.02 -3.95 -5.77
N ILE A 481 -40.06 -4.57 -5.22
CA ILE A 481 -41.19 -5.02 -6.01
C ILE A 481 -42.47 -4.45 -5.43
N GLU A 482 -43.28 -3.83 -6.28
CA GLU A 482 -44.65 -3.50 -5.95
C GLU A 482 -45.54 -4.67 -6.31
N TRP A 483 -46.38 -5.10 -5.38
CA TRP A 483 -47.29 -6.21 -5.55
C TRP A 483 -48.71 -5.71 -5.42
N GLU A 484 -49.58 -6.08 -6.35
CA GLU A 484 -51.00 -5.75 -6.25
C GLU A 484 -51.73 -6.83 -5.47
N LEU A 485 -52.59 -6.42 -4.55
CA LEU A 485 -53.34 -7.33 -3.71
C LEU A 485 -54.79 -7.41 -4.13
N GLN A 486 -55.37 -8.59 -3.97
CA GLN A 486 -56.80 -8.80 -4.12
C GLN A 486 -57.33 -9.15 -2.74
N LYS A 487 -58.09 -8.25 -2.13
CA LYS A 487 -58.51 -8.49 -0.77
C LYS A 487 -59.72 -9.44 -0.71
N GLU A 488 -59.74 -10.24 0.33
CA GLU A 488 -60.84 -11.15 0.62
C GLU A 488 -62.14 -10.42 0.94
N ASN A 489 -63.21 -10.77 0.23
CA ASN A 489 -64.52 -10.16 0.37
C ASN A 489 -65.55 -11.01 1.12
N SER A 490 -65.16 -12.11 1.75
CA SER A 490 -66.08 -13.19 2.07
C SER A 490 -67.24 -12.81 3.00
N LYS A 491 -68.36 -13.51 2.82
CA LYS A 491 -69.49 -13.48 3.72
C LYS A 491 -69.56 -14.67 4.67
N ARG A 492 -68.57 -15.55 4.66
CA ARG A 492 -68.55 -16.70 5.55
C ARG A 492 -68.69 -16.32 7.02
N TRP A 493 -69.59 -16.99 7.72
CA TRP A 493 -69.90 -16.67 9.11
C TRP A 493 -68.85 -17.18 10.07
N ASN A 494 -68.42 -18.42 9.91
CA ASN A 494 -67.50 -19.03 10.86
C ASN A 494 -66.06 -18.68 10.54
N PRO A 495 -65.16 -18.78 11.51
CA PRO A 495 -63.78 -18.36 11.29
C PRO A 495 -63.03 -19.26 10.32
N GLU A 496 -62.08 -18.65 9.61
CA GLU A 496 -61.26 -19.31 8.61
C GLU A 496 -60.13 -20.10 9.24
N ILE A 497 -59.40 -20.82 8.40
CA ILE A 497 -58.11 -21.39 8.74
C ILE A 497 -57.06 -20.33 8.43
N GLN A 498 -56.09 -20.22 9.29
CA GLN A 498 -55.06 -19.20 9.19
C GLN A 498 -53.72 -19.89 9.41
N TYR A 499 -52.69 -19.46 8.70
CA TYR A 499 -51.37 -19.96 9.01
C TYR A 499 -50.91 -19.34 10.33
N THR A 500 -50.40 -20.17 11.22
CA THR A 500 -50.06 -19.71 12.56
C THR A 500 -48.79 -20.39 13.03
N SER A 501 -48.08 -19.72 13.93
CA SER A 501 -47.11 -20.37 14.78
C SER A 501 -47.81 -21.16 15.88
N ASN A 502 -47.10 -22.13 16.42
CA ASN A 502 -47.60 -22.91 17.55
C ASN A 502 -46.99 -22.36 18.83
N TYR A 503 -47.79 -22.29 19.89
CA TYR A 503 -47.30 -21.71 21.13
C TYR A 503 -46.27 -22.60 21.80
N TYR A 504 -46.36 -23.91 21.60
CA TYR A 504 -45.67 -24.86 22.46
C TYR A 504 -44.16 -24.67 22.41
N LYS A 505 -43.53 -24.88 23.56
CA LYS A 505 -42.11 -24.57 23.73
C LYS A 505 -41.21 -25.48 22.90
N SER A 506 -40.05 -24.95 22.54
CA SER A 506 -39.09 -25.65 21.70
C SER A 506 -37.71 -25.05 21.91
N ASN A 507 -36.70 -25.74 21.42
CA ASN A 507 -35.33 -25.25 21.58
C ASN A 507 -35.05 -24.02 20.74
N ASN A 508 -35.79 -23.83 19.65
CA ASN A 508 -35.51 -22.75 18.74
C ASN A 508 -36.82 -22.08 18.33
N VAL A 509 -36.74 -20.80 18.01
CA VAL A 509 -37.82 -20.14 17.31
C VAL A 509 -37.78 -20.57 15.85
N GLU A 510 -38.94 -20.83 15.27
CA GLU A 510 -38.99 -21.18 13.87
C GLU A 510 -38.81 -19.93 13.01
N PHE A 511 -38.09 -20.10 11.92
CA PHE A 511 -37.69 -19.00 11.03
C PHE A 511 -36.79 -18.02 11.77
N ALA A 512 -35.82 -18.56 12.50
CA ALA A 512 -34.82 -17.78 13.21
C ALA A 512 -33.47 -18.48 13.07
N VAL A 513 -32.41 -17.80 13.51
CA VAL A 513 -31.12 -18.47 13.60
C VAL A 513 -31.08 -19.32 14.86
N ASN A 514 -30.27 -20.36 14.82
CA ASN A 514 -30.02 -21.22 15.97
C ASN A 514 -28.79 -20.70 16.72
N THR A 515 -28.24 -21.52 17.61
CA THR A 515 -27.10 -21.10 18.41
C THR A 515 -25.83 -20.94 17.60
N GLU A 516 -25.78 -21.49 16.39
CA GLU A 516 -24.59 -21.35 15.56
C GLU A 516 -24.74 -20.27 14.51
N GLY A 517 -25.85 -19.54 14.51
CA GLY A 517 -26.03 -18.51 13.54
C GLY A 517 -26.63 -18.96 12.24
N VAL A 518 -27.27 -20.12 12.22
CA VAL A 518 -27.76 -20.73 11.00
C VAL A 518 -29.25 -20.46 10.91
N TYR A 519 -29.63 -19.69 9.90
CA TYR A 519 -31.03 -19.47 9.61
C TYR A 519 -31.60 -20.68 8.92
N SER A 520 -32.84 -21.01 9.22
CA SER A 520 -33.49 -22.13 8.56
C SER A 520 -34.96 -21.83 8.37
N GLU A 521 -35.54 -22.50 7.39
CA GLU A 521 -36.97 -22.49 7.14
C GLU A 521 -37.50 -23.87 7.44
N PRO A 522 -38.21 -24.08 8.55
CA PRO A 522 -38.51 -25.45 8.97
C PRO A 522 -39.56 -26.16 8.12
N ARG A 523 -40.41 -25.43 7.41
CA ARG A 523 -41.49 -26.02 6.64
C ARG A 523 -41.72 -25.22 5.38
N PRO A 524 -42.33 -25.81 4.37
CA PRO A 524 -42.89 -25.00 3.27
C PRO A 524 -44.20 -24.36 3.67
N ILE A 525 -44.42 -23.14 3.20
CA ILE A 525 -45.66 -22.45 3.49
C ILE A 525 -46.33 -22.12 2.16
N GLY A 526 -47.45 -22.74 1.91
CA GLY A 526 -48.22 -22.44 0.75
C GLY A 526 -49.03 -21.19 0.94
N THR A 527 -49.79 -20.85 -0.08
CA THR A 527 -50.49 -19.60 -0.04
C THR A 527 -51.98 -19.76 0.28
N ARG A 528 -52.49 -20.99 0.44
CA ARG A 528 -53.93 -21.23 0.40
C ARG A 528 -54.49 -21.56 1.79
N TYR A 529 -55.20 -20.59 2.38
CA TYR A 529 -55.76 -20.69 3.71
C TYR A 529 -57.20 -20.21 3.72
N LEU A 530 -57.44 -19.00 3.26
CA LEU A 530 -58.76 -18.46 3.08
C LEU A 530 -59.54 -19.31 2.07
N THR A 531 -60.86 -19.18 2.10
CA THR A 531 -61.71 -19.95 1.20
C THR A 531 -62.57 -19.04 0.35
N ARG A 532 -63.03 -19.59 -0.77
CA ARG A 532 -64.03 -18.98 -1.63
C ARG A 532 -65.05 -20.04 -1.99
N ASN A 533 -66.24 -19.60 -2.39
CA ASN A 533 -67.22 -20.51 -2.98
C ASN A 533 -66.77 -20.92 -4.38
N LEU A 534 -67.30 -22.04 -4.82
CA LEU A 534 -66.90 -22.59 -6.10
C LEU A 534 -67.79 -22.10 -7.23
N GLU B 1 0.24 -28.26 26.64
CA GLU B 1 -0.29 -29.08 25.56
C GLU B 1 -1.72 -29.50 25.88
N VAL B 2 -2.53 -29.62 24.82
CA VAL B 2 -3.92 -30.01 25.00
C VAL B 2 -3.99 -31.39 25.65
N GLN B 3 -4.85 -31.53 26.65
CA GLN B 3 -5.03 -32.79 27.36
C GLN B 3 -6.50 -33.07 27.57
N LEU B 4 -6.94 -34.24 27.16
CA LEU B 4 -8.30 -34.73 27.41
C LEU B 4 -8.21 -35.90 28.37
N LEU B 5 -8.78 -35.75 29.55
CA LEU B 5 -8.74 -36.77 30.59
C LEU B 5 -10.16 -37.13 31.00
N GLU B 6 -10.55 -38.37 30.73
CA GLU B 6 -11.90 -38.85 30.99
C GLU B 6 -11.90 -39.84 32.14
N SER B 7 -12.98 -39.83 32.92
CA SER B 7 -13.16 -40.71 34.05
C SER B 7 -14.64 -40.94 34.28
N GLY B 8 -14.96 -41.99 35.03
CA GLY B 8 -16.33 -42.36 35.32
C GLY B 8 -16.82 -43.55 34.54
N GLY B 9 -15.97 -44.18 33.75
CA GLY B 9 -16.35 -45.41 33.08
C GLY B 9 -16.04 -46.63 33.91
N GLY B 10 -16.57 -47.78 33.49
CA GLY B 10 -16.41 -49.01 34.25
C GLY B 10 -17.48 -50.01 33.84
N LEU B 11 -17.48 -51.14 34.54
CA LEU B 11 -18.43 -52.22 34.28
C LEU B 11 -19.75 -51.94 35.00
N VAL B 12 -20.85 -52.34 34.36
CA VAL B 12 -22.17 -52.26 34.98
C VAL B 12 -23.09 -53.25 34.26
N GLN B 13 -24.19 -53.60 34.92
CA GLN B 13 -25.13 -54.55 34.37
C GLN B 13 -25.83 -53.96 33.14
N PRO B 14 -26.48 -54.79 32.32
CA PRO B 14 -27.31 -54.24 31.25
C PRO B 14 -28.52 -53.50 31.80
N GLY B 15 -29.10 -52.63 30.96
CA GLY B 15 -30.21 -51.80 31.35
C GLY B 15 -29.89 -50.66 32.28
N GLY B 16 -28.66 -50.63 32.79
CA GLY B 16 -28.25 -49.60 33.73
C GLY B 16 -27.80 -48.31 33.09
N SER B 17 -27.69 -47.27 33.90
CA SER B 17 -27.26 -45.97 33.41
C SER B 17 -25.90 -45.62 33.99
N LEU B 18 -24.96 -45.30 33.12
CA LEU B 18 -23.62 -44.93 33.53
C LEU B 18 -23.28 -43.56 32.97
N ARG B 19 -22.73 -42.69 33.81
CA ARG B 19 -22.38 -41.35 33.36
C ARG B 19 -20.87 -41.21 33.22
N LEU B 20 -20.44 -40.76 32.04
CA LEU B 20 -19.03 -40.59 31.76
C LEU B 20 -18.67 -39.11 31.75
N SER B 21 -17.61 -38.77 32.48
CA SER B 21 -17.17 -37.39 32.54
C SER B 21 -15.81 -37.26 31.90
N CYS B 22 -15.55 -36.09 31.30
CA CYS B 22 -14.27 -35.85 30.64
C CYS B 22 -13.68 -34.51 31.08
N ALA B 23 -12.36 -34.46 31.24
CA ALA B 23 -11.68 -33.24 31.64
C ALA B 23 -10.70 -32.78 30.58
N ALA B 24 -10.77 -31.50 30.22
CA ALA B 24 -9.91 -30.94 29.19
C ALA B 24 -9.13 -29.73 29.68
N SER B 25 -7.87 -29.63 29.22
CA SER B 25 -7.00 -28.52 29.59
C SER B 25 -6.07 -28.11 28.45
N GLY B 26 -5.56 -26.89 28.52
CA GLY B 26 -4.65 -26.38 27.51
C GLY B 26 -5.26 -25.70 26.29
N PHE B 27 -6.58 -25.54 26.28
CA PHE B 27 -7.26 -24.88 25.17
C PHE B 27 -8.57 -24.30 25.67
N THR B 28 -9.15 -23.38 24.92
CA THR B 28 -10.43 -22.79 25.30
C THR B 28 -11.53 -23.79 24.98
N PHE B 29 -12.06 -24.42 26.01
CA PHE B 29 -13.09 -25.44 25.87
C PHE B 29 -14.37 -24.94 25.21
N SER B 30 -14.77 -23.73 25.55
CA SER B 30 -16.01 -23.15 25.03
C SER B 30 -16.01 -23.01 23.51
N THR B 31 -14.86 -22.67 22.94
CA THR B 31 -14.76 -22.47 21.49
C THR B 31 -14.59 -23.73 20.64
N TYR B 32 -14.45 -24.90 21.26
CA TYR B 32 -14.25 -26.13 20.50
C TYR B 32 -15.36 -27.18 20.63
N ALA B 33 -15.79 -27.73 19.50
CA ALA B 33 -16.79 -28.79 19.49
C ALA B 33 -16.15 -30.07 20.04
N MET B 34 -16.95 -30.91 20.69
CA MET B 34 -16.43 -32.15 21.29
C MET B 34 -17.15 -33.41 20.80
N ASN B 35 -16.41 -34.51 20.70
CA ASN B 35 -16.98 -35.78 20.25
C ASN B 35 -16.66 -36.94 21.18
N TRP B 36 -17.49 -37.98 21.12
CA TRP B 36 -17.27 -39.18 21.91
C TRP B 36 -17.06 -40.31 20.91
N VAL B 37 -15.95 -41.02 21.05
CA VAL B 37 -15.65 -42.12 20.14
C VAL B 37 -15.56 -43.42 20.92
N ARG B 38 -16.26 -44.44 20.45
CA ARG B 38 -16.29 -45.73 21.11
C ARG B 38 -15.77 -46.87 20.25
N GLN B 39 -14.84 -47.66 20.79
CA GLN B 39 -14.31 -48.79 20.05
C GLN B 39 -14.47 -50.11 20.80
N ALA B 40 -15.18 -51.04 20.17
CA ALA B 40 -15.41 -52.36 20.72
C ALA B 40 -14.15 -53.20 20.62
N PRO B 41 -14.02 -54.23 21.46
CA PRO B 41 -12.80 -55.04 21.39
C PRO B 41 -12.69 -55.70 20.02
N GLY B 42 -11.50 -55.65 19.42
CA GLY B 42 -11.24 -56.23 18.12
C GLY B 42 -12.11 -55.70 17.00
N LYS B 43 -12.45 -54.41 17.05
CA LYS B 43 -13.28 -53.78 16.05
C LYS B 43 -12.86 -52.34 15.77
N GLY B 44 -13.28 -51.81 14.63
CA GLY B 44 -12.95 -50.44 14.25
C GLY B 44 -13.63 -49.42 15.14
N LEU B 45 -13.01 -48.26 15.29
CA LEU B 45 -13.54 -47.20 16.13
C LEU B 45 -14.87 -46.69 15.59
N GLU B 46 -15.80 -46.39 16.50
CA GLU B 46 -17.11 -45.91 16.12
C GLU B 46 -17.41 -44.53 16.72
N TRP B 47 -17.86 -43.59 15.89
CA TRP B 47 -18.18 -42.26 16.38
C TRP B 47 -19.55 -42.34 17.02
N VAL B 48 -19.65 -41.93 18.28
CA VAL B 48 -20.93 -42.04 18.98
C VAL B 48 -21.74 -40.75 19.12
N ALA B 49 -21.11 -39.69 19.60
CA ALA B 49 -21.84 -38.44 19.79
C ALA B 49 -21.00 -37.21 19.48
N GLY B 50 -21.67 -36.15 19.03
CA GLY B 50 -21.01 -34.91 18.70
C GLY B 50 -21.73 -33.76 19.36
N ILE B 51 -20.99 -32.85 19.97
CA ILE B 51 -21.60 -31.71 20.61
C ILE B 51 -21.03 -30.38 20.10
N SER B 52 -21.93 -29.44 19.86
CA SER B 52 -21.57 -28.11 19.38
C SER B 52 -20.83 -27.34 20.48
N ALA B 53 -20.00 -26.38 20.08
CA ALA B 53 -19.24 -25.60 21.04
C ALA B 53 -20.17 -24.86 22.00
N SER B 54 -21.24 -24.29 21.47
CA SER B 54 -22.26 -23.62 22.27
C SER B 54 -22.98 -24.63 23.16
N GLY B 55 -23.19 -25.83 22.63
CA GLY B 55 -23.89 -26.90 23.32
C GLY B 55 -25.35 -26.96 22.92
N GLY B 56 -25.76 -26.00 22.10
CA GLY B 56 -27.12 -25.94 21.60
C GLY B 56 -27.47 -27.12 20.73
N SER B 57 -26.52 -27.54 19.90
CA SER B 57 -26.76 -28.65 18.99
C SER B 57 -25.98 -29.91 19.35
N ALA B 58 -26.69 -31.02 19.48
CA ALA B 58 -26.07 -32.29 19.83
C ALA B 58 -26.45 -33.38 18.82
N TYR B 59 -25.48 -34.17 18.41
CA TYR B 59 -25.71 -35.23 17.45
C TYR B 59 -25.31 -36.59 18.00
N TYR B 60 -26.08 -37.61 17.65
CA TYR B 60 -25.82 -38.97 18.11
C TYR B 60 -25.89 -39.96 16.98
N VAL B 61 -25.23 -41.10 17.16
CA VAL B 61 -25.25 -42.17 16.17
C VAL B 61 -26.64 -42.79 16.15
N ASP B 62 -27.02 -43.36 15.01
CA ASP B 62 -28.35 -43.93 14.86
C ASP B 62 -28.63 -45.05 15.84
N SER B 63 -27.66 -45.93 16.07
CA SER B 63 -27.85 -47.06 16.97
C SER B 63 -28.13 -46.68 18.42
N VAL B 64 -27.42 -45.67 18.93
CA VAL B 64 -27.59 -45.26 20.32
C VAL B 64 -28.53 -44.08 20.52
N GLU B 65 -29.16 -43.62 19.44
CA GLU B 65 -30.04 -42.46 19.56
C GLU B 65 -31.19 -42.75 20.51
N GLY B 66 -31.45 -41.79 21.38
CA GLY B 66 -32.52 -41.87 22.36
C GLY B 66 -32.13 -42.54 23.66
N ARG B 67 -30.93 -43.10 23.74
CA ARG B 67 -30.46 -43.74 24.96
C ARG B 67 -29.27 -43.02 25.57
N PHE B 68 -28.58 -42.22 24.77
CA PHE B 68 -27.41 -41.49 25.24
C PHE B 68 -27.63 -39.99 25.18
N THR B 69 -27.18 -39.30 26.21
CA THR B 69 -27.29 -37.85 26.26
C THR B 69 -25.90 -37.25 26.39
N ILE B 70 -25.57 -36.28 25.55
CA ILE B 70 -24.26 -35.65 25.60
C ILE B 70 -24.41 -34.19 26.00
N SER B 71 -23.67 -33.77 27.02
CA SER B 71 -23.72 -32.39 27.49
C SER B 71 -22.34 -31.92 27.89
N ARG B 72 -22.13 -30.61 27.87
CA ARG B 72 -20.85 -30.06 28.26
C ARG B 72 -21.04 -28.84 29.15
N ASP B 73 -20.09 -28.61 30.05
CA ASP B 73 -20.16 -27.43 30.89
C ASP B 73 -18.98 -26.57 30.52
N ASN B 74 -19.26 -25.41 29.92
CA ASN B 74 -18.20 -24.51 29.50
C ASN B 74 -17.38 -23.92 30.64
N SER B 75 -18.05 -23.54 31.71
CA SER B 75 -17.38 -22.96 32.86
C SER B 75 -16.42 -23.92 33.55
N ASN B 76 -16.85 -25.18 33.69
CA ASN B 76 -16.04 -26.19 34.37
C ASN B 76 -15.15 -27.02 33.45
N ASN B 77 -15.17 -26.69 32.16
CA ASN B 77 -14.39 -27.41 31.15
C ASN B 77 -14.58 -28.91 31.28
N MET B 78 -15.83 -29.32 31.46
CA MET B 78 -16.16 -30.73 31.60
C MET B 78 -17.13 -31.22 30.53
N LEU B 79 -16.80 -32.36 29.93
CA LEU B 79 -17.65 -32.95 28.90
C LEU B 79 -18.23 -34.23 29.46
N TYR B 80 -19.55 -34.37 29.39
CA TYR B 80 -20.20 -35.56 29.92
C TYR B 80 -20.95 -36.38 28.90
N LEU B 81 -21.03 -37.68 29.17
CA LEU B 81 -21.78 -38.60 28.33
C LEU B 81 -22.68 -39.37 29.29
N GLN B 82 -23.98 -39.36 29.04
CA GLN B 82 -24.92 -40.06 29.89
C GLN B 82 -25.41 -41.30 29.19
N MET B 83 -25.34 -42.43 29.87
CA MET B 83 -25.76 -43.68 29.27
C MET B 83 -26.91 -44.33 30.04
N ASN B 84 -27.96 -44.67 29.31
CA ASN B 84 -29.15 -45.30 29.86
C ASN B 84 -29.47 -46.51 29.00
N SER B 85 -30.18 -47.48 29.57
CA SER B 85 -30.59 -48.68 28.84
C SER B 85 -29.41 -49.37 28.14
N LEU B 86 -28.34 -49.62 28.91
CA LEU B 86 -27.15 -50.24 28.37
C LEU B 86 -27.37 -51.65 27.84
N ARG B 87 -26.63 -52.00 26.79
CA ARG B 87 -26.74 -53.28 26.12
C ARG B 87 -25.37 -53.94 25.99
N ALA B 88 -25.37 -55.23 25.68
CA ALA B 88 -24.11 -55.99 25.55
C ALA B 88 -23.21 -55.41 24.47
N GLU B 89 -23.80 -55.00 23.35
CA GLU B 89 -23.06 -54.39 22.25
C GLU B 89 -22.39 -53.06 22.64
N ASP B 90 -23.03 -52.31 23.53
CA ASP B 90 -22.55 -51.03 24.01
C ASP B 90 -21.18 -51.09 24.69
N THR B 91 -20.83 -52.22 25.28
CA THR B 91 -19.52 -52.37 25.93
C THR B 91 -18.38 -52.06 24.96
N ALA B 92 -17.71 -50.95 25.23
CA ALA B 92 -16.61 -50.47 24.38
C ALA B 92 -15.76 -49.46 25.14
N VAL B 93 -14.68 -49.01 24.51
CA VAL B 93 -13.81 -48.00 25.11
C VAL B 93 -14.25 -46.63 24.60
N TYR B 94 -14.47 -45.69 25.51
CA TYR B 94 -14.91 -44.35 25.13
C TYR B 94 -13.84 -43.26 25.25
N TYR B 95 -13.47 -42.70 24.10
CA TYR B 95 -12.47 -41.64 24.03
C TYR B 95 -13.04 -40.25 23.80
N CYS B 96 -12.54 -39.26 24.53
CA CYS B 96 -12.97 -37.88 24.36
C CYS B 96 -12.45 -37.37 23.02
N ALA B 97 -13.26 -36.58 22.33
CA ALA B 97 -12.86 -36.04 21.03
C ALA B 97 -12.83 -34.53 21.01
N LYS B 98 -11.73 -33.97 20.51
CA LYS B 98 -11.56 -32.53 20.42
C LYS B 98 -11.43 -32.13 18.95
N ALA B 99 -12.26 -31.19 18.52
CA ALA B 99 -12.24 -30.72 17.14
C ALA B 99 -10.98 -29.94 16.82
N VAL B 100 -10.48 -30.11 15.60
CA VAL B 100 -9.28 -29.43 15.14
C VAL B 100 -9.42 -27.90 15.09
N TYR B 101 -10.59 -27.41 14.66
CA TYR B 101 -10.81 -25.98 14.54
C TYR B 101 -11.73 -25.36 15.60
N ALA B 102 -11.51 -24.07 15.85
CA ALA B 102 -12.36 -23.28 16.72
C ALA B 102 -13.47 -22.61 15.89
N ILE B 103 -14.54 -22.21 16.56
CA ILE B 103 -15.70 -21.67 15.85
C ILE B 103 -15.32 -20.45 15.03
N THR B 104 -14.35 -19.67 15.50
CA THR B 104 -13.78 -18.59 14.71
C THR B 104 -12.27 -18.71 14.70
N MET B 105 -11.67 -18.47 13.53
CA MET B 105 -10.24 -18.60 13.31
C MET B 105 -9.74 -17.39 12.55
N VAL B 106 -8.55 -16.91 12.90
CA VAL B 106 -7.91 -15.80 12.22
C VAL B 106 -6.68 -16.32 11.51
N ARG B 107 -6.57 -16.00 10.22
CA ARG B 107 -5.42 -16.42 9.44
C ARG B 107 -5.01 -15.25 8.58
N GLY B 108 -4.07 -14.46 9.07
CA GLY B 108 -3.64 -13.29 8.34
C GLY B 108 -4.78 -12.31 8.13
N SER B 109 -5.04 -12.02 6.88
CA SER B 109 -6.08 -11.10 6.45
C SER B 109 -7.53 -11.51 6.79
N ILE B 110 -7.81 -12.81 6.76
CA ILE B 110 -9.16 -13.36 6.95
C ILE B 110 -9.60 -13.99 8.29
N THR B 111 -10.84 -13.70 8.70
CA THR B 111 -11.47 -14.33 9.86
C THR B 111 -12.55 -15.26 9.35
N THR B 112 -12.54 -16.51 9.82
CA THR B 112 -13.43 -17.54 9.31
C THR B 112 -14.30 -18.10 10.41
N ASN B 113 -15.56 -18.35 10.08
CA ASN B 113 -16.51 -19.00 10.96
C ASN B 113 -16.52 -20.50 10.65
N TYR B 114 -16.22 -21.32 11.66
CA TYR B 114 -16.36 -22.78 11.54
C TYR B 114 -17.41 -23.26 12.53
N TYR B 115 -18.64 -23.45 12.08
CA TYR B 115 -19.69 -23.96 12.94
C TYR B 115 -20.15 -25.38 12.63
N HIS B 116 -19.52 -26.05 11.67
CA HIS B 116 -19.86 -27.43 11.35
C HIS B 116 -19.04 -28.38 12.22
N TYR B 117 -19.02 -29.65 11.85
CA TYR B 117 -18.27 -30.66 12.59
C TYR B 117 -17.03 -31.04 11.78
N TYR B 118 -15.90 -31.16 12.47
CA TYR B 118 -14.62 -31.23 11.81
C TYR B 118 -13.80 -32.40 12.36
N ALA B 119 -12.71 -32.70 11.67
CA ALA B 119 -11.81 -33.77 12.07
C ALA B 119 -11.28 -33.54 13.49
N MET B 120 -11.00 -34.63 14.19
CA MET B 120 -10.70 -34.60 15.61
C MET B 120 -9.19 -34.55 15.81
N ASP B 121 -8.71 -33.44 16.36
CA ASP B 121 -7.28 -33.17 16.43
C ASP B 121 -6.65 -33.88 17.63
N VAL B 122 -7.30 -33.81 18.78
CA VAL B 122 -6.74 -34.31 20.03
C VAL B 122 -7.69 -35.38 20.57
N TRP B 123 -7.13 -36.38 21.25
CA TRP B 123 -7.89 -37.48 21.79
C TRP B 123 -7.58 -37.65 23.27
N GLY B 124 -8.56 -38.12 24.03
CA GLY B 124 -8.28 -38.65 25.34
C GLY B 124 -7.79 -40.09 25.25
N GLN B 125 -7.41 -40.64 26.40
CA GLN B 125 -6.78 -41.96 26.41
C GLN B 125 -7.82 -43.08 26.25
N GLY B 126 -9.05 -42.82 26.64
CA GLY B 126 -10.09 -43.81 26.64
C GLY B 126 -10.35 -44.38 28.04
N THR B 127 -11.62 -44.69 28.28
CA THR B 127 -12.05 -45.29 29.53
C THR B 127 -13.08 -46.36 29.24
N THR B 128 -12.85 -47.55 29.79
CA THR B 128 -13.60 -48.73 29.39
C THR B 128 -14.94 -48.77 30.10
N VAL B 129 -15.96 -49.19 29.36
CA VAL B 129 -17.30 -49.42 29.90
C VAL B 129 -17.72 -50.82 29.47
N THR B 130 -18.05 -51.66 30.45
CA THR B 130 -18.43 -53.04 30.19
C THR B 130 -19.87 -53.25 30.64
N VAL B 131 -20.69 -53.79 29.75
CA VAL B 131 -22.10 -53.97 30.06
C VAL B 131 -22.43 -55.45 30.21
N GLU C 1 -26.63 -42.54 6.73
CA GLU C 1 -25.20 -42.75 6.90
C GLU C 1 -24.60 -43.12 5.54
N ILE C 2 -23.64 -42.33 5.07
CA ILE C 2 -22.96 -42.63 3.82
C ILE C 2 -21.65 -43.34 4.18
N VAL C 3 -21.29 -44.35 3.40
CA VAL C 3 -20.37 -45.38 3.87
C VAL C 3 -18.97 -45.16 3.32
N LEU C 4 -17.97 -45.43 4.15
CA LEU C 4 -16.58 -45.48 3.75
C LEU C 4 -16.10 -46.93 3.75
N THR C 5 -15.50 -47.35 2.65
CA THR C 5 -14.89 -48.67 2.54
C THR C 5 -13.42 -48.50 2.22
N GLN C 6 -12.57 -49.27 2.91
CA GLN C 6 -11.13 -49.24 2.67
C GLN C 6 -10.86 -50.51 1.87
N SER C 7 -10.41 -50.36 0.63
CA SER C 7 -10.18 -51.50 -0.26
C SER C 7 -9.11 -52.49 0.21
N PRO C 8 -8.00 -51.99 0.75
CA PRO C 8 -6.98 -52.93 1.22
C PRO C 8 -7.26 -53.33 2.66
N GLY C 9 -7.26 -54.63 2.94
CA GLY C 9 -7.50 -55.12 4.29
C GLY C 9 -6.36 -56.01 4.73
N THR C 10 -5.83 -55.76 5.92
CA THR C 10 -4.73 -56.53 6.51
C THR C 10 -3.50 -56.63 5.59
N LEU C 11 -3.16 -55.51 4.96
CA LEU C 11 -2.03 -55.43 4.03
C LEU C 11 -0.66 -55.61 4.66
N SER C 12 0.21 -56.34 3.97
CA SER C 12 1.57 -56.58 4.45
C SER C 12 2.58 -56.24 3.36
N LEU C 13 3.42 -55.25 3.62
CA LEU C 13 4.50 -54.91 2.72
C LEU C 13 5.78 -54.69 3.54
N SER C 14 6.91 -54.90 2.88
CA SER C 14 8.20 -54.82 3.55
C SER C 14 8.54 -53.37 3.88
N PRO C 15 9.28 -53.14 4.97
CA PRO C 15 9.63 -51.77 5.34
C PRO C 15 10.52 -51.11 4.30
N GLY C 16 10.39 -49.79 4.20
CA GLY C 16 11.07 -49.01 3.18
C GLY C 16 10.33 -48.92 1.86
N GLU C 17 9.13 -49.47 1.78
CA GLU C 17 8.35 -49.52 0.54
C GLU C 17 7.22 -48.51 0.61
N ARG C 18 6.83 -47.97 -0.55
CA ARG C 18 5.76 -47.01 -0.62
C ARG C 18 4.43 -47.67 -0.30
N ALA C 19 3.63 -47.04 0.55
CA ALA C 19 2.34 -47.59 0.92
C ALA C 19 1.21 -46.69 0.45
N THR C 20 0.24 -47.27 -0.25
CA THR C 20 -0.89 -46.50 -0.75
C THR C 20 -2.20 -47.05 -0.20
N LEU C 21 -2.99 -46.17 0.42
CA LEU C 21 -4.27 -46.56 1.00
C LEU C 21 -5.42 -45.81 0.34
N SER C 22 -6.48 -46.54 0.00
CA SER C 22 -7.64 -45.93 -0.63
C SER C 22 -8.92 -46.12 0.16
N CYS C 23 -9.65 -45.03 0.37
CA CYS C 23 -10.91 -45.05 1.09
C CYS C 23 -11.98 -44.65 0.06
N ARG C 24 -13.04 -45.44 -0.03
CA ARG C 24 -14.08 -45.19 -1.00
C ARG C 24 -15.39 -44.74 -0.35
N ALA C 25 -15.98 -43.68 -0.90
CA ALA C 25 -17.22 -43.13 -0.39
C ALA C 25 -18.39 -43.41 -1.33
N SER C 26 -19.50 -43.87 -0.76
CA SER C 26 -20.70 -44.19 -1.52
C SER C 26 -21.26 -42.94 -2.22
N GLN C 27 -21.21 -41.82 -1.51
CA GLN C 27 -21.69 -40.55 -2.04
C GLN C 27 -20.57 -39.53 -1.90
N GLY C 28 -20.56 -38.53 -2.78
CA GLY C 28 -19.55 -37.47 -2.75
C GLY C 28 -19.35 -36.86 -1.38
N VAL C 29 -18.09 -36.62 -1.02
CA VAL C 29 -17.80 -36.07 0.29
C VAL C 29 -17.67 -34.56 0.18
N SER C 30 -18.53 -33.85 0.89
CA SER C 30 -18.80 -32.44 0.64
C SER C 30 -17.57 -31.59 0.96
N SER C 31 -17.10 -30.85 -0.04
CA SER C 31 -15.94 -29.96 0.09
C SER C 31 -14.76 -30.68 0.75
N ASN C 32 -14.42 -31.85 0.23
CA ASN C 32 -13.46 -32.74 0.88
C ASN C 32 -13.96 -33.02 2.29
N TYR C 33 -13.21 -32.57 3.30
CA TYR C 33 -13.52 -32.87 4.69
C TYR C 33 -13.47 -34.37 4.97
N LEU C 34 -12.35 -34.98 4.61
CA LEU C 34 -12.06 -36.36 4.99
C LEU C 34 -10.85 -36.34 5.92
N ALA C 35 -10.71 -37.36 6.76
CA ALA C 35 -9.65 -37.39 7.74
C ALA C 35 -9.07 -38.79 7.85
N TRP C 36 -7.74 -38.87 7.93
CA TRP C 36 -7.02 -40.12 8.14
C TRP C 36 -6.50 -40.17 9.57
N TYR C 37 -6.77 -41.28 10.25
CA TYR C 37 -6.33 -41.51 11.61
C TYR C 37 -5.47 -42.77 11.68
N GLN C 38 -4.44 -42.73 12.51
CA GLN C 38 -3.61 -43.89 12.81
C GLN C 38 -3.85 -44.33 14.24
N GLN C 39 -4.10 -45.62 14.45
CA GLN C 39 -4.18 -46.18 15.78
C GLN C 39 -3.16 -47.31 15.93
N LYS C 40 -2.50 -47.34 17.07
CA LYS C 40 -1.53 -48.36 17.42
C LYS C 40 -2.06 -49.20 18.58
N PRO C 41 -1.63 -50.46 18.71
CA PRO C 41 -2.21 -51.33 19.73
C PRO C 41 -2.14 -50.72 21.12
N GLY C 42 -3.25 -50.80 21.84
CA GLY C 42 -3.34 -50.23 23.17
C GLY C 42 -2.94 -48.78 23.24
N GLN C 43 -3.37 -47.98 22.25
CA GLN C 43 -2.95 -46.59 22.16
C GLN C 43 -4.06 -45.79 21.50
N ALA C 44 -4.23 -44.56 21.96
CA ALA C 44 -5.30 -43.73 21.43
C ALA C 44 -5.02 -43.34 19.98
N PRO C 45 -6.05 -43.27 19.14
CA PRO C 45 -5.83 -42.95 17.74
C PRO C 45 -5.23 -41.57 17.55
N ARG C 46 -4.64 -41.35 16.38
CA ARG C 46 -3.85 -40.16 16.11
C ARG C 46 -4.21 -39.59 14.75
N LEU C 47 -4.40 -38.28 14.70
CA LEU C 47 -4.79 -37.58 13.48
C LEU C 47 -3.58 -37.49 12.57
N LEU C 48 -3.77 -37.76 11.28
CA LEU C 48 -2.71 -37.66 10.31
C LEU C 48 -3.00 -36.55 9.32
N ILE C 49 -4.04 -36.74 8.52
CA ILE C 49 -4.45 -35.80 7.49
C ILE C 49 -5.89 -35.42 7.77
N TYR C 50 -6.18 -34.13 7.70
CA TYR C 50 -7.56 -33.65 7.74
C TYR C 50 -7.85 -32.89 6.46
N ASP C 51 -9.13 -32.85 6.09
CA ASP C 51 -9.55 -32.44 4.75
C ASP C 51 -8.91 -33.37 3.73
N ALA C 52 -8.41 -32.84 2.62
CA ALA C 52 -7.82 -33.72 1.63
C ALA C 52 -6.34 -33.93 1.89
N SER C 53 -5.53 -32.90 1.67
CA SER C 53 -4.09 -32.98 1.79
C SER C 53 -3.51 -32.43 3.09
N ASN C 54 -4.33 -31.98 4.02
CA ASN C 54 -3.81 -31.09 5.07
C ASN C 54 -3.27 -31.90 6.24
N ARG C 55 -1.98 -31.74 6.51
CA ARG C 55 -1.25 -32.53 7.48
C ARG C 55 -1.28 -31.88 8.85
N ALA C 56 -1.53 -32.70 9.87
CA ALA C 56 -1.54 -32.24 11.25
C ALA C 56 -0.14 -31.84 11.71
N THR C 57 -0.09 -31.10 12.84
CA THR C 57 1.12 -30.40 13.23
C THR C 57 2.28 -31.35 13.51
N GLY C 58 2.14 -32.24 14.48
CA GLY C 58 3.29 -33.00 14.95
C GLY C 58 3.60 -34.20 14.08
N ILE C 59 3.10 -34.20 12.85
CA ILE C 59 3.11 -35.42 12.04
C ILE C 59 4.38 -35.46 11.20
N PRO C 60 5.02 -36.62 11.02
CA PRO C 60 6.15 -36.72 10.10
C PRO C 60 5.80 -36.20 8.71
N ASP C 61 6.83 -35.72 8.02
CA ASP C 61 6.61 -35.10 6.72
C ASP C 61 6.43 -36.13 5.61
N ARG C 62 6.61 -37.41 5.94
CA ARG C 62 6.54 -38.44 4.91
C ARG C 62 5.10 -38.86 4.64
N PHE C 63 4.17 -38.43 5.49
CA PHE C 63 2.77 -38.77 5.29
C PHE C 63 2.12 -37.77 4.34
N SER C 64 1.34 -38.29 3.40
CA SER C 64 0.68 -37.47 2.41
C SER C 64 -0.75 -37.95 2.24
N GLY C 65 -1.58 -37.07 1.66
CA GLY C 65 -2.95 -37.42 1.37
C GLY C 65 -3.50 -36.64 0.20
N SER C 66 -4.47 -37.20 -0.49
CA SER C 66 -5.13 -36.54 -1.60
C SER C 66 -6.46 -37.21 -1.84
N GLY C 67 -7.37 -36.51 -2.51
CA GLY C 67 -8.60 -37.13 -2.96
C GLY C 67 -9.63 -36.09 -3.30
N SER C 68 -10.66 -36.53 -4.02
CA SER C 68 -11.79 -35.69 -4.37
C SER C 68 -12.98 -36.59 -4.63
N GLY C 69 -14.16 -36.05 -4.46
CA GLY C 69 -15.35 -36.82 -4.77
C GLY C 69 -15.49 -38.02 -3.87
N THR C 70 -15.54 -39.20 -4.48
CA THR C 70 -15.71 -40.46 -3.77
C THR C 70 -14.41 -41.23 -3.56
N ASP C 71 -13.27 -40.72 -3.99
CA ASP C 71 -12.02 -41.47 -3.98
C ASP C 71 -10.95 -40.69 -3.22
N PHE C 72 -10.36 -41.32 -2.19
CA PHE C 72 -9.38 -40.66 -1.35
C PHE C 72 -8.22 -41.62 -1.09
N THR C 73 -7.01 -41.07 -0.98
CA THR C 73 -5.82 -41.88 -0.80
C THR C 73 -4.96 -41.35 0.34
N LEU C 74 -4.49 -42.27 1.17
CA LEU C 74 -3.45 -42.01 2.14
C LEU C 74 -2.16 -42.67 1.67
N THR C 75 -1.12 -41.87 1.49
CA THR C 75 0.16 -42.35 0.98
C THR C 75 1.22 -42.25 2.08
N ILE C 76 2.00 -43.31 2.24
CA ILE C 76 3.13 -43.33 3.15
C ILE C 76 4.38 -43.62 2.32
N SER C 77 5.28 -42.63 2.24
CA SER C 77 6.52 -42.79 1.52
C SER C 77 7.67 -42.94 2.50
N ARG C 78 8.69 -43.71 2.09
CA ARG C 78 9.85 -43.99 2.94
C ARG C 78 9.39 -44.65 4.24
N LEU C 79 8.67 -45.77 4.08
CA LEU C 79 8.08 -46.48 5.20
C LEU C 79 9.11 -46.80 6.28
N GLU C 80 8.68 -46.74 7.54
CA GLU C 80 9.53 -46.97 8.70
C GLU C 80 8.85 -47.93 9.66
N PRO C 81 9.54 -48.35 10.73
CA PRO C 81 8.94 -49.35 11.62
C PRO C 81 7.72 -48.88 12.41
N GLU C 82 7.73 -47.65 12.93
CA GLU C 82 6.60 -47.17 13.71
C GLU C 82 5.32 -47.04 12.88
N ASP C 83 5.40 -47.15 11.56
CA ASP C 83 4.26 -46.96 10.69
C ASP C 83 3.40 -48.20 10.56
N PHE C 84 3.70 -49.27 11.28
CA PHE C 84 2.87 -50.47 11.31
C PHE C 84 1.74 -50.25 12.30
N ALA C 85 0.50 -50.28 11.82
CA ALA C 85 -0.67 -49.91 12.62
C ALA C 85 -1.93 -50.05 11.78
N VAL C 86 -3.06 -49.83 12.43
CA VAL C 86 -4.35 -49.83 11.74
C VAL C 86 -4.72 -48.41 11.36
N TYR C 87 -5.21 -48.24 10.14
CA TYR C 87 -5.51 -46.91 9.60
C TYR C 87 -7.00 -46.76 9.36
N TYR C 88 -7.48 -45.52 9.39
CA TYR C 88 -8.89 -45.22 9.27
C TYR C 88 -9.08 -43.97 8.43
N CYS C 89 -10.24 -43.90 7.78
CA CYS C 89 -10.70 -42.69 7.12
C CYS C 89 -11.97 -42.19 7.78
N GLN C 90 -12.03 -40.89 8.04
CA GLN C 90 -13.17 -40.24 8.68
C GLN C 90 -13.79 -39.25 7.71
N GLN C 91 -15.12 -39.24 7.65
CA GLN C 91 -15.88 -38.31 6.80
C GLN C 91 -16.69 -37.37 7.69
N TYR C 92 -16.27 -36.10 7.75
CA TYR C 92 -17.04 -35.06 8.41
C TYR C 92 -17.74 -34.12 7.43
N GLY C 93 -17.67 -34.39 6.13
CA GLY C 93 -18.14 -33.42 5.15
C GLY C 93 -19.64 -33.27 5.11
N SER C 94 -20.36 -34.29 5.55
CA SER C 94 -21.81 -34.18 5.56
C SER C 94 -22.30 -33.73 6.93
N SER C 95 -23.61 -33.71 7.09
CA SER C 95 -24.16 -33.63 8.43
C SER C 95 -23.86 -34.93 9.16
N PRO C 96 -23.74 -34.88 10.49
CA PRO C 96 -23.54 -36.09 11.30
C PRO C 96 -24.69 -37.08 11.13
N PRO C 97 -24.47 -38.36 11.43
CA PRO C 97 -23.31 -38.96 12.10
C PRO C 97 -22.01 -38.95 11.31
N LEU C 98 -20.94 -38.51 11.95
CA LEU C 98 -19.61 -38.76 11.42
C LEU C 98 -19.37 -40.26 11.43
N THR C 99 -18.91 -40.81 10.33
CA THR C 99 -18.69 -42.25 10.24
C THR C 99 -17.26 -42.55 9.83
N PHE C 100 -16.60 -43.40 10.60
CA PHE C 100 -15.29 -43.89 10.23
C PHE C 100 -15.39 -44.94 9.12
N GLY C 101 -14.30 -45.08 8.37
CA GLY C 101 -14.15 -46.24 7.51
C GLY C 101 -14.00 -47.51 8.33
N GLY C 102 -14.06 -48.64 7.63
CA GLY C 102 -14.06 -49.93 8.31
C GLY C 102 -12.77 -50.21 9.05
N GLY C 103 -11.69 -49.58 8.62
CA GLY C 103 -10.37 -49.83 9.17
C GLY C 103 -9.54 -50.72 8.27
N THR C 104 -8.24 -50.46 8.27
CA THR C 104 -7.30 -51.17 7.41
C THR C 104 -5.97 -51.33 8.15
N LYS C 105 -5.38 -52.51 8.00
CA LYS C 105 -4.23 -52.91 8.78
C LYS C 105 -3.02 -53.07 7.88
N VAL C 106 -1.89 -52.53 8.32
CA VAL C 106 -0.63 -52.57 7.57
C VAL C 106 0.38 -53.38 8.36
N GLN C 107 0.78 -54.52 7.80
CA GLN C 107 1.67 -55.47 8.45
C GLN C 107 3.11 -55.22 8.02
N ILE C 108 3.99 -56.12 8.44
CA ILE C 108 5.42 -56.03 8.17
C ILE C 108 5.75 -56.66 6.83
N GLU D 1 2.01 -38.67 -2.52
CA GLU D 1 2.80 -38.41 -3.72
C GLU D 1 2.04 -38.88 -4.95
N VAL D 2 2.24 -38.15 -6.06
CA VAL D 2 1.57 -38.51 -7.31
C VAL D 2 1.98 -39.91 -7.72
N GLN D 3 1.01 -40.72 -8.12
CA GLN D 3 1.26 -42.09 -8.56
C GLN D 3 0.45 -42.39 -9.81
N LEU D 4 1.13 -42.85 -10.85
CA LEU D 4 0.49 -43.33 -12.08
C LEU D 4 0.71 -44.83 -12.17
N LEU D 5 -0.38 -45.59 -12.13
CA LEU D 5 -0.32 -47.05 -12.16
C LEU D 5 -1.16 -47.55 -13.33
N GLU D 6 -0.50 -48.16 -14.31
CA GLU D 6 -1.13 -48.64 -15.52
C GLU D 6 -1.20 -50.17 -15.53
N SER D 7 -2.27 -50.70 -16.13
CA SER D 7 -2.48 -52.13 -16.24
C SER D 7 -3.31 -52.41 -17.47
N GLY D 8 -3.31 -53.66 -17.91
CA GLY D 8 -4.03 -54.08 -19.09
C GLY D 8 -3.18 -54.29 -20.31
N GLY D 9 -1.86 -54.15 -20.19
CA GLY D 9 -0.98 -54.46 -21.29
C GLY D 9 -0.54 -55.91 -21.29
N GLY D 10 0.08 -56.35 -22.38
CA GLY D 10 0.47 -57.74 -22.52
C GLY D 10 0.68 -58.07 -23.98
N LEU D 11 0.96 -59.34 -24.23
CA LEU D 11 1.19 -59.84 -25.58
C LEU D 11 -0.13 -60.15 -26.26
N VAL D 12 -0.19 -59.92 -27.57
CA VAL D 12 -1.34 -60.30 -28.39
C VAL D 12 -0.87 -60.40 -29.84
N GLN D 13 -1.68 -61.08 -30.65
CA GLN D 13 -1.35 -61.28 -32.05
C GLN D 13 -1.42 -59.96 -32.81
N PRO D 14 -0.85 -59.90 -34.01
CA PRO D 14 -1.05 -58.70 -34.85
C PRO D 14 -2.50 -58.58 -35.29
N GLY D 15 -2.88 -57.36 -35.69
CA GLY D 15 -4.23 -57.07 -36.08
C GLY D 15 -5.24 -57.00 -34.96
N GLY D 16 -4.85 -57.32 -33.72
CA GLY D 16 -5.79 -57.37 -32.63
C GLY D 16 -6.01 -56.04 -31.95
N SER D 17 -6.97 -56.03 -31.03
CA SER D 17 -7.35 -54.83 -30.29
C SER D 17 -7.05 -55.04 -28.81
N LEU D 18 -6.38 -54.05 -28.21
CA LEU D 18 -5.95 -54.11 -26.82
C LEU D 18 -6.27 -52.77 -26.18
N ARG D 19 -6.97 -52.80 -25.05
CA ARG D 19 -7.40 -51.58 -24.37
C ARG D 19 -6.57 -51.41 -23.11
N LEU D 20 -5.72 -50.38 -23.11
CA LEU D 20 -4.77 -50.13 -22.04
C LEU D 20 -5.36 -49.10 -21.10
N SER D 21 -5.26 -49.34 -19.80
CA SER D 21 -5.86 -48.48 -18.79
C SER D 21 -4.79 -47.98 -17.83
N CYS D 22 -5.07 -46.85 -17.19
CA CYS D 22 -4.13 -46.21 -16.28
C CYS D 22 -4.89 -45.60 -15.10
N ALA D 23 -4.38 -45.80 -13.90
CA ALA D 23 -5.02 -45.32 -12.68
C ALA D 23 -4.11 -44.28 -12.03
N ALA D 24 -4.68 -43.13 -11.70
CA ALA D 24 -3.93 -42.00 -11.16
C ALA D 24 -4.43 -41.64 -9.78
N SER D 25 -3.52 -41.15 -8.94
CA SER D 25 -3.87 -40.66 -7.62
C SER D 25 -2.81 -39.67 -7.17
N GLY D 26 -3.20 -38.80 -6.24
CA GLY D 26 -2.28 -37.82 -5.69
C GLY D 26 -2.44 -36.42 -6.21
N PHE D 27 -3.40 -36.18 -7.11
CA PHE D 27 -3.58 -34.87 -7.70
C PHE D 27 -5.01 -34.79 -8.23
N THR D 28 -5.46 -33.57 -8.50
CA THR D 28 -6.78 -33.40 -9.09
C THR D 28 -6.67 -33.73 -10.57
N PHE D 29 -7.35 -34.79 -10.99
CA PHE D 29 -7.05 -35.41 -12.27
C PHE D 29 -7.67 -34.64 -13.43
N SER D 30 -8.85 -34.06 -13.21
CA SER D 30 -9.53 -33.37 -14.30
C SER D 30 -8.86 -32.03 -14.63
N THR D 31 -7.88 -31.63 -13.83
CA THR D 31 -7.20 -30.36 -14.08
C THR D 31 -5.89 -30.56 -14.83
N TYR D 32 -5.56 -31.78 -15.23
CA TYR D 32 -4.32 -32.01 -15.92
C TYR D 32 -4.53 -32.70 -17.27
N ALA D 33 -3.66 -32.36 -18.22
CA ALA D 33 -3.59 -33.05 -19.49
C ALA D 33 -2.72 -34.29 -19.33
N MET D 34 -3.11 -35.39 -20.00
CA MET D 34 -2.45 -36.68 -19.84
C MET D 34 -1.84 -37.14 -21.16
N ASN D 35 -0.85 -38.01 -21.06
CA ASN D 35 -0.03 -38.44 -22.19
C ASN D 35 0.19 -39.95 -22.14
N TRP D 36 0.43 -40.54 -23.32
CA TRP D 36 0.93 -41.89 -23.46
C TRP D 36 2.26 -41.83 -24.20
N VAL D 37 3.30 -42.41 -23.61
CA VAL D 37 4.64 -42.42 -24.19
C VAL D 37 5.07 -43.87 -24.38
N ARG D 38 5.77 -44.15 -25.47
CA ARG D 38 6.06 -45.49 -25.92
C ARG D 38 7.55 -45.64 -26.19
N GLN D 39 8.15 -46.72 -25.69
CA GLN D 39 9.55 -47.02 -25.95
C GLN D 39 9.69 -48.47 -26.43
N ALA D 40 10.08 -48.63 -27.68
CA ALA D 40 10.39 -49.94 -28.24
C ALA D 40 11.72 -50.45 -27.70
N PRO D 41 11.98 -51.75 -27.79
CA PRO D 41 13.25 -52.28 -27.30
C PRO D 41 14.44 -51.64 -27.99
N GLY D 42 15.42 -51.23 -27.20
CA GLY D 42 16.67 -50.72 -27.72
C GLY D 42 16.57 -49.37 -28.40
N LYS D 43 15.40 -48.73 -28.33
CA LYS D 43 15.19 -47.47 -29.03
C LYS D 43 14.68 -46.42 -28.05
N GLY D 44 14.74 -45.17 -28.47
CA GLY D 44 14.37 -44.07 -27.59
C GLY D 44 12.87 -44.00 -27.36
N LEU D 45 12.46 -42.93 -26.67
CA LEU D 45 11.06 -42.76 -26.34
C LEU D 45 10.30 -42.11 -27.48
N GLU D 46 9.04 -42.50 -27.63
CA GLU D 46 8.18 -41.96 -28.67
C GLU D 46 6.86 -41.50 -28.04
N TRP D 47 6.61 -40.20 -28.10
CA TRP D 47 5.31 -39.69 -27.66
C TRP D 47 4.23 -40.19 -28.61
N VAL D 48 3.18 -40.75 -28.04
CA VAL D 48 2.11 -41.37 -28.82
C VAL D 48 0.86 -40.51 -28.84
N ALA D 49 0.19 -40.37 -27.71
CA ALA D 49 -1.06 -39.66 -27.65
C ALA D 49 -1.05 -38.73 -26.45
N GLY D 50 -1.91 -37.72 -26.52
CA GLY D 50 -2.10 -36.81 -25.42
C GLY D 50 -3.52 -36.28 -25.47
N ILE D 51 -4.05 -35.86 -24.33
CA ILE D 51 -5.46 -35.54 -24.23
C ILE D 51 -5.62 -34.33 -23.31
N SER D 52 -6.51 -33.42 -23.70
CA SER D 52 -6.83 -32.26 -22.90
C SER D 52 -7.40 -32.68 -21.56
N ALA D 53 -7.17 -31.84 -20.55
CA ALA D 53 -7.77 -32.08 -19.24
C ALA D 53 -9.27 -32.26 -19.34
N SER D 54 -9.92 -31.52 -20.23
CA SER D 54 -11.37 -31.64 -20.37
C SER D 54 -11.73 -32.91 -21.12
N GLY D 55 -10.84 -33.40 -21.97
CA GLY D 55 -11.11 -34.53 -22.81
C GLY D 55 -11.59 -34.18 -24.20
N GLY D 56 -11.84 -32.90 -24.47
CA GLY D 56 -12.43 -32.54 -25.75
C GLY D 56 -11.40 -32.46 -26.86
N SER D 57 -10.12 -32.43 -26.51
CA SER D 57 -9.06 -32.32 -27.48
C SER D 57 -8.06 -33.45 -27.26
N ALA D 58 -7.84 -34.25 -28.30
CA ALA D 58 -7.00 -35.43 -28.22
C ALA D 58 -6.12 -35.49 -29.45
N TYR D 59 -4.82 -35.67 -29.25
CA TYR D 59 -3.87 -35.68 -30.34
C TYR D 59 -3.10 -36.98 -30.37
N TYR D 60 -2.47 -37.26 -31.49
CA TYR D 60 -1.80 -38.53 -31.73
C TYR D 60 -0.57 -38.29 -32.58
N VAL D 61 0.39 -39.22 -32.45
CA VAL D 61 1.53 -39.21 -33.36
C VAL D 61 1.04 -39.61 -34.76
N ASP D 62 1.82 -39.25 -35.76
CA ASP D 62 1.41 -39.48 -37.15
C ASP D 62 1.18 -40.96 -37.43
N SER D 63 2.01 -41.84 -36.84
CA SER D 63 1.99 -43.24 -37.23
C SER D 63 0.73 -43.96 -36.75
N VAL D 64 0.28 -43.67 -35.53
CA VAL D 64 -0.80 -44.45 -34.94
C VAL D 64 -2.15 -43.82 -35.22
N GLU D 65 -2.17 -42.74 -35.99
CA GLU D 65 -3.41 -41.99 -36.18
C GLU D 65 -4.48 -42.89 -36.79
N GLY D 66 -5.66 -42.86 -36.18
CA GLY D 66 -6.78 -43.65 -36.63
C GLY D 66 -6.82 -45.03 -36.02
N ARG D 67 -5.66 -45.55 -35.62
CA ARG D 67 -5.62 -46.86 -34.97
C ARG D 67 -5.88 -46.76 -33.47
N PHE D 68 -5.29 -45.76 -32.81
CA PHE D 68 -5.40 -45.66 -31.36
C PHE D 68 -6.43 -44.61 -30.98
N THR D 69 -7.13 -44.85 -29.88
CA THR D 69 -8.06 -43.88 -29.32
C THR D 69 -7.70 -43.65 -27.86
N ILE D 70 -7.37 -42.40 -27.54
CA ILE D 70 -7.08 -41.99 -26.16
C ILE D 70 -8.35 -41.41 -25.57
N SER D 71 -8.62 -41.73 -24.31
CA SER D 71 -9.81 -41.26 -23.63
C SER D 71 -9.55 -41.27 -22.13
N ARG D 72 -10.37 -40.53 -21.40
CA ARG D 72 -10.19 -40.43 -19.97
C ARG D 72 -11.53 -40.28 -19.27
N ASP D 73 -11.53 -40.57 -17.98
CA ASP D 73 -12.71 -40.46 -17.14
C ASP D 73 -12.34 -39.66 -15.90
N ASN D 74 -12.93 -38.48 -15.76
CA ASN D 74 -12.53 -37.58 -14.70
C ASN D 74 -13.11 -38.01 -13.36
N SER D 75 -14.23 -38.73 -13.38
CA SER D 75 -14.80 -39.21 -12.14
C SER D 75 -13.98 -40.36 -11.56
N ASN D 76 -13.48 -41.24 -12.44
CA ASN D 76 -12.83 -42.47 -12.00
C ASN D 76 -11.30 -42.35 -11.94
N ASN D 77 -10.73 -41.19 -12.22
CA ASN D 77 -9.28 -41.01 -12.25
C ASN D 77 -8.61 -42.02 -13.18
N MET D 78 -9.23 -42.27 -14.33
CA MET D 78 -8.76 -43.32 -15.23
C MET D 78 -8.40 -42.75 -16.59
N LEU D 79 -7.23 -43.15 -17.09
CA LEU D 79 -6.79 -42.84 -18.44
C LEU D 79 -6.78 -44.12 -19.26
N TYR D 80 -7.38 -44.06 -20.45
CA TYR D 80 -7.52 -45.22 -21.31
C TYR D 80 -6.77 -44.99 -22.62
N LEU D 81 -6.12 -46.04 -23.11
CA LEU D 81 -5.61 -46.07 -24.47
C LEU D 81 -6.05 -47.39 -25.10
N GLN D 82 -6.95 -47.30 -26.07
CA GLN D 82 -7.40 -48.51 -26.74
C GLN D 82 -6.82 -48.57 -28.15
N MET D 83 -6.31 -49.73 -28.51
CA MET D 83 -5.57 -49.90 -29.75
C MET D 83 -6.36 -50.78 -30.68
N ASN D 84 -6.27 -50.50 -31.97
CA ASN D 84 -6.83 -51.33 -33.02
C ASN D 84 -5.76 -51.56 -34.06
N SER D 85 -5.81 -52.75 -34.69
CA SER D 85 -4.92 -53.08 -35.80
C SER D 85 -3.45 -52.97 -35.39
N LEU D 86 -3.02 -53.83 -34.47
CA LEU D 86 -1.66 -53.78 -33.98
C LEU D 86 -0.68 -54.34 -35.01
N ARG D 87 0.58 -53.93 -34.89
CA ARG D 87 1.58 -54.17 -35.92
C ARG D 87 2.87 -54.63 -35.27
N ALA D 88 3.78 -55.11 -36.11
CA ALA D 88 5.07 -55.60 -35.61
C ALA D 88 5.82 -54.50 -34.86
N GLU D 89 5.64 -53.25 -35.28
CA GLU D 89 6.38 -52.14 -34.69
C GLU D 89 5.64 -51.42 -33.59
N ASP D 90 4.43 -51.87 -33.24
CA ASP D 90 3.71 -51.27 -32.11
C ASP D 90 4.19 -51.84 -30.78
N THR D 91 4.97 -52.92 -30.82
CA THR D 91 5.43 -53.57 -29.61
C THR D 91 6.39 -52.67 -28.83
N ALA D 92 6.06 -52.42 -27.56
CA ALA D 92 6.88 -51.56 -26.73
C ALA D 92 6.36 -51.56 -25.30
N VAL D 93 6.99 -50.72 -24.47
CA VAL D 93 6.51 -50.39 -23.13
C VAL D 93 5.72 -49.09 -23.24
N TYR D 94 4.58 -49.03 -22.54
CA TYR D 94 3.69 -47.88 -22.59
C TYR D 94 3.61 -47.19 -21.23
N TYR D 95 3.90 -45.90 -21.22
CA TYR D 95 3.97 -45.09 -20.01
C TYR D 95 2.76 -44.18 -19.91
N CYS D 96 2.21 -44.04 -18.71
CA CYS D 96 1.35 -42.91 -18.38
C CYS D 96 2.27 -41.74 -18.07
N ALA D 97 1.78 -40.53 -18.32
CA ALA D 97 2.53 -39.32 -17.96
C ALA D 97 1.57 -38.18 -17.70
N LYS D 98 1.96 -37.28 -16.81
CA LYS D 98 1.13 -36.18 -16.36
C LYS D 98 1.84 -34.87 -16.68
N ALA D 99 1.11 -33.90 -17.20
CA ALA D 99 1.67 -32.59 -17.46
C ALA D 99 2.02 -31.90 -16.15
N VAL D 100 3.05 -31.06 -16.20
CA VAL D 100 3.53 -30.39 -14.98
C VAL D 100 2.67 -29.20 -14.60
N TYR D 101 1.85 -28.68 -15.51
CA TYR D 101 0.96 -27.56 -15.24
C TYR D 101 -0.49 -28.02 -15.21
N ALA D 102 -1.23 -27.52 -14.23
CA ALA D 102 -2.68 -27.61 -14.25
C ALA D 102 -3.26 -26.52 -15.16
N ILE D 103 -4.50 -26.71 -15.61
CA ILE D 103 -5.09 -25.80 -16.58
C ILE D 103 -5.14 -24.37 -16.03
N THR D 104 -5.30 -24.24 -14.72
CA THR D 104 -5.18 -22.94 -14.07
C THR D 104 -4.21 -23.06 -12.89
N MET D 105 -3.37 -22.05 -12.73
CA MET D 105 -2.34 -22.01 -11.70
C MET D 105 -2.34 -20.64 -11.03
N VAL D 106 -2.13 -20.63 -9.73
CA VAL D 106 -2.05 -19.40 -8.96
C VAL D 106 -0.63 -19.25 -8.45
N ARG D 107 0.00 -18.13 -8.78
CA ARG D 107 1.31 -17.78 -8.24
C ARG D 107 1.34 -16.31 -7.90
N GLY D 108 1.51 -16.00 -6.62
CA GLY D 108 1.55 -14.60 -6.21
C GLY D 108 0.20 -13.94 -6.39
N SER D 109 0.21 -12.81 -7.10
CA SER D 109 -1.00 -12.08 -7.40
C SER D 109 -1.59 -12.48 -8.76
N ILE D 110 -1.06 -13.52 -9.39
CA ILE D 110 -1.33 -13.82 -10.78
C ILE D 110 -1.98 -15.19 -10.89
N THR D 111 -3.02 -15.29 -11.71
CA THR D 111 -3.65 -16.55 -12.08
C THR D 111 -3.44 -16.76 -13.57
N THR D 112 -2.96 -17.96 -13.94
CA THR D 112 -2.57 -18.24 -15.31
C THR D 112 -3.36 -19.41 -15.86
N ASN D 113 -3.76 -19.29 -17.12
CA ASN D 113 -4.41 -20.35 -17.87
C ASN D 113 -3.36 -21.14 -18.65
N TYR D 114 -3.26 -22.44 -18.40
CA TYR D 114 -2.40 -23.31 -19.21
C TYR D 114 -3.28 -24.34 -19.91
N TYR D 115 -3.62 -24.10 -21.18
CA TYR D 115 -4.41 -25.05 -21.94
C TYR D 115 -3.66 -25.76 -23.05
N HIS D 116 -2.37 -25.52 -23.20
CA HIS D 116 -1.56 -26.19 -24.20
C HIS D 116 -1.01 -27.49 -23.63
N TYR D 117 -0.03 -28.08 -24.32
CA TYR D 117 0.59 -29.32 -23.88
C TYR D 117 1.98 -29.02 -23.34
N TYR D 118 2.32 -29.65 -22.23
CA TYR D 118 3.48 -29.23 -21.45
C TYR D 118 4.33 -30.44 -21.10
N ALA D 119 5.53 -30.16 -20.60
CA ALA D 119 6.46 -31.21 -20.19
C ALA D 119 5.84 -32.12 -19.14
N MET D 120 6.26 -33.37 -19.14
CA MET D 120 5.62 -34.41 -18.35
C MET D 120 6.36 -34.58 -17.02
N ASP D 121 5.66 -34.24 -15.93
CA ASP D 121 6.29 -34.18 -14.62
C ASP D 121 6.41 -35.55 -13.97
N VAL D 122 5.35 -36.35 -14.04
CA VAL D 122 5.27 -37.63 -13.36
C VAL D 122 5.06 -38.71 -14.39
N TRP D 123 5.59 -39.90 -14.14
CA TRP D 123 5.51 -41.02 -15.05
C TRP D 123 4.96 -42.23 -14.32
N GLY D 124 4.25 -43.08 -15.05
CA GLY D 124 4.00 -44.42 -14.58
C GLY D 124 5.18 -45.33 -14.84
N GLN D 125 5.08 -46.57 -14.36
CA GLN D 125 6.23 -47.47 -14.43
C GLN D 125 6.39 -48.07 -15.83
N GLY D 126 5.29 -48.16 -16.57
CA GLY D 126 5.28 -48.79 -17.87
C GLY D 126 4.69 -50.19 -17.81
N THR D 127 4.01 -50.56 -18.89
CA THR D 127 3.41 -51.87 -19.05
C THR D 127 3.62 -52.34 -20.47
N THR D 128 4.16 -53.55 -20.61
CA THR D 128 4.64 -54.02 -21.90
C THR D 128 3.49 -54.54 -22.75
N VAL D 129 3.56 -54.25 -24.04
CA VAL D 129 2.63 -54.76 -25.04
C VAL D 129 3.45 -55.37 -26.15
N THR D 130 3.23 -56.65 -26.43
CA THR D 130 3.96 -57.37 -27.46
C THR D 130 3.01 -57.80 -28.56
N VAL D 131 3.35 -57.48 -29.80
CA VAL D 131 2.48 -57.79 -30.92
C VAL D 131 3.08 -58.88 -31.78
N GLU E 1 6.10 -32.69 -38.16
CA GLU E 1 6.96 -33.00 -37.02
C GLU E 1 8.27 -32.25 -37.19
N ILE E 2 8.62 -31.40 -36.24
CA ILE E 2 9.90 -30.70 -36.28
C ILE E 2 10.87 -31.48 -35.40
N VAL E 3 12.12 -31.59 -35.84
CA VAL E 3 13.00 -32.65 -35.39
C VAL E 3 13.99 -32.13 -34.34
N LEU E 4 14.26 -32.96 -33.33
CA LEU E 4 15.32 -32.73 -32.37
C LEU E 4 16.45 -33.72 -32.63
N THR E 5 17.67 -33.21 -32.74
CA THR E 5 18.87 -34.02 -32.87
C THR E 5 19.80 -33.72 -31.70
N GLN E 6 20.37 -34.75 -31.10
CA GLN E 6 21.30 -34.56 -30.00
C GLN E 6 22.72 -34.62 -30.59
N SER E 7 23.53 -33.62 -30.29
CA SER E 7 24.89 -33.50 -30.83
C SER E 7 25.84 -34.63 -30.50
N PRO E 8 25.81 -35.11 -29.24
CA PRO E 8 26.70 -36.20 -28.86
C PRO E 8 25.96 -37.51 -28.74
N GLY E 9 26.51 -38.57 -29.32
CA GLY E 9 25.90 -39.88 -29.26
C GLY E 9 26.84 -40.83 -28.54
N THR E 10 26.31 -41.52 -27.53
CA THR E 10 27.06 -42.50 -26.71
C THR E 10 28.33 -41.91 -26.07
N LEU E 11 28.23 -40.66 -25.61
CA LEU E 11 29.36 -39.97 -24.99
C LEU E 11 29.81 -40.53 -23.65
N SER E 12 31.13 -40.63 -23.46
CA SER E 12 31.70 -41.12 -22.22
C SER E 12 32.76 -40.17 -21.66
N LEU E 13 32.64 -39.80 -20.39
CA LEU E 13 33.58 -38.91 -19.72
C LEU E 13 33.85 -39.43 -18.32
N SER E 14 34.99 -39.08 -17.74
CA SER E 14 35.31 -39.55 -16.41
C SER E 14 34.46 -38.84 -15.36
N PRO E 15 34.14 -39.51 -14.25
CA PRO E 15 33.32 -38.88 -13.22
C PRO E 15 34.03 -37.69 -12.57
N GLY E 16 33.22 -36.73 -12.14
CA GLY E 16 33.73 -35.47 -11.63
C GLY E 16 33.98 -34.41 -12.67
N GLU E 17 33.67 -34.69 -13.93
CA GLU E 17 33.92 -33.77 -15.03
C GLU E 17 32.64 -33.11 -15.48
N ARG E 18 32.75 -31.89 -15.99
CA ARG E 18 31.59 -31.20 -16.54
C ARG E 18 31.04 -31.94 -17.73
N ALA E 19 29.71 -32.05 -17.80
CA ALA E 19 29.03 -32.68 -18.92
C ALA E 19 28.16 -31.65 -19.61
N THR E 20 28.38 -31.46 -20.91
CA THR E 20 27.63 -30.51 -21.71
C THR E 20 26.94 -31.24 -22.86
N LEU E 21 25.62 -31.16 -22.90
CA LEU E 21 24.82 -31.82 -23.91
C LEU E 21 24.12 -30.76 -24.75
N SER E 22 23.86 -31.08 -26.01
CA SER E 22 23.29 -30.12 -26.95
C SER E 22 22.19 -30.80 -27.77
N CYS E 23 21.00 -30.22 -27.73
CA CYS E 23 19.88 -30.66 -28.53
C CYS E 23 19.55 -29.56 -29.54
N ARG E 24 19.49 -29.92 -30.80
CA ARG E 24 19.34 -28.97 -31.89
C ARG E 24 17.99 -29.19 -32.56
N ALA E 25 17.25 -28.09 -32.74
CA ALA E 25 15.93 -28.12 -33.32
C ALA E 25 16.00 -27.63 -34.76
N SER E 26 15.32 -28.35 -35.66
CA SER E 26 15.29 -27.93 -37.06
C SER E 26 14.46 -26.65 -37.22
N GLN E 27 13.51 -26.44 -36.32
CA GLN E 27 12.66 -25.26 -36.33
C GLN E 27 12.73 -24.61 -34.96
N GLY E 28 12.57 -23.29 -34.92
CA GLY E 28 12.56 -22.60 -33.65
C GLY E 28 11.51 -23.20 -32.72
N VAL E 29 11.84 -23.22 -31.43
CA VAL E 29 10.95 -23.84 -30.46
C VAL E 29 10.19 -22.75 -29.72
N SER E 30 8.86 -22.77 -29.85
CA SER E 30 8.02 -21.62 -29.53
C SER E 30 8.05 -21.34 -28.04
N SER E 31 8.44 -20.11 -27.68
CA SER E 31 8.52 -19.65 -26.30
C SER E 31 9.24 -20.65 -25.40
N ASN E 32 10.43 -21.06 -25.85
CA ASN E 32 11.15 -22.16 -25.22
C ASN E 32 10.25 -23.38 -25.22
N TYR E 33 9.85 -23.86 -24.05
CA TYR E 33 9.06 -25.08 -23.92
C TYR E 33 9.83 -26.30 -24.44
N LEU E 34 11.05 -26.47 -23.93
CA LEU E 34 11.82 -27.67 -24.16
C LEU E 34 11.99 -28.39 -22.83
N ALA E 35 12.20 -29.70 -22.87
CA ALA E 35 12.30 -30.48 -21.65
C ALA E 35 13.39 -31.52 -21.76
N TRP E 36 14.16 -31.67 -20.68
CA TRP E 36 15.21 -32.67 -20.57
C TRP E 36 14.74 -33.79 -19.64
N TYR E 37 14.86 -35.03 -20.11
CA TYR E 37 14.50 -36.20 -19.34
C TYR E 37 15.69 -37.12 -19.18
N GLN E 38 15.81 -37.75 -18.01
CA GLN E 38 16.81 -38.77 -17.74
C GLN E 38 16.13 -40.12 -17.60
N GLN E 39 16.64 -41.13 -18.30
CA GLN E 39 16.18 -42.49 -18.12
C GLN E 39 17.36 -43.38 -17.74
N LYS E 40 17.12 -44.27 -16.79
CA LYS E 40 18.09 -45.25 -16.33
C LYS E 40 17.63 -46.65 -16.70
N PRO E 41 18.56 -47.60 -16.86
CA PRO E 41 18.18 -48.93 -17.35
C PRO E 41 17.08 -49.55 -16.51
N GLY E 42 16.08 -50.11 -17.18
CA GLY E 42 14.95 -50.71 -16.50
C GLY E 42 14.27 -49.79 -15.51
N GLN E 43 14.11 -48.52 -15.86
CA GLN E 43 13.57 -47.53 -14.94
C GLN E 43 12.82 -46.47 -15.73
N ALA E 44 11.73 -45.99 -15.16
CA ALA E 44 10.91 -45.00 -15.85
C ALA E 44 11.66 -43.68 -15.98
N PRO E 45 11.50 -42.99 -17.10
CA PRO E 45 12.22 -41.73 -17.31
C PRO E 45 11.84 -40.68 -16.27
N ARG E 46 12.71 -39.68 -16.13
CA ARG E 46 12.61 -38.71 -15.05
C ARG E 46 12.82 -37.31 -15.60
N LEU E 47 11.96 -36.39 -15.19
CA LEU E 47 12.01 -35.00 -15.65
C LEU E 47 13.16 -34.30 -14.95
N LEU E 48 13.92 -33.53 -15.70
CA LEU E 48 15.03 -32.76 -15.16
C LEU E 48 14.75 -31.28 -15.27
N ILE E 49 14.72 -30.78 -16.50
CA ILE E 49 14.49 -29.38 -16.79
C ILE E 49 13.26 -29.29 -17.69
N TYR E 50 12.37 -28.36 -17.39
CA TYR E 50 11.26 -28.04 -18.28
C TYR E 50 11.36 -26.57 -18.65
N ASP E 51 10.80 -26.23 -19.81
CA ASP E 51 11.08 -24.95 -20.48
C ASP E 51 12.57 -24.84 -20.74
N ALA E 52 13.15 -23.66 -20.50
CA ALA E 52 14.58 -23.53 -20.78
C ALA E 52 15.42 -23.92 -19.57
N SER E 53 15.39 -23.08 -18.54
CA SER E 53 16.21 -23.27 -17.36
C SER E 53 15.49 -23.88 -16.17
N ASN E 54 14.22 -24.26 -16.28
CA ASN E 54 13.41 -24.45 -15.08
C ASN E 54 13.55 -25.87 -14.55
N ARG E 55 14.04 -25.99 -13.33
CA ARG E 55 14.41 -27.27 -12.74
C ARG E 55 13.23 -27.86 -11.96
N ALA E 56 13.01 -29.15 -12.15
CA ALA E 56 11.95 -29.87 -11.43
C ALA E 56 12.27 -29.99 -9.95
N THR E 57 11.23 -30.32 -9.17
CA THR E 57 11.29 -30.18 -7.72
C THR E 57 12.37 -31.05 -7.09
N GLY E 58 12.27 -32.37 -7.25
CA GLY E 58 13.13 -33.25 -6.47
C GLY E 58 14.51 -33.43 -7.08
N ILE E 59 14.91 -32.50 -7.94
CA ILE E 59 16.10 -32.72 -8.77
C ILE E 59 17.32 -32.15 -8.07
N PRO E 60 18.48 -32.82 -8.13
CA PRO E 60 19.70 -32.23 -7.60
C PRO E 60 19.97 -30.84 -8.17
N ASP E 61 20.67 -30.04 -7.36
CA ASP E 61 20.90 -28.65 -7.74
C ASP E 61 22.02 -28.51 -8.76
N ARG E 62 22.71 -29.61 -9.06
CA ARG E 62 23.85 -29.55 -9.97
C ARG E 62 23.42 -29.57 -11.42
N PHE E 63 22.16 -29.91 -11.68
CA PHE E 63 21.66 -29.94 -13.04
C PHE E 63 21.22 -28.55 -13.48
N SER E 64 21.59 -28.18 -14.70
CA SER E 64 21.28 -26.87 -15.24
C SER E 64 20.83 -27.01 -16.68
N GLY E 65 20.16 -25.99 -17.17
CA GLY E 65 19.74 -25.96 -18.55
C GLY E 65 19.60 -24.56 -19.08
N SER E 66 19.76 -24.40 -20.39
CA SER E 66 19.61 -23.11 -21.05
C SER E 66 19.38 -23.35 -22.53
N GLY E 67 18.80 -22.36 -23.19
CA GLY E 67 18.72 -22.39 -24.64
C GLY E 67 17.69 -21.41 -25.15
N SER E 68 17.76 -21.15 -26.44
CA SER E 68 16.80 -20.30 -27.12
C SER E 68 16.81 -20.66 -28.59
N GLY E 69 15.69 -20.40 -29.25
CA GLY E 69 15.64 -20.64 -30.67
C GLY E 69 15.77 -22.12 -30.98
N THR E 70 16.78 -22.45 -31.78
CA THR E 70 17.03 -23.81 -32.22
C THR E 70 18.13 -24.53 -31.43
N ASP E 71 18.73 -23.90 -30.43
CA ASP E 71 19.89 -24.45 -29.74
C ASP E 71 19.62 -24.52 -28.24
N PHE E 72 19.75 -25.71 -27.66
CA PHE E 72 19.47 -25.94 -26.24
C PHE E 72 20.56 -26.80 -25.63
N THR E 73 20.88 -26.55 -24.37
CA THR E 73 21.94 -27.25 -23.68
C THR E 73 21.49 -27.77 -22.33
N LEU E 74 21.84 -29.02 -22.05
CA LEU E 74 21.75 -29.60 -20.72
C LEU E 74 23.15 -29.73 -20.13
N THR E 75 23.38 -29.09 -19.00
CA THR E 75 24.69 -29.06 -18.36
C THR E 75 24.62 -29.84 -17.04
N ILE E 76 25.62 -30.69 -16.82
CA ILE E 76 25.77 -31.41 -15.56
C ILE E 76 27.12 -31.03 -14.98
N SER E 77 27.11 -30.34 -13.85
CA SER E 77 28.33 -29.94 -13.17
C SER E 77 28.53 -30.80 -11.93
N ARG E 78 29.80 -31.04 -11.60
CA ARG E 78 30.17 -31.90 -10.46
C ARG E 78 29.57 -33.30 -10.65
N LEU E 79 29.90 -33.90 -11.80
CA LEU E 79 29.36 -35.19 -12.18
C LEU E 79 29.54 -36.24 -11.08
N GLU E 80 28.56 -37.11 -10.94
CA GLU E 80 28.53 -38.15 -9.91
C GLU E 80 28.17 -39.49 -10.54
N PRO E 81 28.23 -40.59 -9.76
CA PRO E 81 27.98 -41.90 -10.38
C PRO E 81 26.55 -42.13 -10.86
N GLU E 82 25.54 -41.69 -10.12
CA GLU E 82 24.16 -41.92 -10.55
C GLU E 82 23.80 -41.18 -11.83
N ASP E 83 24.66 -40.29 -12.30
CA ASP E 83 24.37 -39.47 -13.47
C ASP E 83 24.68 -40.19 -14.78
N PHE E 84 25.09 -41.45 -14.74
CA PHE E 84 25.31 -42.24 -15.94
C PHE E 84 23.96 -42.81 -16.40
N ALA E 85 23.54 -42.43 -17.60
CA ALA E 85 22.19 -42.74 -18.09
C ALA E 85 22.02 -42.18 -19.49
N VAL E 86 20.87 -42.47 -20.07
CA VAL E 86 20.52 -41.94 -21.38
C VAL E 86 19.67 -40.69 -21.18
N TYR E 87 19.96 -39.65 -21.96
CA TYR E 87 19.31 -38.35 -21.82
C TYR E 87 18.49 -38.04 -23.06
N TYR E 88 17.46 -37.22 -22.88
CA TYR E 88 16.52 -36.88 -23.94
C TYR E 88 16.14 -35.42 -23.86
N CYS E 89 15.78 -34.85 -25.01
CA CYS E 89 15.17 -33.53 -25.09
C CYS E 89 13.77 -33.66 -25.66
N GLN E 90 12.82 -32.98 -25.03
CA GLN E 90 11.42 -32.99 -25.43
C GLN E 90 11.02 -31.58 -25.87
N GLN E 91 10.27 -31.49 -26.97
CA GLN E 91 9.76 -30.22 -27.48
C GLN E 91 8.23 -30.21 -27.40
N TYR E 92 7.69 -29.44 -26.47
CA TYR E 92 6.25 -29.21 -26.39
C TYR E 92 5.83 -27.82 -26.90
N GLY E 93 6.77 -27.04 -27.44
CA GLY E 93 6.47 -25.66 -27.75
C GLY E 93 5.54 -25.47 -28.94
N SER E 94 5.47 -26.47 -29.81
CA SER E 94 4.57 -26.36 -30.94
C SER E 94 3.25 -27.07 -30.62
N SER E 95 2.39 -27.13 -31.63
CA SER E 95 1.27 -28.05 -31.55
C SER E 95 1.80 -29.48 -31.62
N PRO E 96 1.11 -30.44 -31.00
CA PRO E 96 1.49 -31.85 -31.07
C PRO E 96 1.51 -32.35 -32.51
N PRO E 97 2.24 -33.44 -32.79
CA PRO E 97 2.89 -34.37 -31.87
C PRO E 97 4.07 -33.82 -31.10
N LEU E 98 4.07 -34.03 -29.79
CA LEU E 98 5.28 -33.83 -29.02
C LEU E 98 6.31 -34.87 -29.48
N THR E 99 7.52 -34.43 -29.75
CA THR E 99 8.54 -35.33 -30.26
C THR E 99 9.78 -35.26 -29.38
N PHE E 100 10.24 -36.42 -28.93
CA PHE E 100 11.51 -36.51 -28.21
C PHE E 100 12.68 -36.39 -29.17
N GLY E 101 13.82 -35.97 -28.63
CA GLY E 101 15.07 -36.11 -29.34
C GLY E 101 15.46 -37.57 -29.48
N GLY E 102 16.48 -37.81 -30.30
CA GLY E 102 16.87 -39.17 -30.61
C GLY E 102 17.37 -39.94 -29.41
N GLY E 103 17.87 -39.24 -28.41
CA GLY E 103 18.47 -39.85 -27.25
C GLY E 103 19.98 -39.81 -27.29
N THR E 104 20.57 -39.66 -26.11
CA THR E 104 22.02 -39.52 -25.98
C THR E 104 22.47 -40.22 -24.70
N LYS E 105 23.60 -40.92 -24.80
CA LYS E 105 24.06 -41.80 -23.75
C LYS E 105 25.36 -41.27 -23.17
N VAL E 106 25.45 -41.28 -21.84
CA VAL E 106 26.61 -40.77 -21.12
C VAL E 106 27.24 -41.94 -20.36
N GLN E 107 28.46 -42.30 -20.75
CA GLN E 107 29.18 -43.44 -20.20
C GLN E 107 30.11 -43.00 -19.08
N ILE E 108 30.92 -43.94 -18.60
CA ILE E 108 31.85 -43.71 -17.50
C ILE E 108 33.16 -43.15 -18.01
N GLU F 1 25.58 -24.08 -16.49
CA GLU F 1 26.55 -23.03 -16.17
C GLU F 1 27.08 -22.41 -17.45
N VAL F 2 27.38 -21.11 -17.40
CA VAL F 2 27.91 -20.40 -18.55
C VAL F 2 29.22 -21.05 -18.99
N GLN F 3 29.36 -21.26 -20.30
CA GLN F 3 30.56 -21.86 -20.86
C GLN F 3 30.96 -21.11 -22.12
N LEU F 4 32.21 -20.66 -22.16
CA LEU F 4 32.81 -20.06 -23.34
C LEU F 4 33.88 -21.00 -23.87
N LEU F 5 33.69 -21.51 -25.08
CA LEU F 5 34.60 -22.46 -25.70
C LEU F 5 35.07 -21.91 -27.04
N GLU F 6 36.36 -21.62 -27.12
CA GLU F 6 36.96 -21.01 -28.31
C GLU F 6 37.83 -22.02 -29.04
N SER F 7 37.86 -21.91 -30.37
CA SER F 7 38.65 -22.78 -31.22
C SER F 7 39.03 -22.02 -32.49
N GLY F 8 40.02 -22.54 -33.20
CA GLY F 8 40.51 -21.94 -34.41
C GLY F 8 41.80 -21.18 -34.26
N GLY F 9 42.42 -21.22 -33.08
CA GLY F 9 43.73 -20.63 -32.91
C GLY F 9 44.84 -21.61 -33.19
N GLY F 10 46.07 -21.12 -33.29
CA GLY F 10 47.21 -21.95 -33.64
C GLY F 10 48.34 -21.10 -34.16
N LEU F 11 49.40 -21.77 -34.59
CA LEU F 11 50.58 -21.12 -35.12
C LEU F 11 50.38 -20.78 -36.59
N VAL F 12 50.94 -19.65 -37.02
CA VAL F 12 50.96 -19.26 -38.42
C VAL F 12 52.10 -18.26 -38.63
N GLN F 13 52.49 -18.10 -39.88
CA GLN F 13 53.59 -17.21 -40.22
C GLN F 13 53.18 -15.75 -39.97
N PRO F 14 54.15 -14.83 -39.92
CA PRO F 14 53.78 -13.41 -39.86
C PRO F 14 53.12 -12.96 -41.16
N GLY F 15 52.40 -11.84 -41.07
CA GLY F 15 51.67 -11.30 -42.20
C GLY F 15 50.41 -12.06 -42.57
N GLY F 16 50.14 -13.20 -41.94
CA GLY F 16 49.02 -14.03 -42.32
C GLY F 16 47.71 -13.63 -41.65
N SER F 17 46.64 -14.29 -42.09
CA SER F 17 45.30 -14.02 -41.59
C SER F 17 44.77 -15.27 -40.89
N LEU F 18 44.23 -15.07 -39.69
CA LEU F 18 43.74 -16.15 -38.86
C LEU F 18 42.40 -15.73 -38.28
N ARG F 19 41.38 -16.56 -38.45
CA ARG F 19 40.03 -16.24 -38.00
C ARG F 19 39.70 -17.08 -36.78
N LEU F 20 39.59 -16.42 -35.63
CA LEU F 20 39.39 -17.06 -34.34
C LEU F 20 37.91 -17.06 -34.02
N SER F 21 37.38 -18.20 -33.57
CA SER F 21 35.95 -18.34 -33.30
C SER F 21 35.74 -18.75 -31.85
N CYS F 22 34.55 -18.47 -31.33
CA CYS F 22 34.20 -18.74 -29.95
C CYS F 22 32.75 -19.18 -29.87
N ALA F 23 32.49 -20.23 -29.09
CA ALA F 23 31.15 -20.78 -28.94
C ALA F 23 30.68 -20.61 -27.50
N ALA F 24 29.49 -20.06 -27.34
CA ALA F 24 28.96 -19.72 -26.02
C ALA F 24 27.67 -20.50 -25.75
N SER F 25 27.44 -20.81 -24.49
CA SER F 25 26.21 -21.46 -24.06
C SER F 25 25.98 -21.16 -22.59
N GLY F 26 24.72 -21.26 -22.18
CA GLY F 26 24.37 -21.03 -20.80
C GLY F 26 23.73 -19.70 -20.49
N PHE F 27 23.53 -18.86 -21.50
CA PHE F 27 22.98 -17.53 -21.28
C PHE F 27 22.41 -17.04 -22.61
N THR F 28 21.57 -16.01 -22.54
CA THR F 28 21.04 -15.42 -23.75
C THR F 28 22.13 -14.56 -24.36
N PHE F 29 22.59 -14.92 -25.54
CA PHE F 29 23.85 -14.40 -26.05
C PHE F 29 23.68 -13.00 -26.63
N SER F 30 22.54 -12.73 -27.26
CA SER F 30 22.34 -11.45 -27.90
C SER F 30 22.11 -10.33 -26.88
N THR F 31 21.99 -10.68 -25.61
CA THR F 31 21.78 -9.66 -24.59
C THR F 31 23.06 -9.28 -23.88
N TYR F 32 24.20 -9.82 -24.31
CA TYR F 32 25.45 -9.49 -23.65
C TYR F 32 26.48 -8.95 -24.63
N ALA F 33 27.31 -8.04 -24.13
CA ALA F 33 28.49 -7.56 -24.85
C ALA F 33 29.63 -8.54 -24.63
N MET F 34 30.43 -8.76 -25.68
CA MET F 34 31.49 -9.75 -25.67
C MET F 34 32.86 -9.10 -25.86
N ASN F 35 33.90 -9.79 -25.39
CA ASN F 35 35.25 -9.26 -25.34
C ASN F 35 36.25 -10.32 -25.81
N TRP F 36 37.40 -9.85 -26.32
CA TRP F 36 38.58 -10.66 -26.56
C TRP F 36 39.71 -10.11 -25.71
N VAL F 37 40.34 -10.96 -24.91
CA VAL F 37 41.44 -10.58 -24.04
C VAL F 37 42.65 -11.42 -24.41
N ARG F 38 43.83 -10.81 -24.35
CA ARG F 38 45.05 -11.39 -24.88
C ARG F 38 46.16 -11.33 -23.84
N GLN F 39 46.87 -12.43 -23.65
CA GLN F 39 48.00 -12.49 -22.74
C GLN F 39 49.20 -13.11 -23.44
N ALA F 40 50.23 -12.30 -23.66
CA ALA F 40 51.49 -12.77 -24.20
C ALA F 40 52.26 -13.54 -23.13
N PRO F 41 53.24 -14.35 -23.54
CA PRO F 41 54.02 -15.12 -22.55
C PRO F 41 54.71 -14.21 -21.56
N GLY F 42 54.59 -14.56 -20.28
CA GLY F 42 55.31 -13.85 -19.23
C GLY F 42 54.81 -12.44 -18.96
N LYS F 43 53.72 -12.04 -19.60
CA LYS F 43 53.23 -10.67 -19.48
C LYS F 43 51.78 -10.68 -19.05
N GLY F 44 51.30 -9.52 -18.62
CA GLY F 44 49.94 -9.43 -18.10
C GLY F 44 48.90 -9.52 -19.21
N LEU F 45 47.65 -9.31 -18.81
CA LEU F 45 46.54 -9.40 -19.75
C LEU F 45 46.36 -8.09 -20.51
N GLU F 46 45.95 -8.20 -21.76
CA GLU F 46 45.70 -7.04 -22.61
C GLU F 46 44.33 -7.16 -23.25
N TRP F 47 43.43 -6.25 -22.90
CA TRP F 47 42.14 -6.20 -23.57
C TRP F 47 42.34 -5.79 -25.01
N VAL F 48 41.75 -6.56 -25.92
CA VAL F 48 41.93 -6.36 -27.35
C VAL F 48 40.71 -5.73 -28.00
N ALA F 49 39.62 -6.48 -28.06
CA ALA F 49 38.43 -6.00 -28.75
C ALA F 49 37.22 -6.27 -27.88
N GLY F 50 36.15 -5.52 -28.17
CA GLY F 50 34.89 -5.71 -27.50
C GLY F 50 33.78 -5.28 -28.43
N ILE F 51 32.60 -5.83 -28.25
CA ILE F 51 31.53 -5.65 -29.23
C ILE F 51 30.20 -5.52 -28.49
N SER F 52 29.37 -4.59 -28.95
CA SER F 52 28.04 -4.41 -28.39
C SER F 52 27.21 -5.67 -28.55
N ALA F 53 26.28 -5.86 -27.61
CA ALA F 53 25.34 -6.98 -27.72
C ALA F 53 24.64 -6.98 -29.06
N SER F 54 24.31 -5.81 -29.60
CA SER F 54 23.63 -5.74 -30.89
C SER F 54 24.60 -6.02 -32.03
N GLY F 55 25.89 -5.75 -31.82
CA GLY F 55 26.87 -5.88 -32.87
C GLY F 55 27.16 -4.59 -33.61
N GLY F 56 26.40 -3.53 -33.35
CA GLY F 56 26.56 -2.32 -34.14
C GLY F 56 27.73 -1.47 -33.68
N SER F 57 28.25 -1.74 -32.49
CA SER F 57 29.36 -0.98 -31.94
C SER F 57 30.47 -1.93 -31.54
N ALA F 58 31.65 -1.70 -32.10
CA ALA F 58 32.80 -2.58 -31.92
C ALA F 58 34.04 -1.72 -31.69
N TYR F 59 34.77 -2.04 -30.63
CA TYR F 59 35.94 -1.26 -30.25
C TYR F 59 37.18 -2.13 -30.22
N TYR F 60 38.34 -1.50 -30.25
CA TYR F 60 39.61 -2.19 -30.35
C TYR F 60 40.66 -1.45 -29.56
N VAL F 61 41.69 -2.18 -29.14
CA VAL F 61 42.86 -1.53 -28.55
C VAL F 61 43.58 -0.76 -29.64
N ASP F 62 44.39 0.21 -29.22
CA ASP F 62 45.07 1.10 -30.16
C ASP F 62 45.97 0.33 -31.11
N SER F 63 46.63 -0.72 -30.61
CA SER F 63 47.68 -1.37 -31.39
C SER F 63 47.11 -2.17 -32.56
N VAL F 64 45.99 -2.87 -32.35
CA VAL F 64 45.51 -3.80 -33.36
C VAL F 64 44.51 -3.13 -34.28
N GLU F 65 44.28 -1.84 -34.10
CA GLU F 65 43.23 -1.16 -34.86
C GLU F 65 43.48 -1.27 -36.35
N GLY F 66 42.45 -1.69 -37.07
CA GLY F 66 42.52 -1.84 -38.51
C GLY F 66 42.98 -3.22 -38.92
N ARG F 67 43.73 -3.90 -38.06
CA ARG F 67 44.17 -5.25 -38.38
C ARG F 67 43.11 -6.29 -37.98
N PHE F 68 42.50 -6.14 -36.82
CA PHE F 68 41.57 -7.14 -36.34
C PHE F 68 40.13 -6.68 -36.54
N THR F 69 39.26 -7.64 -36.82
CA THR F 69 37.83 -7.39 -36.95
C THR F 69 37.08 -8.32 -36.01
N ILE F 70 36.35 -7.74 -35.06
CA ILE F 70 35.51 -8.49 -34.14
C ILE F 70 34.10 -8.51 -34.70
N SER F 71 33.43 -9.65 -34.60
CA SER F 71 32.08 -9.81 -35.10
C SER F 71 31.40 -10.92 -34.33
N ARG F 72 30.08 -10.96 -34.41
CA ARG F 72 29.32 -11.96 -33.68
C ARG F 72 28.07 -12.34 -34.45
N ASP F 73 27.52 -13.49 -34.10
CA ASP F 73 26.30 -14.01 -34.72
C ASP F 73 25.35 -14.40 -33.59
N ASN F 74 24.23 -13.69 -33.51
CA ASN F 74 23.33 -13.90 -32.38
C ASN F 74 22.50 -15.16 -32.55
N SER F 75 22.29 -15.59 -33.79
CA SER F 75 21.56 -16.84 -34.01
C SER F 75 22.40 -18.04 -33.63
N ASN F 76 23.69 -18.00 -33.94
CA ASN F 76 24.56 -19.16 -33.79
C ASN F 76 25.34 -19.18 -32.47
N ASN F 77 25.13 -18.20 -31.59
CA ASN F 77 25.88 -18.09 -30.34
C ASN F 77 27.39 -18.11 -30.59
N MET F 78 27.83 -17.41 -31.64
CA MET F 78 29.22 -17.45 -32.05
C MET F 78 29.85 -16.06 -32.01
N LEU F 79 31.04 -16.01 -31.42
CA LEU F 79 31.87 -14.80 -31.41
C LEU F 79 33.10 -15.04 -32.28
N TYR F 80 33.37 -14.11 -33.18
CA TYR F 80 34.47 -14.24 -34.13
C TYR F 80 35.49 -13.14 -33.91
N LEU F 81 36.76 -13.50 -34.03
CA LEU F 81 37.84 -12.53 -34.12
C LEU F 81 38.72 -12.93 -35.31
N GLN F 82 38.69 -12.12 -36.36
CA GLN F 82 39.53 -12.41 -37.51
C GLN F 82 40.68 -11.43 -37.58
N MET F 83 41.87 -11.95 -37.82
CA MET F 83 43.09 -11.17 -37.75
C MET F 83 43.68 -11.04 -39.14
N ASN F 84 44.28 -9.90 -39.41
CA ASN F 84 45.03 -9.67 -40.63
C ASN F 84 46.39 -9.08 -40.25
N SER F 85 47.41 -9.40 -41.04
CA SER F 85 48.74 -8.83 -40.87
C SER F 85 49.29 -9.10 -39.48
N LEU F 86 49.53 -10.38 -39.16
CA LEU F 86 50.02 -10.73 -37.84
C LEU F 86 51.49 -10.38 -37.68
N ARG F 87 51.91 -10.22 -36.43
CA ARG F 87 53.20 -9.66 -36.11
C ARG F 87 53.86 -10.48 -35.01
N ALA F 88 55.15 -10.21 -34.79
CA ALA F 88 55.90 -10.94 -33.78
C ALA F 88 55.27 -10.78 -32.40
N GLU F 89 54.66 -9.63 -32.14
CA GLU F 89 54.10 -9.34 -30.83
C GLU F 89 52.61 -9.65 -30.71
N ASP F 90 51.99 -10.19 -31.77
CA ASP F 90 50.59 -10.60 -31.67
C ASP F 90 50.46 -11.98 -31.03
N THR F 91 51.58 -12.68 -30.89
CA THR F 91 51.55 -14.04 -30.36
C THR F 91 51.13 -14.05 -28.90
N ALA F 92 50.08 -14.81 -28.58
CA ALA F 92 49.58 -14.88 -27.22
C ALA F 92 48.49 -15.92 -27.12
N VAL F 93 47.89 -15.99 -25.92
CA VAL F 93 46.67 -16.75 -25.66
C VAL F 93 45.49 -15.79 -25.78
N TYR F 94 44.41 -16.24 -26.42
CA TYR F 94 43.24 -15.39 -26.65
C TYR F 94 42.03 -15.93 -25.91
N TYR F 95 41.42 -15.09 -25.08
CA TYR F 95 40.30 -15.45 -24.23
C TYR F 95 39.01 -14.87 -24.77
N CYS F 96 37.94 -15.65 -24.71
CA CYS F 96 36.59 -15.13 -24.79
C CYS F 96 36.24 -14.60 -23.41
N ALA F 97 35.38 -13.59 -23.35
CA ALA F 97 34.90 -13.06 -22.08
C ALA F 97 33.51 -12.47 -22.26
N LYS F 98 32.71 -12.54 -21.20
CA LYS F 98 31.32 -12.11 -21.23
C LYS F 98 31.13 -11.02 -20.18
N ALA F 99 30.42 -9.96 -20.55
CA ALA F 99 30.12 -8.90 -19.60
C ALA F 99 29.18 -9.42 -18.52
N VAL F 100 29.30 -8.86 -17.32
CA VAL F 100 28.50 -9.32 -16.18
C VAL F 100 27.07 -8.78 -16.21
N TYR F 101 26.81 -7.75 -17.00
CA TYR F 101 25.47 -7.17 -17.11
C TYR F 101 24.88 -7.45 -18.49
N ALA F 102 23.61 -7.84 -18.52
CA ALA F 102 22.84 -7.83 -19.74
C ALA F 102 22.36 -6.41 -20.07
N ILE F 103 22.03 -6.17 -21.33
CA ILE F 103 21.67 -4.82 -21.75
C ILE F 103 20.49 -4.27 -20.97
N THR F 104 19.58 -5.15 -20.55
CA THR F 104 18.52 -4.77 -19.64
C THR F 104 18.49 -5.75 -18.47
N MET F 105 18.28 -5.21 -17.26
CA MET F 105 18.28 -5.99 -16.03
C MET F 105 17.10 -5.57 -15.18
N VAL F 106 16.47 -6.53 -14.52
CA VAL F 106 15.37 -6.27 -13.61
C VAL F 106 15.81 -6.59 -12.20
N ARG F 107 15.69 -5.62 -11.31
CA ARG F 107 15.95 -5.82 -9.90
C ARG F 107 14.90 -5.09 -9.08
N GLY F 108 14.10 -5.84 -8.33
CA GLY F 108 13.06 -5.21 -7.53
C GLY F 108 11.98 -4.59 -8.40
N SER F 109 11.72 -3.32 -8.16
CA SER F 109 10.75 -2.56 -8.93
C SER F 109 11.40 -1.81 -10.09
N ILE F 110 12.67 -2.05 -10.35
CA ILE F 110 13.48 -1.21 -11.23
C ILE F 110 13.98 -2.03 -12.40
N THR F 111 13.90 -1.45 -13.60
CA THR F 111 14.49 -2.01 -14.81
C THR F 111 15.57 -1.06 -15.28
N THR F 112 16.76 -1.59 -15.56
CA THR F 112 17.92 -0.77 -15.88
C THR F 112 18.48 -1.13 -17.24
N ASN F 113 18.87 -0.10 -17.99
CA ASN F 113 19.54 -0.24 -19.26
C ASN F 113 21.06 -0.21 -19.04
N TYR F 114 21.75 -1.28 -19.44
CA TYR F 114 23.22 -1.28 -19.44
C TYR F 114 23.71 -1.43 -20.87
N TYR F 115 24.08 -0.32 -21.51
CA TYR F 115 24.62 -0.36 -22.87
C TYR F 115 26.09 -0.03 -22.98
N HIS F 116 26.78 0.20 -21.87
CA HIS F 116 28.21 0.47 -21.88
C HIS F 116 28.98 -0.84 -21.80
N TYR F 117 30.28 -0.75 -21.52
CA TYR F 117 31.14 -1.91 -21.39
C TYR F 117 31.46 -2.16 -19.93
N TYR F 118 31.39 -3.41 -19.52
CA TYR F 118 31.39 -3.76 -18.11
C TYR F 118 32.42 -4.84 -17.82
N ALA F 119 32.65 -5.06 -16.53
CA ALA F 119 33.59 -6.09 -16.08
C ALA F 119 33.18 -7.46 -16.61
N MET F 120 34.17 -8.32 -16.83
CA MET F 120 33.98 -9.58 -17.51
C MET F 120 33.76 -10.70 -16.50
N ASP F 121 32.56 -11.26 -16.50
CA ASP F 121 32.14 -12.21 -15.48
C ASP F 121 32.67 -13.61 -15.76
N VAL F 122 32.56 -14.06 -17.00
CA VAL F 122 32.90 -15.43 -17.38
C VAL F 122 34.00 -15.37 -18.42
N TRP F 123 34.87 -16.37 -18.42
CA TRP F 123 36.00 -16.44 -19.33
C TRP F 123 36.00 -17.78 -20.05
N GLY F 124 36.50 -17.79 -21.27
CA GLY F 124 36.89 -19.04 -21.90
C GLY F 124 38.26 -19.48 -21.43
N GLN F 125 38.67 -20.66 -21.88
CA GLN F 125 39.91 -21.25 -21.37
C GLN F 125 41.14 -20.62 -22.03
N GLY F 126 40.97 -20.09 -23.24
CA GLY F 126 42.06 -19.56 -24.01
C GLY F 126 42.52 -20.52 -25.09
N THR F 127 42.95 -19.93 -26.22
CA THR F 127 43.48 -20.68 -27.34
C THR F 127 44.67 -19.95 -27.91
N THR F 128 45.78 -20.67 -28.06
CA THR F 128 47.06 -20.06 -28.35
C THR F 128 47.18 -19.72 -29.83
N VAL F 129 47.77 -18.58 -30.12
CA VAL F 129 48.08 -18.15 -31.48
C VAL F 129 49.55 -17.75 -31.50
N THR F 130 50.33 -18.40 -32.35
CA THR F 130 51.76 -18.14 -32.45
C THR F 130 52.08 -17.59 -33.84
N VAL F 131 52.78 -16.46 -33.87
CA VAL F 131 53.08 -15.81 -35.13
C VAL F 131 54.56 -15.92 -35.45
N GLU G 1 44.29 6.26 -23.70
CA GLU G 1 44.34 5.19 -22.71
C GLU G 1 44.76 5.78 -21.37
N ILE G 2 43.92 5.63 -20.35
CA ILE G 2 44.27 6.10 -19.02
C ILE G 2 44.79 4.90 -18.24
N VAL G 3 45.82 5.11 -17.43
CA VAL G 3 46.72 4.03 -17.02
C VAL G 3 46.39 3.58 -15.60
N LEU G 4 46.48 2.27 -15.38
CA LEU G 4 46.42 1.68 -14.04
C LEU G 4 47.81 1.17 -13.66
N THR G 5 48.27 1.59 -12.49
CA THR G 5 49.57 1.17 -11.99
C THR G 5 49.38 0.37 -10.71
N GLN G 6 49.91 -0.85 -10.72
CA GLN G 6 49.80 -1.73 -9.57
C GLN G 6 50.55 -1.16 -8.37
N SER G 7 49.98 -1.33 -7.19
CA SER G 7 50.57 -0.83 -5.96
C SER G 7 51.23 -1.99 -5.22
N PRO G 8 52.49 -1.80 -4.79
CA PRO G 8 53.25 -2.82 -4.08
C PRO G 8 53.15 -4.21 -4.71
N GLY G 9 53.46 -4.29 -6.00
CA GLY G 9 53.39 -5.53 -6.76
C GLY G 9 54.45 -6.54 -6.41
N THR G 10 54.19 -7.80 -6.78
CA THR G 10 55.09 -8.95 -6.53
C THR G 10 55.44 -9.14 -5.05
N LEU G 11 54.44 -8.95 -4.19
CA LEU G 11 54.60 -9.06 -2.75
C LEU G 11 54.54 -10.47 -2.17
N SER G 12 55.41 -10.72 -1.19
CA SER G 12 55.47 -11.98 -0.46
C SER G 12 55.13 -11.75 1.01
N LEU G 13 54.03 -12.35 1.46
CA LEU G 13 53.65 -12.33 2.87
C LEU G 13 53.24 -13.73 3.30
N SER G 14 53.39 -13.98 4.59
CA SER G 14 53.12 -15.30 5.13
C SER G 14 51.61 -15.57 5.14
N PRO G 15 51.21 -16.85 5.00
CA PRO G 15 49.78 -17.16 4.99
C PRO G 15 49.12 -16.86 6.32
N GLY G 16 47.84 -16.52 6.26
CA GLY G 16 47.09 -16.07 7.42
C GLY G 16 47.20 -14.60 7.71
N GLU G 17 47.87 -13.84 6.87
CA GLU G 17 48.11 -12.42 7.08
C GLU G 17 47.22 -11.61 6.15
N ARG G 18 46.84 -10.41 6.61
CA ARG G 18 46.06 -9.51 5.77
C ARG G 18 46.86 -9.10 4.54
N ALA G 19 46.20 -9.09 3.39
CA ALA G 19 46.80 -8.66 2.13
C ALA G 19 46.07 -7.43 1.64
N THR G 20 46.81 -6.35 1.40
CA THR G 20 46.25 -5.10 0.92
C THR G 20 46.93 -4.71 -0.39
N LEU G 21 46.13 -4.59 -1.44
CA LEU G 21 46.63 -4.26 -2.77
C LEU G 21 46.07 -2.90 -3.17
N SER G 22 46.82 -2.17 -4.00
CA SER G 22 46.45 -0.83 -4.39
C SER G 22 46.67 -0.64 -5.87
N CYS G 23 45.61 -0.25 -6.58
CA CYS G 23 45.67 0.09 -7.99
C CYS G 23 45.39 1.58 -8.15
N ARG G 24 46.29 2.28 -8.81
CA ARG G 24 46.23 3.72 -8.91
C ARG G 24 45.95 4.12 -10.36
N ALA G 25 44.98 5.00 -10.54
CA ALA G 25 44.56 5.46 -11.85
C ALA G 25 45.12 6.85 -12.11
N SER G 26 45.66 7.06 -13.31
CA SER G 26 46.15 8.38 -13.67
C SER G 26 45.02 9.37 -13.84
N GLN G 27 43.83 8.88 -14.19
CA GLN G 27 42.65 9.69 -14.36
C GLN G 27 41.54 9.10 -13.51
N GLY G 28 40.64 9.98 -13.04
CA GLY G 28 39.51 9.49 -12.27
C GLY G 28 38.74 8.43 -13.05
N VAL G 29 38.22 7.45 -12.31
CA VAL G 29 37.53 6.34 -12.95
C VAL G 29 36.04 6.55 -12.81
N SER G 30 35.35 6.66 -13.94
CA SER G 30 34.00 7.22 -14.00
C SER G 30 33.01 6.29 -13.31
N SER G 31 32.32 6.84 -12.31
CA SER G 31 31.30 6.12 -11.52
C SER G 31 31.82 4.77 -11.05
N ASN G 32 33.01 4.80 -10.43
CA ASN G 32 33.72 3.57 -10.10
C ASN G 32 33.94 2.78 -11.38
N TYR G 33 33.33 1.60 -11.48
CA TYR G 33 33.53 0.70 -12.62
C TYR G 33 34.98 0.26 -12.72
N LEU G 34 35.51 -0.27 -11.63
CA LEU G 34 36.81 -0.93 -11.62
C LEU G 34 36.58 -2.40 -11.30
N ALA G 35 37.50 -3.25 -11.73
CA ALA G 35 37.34 -4.69 -11.54
C ALA G 35 38.66 -5.33 -11.16
N TRP G 36 38.59 -6.25 -10.19
CA TRP G 36 39.72 -7.05 -9.75
C TRP G 36 39.60 -8.46 -10.27
N TYR G 37 40.66 -8.94 -10.91
CA TYR G 37 40.72 -10.30 -11.44
C TYR G 37 41.88 -11.06 -10.81
N GLN G 38 41.66 -12.35 -10.56
CA GLN G 38 42.69 -13.27 -10.10
C GLN G 38 43.03 -14.25 -11.21
N GLN G 39 44.32 -14.42 -11.50
CA GLN G 39 44.76 -15.46 -12.41
C GLN G 39 45.75 -16.37 -11.71
N LYS G 40 45.61 -17.66 -11.94
CA LYS G 40 46.51 -18.69 -11.42
C LYS G 40 47.28 -19.33 -12.55
N PRO G 41 48.47 -19.87 -12.28
CA PRO G 41 49.31 -20.39 -13.36
C PRO G 41 48.57 -21.41 -14.22
N GLY G 42 48.71 -21.25 -15.53
CA GLY G 42 48.03 -22.13 -16.48
C GLY G 42 46.54 -22.23 -16.25
N GLN G 43 45.89 -21.11 -15.95
CA GLN G 43 44.47 -21.12 -15.61
C GLN G 43 43.85 -19.80 -16.04
N ALA G 44 42.61 -19.87 -16.50
CA ALA G 44 41.94 -18.67 -16.99
C ALA G 44 41.66 -17.71 -15.84
N PRO G 45 41.78 -16.41 -16.08
CA PRO G 45 41.56 -15.44 -15.01
C PRO G 45 40.14 -15.50 -14.46
N ARG G 46 39.96 -14.96 -13.26
CA ARG G 46 38.73 -15.10 -12.51
C ARG G 46 38.32 -13.77 -11.91
N LEU G 47 37.05 -13.43 -12.06
CA LEU G 47 36.51 -12.16 -11.58
C LEU G 47 36.36 -12.24 -10.06
N LEU G 48 36.78 -11.19 -9.37
CA LEU G 48 36.65 -11.11 -7.93
C LEU G 48 35.67 -10.02 -7.54
N ILE G 49 36.04 -8.78 -7.80
CA ILE G 49 35.24 -7.62 -7.47
C ILE G 49 34.98 -6.85 -8.76
N TYR G 50 33.74 -6.44 -8.97
CA TYR G 50 33.41 -5.53 -10.05
C TYR G 50 32.80 -4.26 -9.46
N ASP G 51 32.92 -3.16 -10.19
CA ASP G 51 32.70 -1.82 -9.64
C ASP G 51 33.64 -1.59 -8.47
N ALA G 52 33.15 -1.00 -7.39
CA ALA G 52 34.05 -0.74 -6.28
C ALA G 52 34.08 -1.92 -5.31
N SER G 53 33.00 -2.13 -4.58
CA SER G 53 32.91 -3.15 -3.56
C SER G 53 32.20 -4.43 -3.97
N ASN G 54 31.75 -4.56 -5.22
CA ASN G 54 30.72 -5.56 -5.51
C ASN G 54 31.36 -6.91 -5.85
N ARG G 55 31.04 -7.91 -5.04
CA ARG G 55 31.66 -9.21 -5.10
C ARG G 55 30.91 -10.15 -6.03
N ALA G 56 31.65 -10.87 -6.86
CA ALA G 56 31.08 -11.85 -7.77
C ALA G 56 30.49 -13.03 -7.02
N THR G 57 29.66 -13.81 -7.72
CA THR G 57 28.80 -14.80 -7.08
C THR G 57 29.59 -15.87 -6.35
N GLY G 58 30.41 -16.64 -7.06
CA GLY G 58 31.00 -17.83 -6.48
C GLY G 58 32.23 -17.54 -5.66
N ILE G 59 32.39 -16.28 -5.24
CA ILE G 59 33.68 -15.85 -4.68
C ILE G 59 33.65 -16.02 -3.16
N PRO G 60 34.75 -16.45 -2.54
CA PRO G 60 34.82 -16.50 -1.07
C PRO G 60 34.46 -15.16 -0.45
N ASP G 61 33.94 -15.23 0.77
CA ASP G 61 33.45 -14.03 1.43
C ASP G 61 34.59 -13.22 2.04
N ARG G 62 35.81 -13.75 1.99
CA ARG G 62 36.94 -13.06 2.62
C ARG G 62 37.52 -11.98 1.71
N PHE G 63 37.12 -11.98 0.44
CA PHE G 63 37.62 -10.98 -0.48
C PHE G 63 36.79 -9.71 -0.38
N SER G 64 37.47 -8.57 -0.37
CA SER G 64 36.81 -7.28 -0.24
C SER G 64 37.44 -6.30 -1.20
N GLY G 65 36.71 -5.22 -1.48
CA GLY G 65 37.23 -4.17 -2.32
C GLY G 65 36.60 -2.84 -2.00
N SER G 66 37.33 -1.76 -2.29
CA SER G 66 36.84 -0.41 -2.07
C SER G 66 37.68 0.55 -2.92
N GLY G 67 37.13 1.72 -3.19
CA GLY G 67 37.91 2.76 -3.81
C GLY G 67 37.02 3.82 -4.40
N SER G 68 37.63 4.97 -4.71
CA SER G 68 36.94 6.06 -5.37
C SER G 68 37.98 6.91 -6.07
N GLY G 69 37.55 7.60 -7.11
CA GLY G 69 38.47 8.50 -7.79
C GLY G 69 39.59 7.74 -8.45
N THR G 70 40.82 8.08 -8.06
CA THR G 70 42.02 7.49 -8.63
C THR G 70 42.64 6.39 -7.77
N ASP G 71 42.04 6.05 -6.62
CA ASP G 71 42.66 5.13 -5.67
C ASP G 71 41.71 3.98 -5.35
N PHE G 72 42.17 2.76 -5.57
CA PHE G 72 41.35 1.56 -5.37
C PHE G 72 42.15 0.50 -4.64
N THR G 73 41.47 -0.28 -3.80
CA THR G 73 42.14 -1.29 -3.00
C THR G 73 41.42 -2.63 -3.10
N LEU G 74 42.21 -3.68 -3.25
CA LEU G 74 41.76 -5.06 -3.10
C LEU G 74 42.32 -5.61 -1.80
N THR G 75 41.44 -6.04 -0.91
CA THR G 75 41.82 -6.54 0.41
C THR G 75 41.51 -8.02 0.50
N ILE G 76 42.47 -8.79 1.01
CA ILE G 76 42.29 -10.21 1.29
C ILE G 76 42.52 -10.41 2.77
N SER G 77 41.47 -10.80 3.48
CA SER G 77 41.54 -11.08 4.91
C SER G 77 41.48 -12.57 5.15
N ARG G 78 42.18 -13.01 6.20
CA ARG G 78 42.26 -14.44 6.53
C ARG G 78 42.85 -15.22 5.36
N LEU G 79 44.04 -14.79 4.94
CA LEU G 79 44.72 -15.36 3.78
C LEU G 79 44.83 -16.87 3.87
N GLU G 80 44.70 -17.54 2.73
CA GLU G 80 44.73 -18.99 2.63
C GLU G 80 45.67 -19.42 1.50
N PRO G 81 45.92 -20.72 1.35
CA PRO G 81 46.91 -21.15 0.33
C PRO G 81 46.49 -20.90 -1.11
N GLU G 82 45.23 -21.12 -1.46
CA GLU G 82 44.80 -20.92 -2.85
C GLU G 82 44.87 -19.47 -3.29
N ASP G 83 45.10 -18.54 -2.37
CA ASP G 83 45.10 -17.12 -2.68
C ASP G 83 46.44 -16.63 -3.22
N PHE G 84 47.40 -17.52 -3.44
CA PHE G 84 48.67 -17.16 -4.06
C PHE G 84 48.49 -17.16 -5.56
N ALA G 85 48.69 -16.01 -6.20
CA ALA G 85 48.37 -15.82 -7.60
C ALA G 85 48.72 -14.40 -8.02
N VAL G 86 48.55 -14.13 -9.31
CA VAL G 86 48.76 -12.79 -9.84
C VAL G 86 47.42 -12.07 -9.90
N TYR G 87 47.40 -10.81 -9.49
CA TYR G 87 46.17 -10.03 -9.39
C TYR G 87 46.20 -8.87 -10.37
N TYR G 88 45.02 -8.43 -10.79
CA TYR G 88 44.87 -7.39 -11.79
C TYR G 88 43.73 -6.46 -11.42
N CYS G 89 43.84 -5.22 -11.89
CA CYS G 89 42.74 -4.26 -11.82
C CYS G 89 42.33 -3.88 -13.23
N GLN G 90 41.02 -3.87 -13.48
CA GLN G 90 40.43 -3.52 -14.78
C GLN G 90 39.61 -2.26 -14.64
N GLN G 91 39.74 -1.36 -15.61
CA GLN G 91 38.98 -0.11 -15.66
C GLN G 91 38.05 -0.13 -16.87
N TYR G 92 36.75 -0.28 -16.62
CA TYR G 92 35.73 -0.14 -17.66
C TYR G 92 34.96 1.17 -17.58
N GLY G 93 35.33 2.07 -16.67
CA GLY G 93 34.51 3.25 -16.41
C GLY G 93 34.53 4.26 -17.53
N SER G 94 35.56 4.26 -18.35
CA SER G 94 35.62 5.19 -19.46
C SER G 94 35.09 4.52 -20.72
N SER G 95 35.19 5.25 -21.83
CA SER G 95 35.06 4.60 -23.12
C SER G 95 36.25 3.68 -23.34
N PRO G 96 36.07 2.60 -24.11
CA PRO G 96 37.17 1.70 -24.46
C PRO G 96 38.28 2.43 -25.19
N PRO G 97 39.51 1.89 -25.19
CA PRO G 97 39.93 0.56 -24.74
C PRO G 97 39.85 0.33 -23.24
N LEU G 98 39.25 -0.78 -22.85
CA LEU G 98 39.40 -1.26 -21.48
C LEU G 98 40.85 -1.64 -21.28
N THR G 99 41.46 -1.17 -20.19
CA THR G 99 42.87 -1.44 -19.94
C THR G 99 43.05 -2.07 -18.58
N PHE G 100 43.76 -3.20 -18.56
CA PHE G 100 44.13 -3.84 -17.31
C PHE G 100 45.28 -3.08 -16.64
N GLY G 101 45.39 -3.22 -15.33
CA GLY G 101 46.59 -2.83 -14.64
C GLY G 101 47.76 -3.71 -15.02
N GLY G 102 48.95 -3.29 -14.59
CA GLY G 102 50.16 -3.98 -15.00
C GLY G 102 50.24 -5.40 -14.48
N GLY G 103 49.55 -5.69 -13.40
CA GLY G 103 49.61 -6.98 -12.75
C GLY G 103 50.48 -6.96 -11.52
N THR G 104 50.08 -7.75 -10.53
CA THR G 104 50.76 -7.80 -9.25
C THR G 104 50.73 -9.23 -8.72
N LYS G 105 51.84 -9.65 -8.13
CA LYS G 105 52.05 -11.04 -7.77
C LYS G 105 52.16 -11.16 -6.25
N VAL G 106 51.47 -12.14 -5.69
CA VAL G 106 51.45 -12.38 -4.25
C VAL G 106 52.07 -13.74 -3.97
N GLN G 107 53.21 -13.72 -3.28
CA GLN G 107 54.00 -14.91 -3.00
C GLN G 107 53.65 -15.48 -1.63
N ILE G 108 54.40 -16.49 -1.22
CA ILE G 108 54.19 -17.18 0.05
C ILE G 108 54.90 -16.46 1.18
N GLU H 1 38.34 -4.64 4.06
CA GLU H 1 38.11 -4.20 5.43
C GLU H 1 38.76 -2.85 5.67
N VAL H 2 38.13 -2.03 6.51
CA VAL H 2 38.66 -0.71 6.82
C VAL H 2 40.04 -0.86 7.45
N GLN H 3 40.98 -0.04 6.97
CA GLN H 3 42.35 -0.05 7.49
C GLN H 3 42.83 1.37 7.68
N LEU H 4 43.32 1.66 8.89
CA LEU H 4 43.96 2.93 9.21
C LEU H 4 45.44 2.66 9.47
N LEU H 5 46.30 3.22 8.63
CA LEU H 5 47.74 3.03 8.73
C LEU H 5 48.43 4.37 8.86
N GLU H 6 49.06 4.59 10.01
CA GLU H 6 49.70 5.86 10.33
C GLU H 6 51.22 5.70 10.32
N SER H 7 51.91 6.76 9.90
CA SER H 7 53.35 6.78 9.85
C SER H 7 53.84 8.22 10.01
N GLY H 8 55.11 8.37 10.34
CA GLY H 8 55.72 9.67 10.55
C GLY H 8 55.93 10.02 12.00
N GLY H 9 55.65 9.11 12.92
CA GLY H 9 55.95 9.33 14.32
C GLY H 9 57.34 8.85 14.68
N GLY H 10 57.81 9.22 15.86
CA GLY H 10 59.16 8.89 16.29
C GLY H 10 59.60 9.81 17.40
N LEU H 11 60.85 9.65 17.80
CA LEU H 11 61.44 10.46 18.86
C LEU H 11 61.95 11.78 18.31
N VAL H 12 61.84 12.83 19.11
CA VAL H 12 62.40 14.13 18.79
C VAL H 12 62.58 14.92 20.08
N GLN H 13 63.42 15.95 20.01
CA GLN H 13 63.71 16.78 21.17
C GLN H 13 62.47 17.57 21.58
N PRO H 14 62.45 18.12 22.80
CA PRO H 14 61.37 19.04 23.16
C PRO H 14 61.43 20.32 22.34
N GLY H 15 60.31 21.03 22.28
CA GLY H 15 60.19 22.24 21.50
C GLY H 15 60.12 22.05 20.00
N GLY H 16 60.29 20.82 19.51
CA GLY H 16 60.36 20.58 18.08
C GLY H 16 58.99 20.40 17.44
N SER H 17 59.00 20.31 16.12
CA SER H 17 57.79 20.16 15.32
C SER H 17 57.83 18.82 14.60
N LEU H 18 56.73 18.07 14.69
CA LEU H 18 56.62 16.75 14.12
C LEU H 18 55.27 16.64 13.43
N ARG H 19 55.27 16.24 12.16
CA ARG H 19 54.05 16.16 11.37
C ARG H 19 53.68 14.69 11.17
N LEU H 20 52.58 14.29 11.79
CA LEU H 20 52.14 12.91 11.83
C LEU H 20 51.09 12.71 10.74
N SER H 21 51.21 11.64 9.98
CA SER H 21 50.32 11.38 8.86
C SER H 21 49.63 10.04 9.02
N CYS H 22 48.48 9.88 8.37
CA CYS H 22 47.67 8.67 8.48
C CYS H 22 47.04 8.36 7.13
N ALA H 23 47.08 7.09 6.74
CA ALA H 23 46.56 6.65 5.46
C ALA H 23 45.39 5.71 5.69
N ALA H 24 44.27 5.99 5.02
CA ALA H 24 43.03 5.25 5.22
C ALA H 24 42.61 4.57 3.93
N SER H 25 41.94 3.42 4.07
CA SER H 25 41.38 2.71 2.94
C SER H 25 40.24 1.83 3.42
N GLY H 26 39.35 1.50 2.51
CA GLY H 26 38.24 0.63 2.82
C GLY H 26 36.91 1.32 3.01
N PHE H 27 36.85 2.63 2.85
CA PHE H 27 35.62 3.38 3.07
C PHE H 27 35.74 4.69 2.33
N THR H 28 34.61 5.36 2.14
CA THR H 28 34.63 6.67 1.51
C THR H 28 35.08 7.67 2.56
N PHE H 29 36.24 8.29 2.34
CA PHE H 29 36.93 8.98 3.42
C PHE H 29 36.33 10.36 3.68
N SER H 30 35.86 11.03 2.63
CA SER H 30 35.33 12.38 2.81
C SER H 30 33.98 12.37 3.50
N THR H 31 33.40 11.20 3.72
CA THR H 31 32.10 11.13 4.37
C THR H 31 32.22 10.83 5.86
N TYR H 32 33.44 10.76 6.38
CA TYR H 32 33.59 10.45 7.80
C TYR H 32 34.42 11.50 8.51
N ALA H 33 34.08 11.72 9.78
CA ALA H 33 34.87 12.54 10.68
C ALA H 33 35.99 11.70 11.27
N MET H 34 37.17 12.30 11.43
CA MET H 34 38.37 11.59 11.85
C MET H 34 38.88 12.13 13.18
N ASN H 35 39.63 11.30 13.90
CA ASN H 35 40.08 11.57 15.26
C ASN H 35 41.54 11.18 15.43
N TRP H 36 42.20 11.85 16.38
CA TRP H 36 43.50 11.44 16.89
C TRP H 36 43.36 11.16 18.38
N VAL H 37 43.78 9.97 18.81
CA VAL H 37 43.71 9.55 20.20
C VAL H 37 45.11 9.22 20.67
N ARG H 38 45.40 9.57 21.93
CA ARG H 38 46.75 9.53 22.48
C ARG H 38 46.75 8.76 23.79
N GLN H 39 47.73 7.86 23.94
CA GLN H 39 47.90 7.11 25.19
C GLN H 39 49.36 7.19 25.63
N ALA H 40 49.59 7.86 26.75
CA ALA H 40 50.90 7.91 27.37
C ALA H 40 51.21 6.58 28.05
N PRO H 41 52.49 6.31 28.33
CA PRO H 41 52.84 5.05 28.99
C PRO H 41 52.14 4.89 30.33
N GLY H 42 51.57 3.71 30.55
CA GLY H 42 50.96 3.39 31.83
C GLY H 42 49.70 4.15 32.16
N LYS H 43 49.18 4.93 31.21
CA LYS H 43 48.03 5.77 31.47
C LYS H 43 46.95 5.48 30.42
N GLY H 44 45.74 5.95 30.72
CA GLY H 44 44.62 5.67 29.84
C GLY H 44 44.68 6.45 28.55
N LEU H 45 43.61 6.34 27.77
CA LEU H 45 43.55 7.01 26.48
C LEU H 45 43.09 8.45 26.63
N GLU H 46 43.62 9.33 25.78
CA GLU H 46 43.27 10.74 25.79
C GLU H 46 42.90 11.17 24.37
N TRP H 47 41.64 11.55 24.18
CA TRP H 47 41.24 12.11 22.90
C TRP H 47 41.92 13.45 22.71
N VAL H 48 42.54 13.63 21.55
CA VAL H 48 43.33 14.81 21.25
C VAL H 48 42.62 15.75 20.31
N ALA H 49 42.45 15.33 19.05
CA ALA H 49 41.87 16.19 18.05
C ALA H 49 40.84 15.41 17.25
N GLY H 50 39.94 16.14 16.62
CA GLY H 50 38.96 15.56 15.74
C GLY H 50 38.58 16.57 14.69
N ILE H 51 38.12 16.11 13.54
CA ILE H 51 37.93 16.98 12.40
C ILE H 51 36.69 16.56 11.65
N SER H 52 35.91 17.54 11.20
CA SER H 52 34.73 17.30 10.41
C SER H 52 35.08 16.59 9.12
N ALA H 53 34.14 15.80 8.61
CA ALA H 53 34.31 15.16 7.32
C ALA H 53 34.67 16.17 6.24
N SER H 54 34.07 17.36 6.31
CA SER H 54 34.36 18.37 5.31
C SER H 54 35.72 19.01 5.54
N GLY H 55 36.19 19.01 6.78
CA GLY H 55 37.41 19.67 7.15
C GLY H 55 37.24 21.08 7.68
N GLY H 56 36.03 21.61 7.63
CA GLY H 56 35.83 23.00 8.01
C GLY H 56 35.75 23.19 9.51
N SER H 57 35.55 22.11 10.25
CA SER H 57 35.42 22.18 11.69
C SER H 57 36.41 21.22 12.33
N ALA H 58 37.27 21.75 13.18
CA ALA H 58 38.36 21.00 13.81
C ALA H 58 38.44 21.37 15.27
N TYR H 59 38.45 20.36 16.13
CA TYR H 59 38.45 20.57 17.57
C TYR H 59 39.67 19.91 18.20
N TYR H 60 39.98 20.33 19.42
CA TYR H 60 41.19 19.90 20.10
C TYR H 60 40.90 19.77 21.59
N VAL H 61 41.71 18.95 22.26
CA VAL H 61 41.66 18.91 23.71
C VAL H 61 42.23 20.22 24.25
N ASP H 62 41.88 20.54 25.50
CA ASP H 62 42.27 21.81 26.08
C ASP H 62 43.78 21.97 26.13
N SER H 63 44.51 20.88 26.39
CA SER H 63 45.94 20.99 26.66
C SER H 63 46.74 21.34 25.41
N VAL H 64 46.39 20.75 24.28
CA VAL H 64 47.24 20.89 23.09
C VAL H 64 46.77 22.05 22.22
N GLU H 65 45.77 22.79 22.68
CA GLU H 65 45.18 23.83 21.84
C GLU H 65 46.23 24.86 21.45
N GLY H 66 46.28 25.14 20.16
CA GLY H 66 47.21 26.10 19.61
C GLY H 66 48.54 25.48 19.21
N ARG H 67 48.89 24.36 19.86
CA ARG H 67 50.12 23.68 19.49
C ARG H 67 49.91 22.72 18.32
N PHE H 68 48.82 21.97 18.32
CA PHE H 68 48.60 20.97 17.29
C PHE H 68 47.62 21.48 16.24
N THR H 69 47.84 21.06 14.99
CA THR H 69 46.94 21.37 13.89
C THR H 69 46.53 20.07 13.23
N ILE H 70 45.24 19.78 13.24
CA ILE H 70 44.68 18.61 12.55
C ILE H 70 44.18 19.06 11.19
N SER H 71 44.41 18.23 10.18
CA SER H 71 44.01 18.54 8.82
C SER H 71 43.85 17.24 8.05
N ARG H 72 43.13 17.31 6.94
CA ARG H 72 42.88 16.13 6.14
C ARG H 72 42.81 16.47 4.66
N ASP H 73 43.02 15.47 3.84
CA ASP H 73 42.96 15.61 2.38
C ASP H 73 42.01 14.55 1.85
N ASN H 74 40.89 14.98 1.28
CA ASN H 74 39.86 14.03 0.87
C ASN H 74 40.23 13.33 -0.43
N SER H 75 41.06 13.97 -1.25
CA SER H 75 41.50 13.33 -2.48
C SER H 75 42.49 12.22 -2.20
N ASN H 76 43.39 12.43 -1.24
CA ASN H 76 44.50 11.52 -0.98
C ASN H 76 44.23 10.51 0.12
N ASN H 77 43.03 10.52 0.72
CA ASN H 77 42.70 9.64 1.84
C ASN H 77 43.72 9.78 2.97
N MET H 78 44.14 11.01 3.25
CA MET H 78 45.20 11.24 4.22
C MET H 78 44.72 12.12 5.37
N LEU H 79 45.05 11.69 6.58
CA LEU H 79 44.80 12.47 7.79
C LEU H 79 46.13 12.91 8.36
N TYR H 80 46.25 14.20 8.67
CA TYR H 80 47.48 14.78 9.15
C TYR H 80 47.29 15.33 10.56
N LEU H 81 48.32 15.14 11.39
CA LEU H 81 48.42 15.83 12.67
C LEU H 81 49.82 16.41 12.78
N GLN H 82 49.92 17.74 12.72
CA GLN H 82 51.22 18.37 12.84
C GLN H 82 51.34 19.05 14.19
N MET H 83 52.47 18.83 14.85
CA MET H 83 52.67 19.28 16.22
C MET H 83 53.72 20.38 16.24
N ASN H 84 53.53 21.33 17.13
CA ASN H 84 54.52 22.37 17.41
C ASN H 84 54.73 22.44 18.91
N SER H 85 55.95 22.79 19.30
CA SER H 85 56.28 23.00 20.71
C SER H 85 56.00 21.77 21.55
N LEU H 86 56.71 20.68 21.29
CA LEU H 86 56.47 19.44 22.03
C LEU H 86 57.02 19.52 23.44
N ARG H 87 56.47 18.68 24.31
CA ARG H 87 56.69 18.78 25.74
C ARG H 87 56.95 17.40 26.32
N ALA H 88 57.42 17.38 27.57
CA ALA H 88 57.71 16.12 28.23
C ALA H 88 56.48 15.23 28.29
N GLU H 89 55.30 15.83 28.40
CA GLU H 89 54.08 15.05 28.57
C GLU H 89 53.34 14.80 27.26
N ASP H 90 53.88 15.24 26.12
CA ASP H 90 53.27 14.93 24.83
C ASP H 90 53.66 13.55 24.35
N THR H 91 54.65 12.92 25.00
CA THR H 91 55.13 11.63 24.57
C THR H 91 54.08 10.56 24.76
N ALA H 92 53.75 9.84 23.69
CA ALA H 92 52.73 8.80 23.76
C ALA H 92 52.66 8.06 22.43
N VAL H 93 51.71 7.13 22.36
CA VAL H 93 51.30 6.48 21.12
C VAL H 93 50.12 7.24 20.55
N TYR H 94 50.11 7.45 19.23
CA TYR H 94 49.07 8.21 18.57
C TYR H 94 48.28 7.34 17.60
N TYR H 95 46.96 7.30 17.79
CA TYR H 95 46.04 6.46 17.04
C TYR H 95 45.26 7.29 16.04
N CYS H 96 45.07 6.75 14.84
CA CYS H 96 44.02 7.19 13.94
C CYS H 96 42.73 6.53 14.40
N ALA H 97 41.60 7.20 14.18
CA ALA H 97 40.30 6.61 14.49
C ALA H 97 39.24 7.19 13.56
N LYS H 98 38.24 6.37 13.26
CA LYS H 98 37.19 6.72 12.31
C LYS H 98 35.85 6.68 13.03
N ALA H 99 35.01 7.68 12.78
CA ALA H 99 33.68 7.69 13.35
C ALA H 99 32.83 6.57 12.76
N VAL H 100 31.90 6.06 13.55
CA VAL H 100 31.08 4.93 13.11
C VAL H 100 29.96 5.35 12.18
N TYR H 101 29.62 6.64 12.13
CA TYR H 101 28.57 7.15 11.26
C TYR H 101 29.17 7.99 10.15
N ALA H 102 28.68 7.80 8.94
CA ALA H 102 28.92 8.74 7.85
C ALA H 102 27.97 9.94 7.98
N ILE H 103 28.35 11.04 7.33
CA ILE H 103 27.58 12.28 7.49
C ILE H 103 26.13 12.09 7.06
N THR H 104 25.88 11.22 6.09
CA THR H 104 24.54 10.83 5.72
C THR H 104 24.45 9.31 5.70
N MET H 105 23.34 8.77 6.21
CA MET H 105 23.10 7.34 6.33
C MET H 105 21.69 7.03 5.86
N VAL H 106 21.54 5.91 5.17
CA VAL H 106 20.24 5.44 4.71
C VAL H 106 19.90 4.17 5.45
N ARG H 107 18.76 4.16 6.12
CA ARG H 107 18.24 2.96 6.76
C ARG H 107 16.74 2.88 6.53
N GLY H 108 16.30 1.85 5.83
CA GLY H 108 14.88 1.70 5.55
C GLY H 108 14.37 2.80 4.63
N SER H 109 13.32 3.47 5.07
CA SER H 109 12.75 4.58 4.33
C SER H 109 13.32 5.93 4.77
N ILE H 110 14.35 5.92 5.61
CA ILE H 110 14.81 7.12 6.31
C ILE H 110 16.25 7.43 5.91
N THR H 111 16.52 8.70 5.67
CA THR H 111 17.86 9.22 5.45
C THR H 111 18.19 10.17 6.58
N THR H 112 19.35 9.98 7.21
CA THR H 112 19.71 10.73 8.41
C THR H 112 21.01 11.49 8.19
N ASN H 113 21.04 12.72 8.70
CA ASN H 113 22.23 13.55 8.72
C ASN H 113 22.96 13.36 10.04
N TYR H 114 24.22 12.93 9.99
CA TYR H 114 25.07 12.89 11.18
C TYR H 114 26.24 13.83 10.99
N TYR H 115 26.16 15.03 11.55
CA TYR H 115 27.25 15.99 11.46
C TYR H 115 27.96 16.26 12.78
N HIS H 116 27.60 15.58 13.84
CA HIS H 116 28.27 15.73 15.12
C HIS H 116 29.46 14.77 15.20
N TYR H 117 29.99 14.58 16.41
CA TYR H 117 31.12 13.69 16.63
C TYR H 117 30.63 12.42 17.33
N TYR H 118 31.11 11.28 16.88
CA TYR H 118 30.52 10.00 17.24
C TYR H 118 31.60 9.04 17.69
N ALA H 119 31.15 7.92 18.27
CA ALA H 119 32.05 6.88 18.74
C ALA H 119 32.92 6.35 17.60
N MET H 120 34.12 5.92 17.96
CA MET H 120 35.16 5.59 16.98
C MET H 120 35.12 4.09 16.68
N ASP H 121 34.76 3.75 15.44
CA ASP H 121 34.51 2.37 15.06
C ASP H 121 35.81 1.63 14.76
N VAL H 122 36.72 2.25 14.02
CA VAL H 122 37.93 1.60 13.54
C VAL H 122 39.11 2.38 14.08
N TRP H 123 40.21 1.68 14.34
CA TRP H 123 41.41 2.28 14.90
C TRP H 123 42.60 1.92 14.04
N GLY H 124 43.59 2.81 13.99
CA GLY H 124 44.90 2.42 13.52
C GLY H 124 45.70 1.75 14.62
N GLN H 125 46.89 1.27 14.25
CA GLN H 125 47.67 0.47 15.19
C GLN H 125 48.37 1.35 16.23
N GLY H 126 48.64 2.60 15.89
CA GLY H 126 49.39 3.50 16.73
C GLY H 126 50.83 3.65 16.28
N THR H 127 51.36 4.85 16.47
CA THR H 127 52.74 5.17 16.15
C THR H 127 53.30 6.06 17.23
N THR H 128 54.45 5.65 17.76
CA THR H 128 54.99 6.24 18.97
C THR H 128 55.70 7.56 18.67
N VAL H 129 55.51 8.52 19.56
CA VAL H 129 56.21 9.81 19.50
C VAL H 129 56.83 10.05 20.86
N THR H 130 58.14 10.23 20.90
CA THR H 130 58.86 10.44 22.15
C THR H 130 59.50 11.82 22.14
N VAL H 131 59.25 12.58 23.20
CA VAL H 131 59.74 13.94 23.26
C VAL H 131 60.84 14.06 24.31
N GLU I 1 35.15 20.49 30.15
CA GLU I 1 35.25 19.04 30.08
C GLU I 1 34.40 18.43 31.17
N ILE I 2 33.44 17.59 30.80
CA ILE I 2 32.61 16.90 31.78
C ILE I 2 33.19 15.51 31.96
N VAL I 3 33.22 15.03 33.20
CA VAL I 3 34.14 13.97 33.60
C VAL I 3 33.43 12.62 33.66
N LEU I 4 34.13 11.58 33.24
CA LEU I 4 33.71 10.20 33.42
C LEU I 4 34.59 9.53 34.46
N THR I 5 33.96 8.90 35.45
CA THR I 5 34.66 8.13 36.47
C THR I 5 34.15 6.69 36.41
N GLN I 6 35.07 5.73 36.47
CA GLN I 6 34.72 4.32 36.48
C GLN I 6 34.83 3.81 37.91
N SER I 7 33.76 3.16 38.38
CA SER I 7 33.68 2.63 39.74
C SER I 7 34.82 1.68 40.13
N PRO I 8 34.78 0.45 39.63
CA PRO I 8 35.83 -0.55 39.93
C PRO I 8 37.15 -0.26 39.24
N GLY I 9 38.26 -0.53 39.93
CA GLY I 9 39.59 -0.35 39.39
C GLY I 9 40.38 -1.62 39.69
N THR I 10 41.17 -2.09 38.72
CA THR I 10 41.97 -3.32 38.81
C THR I 10 41.18 -4.46 39.47
N LEU I 11 39.93 -4.57 39.02
CA LEU I 11 38.96 -5.52 39.54
C LEU I 11 39.31 -6.94 39.11
N SER I 12 39.09 -7.90 39.99
CA SER I 12 39.46 -9.28 39.75
C SER I 12 38.32 -10.22 40.11
N LEU I 13 37.78 -10.92 39.12
CA LEU I 13 36.76 -11.93 39.34
C LEU I 13 37.12 -13.18 38.54
N SER I 14 36.64 -14.32 39.02
CA SER I 14 36.96 -15.60 38.42
C SER I 14 36.25 -15.75 37.07
N PRO I 15 36.84 -16.47 36.12
CA PRO I 15 36.21 -16.64 34.82
C PRO I 15 34.91 -17.42 34.91
N GLY I 16 33.99 -17.10 33.99
CA GLY I 16 32.66 -17.64 34.01
C GLY I 16 31.67 -16.87 34.86
N GLU I 17 32.09 -15.75 35.44
CA GLU I 17 31.26 -14.97 36.34
C GLU I 17 30.78 -13.71 35.63
N ARG I 18 29.59 -13.23 36.02
CA ARG I 18 29.07 -11.99 35.47
C ARG I 18 29.99 -10.83 35.86
N ALA I 19 30.23 -9.94 34.89
CA ALA I 19 31.03 -8.75 35.11
C ALA I 19 30.16 -7.53 34.88
N THR I 20 30.07 -6.65 35.88
CA THR I 20 29.27 -5.45 35.80
C THR I 20 30.16 -4.24 36.05
N LEU I 21 30.22 -3.34 35.06
CA LEU I 21 31.06 -2.16 35.12
C LEU I 21 30.16 -0.93 35.12
N SER I 22 30.62 0.15 35.75
CA SER I 22 29.81 1.35 35.90
C SER I 22 30.67 2.58 35.61
N CYS I 23 30.21 3.39 34.67
CA CYS I 23 30.83 4.66 34.34
C CYS I 23 29.86 5.78 34.71
N ARG I 24 30.34 6.72 35.51
CA ARG I 24 29.52 7.77 36.07
C ARG I 24 29.93 9.11 35.49
N ALA I 25 28.93 9.87 35.01
CA ALA I 25 29.16 11.15 34.39
C ALA I 25 28.80 12.26 35.36
N SER I 26 29.65 13.28 35.46
CA SER I 26 29.36 14.41 36.32
C SER I 26 28.21 15.24 35.78
N GLN I 27 28.02 15.19 34.46
CA GLN I 27 26.94 15.91 33.80
C GLN I 27 26.16 14.92 32.94
N GLY I 28 24.87 15.16 32.77
CA GLY I 28 24.07 14.31 31.91
C GLY I 28 24.69 14.19 30.52
N VAL I 29 24.57 13.01 29.94
CA VAL I 29 25.19 12.76 28.65
C VAL I 29 24.11 12.84 27.57
N SER I 30 24.29 13.77 26.64
CA SER I 30 23.22 14.23 25.77
C SER I 30 22.80 13.12 24.81
N SER I 31 21.52 12.77 24.86
CA SER I 31 20.92 11.74 24.01
C SER I 31 21.76 10.46 24.00
N ASN I 32 22.08 9.98 25.20
CA ASN I 32 23.04 8.90 25.37
C ASN I 32 24.35 9.31 24.71
N TYR I 33 24.75 8.61 23.66
CA TYR I 33 26.04 8.86 23.00
C TYR I 33 27.20 8.60 23.95
N LEU I 34 27.21 7.41 24.54
CA LEU I 34 28.34 6.93 25.31
C LEU I 34 28.91 5.71 24.60
N ALA I 35 30.19 5.43 24.81
CA ALA I 35 30.84 4.34 24.10
C ALA I 35 31.77 3.58 25.03
N TRP I 36 31.73 2.25 24.93
CA TRP I 36 32.62 1.36 25.67
C TRP I 36 33.68 0.81 24.74
N TYR I 37 34.95 0.92 25.16
CA TYR I 37 36.08 0.41 24.40
C TYR I 37 36.85 -0.61 25.24
N GLN I 38 37.35 -1.64 24.58
CA GLN I 38 38.24 -2.62 25.18
C GLN I 38 39.63 -2.48 24.61
N GLN I 39 40.64 -2.42 25.48
CA GLN I 39 42.03 -2.44 25.04
C GLN I 39 42.74 -3.61 25.71
N LYS I 40 43.57 -4.30 24.93
CA LYS I 40 44.40 -5.39 25.39
C LYS I 40 45.86 -5.00 25.32
N PRO I 41 46.72 -5.61 26.15
CA PRO I 41 48.12 -5.17 26.20
C PRO I 41 48.78 -5.20 24.83
N GLY I 42 49.50 -4.12 24.53
CA GLY I 42 50.15 -3.98 23.23
C GLY I 42 49.22 -4.18 22.06
N GLN I 43 48.01 -3.64 22.13
CA GLN I 43 47.01 -3.86 21.11
C GLN I 43 46.11 -2.64 21.03
N ALA I 44 45.69 -2.30 19.81
CA ALA I 44 44.86 -1.12 19.62
C ALA I 44 43.48 -1.32 20.24
N PRO I 45 42.91 -0.28 20.83
CA PRO I 45 41.61 -0.42 21.48
C PRO I 45 40.52 -0.82 20.49
N ARG I 46 39.43 -1.34 21.03
CA ARG I 46 38.38 -1.96 20.25
C ARG I 46 37.02 -1.50 20.73
N LEU I 47 36.16 -1.13 19.79
CA LEU I 47 34.82 -0.63 20.09
C LEU I 47 33.94 -1.79 20.50
N LEU I 48 33.17 -1.60 21.56
CA LEU I 48 32.25 -2.63 22.03
C LEU I 48 30.81 -2.17 21.84
N ILE I 49 30.43 -1.15 22.61
CA ILE I 49 29.09 -0.59 22.59
C ILE I 49 29.21 0.88 22.24
N TYR I 50 28.36 1.35 21.35
CA TYR I 50 28.24 2.78 21.08
C TYR I 50 26.81 3.20 21.36
N ASP I 51 26.62 4.48 21.69
CA ASP I 51 25.40 4.97 22.29
C ASP I 51 25.14 4.23 23.60
N ALA I 52 23.90 3.85 23.86
CA ALA I 52 23.64 3.17 25.13
C ALA I 52 23.84 1.66 24.99
N SER I 53 22.92 1.01 24.28
CA SER I 53 22.91 -0.44 24.13
C SER I 53 23.48 -0.96 22.82
N ASN I 54 24.00 -0.11 21.94
CA ASN I 54 24.17 -0.53 20.56
C ASN I 54 25.52 -1.20 20.35
N ARG I 55 25.48 -2.47 19.94
CA ARG I 55 26.65 -3.32 19.85
C ARG I 55 27.29 -3.22 18.47
N ALA I 56 28.62 -3.12 18.44
CA ALA I 56 29.37 -3.07 17.21
C ALA I 56 29.32 -4.41 16.48
N THR I 57 29.70 -4.39 15.20
CA THR I 57 29.42 -5.50 14.29
C THR I 57 30.11 -6.79 14.73
N GLY I 58 31.44 -6.79 14.79
CA GLY I 58 32.16 -8.04 14.96
C GLY I 58 32.24 -8.49 16.40
N ILE I 59 31.36 -7.97 17.25
CA ILE I 59 31.52 -8.13 18.69
C ILE I 59 30.77 -9.37 19.16
N PRO I 60 31.31 -10.16 20.09
CA PRO I 60 30.56 -11.27 20.66
C PRO I 60 29.20 -10.83 21.20
N ASP I 61 28.26 -11.77 21.19
CA ASP I 61 26.90 -11.44 21.59
C ASP I 61 26.74 -11.37 23.09
N ARG I 62 27.79 -11.73 23.84
CA ARG I 62 27.68 -11.77 25.29
C ARG I 62 27.88 -10.40 25.91
N PHE I 63 28.36 -9.44 25.12
CA PHE I 63 28.56 -8.09 25.62
C PHE I 63 27.27 -7.29 25.54
N SER I 64 26.97 -6.56 26.62
CA SER I 64 25.76 -5.78 26.70
C SER I 64 26.08 -4.42 27.30
N GLY I 65 25.18 -3.47 27.08
CA GLY I 65 25.32 -2.16 27.66
C GLY I 65 23.98 -1.49 27.86
N SER I 66 23.93 -0.57 28.83
CA SER I 66 22.72 0.19 29.11
C SER I 66 23.11 1.43 29.89
N GLY I 67 22.25 2.44 29.88
CA GLY I 67 22.43 3.57 30.75
C GLY I 67 21.61 4.76 30.28
N SER I 68 21.45 5.72 31.17
CA SER I 68 20.77 6.97 30.85
C SER I 68 21.27 8.01 31.82
N GLY I 69 21.18 9.27 31.40
CA GLY I 69 21.55 10.35 32.28
C GLY I 69 23.03 10.30 32.62
N THR I 70 23.32 10.21 33.91
CA THR I 70 24.68 10.19 34.41
C THR I 70 25.20 8.80 34.75
N ASP I 71 24.43 7.74 34.54
CA ASP I 71 24.79 6.40 34.99
C ASP I 71 24.76 5.42 33.82
N PHE I 72 25.87 4.75 33.57
CA PHE I 72 25.99 3.83 32.45
C PHE I 72 26.68 2.55 32.89
N THR I 73 26.29 1.43 32.30
CA THR I 73 26.83 0.13 32.69
C THR I 73 27.26 -0.67 31.47
N LEU I 74 28.43 -1.28 31.59
CA LEU I 74 28.90 -2.30 30.67
C LEU I 74 28.83 -3.66 31.37
N THR I 75 28.07 -4.58 30.78
CA THR I 75 27.86 -5.90 31.36
C THR I 75 28.51 -6.95 30.48
N ILE I 76 29.23 -7.87 31.11
CA ILE I 76 29.81 -9.02 30.43
C ILE I 76 29.24 -10.27 31.08
N SER I 77 28.47 -11.03 30.31
CA SER I 77 27.88 -12.27 30.78
C SER I 77 28.60 -13.45 30.16
N ARG I 78 28.68 -14.55 30.91
CA ARG I 78 29.39 -15.75 30.48
C ARG I 78 30.84 -15.42 30.17
N LEU I 79 31.51 -14.86 31.17
CA LEU I 79 32.89 -14.39 31.04
C LEU I 79 33.81 -15.48 30.49
N GLU I 80 34.77 -15.08 29.67
CA GLU I 80 35.71 -15.97 29.01
C GLU I 80 37.13 -15.44 29.18
N PRO I 81 38.14 -16.22 28.74
CA PRO I 81 39.53 -15.77 28.98
C PRO I 81 39.94 -14.52 28.21
N GLU I 82 39.54 -14.37 26.95
CA GLU I 82 39.96 -13.20 26.19
C GLU I 82 39.37 -11.90 26.73
N ASP I 83 38.44 -11.97 27.66
CA ASP I 83 37.77 -10.79 28.18
C ASP I 83 38.55 -10.10 29.29
N PHE I 84 39.77 -10.56 29.59
CA PHE I 84 40.62 -9.91 30.56
C PHE I 84 41.37 -8.78 29.86
N ALA I 85 41.14 -7.54 30.30
CA ALA I 85 41.64 -6.35 29.60
C ALA I 85 41.22 -5.11 30.37
N VAL I 86 41.69 -3.96 29.88
CA VAL I 86 41.31 -2.68 30.44
C VAL I 86 40.14 -2.12 29.64
N TYR I 87 39.14 -1.57 30.34
CA TYR I 87 37.93 -1.09 29.72
C TYR I 87 37.81 0.41 29.90
N TYR I 88 37.09 1.05 28.98
CA TYR I 88 36.94 2.49 28.96
C TYR I 88 35.52 2.88 28.57
N CYS I 89 35.10 4.05 29.04
CA CYS I 89 33.87 4.68 28.60
C CYS I 89 34.19 6.00 27.90
N GLN I 90 33.56 6.22 26.75
CA GLN I 90 33.75 7.42 25.95
C GLN I 90 32.44 8.19 25.89
N GLN I 91 32.53 9.52 26.04
CA GLN I 91 31.37 10.41 25.95
C GLN I 91 31.52 11.32 24.74
N TYR I 92 30.72 11.07 23.70
CA TYR I 92 30.63 11.96 22.56
C TYR I 92 29.36 12.80 22.54
N GLY I 93 28.53 12.73 23.58
CA GLY I 93 27.21 13.34 23.52
C GLY I 93 27.24 14.86 23.57
N SER I 94 28.31 15.43 24.12
CA SER I 94 28.40 16.87 24.16
C SER I 94 29.21 17.38 22.97
N SER I 95 29.45 18.68 22.97
CA SER I 95 30.47 19.21 22.09
C SER I 95 31.84 18.73 22.57
N PRO I 96 32.80 18.58 21.67
CA PRO I 96 34.16 18.21 22.03
C PRO I 96 34.79 19.21 22.99
N PRO I 97 35.82 18.80 23.75
CA PRO I 97 36.60 17.56 23.67
C PRO I 97 35.85 16.31 24.06
N LEU I 98 35.94 15.29 23.21
CA LEU I 98 35.56 13.95 23.63
C LEU I 98 36.51 13.51 24.73
N THR I 99 35.97 12.99 25.82
CA THR I 99 36.81 12.59 26.95
C THR I 99 36.53 11.14 27.32
N PHE I 100 37.59 10.35 27.41
CA PHE I 100 37.49 8.99 27.90
C PHE I 100 37.33 8.98 29.41
N GLY I 101 36.74 7.90 29.91
CA GLY I 101 36.81 7.61 31.33
C GLY I 101 38.23 7.27 31.75
N GLY I 102 38.43 7.20 33.06
CA GLY I 102 39.76 7.01 33.59
C GLY I 102 40.37 5.67 33.22
N GLY I 103 39.54 4.70 32.92
CA GLY I 103 39.98 3.35 32.64
C GLY I 103 39.78 2.41 33.83
N THR I 104 39.47 1.17 33.52
CA THR I 104 39.16 0.17 34.52
C THR I 104 39.70 -1.19 34.05
N LYS I 105 40.27 -1.93 34.99
CA LYS I 105 41.02 -3.14 34.67
C LYS I 105 40.29 -4.35 35.27
N VAL I 106 40.18 -5.41 34.48
CA VAL I 106 39.50 -6.63 34.88
C VAL I 106 40.51 -7.75 34.90
N GLN I 107 40.77 -8.30 36.09
CA GLN I 107 41.78 -9.33 36.31
C GLN I 107 41.15 -10.71 36.27
N ILE I 108 41.95 -11.72 36.59
CA ILE I 108 41.53 -13.11 36.57
C ILE I 108 40.88 -13.50 37.90
N GLU J 1 22.68 -7.22 30.70
CA GLU J 1 21.53 -7.94 31.21
C GLU J 1 20.96 -7.23 32.43
N VAL J 2 19.64 -7.29 32.59
CA VAL J 2 18.98 -6.65 33.72
C VAL J 2 19.52 -7.24 35.02
N GLN J 3 19.84 -6.38 35.97
CA GLN J 3 20.36 -6.80 37.26
C GLN J 3 19.67 -6.01 38.38
N LEU J 4 19.11 -6.73 39.35
CA LEU J 4 18.56 -6.14 40.56
C LEU J 4 19.43 -6.55 41.74
N LEU J 5 20.06 -5.58 42.38
CA LEU J 5 20.96 -5.82 43.49
C LEU J 5 20.48 -5.04 44.71
N GLU J 6 20.06 -5.76 45.75
CA GLU J 6 19.51 -5.16 46.96
C GLU J 6 20.48 -5.31 48.11
N SER J 7 20.48 -4.32 49.00
CA SER J 7 21.34 -4.30 50.17
C SER J 7 20.67 -3.48 51.26
N GLY J 8 21.13 -3.65 52.49
CA GLY J 8 20.59 -2.95 53.64
C GLY J 8 19.70 -3.80 54.51
N GLY J 9 19.57 -5.09 54.21
CA GLY J 9 18.83 -5.98 55.07
C GLY J 9 19.72 -6.61 56.13
N GLY J 10 19.10 -7.26 57.12
CA GLY J 10 19.85 -7.83 58.22
C GLY J 10 18.93 -8.05 59.41
N LEU J 11 19.52 -8.50 60.51
CA LEU J 11 18.80 -8.77 61.74
C LEU J 11 18.62 -7.48 62.54
N VAL J 12 17.47 -7.37 63.21
CA VAL J 12 17.21 -6.26 64.13
C VAL J 12 16.12 -6.70 65.10
N GLN J 13 16.03 -5.99 66.22
CA GLN J 13 15.06 -6.31 67.24
C GLN J 13 13.65 -6.04 66.75
N PRO J 14 12.63 -6.58 67.42
CA PRO J 14 11.25 -6.19 67.08
C PRO J 14 10.98 -4.73 67.41
N GLY J 15 9.94 -4.19 66.78
CA GLY J 15 9.59 -2.79 66.94
C GLY J 15 10.51 -1.80 66.25
N GLY J 16 11.60 -2.26 65.65
CA GLY J 16 12.59 -1.37 65.06
C GLY J 16 12.26 -0.99 63.63
N SER J 17 13.06 -0.05 63.12
CA SER J 17 12.89 0.47 61.77
C SER J 17 14.12 0.10 60.93
N LEU J 18 13.87 -0.43 59.74
CA LEU J 18 14.92 -0.89 58.86
C LEU J 18 14.59 -0.41 57.45
N ARG J 19 15.53 0.26 56.80
CA ARG J 19 15.32 0.83 55.47
C ARG J 19 16.08 0.01 54.45
N LEU J 20 15.34 -0.70 53.60
CA LEU J 20 15.89 -1.63 52.64
C LEU J 20 16.00 -0.93 51.29
N SER J 21 17.14 -1.08 50.62
CA SER J 21 17.41 -0.39 49.37
C SER J 21 17.71 -1.40 48.28
N CYS J 22 17.50 -1.00 47.03
CA CYS J 22 17.70 -1.86 45.87
C CYS J 22 18.27 -1.05 44.72
N ALA J 23 19.26 -1.61 44.04
CA ALA J 23 19.94 -0.94 42.95
C ALA J 23 19.69 -1.71 41.65
N ALA J 24 19.26 -0.98 40.63
CA ALA J 24 18.86 -1.59 39.35
C ALA J 24 19.74 -1.08 38.23
N SER J 25 19.96 -1.93 37.24
CA SER J 25 20.70 -1.55 36.03
C SER J 25 20.29 -2.48 34.90
N GLY J 26 20.48 -2.00 33.68
CA GLY J 26 20.19 -2.78 32.50
C GLY J 26 18.90 -2.42 31.79
N PHE J 27 18.17 -1.42 32.27
CA PHE J 27 16.90 -1.04 31.69
C PHE J 27 16.59 0.38 32.10
N THR J 28 15.65 1.01 31.40
CA THR J 28 15.23 2.35 31.77
C THR J 28 14.31 2.23 32.96
N PHE J 29 14.73 2.77 34.10
CA PHE J 29 14.12 2.41 35.38
C PHE J 29 12.81 3.16 35.59
N SER J 30 12.73 4.40 35.13
CA SER J 30 11.52 5.19 35.37
C SER J 30 10.35 4.71 34.51
N THR J 31 10.60 3.78 33.59
CA THR J 31 9.53 3.29 32.74
C THR J 31 8.95 1.97 33.26
N TYR J 32 9.39 1.50 34.41
CA TYR J 32 8.88 0.24 34.93
C TYR J 32 8.32 0.40 36.34
N ALA J 33 7.30 -0.39 36.63
CA ALA J 33 6.76 -0.53 37.97
C ALA J 33 7.58 -1.57 38.72
N MET J 34 7.81 -1.32 40.01
CA MET J 34 8.69 -2.14 40.84
C MET J 34 7.93 -2.78 41.98
N ASN J 35 8.46 -3.90 42.48
CA ASN J 35 7.79 -4.73 43.48
C ASN J 35 8.77 -5.15 44.56
N TRP J 36 8.23 -5.44 45.75
CA TRP J 36 8.94 -6.13 46.82
C TRP J 36 8.19 -7.42 47.13
N VAL J 37 8.91 -8.55 47.10
CA VAL J 37 8.33 -9.85 47.37
C VAL J 37 9.08 -10.46 48.54
N ARG J 38 8.34 -11.18 49.39
CA ARG J 38 8.83 -11.64 50.68
C ARG J 38 8.56 -13.12 50.84
N GLN J 39 9.57 -13.87 51.28
CA GLN J 39 9.43 -15.31 51.55
C GLN J 39 9.97 -15.62 52.93
N ALA J 40 9.08 -16.02 53.84
CA ALA J 40 9.46 -16.48 55.16
C ALA J 40 10.06 -17.88 55.08
N PRO J 41 10.80 -18.31 56.09
CA PRO J 41 11.38 -19.65 56.07
C PRO J 41 10.32 -20.74 55.93
N GLY J 42 10.57 -21.67 55.01
CA GLY J 42 9.70 -22.82 54.86
C GLY J 42 8.34 -22.51 54.29
N LYS J 43 8.09 -21.28 53.85
CA LYS J 43 6.79 -20.88 53.38
C LYS J 43 6.92 -20.26 51.99
N GLY J 44 5.78 -20.14 51.31
CA GLY J 44 5.79 -19.64 49.95
C GLY J 44 6.07 -18.15 49.87
N LEU J 45 5.95 -17.62 48.67
CA LEU J 45 6.24 -16.21 48.44
C LEU J 45 5.04 -15.35 48.76
N GLU J 46 5.30 -14.15 49.26
CA GLU J 46 4.25 -13.20 49.60
C GLU J 46 4.58 -11.85 48.97
N TRP J 47 3.73 -11.41 48.05
CA TRP J 47 3.87 -10.07 47.49
C TRP J 47 3.58 -9.05 48.57
N VAL J 48 4.47 -8.09 48.73
CA VAL J 48 4.39 -7.11 49.80
C VAL J 48 3.96 -5.75 49.27
N ALA J 49 4.81 -5.10 48.49
CA ALA J 49 4.52 -3.76 48.03
C ALA J 49 4.84 -3.66 46.55
N GLY J 50 4.23 -2.67 45.90
CA GLY J 50 4.50 -2.38 44.52
C GLY J 50 4.27 -0.92 44.28
N ILE J 51 4.92 -0.37 43.27
CA ILE J 51 4.94 1.08 43.08
C ILE J 51 4.89 1.39 41.60
N SER J 52 4.10 2.39 41.24
CA SER J 52 4.00 2.86 39.86
C SER J 52 5.35 3.33 39.36
N ALA J 53 5.55 3.20 38.06
CA ALA J 53 6.76 3.72 37.43
C ALA J 53 6.97 5.20 37.77
N SER J 54 5.87 5.96 37.84
CA SER J 54 6.00 7.38 38.16
C SER J 54 6.27 7.59 39.64
N GLY J 55 5.85 6.65 40.48
CA GLY J 55 5.97 6.78 41.91
C GLY J 55 4.74 7.34 42.59
N GLY J 56 3.74 7.77 41.82
CA GLY J 56 2.59 8.43 42.42
C GLY J 56 1.60 7.45 42.99
N SER J 57 1.71 6.18 42.63
CA SER J 57 0.78 5.15 43.09
C SER J 57 1.56 4.01 43.70
N ALA J 58 1.28 3.71 44.96
CA ALA J 58 2.00 2.71 45.74
C ALA J 58 1.01 1.86 46.50
N TYR J 59 1.14 0.55 46.39
CA TYR J 59 0.22 -0.38 47.01
C TYR J 59 0.96 -1.32 47.94
N TYR J 60 0.21 -1.96 48.84
CA TYR J 60 0.77 -2.78 49.88
C TYR J 60 -0.15 -3.95 50.15
N VAL J 61 0.44 -5.04 50.68
CA VAL J 61 -0.39 -6.13 51.17
C VAL J 61 -1.13 -5.68 52.41
N ASP J 62 -2.22 -6.39 52.73
CA ASP J 62 -3.07 -5.98 53.83
C ASP J 62 -2.32 -5.94 55.16
N SER J 63 -1.39 -6.89 55.36
CA SER J 63 -0.78 -7.06 56.68
C SER J 63 0.17 -5.92 57.02
N VAL J 64 0.95 -5.45 56.06
CA VAL J 64 2.02 -4.51 56.36
C VAL J 64 1.55 -3.08 56.17
N GLU J 65 0.27 -2.89 55.86
CA GLU J 65 -0.22 -1.56 55.53
C GLU J 65 -0.01 -0.60 56.70
N GLY J 66 0.57 0.55 56.40
CA GLY J 66 0.85 1.57 57.38
C GLY J 66 2.20 1.41 58.03
N ARG J 67 2.72 0.17 58.06
CA ARG J 67 4.05 -0.05 58.62
C ARG J 67 5.14 0.18 57.60
N PHE J 68 4.96 -0.29 56.37
CA PHE J 68 6.00 -0.19 55.36
C PHE J 68 5.72 0.96 54.40
N THR J 69 6.78 1.60 53.94
CA THR J 69 6.70 2.64 52.92
C THR J 69 7.61 2.29 51.77
N ILE J 70 7.02 2.12 50.58
CA ILE J 70 7.77 1.86 49.37
C ILE J 70 7.99 3.19 48.65
N SER J 71 9.18 3.37 48.10
CA SER J 71 9.52 4.60 47.40
C SER J 71 10.63 4.31 46.41
N ARG J 72 10.79 5.20 45.44
CA ARG J 72 11.79 5.01 44.41
C ARG J 72 12.37 6.34 43.97
N ASP J 73 13.56 6.27 43.38
CA ASP J 73 14.25 7.45 42.85
C ASP J 73 14.64 7.16 41.41
N ASN J 74 14.05 7.90 40.48
CA ASN J 74 14.24 7.60 39.07
C ASN J 74 15.59 8.09 38.59
N SER J 75 16.16 9.10 39.24
CA SER J 75 17.48 9.57 38.85
C SER J 75 18.56 8.59 39.27
N ASN J 76 18.40 8.00 40.45
CA ASN J 76 19.45 7.17 41.04
C ASN J 76 19.27 5.68 40.79
N ASN J 77 18.25 5.27 40.03
CA ASN J 77 17.96 3.87 39.79
C ASN J 77 17.84 3.08 41.10
N MET J 78 17.18 3.68 42.09
CA MET J 78 17.12 3.10 43.42
C MET J 78 15.67 2.84 43.84
N LEU J 79 15.44 1.65 44.37
CA LEU J 79 14.16 1.28 44.96
C LEU J 79 14.35 1.11 46.46
N TYR J 80 13.48 1.74 47.24
CA TYR J 80 13.57 1.75 48.68
C TYR J 80 12.37 1.07 49.29
N LEU J 81 12.60 0.30 50.35
CA LEU J 81 11.53 -0.20 51.21
C LEU J 81 11.93 0.07 52.66
N GLN J 82 11.24 1.01 53.30
CA GLN J 82 11.54 1.30 54.69
C GLN J 82 10.45 0.75 55.59
N MET J 83 10.87 0.09 56.65
CA MET J 83 9.95 -0.63 57.52
C MET J 83 9.90 0.05 58.88
N ASN J 84 8.72 0.03 59.49
CA ASN J 84 8.53 0.49 60.84
C ASN J 84 7.77 -0.57 61.61
N SER J 85 8.04 -0.67 62.91
CA SER J 85 7.33 -1.58 63.80
C SER J 85 7.42 -3.02 63.32
N LEU J 86 8.62 -3.59 63.33
CA LEU J 86 8.82 -4.95 62.85
C LEU J 86 8.29 -5.96 63.86
N ARG J 87 7.99 -7.16 63.36
CA ARG J 87 7.27 -8.16 64.12
C ARG J 87 7.91 -9.52 63.92
N ALA J 88 7.49 -10.47 64.76
CA ALA J 88 8.04 -11.82 64.70
C ALA J 88 7.83 -12.43 63.31
N GLU J 89 6.72 -12.07 62.65
CA GLU J 89 6.39 -12.67 61.37
C GLU J 89 6.84 -11.84 60.17
N ASP J 90 7.53 -10.73 60.39
CA ASP J 90 8.07 -9.97 59.27
C ASP J 90 9.40 -10.54 58.79
N THR J 91 9.97 -11.46 59.56
CA THR J 91 11.27 -12.03 59.23
C THR J 91 11.18 -12.87 57.96
N ALA J 92 12.02 -12.53 56.98
CA ALA J 92 12.01 -13.25 55.71
C ALA J 92 13.16 -12.77 54.83
N VAL J 93 13.18 -13.30 53.61
CA VAL J 93 14.04 -12.81 52.53
C VAL J 93 13.22 -11.84 51.69
N TYR J 94 13.84 -10.73 51.29
CA TYR J 94 13.14 -9.68 50.54
C TYR J 94 13.75 -9.55 49.15
N TYR J 95 12.89 -9.66 48.13
CA TYR J 95 13.29 -9.64 46.73
C TYR J 95 12.90 -8.32 46.08
N CYS J 96 13.78 -7.79 45.25
CA CYS J 96 13.41 -6.79 44.26
C CYS J 96 12.79 -7.54 43.09
N ALA J 97 11.88 -6.89 42.38
CA ALA J 97 11.31 -7.47 41.17
C ALA J 97 10.87 -6.37 40.22
N LYS J 98 10.94 -6.67 38.93
CA LYS J 98 10.65 -5.71 37.87
C LYS J 98 9.49 -6.23 37.03
N ALA J 99 8.56 -5.35 36.70
CA ALA J 99 7.45 -5.73 35.83
C ALA J 99 7.97 -6.01 34.42
N VAL J 100 7.29 -6.92 33.72
CA VAL J 100 7.74 -7.32 32.40
C VAL J 100 7.35 -6.32 31.32
N TYR J 101 6.43 -5.41 31.60
CA TYR J 101 6.00 -4.40 30.65
C TYR J 101 6.46 -3.02 31.10
N ALA J 102 6.97 -2.23 30.16
CA ALA J 102 7.17 -0.81 30.38
C ALA J 102 5.83 -0.07 30.19
N ILE J 103 5.75 1.14 30.74
CA ILE J 103 4.48 1.87 30.73
C ILE J 103 4.00 2.10 29.30
N THR J 104 4.92 2.25 28.36
CA THR J 104 4.58 2.29 26.95
C THR J 104 5.45 1.30 26.19
N MET J 105 4.83 0.59 25.24
CA MET J 105 5.48 -0.45 24.45
C MET J 105 5.11 -0.27 22.99
N VAL J 106 6.08 -0.51 22.11
CA VAL J 106 5.86 -0.44 20.67
C VAL J 106 6.01 -1.84 20.10
N ARG J 107 4.97 -2.30 19.40
CA ARG J 107 5.02 -3.57 18.70
C ARG J 107 4.33 -3.41 17.36
N GLY J 108 5.08 -3.56 16.28
CA GLY J 108 4.50 -3.41 14.95
C GLY J 108 4.08 -1.99 14.68
N SER J 109 2.82 -1.83 14.29
CA SER J 109 2.24 -0.52 14.04
C SER J 109 1.53 0.04 15.27
N ILE J 110 1.66 -0.62 16.42
CA ILE J 110 0.82 -0.35 17.58
C ILE J 110 1.69 0.11 18.75
N THR J 111 1.23 1.14 19.44
CA THR J 111 1.83 1.61 20.69
C THR J 111 0.82 1.39 21.80
N THR J 112 1.24 0.77 22.90
CA THR J 112 0.34 0.37 23.96
C THR J 112 0.75 1.00 25.28
N ASN J 113 -0.24 1.44 26.04
CA ASN J 113 -0.05 1.96 27.39
C ASN J 113 -0.26 0.83 28.39
N TYR J 114 0.76 0.54 29.20
CA TYR J 114 0.60 -0.40 30.32
C TYR J 114 0.83 0.35 31.62
N TYR J 115 -0.25 0.74 32.30
CA TYR J 115 -0.14 1.42 33.58
C TYR J 115 -0.62 0.60 34.77
N HIS J 116 -1.01 -0.64 34.56
CA HIS J 116 -1.43 -1.51 35.65
C HIS J 116 -0.23 -2.25 36.23
N TYR J 117 -0.47 -3.28 37.02
CA TYR J 117 0.58 -4.08 37.62
C TYR J 117 0.66 -5.42 36.92
N TYR J 118 1.88 -5.87 36.63
CA TYR J 118 2.09 -6.98 35.72
C TYR J 118 3.04 -8.00 36.33
N ALA J 119 3.12 -9.15 35.69
CA ALA J 119 3.99 -10.23 36.13
C ALA J 119 5.44 -9.76 36.19
N MET J 120 6.21 -10.35 37.10
CA MET J 120 7.54 -9.87 37.44
C MET J 120 8.57 -10.65 36.63
N ASP J 121 9.27 -9.95 35.73
CA ASP J 121 10.16 -10.58 34.77
C ASP J 121 11.51 -10.89 35.38
N VAL J 122 12.08 -9.95 36.12
CA VAL J 122 13.43 -10.07 36.66
C VAL J 122 13.36 -9.98 38.16
N TRP J 123 14.26 -10.68 38.85
CA TRP J 123 14.29 -10.73 40.30
C TRP J 123 15.68 -10.35 40.79
N GLY J 124 15.75 -9.75 41.96
CA GLY J 124 16.99 -9.70 42.69
C GLY J 124 17.24 -10.99 43.45
N GLN J 125 18.42 -11.08 44.08
CA GLN J 125 18.81 -12.33 44.71
C GLN J 125 18.13 -12.54 46.05
N GLY J 126 17.73 -11.45 46.69
CA GLY J 126 17.15 -11.49 48.02
C GLY J 126 18.15 -11.10 49.09
N THR J 127 17.63 -10.45 50.12
CA THR J 127 18.42 -10.03 51.27
C THR J 127 17.61 -10.27 52.53
N THR J 128 18.23 -10.96 53.49
CA THR J 128 17.51 -11.48 54.64
C THR J 128 17.31 -10.39 55.69
N VAL J 129 16.13 -10.39 56.30
CA VAL J 129 15.79 -9.52 57.41
C VAL J 129 15.25 -10.39 58.53
N THR J 130 15.89 -10.32 59.70
CA THR J 130 15.48 -11.14 60.84
C THR J 130 15.03 -10.22 61.97
N VAL J 131 13.85 -10.49 62.49
CA VAL J 131 13.28 -9.64 63.53
C VAL J 131 13.27 -10.37 64.87
N GLU K 1 -8.68 -9.68 48.94
CA GLU K 1 -7.71 -10.59 48.36
C GLU K 1 -8.45 -11.79 47.80
N ILE K 2 -8.31 -12.05 46.50
CA ILE K 2 -8.92 -13.22 45.89
C ILE K 2 -7.86 -14.30 45.80
N VAL K 3 -8.25 -15.54 46.07
CA VAL K 3 -7.32 -16.57 46.49
C VAL K 3 -6.96 -17.50 45.34
N LEU K 4 -5.69 -17.90 45.29
CA LEU K 4 -5.22 -18.95 44.40
C LEU K 4 -4.89 -20.20 45.21
N THR K 5 -5.44 -21.33 44.77
CA THR K 5 -5.18 -22.60 45.43
C THR K 5 -4.50 -23.52 44.42
N GLN K 6 -3.39 -24.11 44.82
CA GLN K 6 -2.68 -25.01 43.92
C GLN K 6 -3.07 -26.46 44.18
N SER K 7 -3.87 -27.02 43.28
CA SER K 7 -4.34 -28.40 43.39
C SER K 7 -3.19 -29.38 43.16
N PRO K 8 -3.31 -30.57 43.75
CA PRO K 8 -2.31 -31.63 43.66
C PRO K 8 -0.88 -31.14 43.90
N GLY K 9 -0.71 -30.40 44.99
CA GLY K 9 0.57 -29.85 45.40
C GLY K 9 1.51 -30.90 45.97
N THR K 10 2.80 -30.58 46.02
CA THR K 10 3.85 -31.47 46.56
C THR K 10 3.87 -32.85 45.90
N LEU K 11 3.70 -32.85 44.58
CA LEU K 11 3.64 -34.07 43.79
C LEU K 11 4.97 -34.61 43.24
N SER K 12 5.10 -35.93 43.22
CA SER K 12 6.27 -36.60 42.67
C SER K 12 5.92 -37.49 41.49
N LEU K 13 6.64 -37.31 40.38
CA LEU K 13 6.45 -38.11 39.17
C LEU K 13 7.81 -38.46 38.62
N SER K 14 7.92 -39.61 37.95
CA SER K 14 9.21 -40.02 37.42
C SER K 14 9.64 -39.09 36.28
N PRO K 15 10.95 -38.90 36.09
CA PRO K 15 11.41 -38.02 35.01
C PRO K 15 11.06 -38.58 33.63
N GLY K 16 10.86 -37.66 32.70
CA GLY K 16 10.40 -37.99 31.37
C GLY K 16 8.90 -38.08 31.22
N GLU K 17 8.15 -37.78 32.27
CA GLU K 17 6.70 -37.89 32.28
C GLU K 17 6.07 -36.51 32.19
N ARG K 18 4.88 -36.45 31.58
CA ARG K 18 4.14 -35.20 31.51
C ARG K 18 3.77 -34.73 32.90
N ALA K 19 3.93 -33.43 33.15
CA ALA K 19 3.55 -32.81 34.41
C ALA K 19 2.44 -31.80 34.15
N THR K 20 1.32 -31.95 34.84
CA THR K 20 0.19 -31.06 34.70
C THR K 20 -0.15 -30.46 36.06
N LEU K 21 -0.09 -29.13 36.13
CA LEU K 21 -0.35 -28.40 37.37
C LEU K 21 -1.61 -27.57 37.17
N SER K 22 -2.33 -27.32 38.26
CA SER K 22 -3.60 -26.60 38.21
C SER K 22 -3.67 -25.59 39.34
N CYS K 23 -3.89 -24.33 38.98
CA CYS K 23 -4.11 -23.26 39.93
C CYS K 23 -5.53 -22.75 39.78
N ARG K 24 -6.26 -22.73 40.88
CA ARG K 24 -7.68 -22.43 40.88
C ARG K 24 -7.92 -21.10 41.60
N ALA K 25 -8.67 -20.22 40.95
CA ALA K 25 -8.96 -18.89 41.47
C ALA K 25 -10.37 -18.87 42.04
N SER K 26 -10.53 -18.28 43.22
CA SER K 26 -11.86 -18.16 43.80
C SER K 26 -12.71 -17.17 43.02
N GLN K 27 -12.07 -16.22 42.36
CA GLN K 27 -12.73 -15.21 41.56
C GLN K 27 -12.11 -15.22 40.17
N GLY K 28 -12.92 -14.88 39.17
CA GLY K 28 -12.39 -14.80 37.82
C GLY K 28 -11.20 -13.87 37.75
N VAL K 29 -10.23 -14.23 36.91
CA VAL K 29 -9.00 -13.45 36.82
C VAL K 29 -9.07 -12.56 35.58
N SER K 30 -9.01 -11.26 35.80
CA SER K 30 -9.42 -10.27 34.81
C SER K 30 -8.46 -10.29 33.63
N SER K 31 -9.02 -10.52 32.43
CA SER K 31 -8.27 -10.56 31.17
C SER K 31 -7.02 -11.44 31.29
N ASN K 32 -7.23 -12.66 31.78
CA ASN K 32 -6.12 -13.53 32.14
C ASN K 32 -5.24 -12.81 33.14
N TYR K 33 -4.01 -12.50 32.77
CA TYR K 33 -3.04 -11.89 33.69
C TYR K 33 -2.74 -12.80 34.88
N LEU K 34 -2.37 -14.04 34.57
CA LEU K 34 -1.85 -14.97 35.57
C LEU K 34 -0.40 -15.27 35.22
N ALA K 35 0.40 -15.65 36.21
CA ALA K 35 1.82 -15.87 36.00
C ALA K 35 2.28 -17.10 36.77
N TRP K 36 3.11 -17.90 36.11
CA TRP K 36 3.74 -19.08 36.71
C TRP K 36 5.21 -18.79 36.99
N TYR K 37 5.63 -19.06 38.22
CA TYR K 37 7.01 -18.88 38.63
C TYR K 37 7.60 -20.20 39.12
N GLN K 38 8.86 -20.41 38.82
CA GLN K 38 9.62 -21.55 39.34
C GLN K 38 10.67 -21.06 40.32
N GLN K 39 10.72 -21.69 41.49
CA GLN K 39 11.79 -21.43 42.45
C GLN K 39 12.52 -22.72 42.77
N LYS K 40 13.85 -22.63 42.85
CA LYS K 40 14.72 -23.74 43.20
C LYS K 40 15.37 -23.46 44.54
N PRO K 41 15.76 -24.50 45.28
CA PRO K 41 16.28 -24.29 46.63
C PRO K 41 17.44 -23.31 46.66
N GLY K 42 17.40 -22.38 47.61
CA GLY K 42 18.41 -21.35 47.72
C GLY K 42 18.65 -20.58 46.44
N GLN K 43 17.59 -20.24 45.72
CA GLN K 43 17.72 -19.60 44.43
C GLN K 43 16.50 -18.70 44.21
N ALA K 44 16.74 -17.55 43.56
CA ALA K 44 15.67 -16.60 43.34
C ALA K 44 14.64 -17.16 42.36
N PRO K 45 13.36 -16.88 42.58
CA PRO K 45 12.33 -17.42 41.70
C PRO K 45 12.49 -16.93 40.27
N ARG K 46 11.86 -17.65 39.35
CA ARG K 46 12.07 -17.45 37.92
C ARG K 46 10.74 -17.45 37.19
N LEU K 47 10.55 -16.48 36.30
CA LEU K 47 9.30 -16.33 35.55
C LEU K 47 9.27 -17.39 34.47
N LEU K 48 8.12 -18.04 34.31
CA LEU K 48 7.93 -19.04 33.28
C LEU K 48 6.92 -18.55 32.25
N ILE K 49 5.67 -18.42 32.68
CA ILE K 49 4.57 -18.00 31.82
C ILE K 49 3.96 -16.76 32.45
N TYR K 50 3.69 -15.75 31.63
CA TYR K 50 2.92 -14.60 32.07
C TYR K 50 1.68 -14.48 31.19
N ASP K 51 0.64 -13.87 31.73
CA ASP K 51 -0.71 -13.95 31.18
C ASP K 51 -1.14 -15.41 31.12
N ALA K 52 -1.77 -15.84 30.04
CA ALA K 52 -2.22 -17.21 30.00
C ALA K 52 -1.15 -18.12 29.42
N SER K 53 -0.89 -18.01 28.12
CA SER K 53 0.05 -18.86 27.42
C SER K 53 1.42 -18.26 27.17
N ASN K 54 1.71 -17.05 27.64
CA ASN K 54 2.83 -16.31 27.08
C ASN K 54 4.13 -16.64 27.81
N ARG K 55 5.08 -17.18 27.06
CA ARG K 55 6.32 -17.73 27.61
C ARG K 55 7.40 -16.65 27.65
N ALA K 56 8.11 -16.61 28.78
CA ALA K 56 9.22 -15.68 28.95
C ALA K 56 10.40 -16.04 28.05
N THR K 57 11.31 -15.08 27.89
CA THR K 57 12.32 -15.14 26.84
C THR K 57 13.24 -16.34 26.99
N GLY K 58 13.98 -16.43 28.10
CA GLY K 58 15.04 -17.41 28.18
C GLY K 58 14.55 -18.79 28.58
N ILE K 59 13.26 -19.03 28.41
CA ILE K 59 12.65 -20.23 29.00
C ILE K 59 12.68 -21.38 28.01
N PRO K 60 12.94 -22.61 28.45
CA PRO K 60 12.85 -23.76 27.55
C PRO K 60 11.51 -23.82 26.85
N ASP K 61 11.52 -24.42 25.66
CA ASP K 61 10.31 -24.45 24.84
C ASP K 61 9.34 -25.53 25.30
N ARG K 62 9.74 -26.35 26.26
CA ARG K 62 8.89 -27.45 26.69
C ARG K 62 7.85 -26.99 27.70
N PHE K 63 8.00 -25.79 28.22
CA PHE K 63 7.04 -25.27 29.17
C PHE K 63 5.85 -24.63 28.45
N SER K 64 4.65 -24.93 28.93
CA SER K 64 3.44 -24.42 28.32
C SER K 64 2.48 -23.97 29.40
N GLY K 65 1.52 -23.16 29.01
CA GLY K 65 0.49 -22.71 29.93
C GLY K 65 -0.80 -22.37 29.21
N SER K 66 -1.91 -22.47 29.93
CA SER K 66 -3.22 -22.13 29.39
C SER K 66 -4.16 -21.90 30.55
N GLY K 67 -5.25 -21.19 30.29
CA GLY K 67 -6.31 -21.08 31.26
C GLY K 67 -7.22 -19.92 30.95
N SER K 68 -8.39 -19.92 31.58
CA SER K 68 -9.34 -18.84 31.46
C SER K 68 -10.23 -18.86 32.69
N GLY K 69 -10.79 -17.71 33.01
CA GLY K 69 -11.70 -17.66 34.14
C GLY K 69 -11.01 -17.98 35.44
N THR K 70 -11.51 -19.00 36.12
CA THR K 70 -10.99 -19.44 37.41
C THR K 70 -10.05 -20.63 37.34
N ASP K 71 -9.75 -21.16 36.15
CA ASP K 71 -8.99 -22.40 36.03
C ASP K 71 -7.78 -22.19 35.13
N PHE K 72 -6.59 -22.42 35.67
CA PHE K 72 -5.35 -22.23 34.92
C PHE K 72 -4.45 -23.46 35.01
N THR K 73 -3.81 -23.79 33.90
CA THR K 73 -2.94 -24.96 33.87
C THR K 73 -1.51 -24.65 33.44
N LEU K 74 -0.56 -25.16 34.21
CA LEU K 74 0.84 -25.02 33.89
C LEU K 74 1.26 -26.43 33.51
N THR K 75 1.80 -26.59 32.31
CA THR K 75 2.19 -27.92 31.84
C THR K 75 3.66 -28.05 31.51
N ILE K 76 4.23 -29.21 31.85
CA ILE K 76 5.62 -29.48 31.56
C ILE K 76 5.68 -30.78 30.77
N SER K 77 6.11 -30.70 29.52
CA SER K 77 6.24 -31.87 28.67
C SER K 77 7.71 -32.21 28.50
N ARG K 78 7.99 -33.51 28.35
CA ARG K 78 9.35 -34.01 28.23
C ARG K 78 10.18 -33.60 29.46
N LEU K 79 9.66 -33.99 30.63
CA LEU K 79 10.25 -33.63 31.90
C LEU K 79 11.74 -33.97 31.97
N GLU K 80 12.52 -33.12 32.63
CA GLU K 80 13.95 -33.25 32.75
C GLU K 80 14.38 -33.07 34.19
N PRO K 81 15.66 -33.28 34.52
CA PRO K 81 16.07 -33.20 35.94
C PRO K 81 16.00 -31.81 36.55
N GLU K 82 16.37 -30.76 35.82
CA GLU K 82 16.34 -29.42 36.40
C GLU K 82 14.93 -28.94 36.70
N ASP K 83 13.91 -29.65 36.25
CA ASP K 83 12.53 -29.24 36.42
C ASP K 83 11.96 -29.61 37.78
N PHE K 84 12.77 -30.18 38.67
CA PHE K 84 12.32 -30.48 40.04
C PHE K 84 12.48 -29.22 40.87
N ALA K 85 11.37 -28.71 41.41
CA ALA K 85 11.34 -27.42 42.08
C ALA K 85 9.93 -27.15 42.58
N VAL K 86 9.80 -26.03 43.28
CA VAL K 86 8.49 -25.58 43.76
C VAL K 86 7.94 -24.57 42.77
N TYR K 87 6.65 -24.71 42.45
CA TYR K 87 6.00 -23.88 41.45
C TYR K 87 4.93 -23.00 42.08
N TYR K 88 4.66 -21.87 41.43
CA TYR K 88 3.73 -20.88 41.96
C TYR K 88 2.89 -20.30 40.83
N CYS K 89 1.69 -19.85 41.18
CA CYS K 89 0.85 -19.08 40.29
C CYS K 89 0.64 -17.68 40.88
N GLN K 90 0.78 -16.66 40.04
CA GLN K 90 0.63 -15.26 40.44
C GLN K 90 -0.56 -14.66 39.69
N GLN K 91 -1.37 -13.89 40.40
CA GLN K 91 -2.52 -13.20 39.82
C GLN K 91 -2.31 -11.69 39.90
N TYR K 92 -2.04 -11.06 38.76
CA TYR K 92 -1.97 -9.62 38.65
C TYR K 92 -3.21 -9.00 37.98
N GLY K 93 -4.22 -9.81 37.66
CA GLY K 93 -5.31 -9.31 36.84
C GLY K 93 -6.23 -8.34 37.55
N SER K 94 -6.25 -8.39 38.87
CA SER K 94 -7.08 -7.45 39.61
C SER K 94 -6.26 -6.26 40.06
N SER K 95 -6.89 -5.39 40.84
CA SER K 95 -6.13 -4.42 41.58
C SER K 95 -5.32 -5.14 42.65
N PRO K 96 -4.16 -4.59 43.04
CA PRO K 96 -3.35 -5.14 44.13
C PRO K 96 -4.12 -5.20 45.42
N PRO K 97 -3.72 -6.07 46.37
CA PRO K 97 -2.48 -6.86 46.42
C PRO K 97 -2.39 -7.97 45.39
N LEU K 98 -1.24 -8.03 44.71
CA LEU K 98 -0.91 -9.22 43.95
C LEU K 98 -0.71 -10.36 44.94
N THR K 99 -1.33 -11.51 44.68
CA THR K 99 -1.23 -12.64 45.59
C THR K 99 -0.74 -13.86 44.86
N PHE K 100 0.29 -14.49 45.41
CA PHE K 100 0.77 -15.76 44.90
C PHE K 100 -0.16 -16.89 45.32
N GLY K 101 -0.14 -17.97 44.55
CA GLY K 101 -0.72 -19.22 45.00
C GLY K 101 0.06 -19.80 46.16
N GLY K 102 -0.51 -20.82 46.78
CA GLY K 102 0.08 -21.39 47.98
C GLY K 102 1.44 -22.02 47.74
N GLY K 103 1.70 -22.43 46.51
CA GLY K 103 2.91 -23.14 46.18
C GLY K 103 2.69 -24.63 46.03
N THR K 104 3.43 -25.22 45.11
CA THR K 104 3.29 -26.63 44.78
C THR K 104 4.67 -27.20 44.45
N LYS K 105 4.91 -28.42 44.93
CA LYS K 105 6.24 -29.02 44.88
C LYS K 105 6.21 -30.24 43.98
N VAL K 106 7.21 -30.36 43.12
CA VAL K 106 7.32 -31.46 42.17
C VAL K 106 8.57 -32.26 42.50
N GLN K 107 8.38 -33.51 42.90
CA GLN K 107 9.45 -34.39 43.35
C GLN K 107 9.93 -35.27 42.21
N ILE K 108 10.81 -36.21 42.54
CA ILE K 108 11.41 -37.12 41.57
C ILE K 108 10.52 -38.34 41.35
N ASP L 17 -11.15 12.44 -14.75
CA ASP L 17 -12.18 12.89 -13.83
C ASP L 17 -11.94 12.45 -12.40
N GLY L 18 -11.90 11.14 -12.16
CA GLY L 18 -11.62 10.64 -10.83
C GLY L 18 -11.09 9.22 -10.85
N VAL L 19 -10.39 8.87 -9.77
CA VAL L 19 -9.87 7.52 -9.61
C VAL L 19 -10.99 6.51 -9.49
N GLY L 20 -12.01 6.81 -8.70
CA GLY L 20 -13.04 5.82 -8.43
C GLY L 20 -14.16 5.82 -9.44
N SER L 21 -14.04 6.62 -10.48
CA SER L 21 -15.07 6.71 -11.49
C SER L 21 -14.58 6.11 -12.79
N SER L 22 -15.49 5.57 -13.56
CA SER L 22 -15.16 4.96 -14.84
C SER L 22 -15.27 5.98 -15.96
N SER L 23 -14.34 5.92 -16.90
CA SER L 23 -14.27 6.88 -17.99
C SER L 23 -14.91 6.37 -19.28
N GLY L 24 -15.48 5.18 -19.28
CA GLY L 24 -16.19 4.70 -20.44
C GLY L 24 -16.90 3.40 -20.17
N ASN L 25 -17.80 3.06 -21.07
CA ASN L 25 -18.61 1.86 -20.98
C ASN L 25 -18.31 0.97 -22.17
N TRP L 26 -18.66 -0.30 -22.02
CA TRP L 26 -18.39 -1.31 -23.03
C TRP L 26 -19.43 -1.25 -24.14
N HIS L 27 -18.99 -1.11 -25.38
CA HIS L 27 -19.92 -1.12 -26.51
C HIS L 27 -19.44 -2.13 -27.55
N CYS L 28 -20.15 -3.24 -27.68
CA CYS L 28 -20.03 -4.13 -28.83
C CYS L 28 -21.42 -4.34 -29.38
N ASP L 29 -21.62 -3.99 -30.63
CA ASP L 29 -22.96 -4.05 -31.17
C ASP L 29 -22.83 -4.01 -32.68
N SER L 30 -23.89 -4.39 -33.36
CA SER L 30 -24.08 -3.99 -34.74
C SER L 30 -25.46 -3.40 -34.87
N GLN L 31 -25.60 -2.39 -35.71
CA GLN L 31 -26.87 -1.75 -35.94
C GLN L 31 -27.09 -1.70 -37.45
N TRP L 32 -28.09 -2.43 -37.92
CA TRP L 32 -28.39 -2.51 -39.34
C TRP L 32 -29.56 -1.59 -39.62
N LEU L 33 -29.29 -0.47 -40.27
CA LEU L 33 -30.32 0.52 -40.55
C LEU L 33 -30.34 0.77 -42.04
N GLY L 34 -31.29 0.18 -42.75
CA GLY L 34 -31.41 0.51 -44.15
C GLY L 34 -30.17 0.23 -44.97
N ASP L 35 -29.64 1.31 -45.53
CA ASP L 35 -28.49 1.28 -46.43
C ASP L 35 -27.17 1.40 -45.70
N ARG L 36 -27.19 1.27 -44.38
CA ARG L 36 -25.95 1.36 -43.65
C ARG L 36 -25.91 0.48 -42.44
N VAL L 37 -24.70 0.09 -42.09
CA VAL L 37 -24.45 -0.73 -40.90
C VAL L 37 -23.49 0.06 -40.03
N ILE L 38 -23.66 -0.03 -38.72
CA ILE L 38 -22.72 0.56 -37.78
C ILE L 38 -22.23 -0.55 -36.88
N THR L 39 -20.93 -0.79 -36.90
CA THR L 39 -20.31 -1.76 -36.02
C THR L 39 -19.65 -1.02 -34.86
N THR L 40 -19.67 -1.63 -33.69
CA THR L 40 -18.88 -1.13 -32.58
C THR L 40 -18.28 -2.32 -31.86
N SER L 41 -17.03 -2.18 -31.48
CA SER L 41 -16.27 -3.24 -30.83
C SER L 41 -15.48 -2.66 -29.68
N THR L 42 -15.51 -3.34 -28.54
CA THR L 42 -14.69 -3.01 -27.41
C THR L 42 -13.77 -4.19 -27.13
N ARG L 43 -12.51 -3.90 -26.83
CA ARG L 43 -11.56 -4.93 -26.44
C ARG L 43 -10.79 -4.44 -25.24
N THR L 44 -10.09 -5.35 -24.59
CA THR L 44 -9.18 -5.02 -23.52
C THR L 44 -7.75 -5.22 -23.99
N TRP L 45 -6.93 -4.20 -23.78
CA TRP L 45 -5.57 -4.18 -24.27
C TRP L 45 -4.59 -4.12 -23.10
N ALA L 46 -3.35 -4.48 -23.40
CA ALA L 46 -2.23 -4.37 -22.47
C ALA L 46 -1.04 -3.81 -23.22
N LEU L 47 -0.46 -2.74 -22.69
CA LEU L 47 0.70 -2.09 -23.29
C LEU L 47 1.92 -2.30 -22.41
N PRO L 48 2.95 -2.98 -22.86
CA PRO L 48 4.19 -3.03 -22.09
C PRO L 48 5.05 -1.81 -22.28
N THR L 49 6.17 -1.76 -21.60
CA THR L 49 7.25 -0.86 -21.98
C THR L 49 8.13 -1.56 -22.99
N TYR L 50 8.25 -0.98 -24.18
CA TYR L 50 9.10 -1.52 -25.22
C TYR L 50 10.45 -0.83 -25.21
N ASN L 51 11.51 -1.61 -25.44
CA ASN L 51 12.90 -1.17 -25.50
C ASN L 51 13.36 -0.48 -24.23
N ASN L 52 12.65 -0.66 -23.12
CA ASN L 52 12.92 0.07 -21.89
C ASN L 52 13.14 1.57 -22.17
N HIS L 53 12.20 2.16 -22.90
CA HIS L 53 12.13 3.59 -23.20
C HIS L 53 13.23 4.07 -24.15
N LEU L 54 13.70 3.20 -25.03
CA LEU L 54 14.75 3.61 -25.96
C LEU L 54 14.28 3.56 -27.41
N TYR L 55 14.81 4.46 -28.20
CA TYR L 55 14.86 4.31 -29.65
C TYR L 55 16.13 3.56 -30.01
N LYS L 56 16.03 2.60 -30.90
CA LYS L 56 17.21 1.86 -31.33
C LYS L 56 17.24 1.69 -32.83
N GLN L 57 18.39 2.01 -33.41
CA GLN L 57 18.71 1.61 -34.78
C GLN L 57 18.77 0.10 -34.90
N ILE L 58 18.02 -0.45 -35.84
CA ILE L 58 18.04 -1.87 -36.17
C ILE L 58 18.44 -2.02 -37.63
N SER L 59 18.97 -3.18 -37.95
CA SER L 59 19.30 -3.48 -39.33
C SER L 59 19.35 -4.99 -39.48
N ASN L 60 19.60 -5.44 -40.70
CA ASN L 60 19.70 -6.87 -40.94
C ASN L 60 20.96 -7.43 -40.31
N SER L 61 21.92 -6.57 -40.02
CA SER L 61 23.12 -7.01 -39.30
C SER L 61 22.87 -7.14 -37.81
N THR L 62 22.06 -6.24 -37.23
CA THR L 62 21.67 -6.41 -35.84
C THR L 62 20.83 -7.67 -35.70
N SER L 63 20.14 -8.06 -36.77
CA SER L 63 19.47 -9.36 -36.81
C SER L 63 20.41 -10.48 -37.22
N GLY L 64 21.27 -10.24 -38.20
CA GLY L 64 22.25 -11.22 -38.63
C GLY L 64 22.03 -11.83 -40.01
N GLY L 65 20.90 -11.58 -40.67
CA GLY L 65 20.69 -12.08 -42.01
C GLY L 65 21.54 -11.35 -43.03
N SER L 66 22.16 -12.10 -43.94
CA SER L 66 23.15 -11.54 -44.85
C SER L 66 22.69 -11.27 -46.28
N SER L 67 21.48 -11.65 -46.67
CA SER L 67 21.18 -11.65 -48.10
C SER L 67 20.73 -10.28 -48.59
N ASN L 68 21.17 -9.95 -49.81
CA ASN L 68 20.90 -8.63 -50.37
C ASN L 68 19.41 -8.35 -50.49
N ASP L 69 18.64 -9.35 -50.89
CA ASP L 69 17.20 -9.16 -51.03
C ASP L 69 16.55 -8.82 -49.70
N ASN L 70 17.15 -9.25 -48.60
CA ASN L 70 16.57 -9.08 -47.29
C ASN L 70 17.16 -7.92 -46.47
N ALA L 71 18.07 -7.13 -47.03
CA ALA L 71 18.73 -6.10 -46.23
C ALA L 71 17.79 -4.96 -45.86
N TYR L 72 17.99 -4.38 -44.69
CA TYR L 72 17.16 -3.26 -44.26
C TYR L 72 17.89 -2.39 -43.26
N PHE L 73 17.35 -1.20 -43.06
CA PHE L 73 17.84 -0.24 -42.09
C PHE L 73 16.64 0.47 -41.48
N GLY L 74 16.63 0.66 -40.18
CA GLY L 74 15.49 1.30 -39.60
C GLY L 74 15.64 1.53 -38.11
N TYR L 75 14.50 1.72 -37.47
CA TYR L 75 14.46 2.04 -36.05
C TYR L 75 13.33 1.30 -35.39
N SER L 76 13.53 0.95 -34.14
CA SER L 76 12.46 0.52 -33.27
C SER L 76 12.23 1.62 -32.24
N THR L 77 10.98 1.81 -31.83
CA THR L 77 10.63 2.90 -30.96
C THR L 77 10.03 2.37 -29.68
N PRO L 78 10.01 3.17 -28.62
CA PRO L 78 9.32 2.74 -27.40
C PRO L 78 7.81 2.67 -27.53
N TRP L 79 7.23 3.24 -28.57
CA TRP L 79 5.80 3.38 -28.72
C TRP L 79 5.15 2.09 -29.23
N GLY L 80 3.87 1.93 -28.88
CA GLY L 80 3.00 0.97 -29.53
C GLY L 80 1.97 1.65 -30.41
N TYR L 81 1.17 0.88 -31.13
CA TYR L 81 0.13 1.43 -31.97
C TYR L 81 -1.06 0.49 -32.00
N PHE L 82 -2.24 1.06 -32.23
CA PHE L 82 -3.46 0.29 -32.37
C PHE L 82 -3.70 -0.07 -33.82
N ASP L 83 -4.14 -1.30 -34.04
CA ASP L 83 -4.42 -1.84 -35.36
C ASP L 83 -5.80 -2.50 -35.36
N PHE L 84 -6.77 -1.85 -35.99
CA PHE L 84 -8.09 -2.42 -36.22
C PHE L 84 -8.33 -2.77 -37.69
N ASN L 85 -7.27 -2.93 -38.49
CA ASN L 85 -7.33 -2.98 -39.95
C ASN L 85 -7.72 -4.35 -40.51
N ARG L 86 -8.34 -5.20 -39.72
CA ARG L 86 -8.91 -6.42 -40.29
C ARG L 86 -10.43 -6.41 -40.11
N PHE L 87 -11.13 -7.11 -41.01
CA PHE L 87 -12.60 -7.08 -40.98
C PHE L 87 -13.17 -7.77 -39.77
N HIS L 88 -12.52 -8.81 -39.25
CA HIS L 88 -13.09 -9.45 -38.09
C HIS L 88 -12.95 -8.61 -36.84
N CYS L 89 -12.22 -7.50 -36.90
CA CYS L 89 -12.25 -6.58 -35.78
C CYS L 89 -13.64 -5.98 -35.62
N HIS L 90 -14.32 -5.77 -36.74
CA HIS L 90 -15.60 -5.10 -36.73
C HIS L 90 -16.81 -5.99 -36.96
N PHE L 91 -16.64 -7.19 -37.49
CA PHE L 91 -17.78 -8.01 -37.84
C PHE L 91 -17.68 -9.34 -37.12
N SER L 92 -18.72 -9.70 -36.40
CA SER L 92 -18.87 -11.08 -35.99
C SER L 92 -19.17 -11.93 -37.22
N PRO L 93 -18.92 -13.23 -37.16
CA PRO L 93 -19.20 -14.08 -38.32
C PRO L 93 -20.65 -14.05 -38.78
N ARG L 94 -21.61 -13.95 -37.86
CA ARG L 94 -22.99 -13.78 -38.26
C ARG L 94 -23.21 -12.43 -38.95
N ASP L 95 -22.57 -11.37 -38.44
CA ASP L 95 -22.63 -10.08 -39.11
C ASP L 95 -22.09 -10.15 -40.52
N TRP L 96 -20.98 -10.87 -40.70
CA TRP L 96 -20.36 -10.96 -42.01
C TRP L 96 -21.27 -11.71 -42.98
N GLN L 97 -21.90 -12.79 -42.52
CA GLN L 97 -22.88 -13.51 -43.33
C GLN L 97 -24.04 -12.59 -43.70
N ARG L 98 -24.54 -11.86 -42.71
CA ARG L 98 -25.63 -10.94 -42.93
C ARG L 98 -25.23 -9.88 -43.93
N LEU L 99 -23.95 -9.50 -43.95
CA LEU L 99 -23.47 -8.56 -44.95
C LEU L 99 -23.41 -9.17 -46.34
N ILE L 100 -22.76 -10.31 -46.49
CA ILE L 100 -22.39 -10.80 -47.81
C ILE L 100 -23.54 -11.49 -48.53
N ASN L 101 -24.57 -11.95 -47.82
CA ASN L 101 -25.65 -12.60 -48.52
C ASN L 101 -26.67 -11.63 -49.08
N ASN L 102 -26.73 -10.42 -48.55
CA ASN L 102 -27.76 -9.50 -48.94
C ASN L 102 -27.31 -8.28 -49.74
N ASN L 103 -26.02 -8.09 -49.96
CA ASN L 103 -25.58 -6.80 -50.44
C ASN L 103 -24.63 -6.98 -51.61
N TRP L 104 -24.80 -6.15 -52.62
CA TRP L 104 -23.89 -6.12 -53.76
C TRP L 104 -22.60 -5.37 -53.46
N GLY L 105 -22.60 -4.48 -52.49
CA GLY L 105 -21.41 -3.74 -52.19
C GLY L 105 -21.51 -3.07 -50.84
N PHE L 106 -20.36 -2.61 -50.37
CA PHE L 106 -20.25 -1.89 -49.12
C PHE L 106 -18.95 -1.11 -49.16
N ARG L 107 -18.81 -0.19 -48.22
CA ARG L 107 -17.61 0.63 -48.10
C ARG L 107 -17.68 1.44 -46.83
N PRO L 108 -16.56 1.76 -46.22
CA PRO L 108 -16.57 2.53 -44.97
C PRO L 108 -16.85 4.01 -45.17
N LYS L 109 -17.45 4.61 -44.15
CA LYS L 109 -17.87 6.00 -44.16
C LYS L 109 -17.25 6.79 -43.01
N ARG L 110 -17.58 6.43 -41.78
CA ARG L 110 -17.10 7.15 -40.62
C ARG L 110 -16.49 6.25 -39.57
N LEU L 111 -15.61 6.83 -38.77
CA LEU L 111 -14.93 6.12 -37.71
C LEU L 111 -14.97 6.90 -36.39
N ASN L 112 -15.16 6.18 -35.30
CA ASN L 112 -15.16 6.76 -33.96
C ASN L 112 -14.20 5.87 -33.17
N PHE L 113 -13.32 6.47 -32.37
CA PHE L 113 -12.31 5.72 -31.64
C PHE L 113 -12.25 6.24 -30.21
N LYS L 114 -12.25 5.33 -29.25
CA LYS L 114 -12.17 5.71 -27.84
C LYS L 114 -11.12 4.89 -27.11
N LEU L 115 -10.49 5.52 -26.13
CA LEU L 115 -9.51 4.89 -25.28
C LEU L 115 -9.82 5.30 -23.85
N PHE L 116 -10.12 4.34 -22.99
CA PHE L 116 -10.72 4.68 -21.70
C PHE L 116 -10.43 3.57 -20.70
N ASN L 117 -10.65 3.90 -19.42
CA ASN L 117 -10.40 3.00 -18.29
C ASN L 117 -8.94 2.60 -18.20
N ILE L 118 -8.08 3.61 -18.28
CA ILE L 118 -6.64 3.41 -18.27
C ILE L 118 -6.19 2.99 -16.89
N GLN L 119 -5.33 1.98 -16.83
CA GLN L 119 -4.77 1.49 -15.57
C GLN L 119 -3.28 1.29 -15.77
N VAL L 120 -2.46 2.00 -15.00
CA VAL L 120 -1.02 1.81 -15.03
C VAL L 120 -0.60 0.99 -13.82
N LYS L 121 0.24 0.00 -14.04
CA LYS L 121 0.64 -0.96 -13.01
C LYS L 121 2.13 -0.90 -12.76
N GLU L 122 2.54 -1.14 -11.54
CA GLU L 122 3.94 -1.25 -11.16
C GLU L 122 4.24 -2.70 -10.82
N VAL L 123 5.31 -3.23 -11.39
CA VAL L 123 5.71 -4.62 -11.17
C VAL L 123 6.98 -4.62 -10.33
N THR L 124 6.95 -5.36 -9.23
CA THR L 124 8.11 -5.54 -8.37
C THR L 124 8.45 -7.02 -8.32
N ASP L 125 9.73 -7.37 -8.45
CA ASP L 125 10.09 -8.78 -8.43
C ASP L 125 11.23 -9.14 -7.48
N ASN L 126 10.93 -9.33 -6.20
CA ASN L 126 11.98 -9.66 -5.21
C ASN L 126 12.73 -10.98 -5.39
N ASN L 127 12.02 -12.08 -5.64
CA ASN L 127 12.66 -13.38 -5.80
C ASN L 127 12.09 -14.29 -6.88
N GLY L 128 11.67 -13.73 -8.01
CA GLY L 128 11.07 -14.51 -9.07
C GLY L 128 9.55 -14.55 -8.96
N VAL L 129 9.02 -13.98 -7.88
CA VAL L 129 7.58 -13.90 -7.68
C VAL L 129 7.18 -12.44 -7.80
N LYS L 130 6.44 -12.16 -8.86
CA LYS L 130 6.01 -10.81 -9.20
C LYS L 130 4.89 -10.31 -8.29
N THR L 131 5.05 -9.09 -7.80
CA THR L 131 4.00 -8.34 -7.13
C THR L 131 3.57 -7.20 -8.05
N ILE L 132 2.27 -6.96 -8.13
CA ILE L 132 1.73 -5.94 -9.03
C ILE L 132 0.88 -4.99 -8.20
N ALA L 133 1.11 -3.70 -8.37
CA ALA L 133 0.36 -2.67 -7.67
C ALA L 133 -0.04 -1.56 -8.63
N ASN L 134 -1.05 -0.81 -8.25
CA ASN L 134 -1.50 0.36 -8.99
C ASN L 134 -0.50 1.49 -8.80
N ASN L 135 -0.20 2.18 -9.88
CA ASN L 135 0.48 3.46 -9.77
C ASN L 135 -0.50 4.53 -10.24
N LEU L 136 -1.04 5.27 -9.31
CA LEU L 136 -2.17 6.11 -9.62
C LEU L 136 -1.78 7.40 -10.33
N THR L 137 -0.53 7.81 -10.24
CA THR L 137 -0.08 9.06 -10.82
C THR L 137 0.62 8.90 -12.17
N SER L 138 0.76 7.70 -12.68
CA SER L 138 1.48 7.56 -13.94
C SER L 138 0.57 7.85 -15.13
N THR L 139 1.18 8.28 -16.22
CA THR L 139 0.46 8.62 -17.42
C THR L 139 0.80 7.69 -18.58
N VAL L 140 -0.12 7.67 -19.52
CA VAL L 140 0.08 7.12 -20.85
C VAL L 140 -0.04 8.27 -21.85
N GLN L 141 0.73 8.20 -22.94
CA GLN L 141 0.68 9.19 -23.99
C GLN L 141 0.08 8.59 -25.25
N VAL L 142 -0.73 9.36 -25.94
CA VAL L 142 -1.38 8.89 -27.15
C VAL L 142 -1.52 10.04 -28.13
N PHE L 143 -1.26 9.78 -29.39
CA PHE L 143 -1.60 10.76 -30.42
C PHE L 143 -1.92 10.01 -31.71
N THR L 144 -2.62 10.70 -32.58
CA THR L 144 -2.86 10.22 -33.92
C THR L 144 -1.96 11.00 -34.86
N ASP L 145 -1.51 10.36 -35.93
CA ASP L 145 -0.72 11.06 -36.92
C ASP L 145 -1.72 11.44 -38.00
N SER L 146 -2.27 12.64 -37.87
CA SER L 146 -3.36 13.02 -38.74
C SER L 146 -2.88 13.79 -39.95
N ASP L 147 -1.63 14.21 -39.96
CA ASP L 147 -0.96 14.78 -41.10
C ASP L 147 -0.14 13.78 -41.88
N TYR L 148 -0.15 12.52 -41.46
CA TYR L 148 0.52 11.43 -42.17
C TYR L 148 2.02 11.68 -42.28
N GLN L 149 2.58 12.18 -41.19
CA GLN L 149 3.99 12.53 -41.11
C GLN L 149 4.89 11.38 -40.69
N LEU L 150 4.36 10.31 -40.16
CA LEU L 150 5.15 9.12 -39.88
C LEU L 150 5.11 8.13 -41.02
N PRO L 151 6.10 7.24 -41.10
CA PRO L 151 5.97 6.05 -41.96
C PRO L 151 4.76 5.25 -41.55
N TYR L 152 4.01 4.77 -42.54
CA TYR L 152 2.71 4.19 -42.31
C TYR L 152 2.80 2.68 -42.44
N VAL L 153 2.73 1.97 -41.31
CA VAL L 153 2.88 0.52 -41.31
C VAL L 153 1.56 -0.22 -41.22
N LEU L 154 0.43 0.47 -41.17
CA LEU L 154 -0.84 -0.22 -41.03
C LEU L 154 -1.28 -0.97 -42.27
N GLY L 155 -0.61 -0.79 -43.40
CA GLY L 155 -1.03 -1.43 -44.63
C GLY L 155 -0.18 -2.59 -45.10
N SER L 156 0.61 -3.17 -44.20
CA SER L 156 1.51 -4.26 -44.55
C SER L 156 1.02 -5.63 -44.10
N ALA L 157 -0.21 -5.73 -43.60
CA ALA L 157 -0.81 -7.00 -43.18
C ALA L 157 -0.07 -7.62 -41.98
N HIS L 158 0.29 -6.78 -41.03
CA HIS L 158 0.95 -7.25 -39.83
C HIS L 158 -0.04 -7.76 -38.80
N GLU L 159 0.47 -8.63 -37.94
CA GLU L 159 -0.26 -9.12 -36.80
C GLU L 159 -0.38 -8.00 -35.76
N GLY L 160 -1.13 -8.26 -34.70
CA GLY L 160 -1.35 -7.27 -33.68
C GLY L 160 -2.67 -6.55 -33.75
N CYS L 161 -3.61 -7.07 -34.52
CA CYS L 161 -4.94 -6.51 -34.59
C CYS L 161 -5.69 -6.66 -33.27
N LEU L 162 -6.72 -5.85 -33.12
CA LEU L 162 -7.78 -6.19 -32.18
C LEU L 162 -8.30 -7.58 -32.52
N PRO L 163 -8.43 -8.48 -31.55
CA PRO L 163 -8.71 -9.88 -31.88
C PRO L 163 -10.16 -10.07 -32.32
N PRO L 164 -10.42 -11.07 -33.16
CA PRO L 164 -11.79 -11.29 -33.61
C PRO L 164 -12.74 -11.62 -32.50
N PHE L 165 -12.28 -12.24 -31.48
CA PHE L 165 -13.23 -12.67 -30.49
C PHE L 165 -13.22 -11.72 -29.30
N PRO L 166 -14.38 -11.17 -28.94
CA PRO L 166 -14.38 -10.02 -28.03
C PRO L 166 -13.89 -10.31 -26.63
N ALA L 167 -13.80 -11.56 -26.21
CA ALA L 167 -13.40 -11.83 -24.83
C ALA L 167 -11.88 -11.94 -24.69
N ASP L 168 -11.15 -11.92 -25.79
CA ASP L 168 -9.72 -12.09 -25.70
C ASP L 168 -9.04 -10.77 -25.37
N VAL L 169 -7.97 -10.85 -24.60
CA VAL L 169 -7.19 -9.69 -24.20
C VAL L 169 -5.91 -9.69 -25.05
N PHE L 170 -5.64 -8.57 -25.70
CA PHE L 170 -4.57 -8.55 -26.68
C PHE L 170 -3.48 -7.60 -26.26
N MET L 171 -2.33 -7.81 -26.86
CA MET L 171 -1.13 -7.05 -26.60
C MET L 171 -0.96 -6.02 -27.71
N ILE L 172 -0.66 -4.79 -27.32
CA ILE L 172 -0.43 -3.75 -28.31
C ILE L 172 0.94 -3.95 -28.95
N PRO L 173 1.04 -3.99 -30.27
CA PRO L 173 2.34 -4.25 -30.91
C PRO L 173 3.24 -3.03 -30.91
N GLN L 174 4.52 -3.28 -31.16
CA GLN L 174 5.53 -2.23 -31.10
C GLN L 174 5.66 -1.54 -32.45
N TYR L 175 5.72 -0.21 -32.43
CA TYR L 175 5.89 0.55 -33.66
C TYR L 175 7.36 0.62 -34.05
N GLY L 176 7.64 0.34 -35.32
CA GLY L 176 8.97 0.47 -35.88
C GLY L 176 8.85 0.74 -37.36
N TYR L 177 9.88 1.34 -37.94
CA TYR L 177 9.80 1.71 -39.34
C TYR L 177 11.15 1.51 -40.01
N LEU L 178 11.11 1.51 -41.32
CA LEU L 178 12.30 1.40 -42.15
C LEU L 178 12.50 2.65 -42.96
N THR L 179 13.74 2.92 -43.30
CA THR L 179 14.07 4.04 -44.17
C THR L 179 15.02 3.51 -45.24
N LEU L 180 15.62 4.37 -46.04
CA LEU L 180 16.48 3.89 -47.11
C LEU L 180 17.69 3.18 -46.57
N ASN L 181 18.06 2.08 -47.21
CA ASN L 181 19.29 1.40 -46.84
C ASN L 181 20.12 1.12 -48.08
N ASP L 182 21.41 0.92 -47.86
CA ASP L 182 22.30 0.29 -48.81
C ASP L 182 23.05 -0.80 -48.07
N GLY L 183 22.78 -2.06 -48.41
CA GLY L 183 23.20 -3.13 -47.53
C GLY L 183 22.55 -2.94 -46.18
N SER L 184 23.34 -2.99 -45.13
CA SER L 184 22.84 -2.69 -43.81
C SER L 184 23.08 -1.24 -43.40
N GLN L 185 23.77 -0.46 -44.22
CA GLN L 185 24.06 0.92 -43.94
C GLN L 185 22.94 1.86 -44.35
N ALA L 186 22.92 3.03 -43.72
CA ALA L 186 22.05 4.11 -44.14
C ALA L 186 22.74 4.98 -45.18
N VAL L 187 21.99 5.94 -45.72
CA VAL L 187 22.53 6.96 -46.60
C VAL L 187 22.06 8.30 -46.07
N GLY L 188 22.63 9.37 -46.62
CA GLY L 188 22.24 10.69 -46.19
C GLY L 188 20.78 10.98 -46.42
N ARG L 189 20.13 10.25 -47.31
CA ARG L 189 18.73 10.51 -47.56
C ARG L 189 17.84 9.80 -46.55
N SER L 190 18.40 8.99 -45.66
CA SER L 190 17.61 8.25 -44.69
C SER L 190 17.06 9.16 -43.59
N SER L 191 15.84 8.91 -43.18
CA SER L 191 15.17 9.74 -42.19
C SER L 191 15.05 9.03 -40.86
N PHE L 192 15.20 9.79 -39.80
CA PHE L 192 15.00 9.32 -38.45
C PHE L 192 13.88 10.12 -37.81
N TYR L 193 12.99 9.43 -37.12
CA TYR L 193 11.83 10.07 -36.51
C TYR L 193 11.86 9.84 -35.02
N CYS L 194 11.62 10.91 -34.26
CA CYS L 194 11.34 10.82 -32.85
C CYS L 194 9.84 11.05 -32.67
N LEU L 195 9.18 10.12 -32.01
CA LEU L 195 7.75 10.30 -31.82
C LEU L 195 7.46 11.21 -30.65
N GLU L 196 8.48 11.54 -29.86
CA GLU L 196 8.33 12.51 -28.80
C GLU L 196 8.17 13.90 -29.35
N TYR L 197 8.56 14.04 -30.60
CA TYR L 197 8.55 15.29 -31.30
C TYR L 197 7.18 15.69 -31.80
N PHE L 198 6.17 14.99 -31.34
CA PHE L 198 4.82 15.32 -31.72
C PHE L 198 4.07 15.66 -30.47
N PRO L 199 3.09 16.54 -30.59
CA PRO L 199 2.25 16.74 -29.41
C PRO L 199 1.36 15.53 -29.17
N SER L 200 1.18 15.17 -27.91
CA SER L 200 0.32 14.04 -27.57
C SER L 200 -0.44 14.33 -26.28
N GLN L 201 -1.52 13.60 -26.09
CA GLN L 201 -2.35 13.73 -24.90
C GLN L 201 -1.84 12.76 -23.84
N MET L 202 -1.73 13.25 -22.60
CA MET L 202 -1.26 12.45 -21.49
C MET L 202 -2.43 12.06 -20.63
N LEU L 203 -2.48 10.80 -20.24
CA LEU L 203 -3.66 10.23 -19.59
C LEU L 203 -3.25 9.58 -18.29
N ARG L 204 -3.76 10.10 -17.18
CA ARG L 204 -3.79 9.34 -15.95
C ARG L 204 -5.04 8.48 -15.91
N THR L 205 -5.19 7.72 -14.85
CA THR L 205 -6.19 6.66 -14.83
C THR L 205 -7.61 7.18 -14.94
N GLY L 206 -7.87 8.44 -14.63
CA GLY L 206 -9.19 8.98 -14.84
C GLY L 206 -9.48 9.56 -16.20
N ASN L 207 -8.48 9.75 -17.03
CA ASN L 207 -8.64 10.39 -18.33
C ASN L 207 -9.07 9.40 -19.40
N ASN L 208 -9.74 9.93 -20.42
CA ASN L 208 -10.07 9.14 -21.60
C ASN L 208 -9.66 9.90 -22.85
N PHE L 209 -9.68 9.20 -23.98
CA PHE L 209 -9.21 9.73 -25.26
C PHE L 209 -10.21 9.38 -26.34
N GLN L 210 -10.44 10.30 -27.28
CA GLN L 210 -11.26 9.95 -28.41
C GLN L 210 -10.87 10.79 -29.61
N PHE L 211 -11.23 10.31 -30.80
CA PHE L 211 -11.25 11.15 -31.98
C PHE L 211 -12.15 10.47 -33.00
N SER L 212 -12.58 11.24 -33.98
CA SER L 212 -13.36 10.72 -35.07
C SER L 212 -12.64 11.00 -36.37
N TYR L 213 -12.96 10.20 -37.37
CA TYR L 213 -12.32 10.23 -38.68
C TYR L 213 -13.36 10.06 -39.77
N GLU L 214 -13.17 10.77 -40.86
CA GLU L 214 -14.01 10.62 -42.03
C GLU L 214 -13.20 9.95 -43.12
N PHE L 215 -13.70 8.81 -43.61
CA PHE L 215 -13.13 8.16 -44.77
C PHE L 215 -13.30 9.01 -46.01
N GLU L 216 -12.31 9.00 -46.87
CA GLU L 216 -12.49 9.64 -48.16
C GLU L 216 -13.27 8.73 -49.08
N ASN L 217 -13.93 9.35 -50.05
CA ASN L 217 -14.77 8.62 -50.99
C ASN L 217 -13.97 7.53 -51.69
N VAL L 218 -14.47 6.30 -51.61
CA VAL L 218 -13.90 5.16 -52.31
C VAL L 218 -15.02 4.44 -53.01
N PRO L 219 -14.72 3.64 -54.03
CA PRO L 219 -15.76 2.82 -54.65
C PRO L 219 -16.27 1.77 -53.68
N PHE L 220 -17.52 1.34 -53.90
CA PHE L 220 -18.00 0.16 -53.21
C PHE L 220 -17.17 -1.04 -53.61
N HIS L 221 -16.77 -1.83 -52.62
CA HIS L 221 -16.05 -3.04 -52.92
C HIS L 221 -17.11 -3.92 -53.53
N SER L 222 -16.82 -4.54 -54.66
CA SER L 222 -17.82 -5.37 -55.27
C SER L 222 -17.93 -6.67 -54.52
N SER L 223 -19.13 -7.02 -54.08
CA SER L 223 -19.31 -8.26 -53.33
C SER L 223 -20.39 -9.06 -54.00
N TYR L 224 -20.04 -9.51 -55.19
CA TYR L 224 -20.88 -10.32 -56.05
C TYR L 224 -19.96 -11.01 -57.04
N ALA L 225 -20.47 -12.05 -57.67
CA ALA L 225 -19.72 -12.77 -58.68
C ALA L 225 -20.53 -12.63 -59.95
N HIS L 226 -19.86 -12.48 -61.08
CA HIS L 226 -20.58 -12.37 -62.34
C HIS L 226 -21.22 -13.70 -62.76
N SER L 227 -22.51 -13.63 -63.09
CA SER L 227 -23.25 -14.78 -63.60
C SER L 227 -23.13 -14.89 -65.10
N GLN L 228 -22.28 -14.09 -65.70
CA GLN L 228 -22.09 -14.05 -67.14
C GLN L 228 -20.59 -13.87 -67.35
N SER L 229 -20.04 -14.38 -68.44
CA SER L 229 -18.61 -14.26 -68.65
C SER L 229 -18.31 -13.35 -69.84
N LEU L 230 -17.11 -12.78 -69.82
CA LEU L 230 -16.75 -11.74 -70.78
C LEU L 230 -16.83 -12.22 -72.22
N ASP L 231 -16.61 -13.50 -72.46
CA ASP L 231 -16.64 -13.98 -73.84
C ASP L 231 -18.01 -14.50 -74.28
N ARG L 232 -18.99 -14.55 -73.39
CA ARG L 232 -20.31 -15.03 -73.72
C ARG L 232 -21.38 -13.93 -73.83
N LEU L 233 -20.99 -12.67 -73.90
CA LEU L 233 -21.95 -11.57 -73.79
C LEU L 233 -22.94 -11.47 -74.95
N MET L 234 -22.78 -12.27 -76.00
CA MET L 234 -23.61 -12.21 -77.21
C MET L 234 -25.01 -12.79 -77.00
N ASN L 235 -25.90 -12.43 -77.91
CA ASN L 235 -27.17 -13.12 -78.08
C ASN L 235 -26.95 -14.44 -78.81
N PRO L 236 -27.22 -15.58 -78.17
CA PRO L 236 -26.86 -16.88 -78.78
C PRO L 236 -27.68 -17.25 -80.00
N LEU L 237 -28.77 -16.55 -80.28
CA LEU L 237 -29.68 -16.92 -81.37
C LEU L 237 -29.37 -16.23 -82.69
N ILE L 238 -28.56 -15.18 -82.70
CA ILE L 238 -28.48 -14.29 -83.84
C ILE L 238 -27.04 -14.28 -84.35
N ASP L 239 -26.88 -14.06 -85.64
CA ASP L 239 -25.57 -13.87 -86.25
C ASP L 239 -25.04 -12.45 -86.01
N GLN L 240 -23.73 -12.30 -86.16
CA GLN L 240 -23.15 -11.00 -86.37
C GLN L 240 -23.26 -10.58 -87.84
N TYR L 241 -23.20 -9.28 -88.05
CA TYR L 241 -23.00 -8.74 -89.38
C TYR L 241 -21.52 -8.59 -89.73
N LEU L 242 -20.64 -9.10 -88.90
CA LEU L 242 -19.20 -9.07 -89.15
C LEU L 242 -18.71 -10.40 -89.69
N TYR L 243 -17.74 -10.35 -90.58
CA TYR L 243 -17.11 -11.53 -91.16
C TYR L 243 -15.73 -11.74 -90.57
N TYR L 244 -15.33 -13.00 -90.45
CA TYR L 244 -13.98 -13.36 -90.06
C TYR L 244 -13.40 -14.23 -91.15
N LEU L 245 -12.07 -14.34 -91.18
CA LEU L 245 -11.41 -15.10 -92.22
C LEU L 245 -11.40 -16.58 -91.83
N SER L 246 -12.15 -17.39 -92.57
CA SER L 246 -12.32 -18.79 -92.28
C SER L 246 -11.28 -19.72 -92.91
N LYS L 247 -10.90 -19.54 -94.17
CA LYS L 247 -9.98 -20.48 -94.82
C LYS L 247 -8.92 -19.77 -95.65
N THR L 248 -7.66 -20.19 -95.48
CA THR L 248 -6.56 -19.71 -96.30
C THR L 248 -6.14 -20.61 -97.45
N ILE L 249 -6.61 -21.85 -97.55
CA ILE L 249 -6.27 -22.72 -98.67
C ILE L 249 -7.49 -23.52 -99.12
N ASN L 250 -7.53 -23.81 -100.42
CA ASN L 250 -8.62 -24.63 -100.95
C ASN L 250 -8.51 -26.06 -100.49
N GLY L 251 -7.34 -26.66 -100.61
CA GLY L 251 -7.19 -28.05 -100.25
C GLY L 251 -5.73 -28.43 -100.23
N SER L 252 -5.49 -29.73 -100.25
CA SER L 252 -4.13 -30.23 -100.30
C SER L 252 -3.50 -29.93 -101.65
N GLY L 253 -2.18 -29.96 -101.68
CA GLY L 253 -1.44 -29.71 -102.90
C GLY L 253 -0.85 -28.32 -102.94
N GLN L 254 -0.19 -28.03 -104.05
CA GLN L 254 0.51 -26.78 -104.22
C GLN L 254 -0.41 -25.68 -104.74
N ASN L 255 -0.10 -24.44 -104.34
CA ASN L 255 -0.69 -23.26 -104.96
C ASN L 255 -2.18 -23.18 -104.66
N GLN L 256 -2.55 -23.54 -103.45
CA GLN L 256 -3.95 -23.58 -103.05
C GLN L 256 -4.41 -22.31 -102.33
N GLN L 257 -3.57 -21.28 -102.26
CA GLN L 257 -3.92 -20.08 -101.51
C GLN L 257 -5.28 -19.53 -101.92
N THR L 258 -6.06 -19.14 -100.91
CA THR L 258 -7.35 -18.52 -101.14
C THR L 258 -7.71 -17.72 -99.90
N LEU L 259 -8.71 -16.87 -100.06
CA LEU L 259 -9.26 -16.12 -98.95
C LEU L 259 -10.75 -16.41 -98.87
N LYS L 260 -11.18 -17.06 -97.80
CA LYS L 260 -12.59 -17.37 -97.58
C LYS L 260 -13.03 -16.72 -96.28
N PHE L 261 -14.23 -16.16 -96.29
CA PHE L 261 -14.75 -15.45 -95.14
C PHE L 261 -16.12 -15.99 -94.77
N SER L 262 -16.40 -16.03 -93.48
CA SER L 262 -17.67 -16.52 -92.97
C SER L 262 -18.25 -15.54 -91.97
N VAL L 263 -19.55 -15.63 -91.78
CA VAL L 263 -20.24 -14.90 -90.72
C VAL L 263 -19.92 -15.56 -89.40
N ALA L 264 -19.61 -14.75 -88.39
CA ALA L 264 -19.48 -15.28 -87.05
C ALA L 264 -20.85 -15.32 -86.39
N GLY L 265 -21.18 -16.45 -85.81
CA GLY L 265 -22.54 -16.71 -85.42
C GLY L 265 -22.58 -17.65 -84.25
N PRO L 266 -23.77 -18.10 -83.90
CA PRO L 266 -23.93 -18.94 -82.71
C PRO L 266 -23.03 -20.15 -82.67
N SER L 267 -22.74 -20.77 -83.82
CA SER L 267 -22.04 -22.05 -83.78
C SER L 267 -20.55 -21.86 -83.56
N ASN L 268 -19.98 -20.76 -84.02
CA ASN L 268 -18.59 -20.46 -83.70
C ASN L 268 -18.58 -19.17 -82.90
N MET L 269 -18.55 -19.28 -81.57
CA MET L 269 -18.55 -18.10 -80.73
C MET L 269 -17.16 -17.58 -80.45
N ALA L 270 -16.14 -18.39 -80.72
CA ALA L 270 -14.78 -17.99 -80.43
C ALA L 270 -14.31 -16.86 -81.33
N VAL L 271 -14.85 -16.75 -82.54
CA VAL L 271 -14.34 -15.79 -83.50
C VAL L 271 -15.14 -14.50 -83.57
N GLN L 272 -16.19 -14.35 -82.77
CA GLN L 272 -16.99 -13.16 -82.93
C GLN L 272 -16.24 -11.91 -82.46
N GLY L 273 -16.51 -10.79 -83.12
CA GLY L 273 -15.95 -9.53 -82.67
C GLY L 273 -16.49 -9.15 -81.31
N ARG L 274 -15.61 -8.66 -80.44
CA ARG L 274 -15.99 -8.33 -79.08
C ARG L 274 -15.51 -6.93 -78.74
N ASN L 275 -16.29 -6.23 -77.94
CA ASN L 275 -15.95 -4.88 -77.54
C ASN L 275 -14.99 -4.80 -76.38
N TYR L 276 -14.97 -5.79 -75.51
CA TYR L 276 -14.18 -5.71 -74.29
C TYR L 276 -13.42 -6.99 -74.10
N ILE L 277 -12.22 -6.89 -73.57
CA ILE L 277 -11.29 -8.02 -73.48
C ILE L 277 -10.89 -8.19 -72.02
N PRO L 278 -10.35 -9.35 -71.66
CA PRO L 278 -9.98 -9.59 -70.27
C PRO L 278 -8.83 -8.72 -69.80
N GLY L 279 -8.76 -8.57 -68.49
CA GLY L 279 -7.80 -7.72 -67.83
C GLY L 279 -6.39 -8.24 -67.82
N PRO L 280 -5.50 -7.51 -67.17
CA PRO L 280 -4.07 -7.77 -67.28
C PRO L 280 -3.61 -8.97 -66.45
N SER L 281 -2.42 -9.45 -66.76
CA SER L 281 -1.93 -10.69 -66.20
C SER L 281 -0.41 -10.67 -66.07
N TYR L 282 0.09 -11.34 -65.05
CA TYR L 282 1.52 -11.55 -64.85
C TYR L 282 1.66 -13.00 -64.39
N ARG L 283 2.24 -13.88 -65.20
CA ARG L 283 2.00 -15.30 -64.96
C ARG L 283 2.66 -15.81 -63.68
N GLN L 284 1.89 -16.56 -62.91
CA GLN L 284 2.29 -17.31 -61.73
C GLN L 284 2.51 -18.78 -62.07
N GLN L 285 3.43 -19.41 -61.37
CA GLN L 285 3.68 -20.84 -61.47
C GLN L 285 2.60 -21.64 -60.75
N ARG L 286 2.27 -22.79 -61.30
CA ARG L 286 1.17 -23.60 -60.80
C ARG L 286 1.68 -24.71 -59.89
N VAL L 287 1.04 -24.87 -58.74
CA VAL L 287 1.41 -25.87 -57.74
C VAL L 287 0.18 -26.70 -57.42
N SER L 288 0.36 -27.99 -57.22
CA SER L 288 -0.74 -28.88 -56.86
C SER L 288 -0.69 -29.26 -55.39
N THR L 289 -1.86 -29.32 -54.75
CA THR L 289 -1.93 -29.78 -53.36
C THR L 289 -1.87 -31.31 -53.29
N THR L 290 -1.92 -31.97 -54.44
CA THR L 290 -1.51 -33.36 -54.53
C THR L 290 -0.04 -33.38 -54.92
N VAL L 291 0.83 -33.75 -53.99
CA VAL L 291 2.23 -33.38 -54.11
C VAL L 291 2.95 -34.27 -55.11
N THR L 292 2.40 -35.44 -55.42
CA THR L 292 3.07 -36.30 -56.39
C THR L 292 2.97 -35.73 -57.80
N GLN L 293 1.98 -34.86 -58.02
CA GLN L 293 1.87 -34.20 -59.30
C GLN L 293 2.88 -33.07 -59.44
N ASN L 294 3.44 -32.63 -58.32
CA ASN L 294 4.48 -31.61 -58.37
C ASN L 294 5.83 -32.23 -58.68
N ASN L 295 6.73 -31.41 -59.21
CA ASN L 295 8.07 -31.82 -59.59
C ASN L 295 8.98 -32.05 -58.40
N ASN L 296 9.87 -33.01 -58.51
CA ASN L 296 10.79 -33.35 -57.43
C ASN L 296 12.03 -32.47 -57.39
N SER L 297 11.85 -31.21 -57.01
CA SER L 297 12.94 -30.25 -56.90
C SER L 297 12.49 -29.07 -56.04
N GLU L 298 13.43 -28.24 -55.63
CA GLU L 298 13.06 -27.08 -54.83
C GLU L 298 12.88 -25.92 -55.81
N PHE L 299 11.67 -25.39 -55.89
CA PHE L 299 11.40 -24.30 -56.81
C PHE L 299 10.57 -23.20 -56.18
N ALA L 300 10.39 -23.26 -54.87
CA ALA L 300 9.60 -22.24 -54.19
C ALA L 300 10.14 -20.85 -54.43
N TRP L 301 11.38 -20.60 -54.08
CA TRP L 301 12.00 -19.37 -54.53
C TRP L 301 12.37 -19.40 -56.02
N PRO L 302 13.08 -20.42 -56.52
CA PRO L 302 13.56 -20.34 -57.91
C PRO L 302 12.46 -20.23 -58.96
N GLY L 303 11.31 -20.85 -58.75
CA GLY L 303 10.25 -20.70 -59.72
C GLY L 303 9.30 -19.54 -59.50
N ALA L 304 9.65 -18.60 -58.64
CA ALA L 304 8.69 -17.58 -58.24
C ALA L 304 8.67 -16.41 -59.22
N SER L 305 7.50 -15.83 -59.39
CA SER L 305 7.40 -14.57 -60.12
C SER L 305 7.83 -13.43 -59.23
N SER L 306 8.61 -12.52 -59.76
CA SER L 306 9.22 -11.50 -58.93
C SER L 306 9.28 -10.18 -59.67
N TRP L 307 9.51 -9.13 -58.91
CA TRP L 307 9.90 -7.85 -59.46
C TRP L 307 11.14 -7.36 -58.74
N ALA L 308 11.84 -6.46 -59.39
CA ALA L 308 13.13 -5.98 -58.94
C ALA L 308 13.06 -4.50 -58.64
N LEU L 309 13.66 -4.08 -57.54
CA LEU L 309 13.71 -2.67 -57.22
C LEU L 309 15.11 -2.38 -56.72
N ASN L 310 15.82 -1.51 -57.44
CA ASN L 310 17.15 -1.06 -57.04
C ASN L 310 18.07 -2.23 -56.71
N GLY L 311 17.99 -3.29 -57.51
CA GLY L 311 18.88 -4.41 -57.35
C GLY L 311 18.41 -5.53 -56.46
N ARG L 312 17.31 -5.36 -55.74
CA ARG L 312 16.79 -6.40 -54.85
C ARG L 312 15.56 -7.04 -55.45
N ASN L 313 15.36 -8.32 -55.18
CA ASN L 313 14.24 -9.06 -55.71
C ASN L 313 13.15 -9.20 -54.66
N SER L 314 11.93 -8.83 -55.03
CA SER L 314 10.76 -9.09 -54.21
C SER L 314 9.86 -10.08 -54.95
N LEU L 315 9.25 -10.96 -54.20
CA LEU L 315 8.26 -11.88 -54.71
C LEU L 315 7.06 -11.10 -55.24
N MET L 316 6.43 -11.60 -56.31
CA MET L 316 5.19 -10.94 -56.73
C MET L 316 4.09 -11.63 -55.95
N ASN L 317 3.64 -10.93 -54.93
CA ASN L 317 2.77 -11.53 -53.96
C ASN L 317 1.82 -10.52 -53.32
N PRO L 318 0.51 -10.79 -53.34
CA PRO L 318 -0.20 -11.79 -54.13
C PRO L 318 -0.19 -11.45 -55.62
N GLY L 319 0.21 -10.23 -55.94
CA GLY L 319 0.32 -9.81 -57.32
C GLY L 319 -0.99 -9.32 -57.88
N PRO L 320 -1.05 -9.19 -59.20
CA PRO L 320 -2.28 -8.75 -59.86
C PRO L 320 -3.40 -9.76 -59.70
N ALA L 321 -4.63 -9.25 -59.65
CA ALA L 321 -5.76 -10.10 -59.31
C ALA L 321 -6.15 -10.96 -60.48
N MET L 322 -6.05 -12.27 -60.30
CA MET L 322 -6.25 -13.21 -61.38
C MET L 322 -7.00 -14.41 -60.85
N ALA L 323 -7.71 -15.07 -61.75
CA ALA L 323 -8.41 -16.29 -61.41
C ALA L 323 -7.41 -17.35 -60.95
N SER L 324 -7.71 -17.98 -59.81
CA SER L 324 -6.75 -18.88 -59.18
C SER L 324 -6.48 -20.12 -60.02
N HIS L 325 -7.51 -20.66 -60.67
CA HIS L 325 -7.36 -21.90 -61.41
C HIS L 325 -8.47 -22.01 -62.45
N LYS L 326 -8.30 -22.93 -63.37
CA LYS L 326 -9.33 -23.21 -64.36
C LYS L 326 -10.51 -23.93 -63.74
N GLU L 327 -11.65 -23.85 -64.42
CA GLU L 327 -12.86 -24.55 -64.02
C GLU L 327 -12.56 -26.02 -63.78
N GLY L 328 -13.01 -26.52 -62.64
CA GLY L 328 -12.89 -27.92 -62.34
C GLY L 328 -11.59 -28.36 -61.72
N GLU L 329 -10.58 -27.50 -61.68
CA GLU L 329 -9.29 -27.86 -61.10
C GLU L 329 -9.09 -27.03 -59.84
N ASP L 330 -9.51 -27.55 -58.70
CA ASP L 330 -9.35 -26.77 -57.49
C ASP L 330 -8.16 -27.22 -56.67
N ARG L 331 -7.42 -28.22 -57.15
CA ARG L 331 -6.21 -28.65 -56.47
C ARG L 331 -5.03 -27.76 -56.78
N PHE L 332 -5.12 -26.91 -57.80
CA PHE L 332 -4.01 -26.08 -58.20
C PHE L 332 -4.17 -24.69 -57.59
N PHE L 333 -3.04 -24.06 -57.30
CA PHE L 333 -3.05 -22.70 -56.80
C PHE L 333 -1.79 -22.01 -57.28
N PRO L 334 -1.87 -20.69 -57.51
CA PRO L 334 -0.72 -19.90 -57.93
C PRO L 334 0.29 -19.93 -56.79
N LEU L 335 1.58 -19.99 -57.08
CA LEU L 335 2.59 -20.12 -56.02
C LEU L 335 2.58 -18.97 -55.00
N SER L 336 2.57 -17.73 -55.47
CA SER L 336 2.47 -16.60 -54.56
C SER L 336 1.25 -15.74 -54.97
N GLY L 337 0.35 -16.37 -55.72
CA GLY L 337 -0.89 -15.80 -56.20
C GLY L 337 -1.98 -15.45 -55.22
N SER L 338 -2.14 -16.27 -54.18
CA SER L 338 -3.22 -16.08 -53.22
C SER L 338 -2.83 -15.78 -51.80
N LEU L 339 -3.66 -15.00 -51.12
CA LEU L 339 -3.43 -14.71 -49.72
C LEU L 339 -3.59 -16.03 -48.99
N ILE L 340 -2.68 -16.33 -48.08
CA ILE L 340 -2.77 -17.57 -47.34
C ILE L 340 -2.82 -17.33 -45.84
N PHE L 341 -3.88 -17.81 -45.21
CA PHE L 341 -4.04 -17.62 -43.79
C PHE L 341 -3.73 -18.90 -43.02
N GLY L 342 -3.26 -18.74 -41.79
CA GLY L 342 -3.01 -19.87 -40.92
C GLY L 342 -4.23 -20.22 -40.08
N LYS L 343 -4.31 -21.50 -39.72
CA LYS L 343 -5.31 -21.94 -38.77
C LYS L 343 -4.90 -21.60 -37.35
N GLN L 344 -5.89 -21.56 -36.47
CA GLN L 344 -5.62 -21.34 -35.06
C GLN L 344 -4.68 -22.41 -34.54
N GLY L 345 -3.59 -21.99 -33.91
CA GLY L 345 -2.60 -22.90 -33.39
C GLY L 345 -1.48 -23.26 -34.33
N THR L 346 -1.51 -22.78 -35.57
CA THR L 346 -0.50 -23.14 -36.54
C THR L 346 0.81 -22.43 -36.24
N GLY L 347 1.91 -23.15 -36.42
CA GLY L 347 3.19 -22.62 -36.06
C GLY L 347 3.73 -21.60 -37.05
N ARG L 348 4.94 -21.15 -36.75
CA ARG L 348 5.54 -20.05 -37.51
C ARG L 348 6.22 -20.53 -38.78
N ASP L 349 6.88 -21.66 -38.75
CA ASP L 349 7.80 -22.04 -39.81
C ASP L 349 7.60 -23.48 -40.28
N ASN L 350 7.46 -23.65 -41.59
CA ASN L 350 7.43 -24.96 -42.27
C ASN L 350 6.29 -25.85 -41.81
N VAL L 351 5.10 -25.28 -41.74
CA VAL L 351 3.92 -26.06 -41.43
C VAL L 351 3.41 -26.76 -42.68
N ASP L 352 2.65 -27.83 -42.49
CA ASP L 352 2.08 -28.58 -43.60
C ASP L 352 0.90 -27.83 -44.22
N ALA L 353 0.38 -28.40 -45.30
CA ALA L 353 -0.67 -27.73 -46.06
C ALA L 353 -1.99 -27.73 -45.31
N ASP L 354 -2.23 -28.77 -44.51
CA ASP L 354 -3.47 -28.81 -43.76
C ASP L 354 -3.46 -27.83 -42.60
N LYS L 355 -2.34 -27.16 -42.38
CA LYS L 355 -2.27 -26.17 -41.31
C LYS L 355 -2.66 -24.79 -41.81
N VAL L 356 -2.76 -24.60 -43.12
CA VAL L 356 -3.02 -23.29 -43.67
C VAL L 356 -4.30 -23.34 -44.47
N MET L 357 -4.85 -22.16 -44.72
CA MET L 357 -6.07 -22.00 -45.50
C MET L 357 -5.72 -21.15 -46.70
N ILE L 358 -5.84 -21.73 -47.89
CA ILE L 358 -5.47 -21.06 -49.12
C ILE L 358 -6.74 -20.50 -49.75
N THR L 359 -6.80 -19.18 -49.91
CA THR L 359 -7.94 -18.60 -50.60
C THR L 359 -7.82 -18.84 -52.09
N ASN L 360 -8.94 -18.80 -52.78
CA ASN L 360 -8.94 -18.83 -54.24
C ASN L 360 -9.88 -17.76 -54.78
N GLU L 361 -9.48 -17.18 -55.89
CA GLU L 361 -10.17 -16.07 -56.53
C GLU L 361 -11.09 -16.51 -57.67
N GLU L 362 -11.45 -17.78 -57.72
CA GLU L 362 -12.15 -18.33 -58.89
C GLU L 362 -13.36 -17.52 -59.34
N GLU L 363 -14.03 -16.78 -58.45
CA GLU L 363 -15.23 -16.08 -58.85
C GLU L 363 -14.94 -15.06 -59.96
N ILE L 364 -13.70 -14.60 -60.06
CA ILE L 364 -13.38 -13.58 -61.04
C ILE L 364 -12.92 -14.14 -62.38
N LYS L 365 -13.00 -15.45 -62.59
CA LYS L 365 -12.61 -16.02 -63.88
C LYS L 365 -13.50 -15.57 -65.01
N THR L 366 -14.64 -14.96 -64.71
CA THR L 366 -15.49 -14.47 -65.78
C THR L 366 -14.85 -13.29 -66.51
N THR L 367 -14.27 -12.34 -65.78
CA THR L 367 -13.50 -11.28 -66.42
C THR L 367 -11.98 -11.36 -66.28
N ASN L 368 -11.44 -12.07 -65.31
CA ASN L 368 -9.99 -11.94 -65.11
C ASN L 368 -9.29 -13.18 -65.64
N PRO L 369 -8.20 -13.04 -66.37
CA PRO L 369 -7.47 -14.22 -66.85
C PRO L 369 -6.98 -15.11 -65.72
N VAL L 370 -6.74 -16.38 -66.04
CA VAL L 370 -6.26 -17.34 -65.06
C VAL L 370 -4.80 -17.07 -64.75
N ALA L 371 -4.44 -17.21 -63.47
CA ALA L 371 -3.13 -16.77 -62.99
C ALA L 371 -2.01 -17.67 -63.47
N THR L 372 -2.28 -18.94 -63.70
CA THR L 372 -1.27 -19.91 -64.11
C THR L 372 -1.26 -20.16 -65.61
N GLU L 373 -1.99 -19.40 -66.38
CA GLU L 373 -2.07 -19.56 -67.82
C GLU L 373 -1.45 -18.36 -68.49
N SER L 374 -1.09 -18.51 -69.75
CA SER L 374 -0.75 -17.37 -70.57
C SER L 374 -1.96 -16.47 -70.80
N TYR L 375 -1.70 -15.19 -71.03
CA TYR L 375 -2.77 -14.30 -71.40
C TYR L 375 -3.35 -14.68 -72.75
N GLY L 376 -2.48 -15.05 -73.68
CA GLY L 376 -2.92 -15.42 -75.00
C GLY L 376 -1.74 -15.57 -75.93
N GLN L 377 -2.00 -15.40 -77.22
CA GLN L 377 -0.99 -15.52 -78.25
C GLN L 377 -0.96 -14.28 -79.13
N VAL L 378 0.23 -13.92 -79.59
CA VAL L 378 0.41 -12.90 -80.60
C VAL L 378 1.25 -13.45 -81.73
N ALA L 379 1.10 -12.83 -82.91
CA ALA L 379 1.90 -13.17 -84.06
C ALA L 379 3.32 -12.67 -83.89
N THR L 380 4.29 -13.52 -84.23
CA THR L 380 5.68 -13.16 -84.10
C THR L 380 6.40 -12.82 -85.39
N ASN L 381 5.76 -12.90 -86.55
CA ASN L 381 6.50 -12.66 -87.79
C ASN L 381 5.56 -12.16 -88.87
N HIS L 382 6.09 -12.02 -90.07
CA HIS L 382 5.32 -11.89 -91.29
C HIS L 382 5.33 -13.23 -91.99
N GLN L 383 4.19 -13.89 -92.04
CA GLN L 383 4.07 -15.08 -92.86
C GLN L 383 4.24 -14.68 -94.31
N SER L 384 4.58 -15.64 -95.15
CA SER L 384 4.70 -15.39 -96.57
C SER L 384 4.65 -16.72 -97.30
N ALA L 385 4.91 -16.66 -98.61
CA ALA L 385 5.03 -17.90 -99.37
C ALA L 385 6.13 -18.79 -98.83
N GLN L 386 7.18 -18.19 -98.30
CA GLN L 386 8.29 -18.97 -97.75
C GLN L 386 8.26 -19.11 -96.24
N ALA L 387 7.33 -18.50 -95.54
CA ALA L 387 7.34 -18.52 -94.08
C ALA L 387 5.95 -18.80 -93.53
N GLN L 388 5.87 -19.79 -92.66
CA GLN L 388 4.60 -20.10 -92.01
C GLN L 388 4.29 -19.07 -90.92
N ALA L 389 3.00 -18.92 -90.64
CA ALA L 389 2.58 -18.03 -89.57
C ALA L 389 3.05 -18.56 -88.22
N GLN L 390 3.69 -17.69 -87.46
CA GLN L 390 4.24 -18.06 -86.17
C GLN L 390 3.59 -17.24 -85.07
N THR L 391 3.39 -17.88 -83.93
CA THR L 391 2.83 -17.23 -82.76
C THR L 391 3.76 -17.47 -81.58
N GLY L 392 3.53 -16.70 -80.52
CA GLY L 392 4.24 -16.89 -79.28
C GLY L 392 3.32 -16.58 -78.12
N TRP L 393 3.72 -17.02 -76.95
CA TRP L 393 2.86 -16.93 -75.78
C TRP L 393 3.09 -15.62 -75.04
N VAL L 394 2.02 -14.99 -74.62
CA VAL L 394 2.10 -13.77 -73.84
C VAL L 394 2.07 -14.18 -72.38
N GLN L 395 3.20 -14.01 -71.71
CA GLN L 395 3.29 -14.44 -70.31
C GLN L 395 2.90 -13.32 -69.37
N ASN L 396 2.90 -12.09 -69.85
CA ASN L 396 2.51 -10.94 -69.05
C ASN L 396 1.96 -9.88 -69.98
N GLN L 397 0.89 -9.24 -69.56
CA GLN L 397 0.17 -8.32 -70.41
C GLN L 397 -0.26 -7.11 -69.60
N GLY L 398 0.21 -5.94 -69.99
CA GLY L 398 -0.23 -4.71 -69.36
C GLY L 398 -1.58 -4.27 -69.87
N ILE L 399 -2.10 -3.23 -69.22
CA ILE L 399 -3.39 -2.62 -69.55
C ILE L 399 -3.48 -2.29 -71.03
N LEU L 400 -4.47 -2.67 -71.61
CA LEU L 400 -4.85 -2.28 -72.95
C LEU L 400 -6.18 -1.55 -72.91
N PRO L 401 -6.43 -0.62 -73.83
CA PRO L 401 -7.77 -0.04 -73.93
C PRO L 401 -8.80 -1.12 -74.20
N GLY L 402 -9.89 -1.08 -73.45
CA GLY L 402 -10.93 -2.07 -73.56
C GLY L 402 -10.85 -3.24 -72.62
N MET L 403 -9.91 -3.24 -71.69
CA MET L 403 -9.89 -4.28 -70.66
C MET L 403 -10.85 -3.95 -69.52
N VAL L 404 -11.44 -4.98 -68.96
CA VAL L 404 -12.21 -4.89 -67.74
C VAL L 404 -11.74 -6.02 -66.85
N TRP L 405 -11.78 -5.80 -65.54
CA TRP L 405 -11.32 -6.78 -64.58
C TRP L 405 -12.03 -6.54 -63.26
N GLN L 406 -11.97 -7.53 -62.39
CA GLN L 406 -12.41 -7.42 -61.02
C GLN L 406 -11.20 -7.39 -60.10
N ASP L 407 -11.28 -6.59 -59.05
CA ASP L 407 -10.24 -6.55 -58.03
C ASP L 407 -10.30 -7.81 -57.19
N ARG L 408 -9.36 -7.95 -56.28
CA ARG L 408 -9.33 -9.12 -55.42
C ARG L 408 -10.38 -9.00 -54.33
N ASP L 409 -10.78 -10.15 -53.82
CA ASP L 409 -11.81 -10.26 -52.81
C ASP L 409 -11.28 -9.82 -51.45
N VAL L 410 -12.20 -9.49 -50.56
CA VAL L 410 -11.88 -9.24 -49.16
C VAL L 410 -12.41 -10.40 -48.34
N TYR L 411 -11.81 -10.60 -47.19
CA TYR L 411 -12.14 -11.72 -46.34
C TYR L 411 -12.47 -11.24 -44.94
N LEU L 412 -13.14 -12.10 -44.18
CA LEU L 412 -13.34 -11.82 -42.76
C LEU L 412 -12.01 -11.66 -42.05
N GLN L 413 -11.02 -12.46 -42.43
CA GLN L 413 -9.67 -12.43 -41.90
C GLN L 413 -8.78 -11.37 -42.53
N GLY L 414 -9.23 -10.71 -43.58
CA GLY L 414 -8.33 -9.92 -44.38
C GLY L 414 -8.24 -8.46 -43.99
N PRO L 415 -7.40 -7.73 -44.70
CA PRO L 415 -7.26 -6.29 -44.47
C PRO L 415 -8.42 -5.49 -45.03
N ILE L 416 -8.62 -4.31 -44.48
CA ILE L 416 -9.69 -3.43 -44.91
C ILE L 416 -9.13 -2.34 -45.82
N TRP L 417 -8.21 -1.54 -45.33
CA TRP L 417 -7.70 -0.43 -46.11
C TRP L 417 -6.18 -0.52 -46.25
N ALA L 418 -5.65 0.18 -47.24
CA ALA L 418 -4.23 0.45 -47.34
C ALA L 418 -4.03 1.94 -47.57
N LYS L 419 -2.83 2.41 -47.29
CA LYS L 419 -2.43 3.74 -47.70
C LYS L 419 -1.85 3.69 -49.11
N ILE L 420 -2.41 4.49 -50.00
CA ILE L 420 -1.83 4.66 -51.34
C ILE L 420 -0.52 5.42 -51.21
N PRO L 421 0.58 4.91 -51.77
CA PRO L 421 1.85 5.63 -51.69
C PRO L 421 1.72 7.02 -52.29
N HIS L 422 2.52 7.93 -51.77
CA HIS L 422 2.45 9.32 -52.21
C HIS L 422 3.42 9.45 -53.37
N THR L 423 2.89 9.53 -54.59
CA THR L 423 3.70 9.45 -55.80
C THR L 423 3.09 10.34 -56.86
N ASP L 424 3.86 10.57 -57.91
CA ASP L 424 3.37 11.32 -59.06
C ASP L 424 2.23 10.58 -59.74
N GLY L 425 2.37 9.28 -59.90
CA GLY L 425 1.37 8.54 -60.63
C GLY L 425 1.22 7.14 -60.11
N ASN L 426 0.02 6.64 -60.28
CA ASN L 426 -0.37 5.30 -59.89
C ASN L 426 -1.53 4.93 -60.81
N PHE L 427 -1.73 3.64 -61.00
CA PHE L 427 -2.86 3.27 -61.82
C PHE L 427 -3.77 2.34 -61.07
N HIS L 428 -5.05 2.72 -60.98
CA HIS L 428 -6.05 1.89 -60.31
C HIS L 428 -5.58 1.43 -58.95
N PRO L 429 -5.26 2.40 -58.06
CA PRO L 429 -4.68 2.21 -56.73
C PRO L 429 -5.42 1.34 -55.72
N SER L 430 -6.06 0.28 -56.18
CA SER L 430 -6.72 -0.62 -55.27
C SER L 430 -5.62 -1.51 -54.70
N PRO L 431 -5.51 -1.62 -53.37
CA PRO L 431 -4.48 -2.44 -52.73
C PRO L 431 -4.52 -3.87 -53.22
N LEU L 432 -3.37 -4.44 -53.59
CA LEU L 432 -3.35 -5.78 -54.16
C LEU L 432 -3.73 -6.88 -53.18
N MET L 433 -3.39 -6.75 -51.91
CA MET L 433 -3.89 -7.75 -50.95
C MET L 433 -5.39 -7.59 -50.69
N GLY L 434 -6.03 -6.55 -51.20
CA GLY L 434 -7.47 -6.39 -51.19
C GLY L 434 -7.93 -5.30 -50.25
N GLY L 435 -9.11 -4.76 -50.54
CA GLY L 435 -9.68 -3.67 -49.79
C GLY L 435 -9.59 -2.33 -50.46
N PHE L 436 -9.68 -1.30 -49.64
CA PHE L 436 -9.95 0.06 -50.10
C PHE L 436 -8.66 0.86 -50.05
N GLY L 437 -8.23 1.37 -51.20
CA GLY L 437 -7.06 2.23 -51.21
C GLY L 437 -7.43 3.67 -50.93
N MET L 438 -6.59 4.33 -50.14
CA MET L 438 -6.91 5.66 -49.67
C MET L 438 -5.65 6.48 -49.64
N LYS L 439 -5.71 7.72 -50.12
CA LYS L 439 -4.58 8.61 -49.96
C LYS L 439 -4.50 9.15 -48.54
N HIS L 440 -5.62 9.19 -47.83
CA HIS L 440 -5.65 9.58 -46.44
C HIS L 440 -6.44 8.52 -45.69
N PRO L 441 -5.79 7.42 -45.33
CA PRO L 441 -6.46 6.32 -44.66
C PRO L 441 -6.80 6.67 -43.22
N PRO L 442 -7.37 5.75 -42.46
CA PRO L 442 -7.46 5.95 -41.03
C PRO L 442 -6.08 6.20 -40.45
N PRO L 443 -5.92 7.25 -39.66
CA PRO L 443 -4.58 7.61 -39.21
C PRO L 443 -4.06 6.66 -38.15
N GLN L 444 -2.74 6.60 -38.05
CA GLN L 444 -2.09 5.78 -37.05
C GLN L 444 -2.29 6.35 -35.65
N ILE L 445 -2.51 5.48 -34.69
CA ILE L 445 -2.80 5.83 -33.31
C ILE L 445 -1.68 5.26 -32.48
N LEU L 446 -0.86 6.14 -31.90
CA LEU L 446 0.38 5.75 -31.23
C LEU L 446 0.22 5.87 -29.72
N ILE L 447 0.83 4.94 -28.99
CA ILE L 447 0.62 4.93 -27.55
C ILE L 447 1.88 4.41 -26.86
N LYS L 448 2.20 4.98 -25.70
CA LYS L 448 3.34 4.52 -24.91
C LYS L 448 3.08 4.82 -23.45
N ASN L 449 3.77 4.09 -22.59
CA ASN L 449 3.84 4.45 -21.19
C ASN L 449 4.84 5.56 -21.00
N THR L 450 4.45 6.60 -20.30
CA THR L 450 5.39 7.65 -19.95
C THR L 450 6.43 7.08 -18.99
N PRO L 451 7.72 7.22 -19.27
CA PRO L 451 8.73 6.66 -18.37
C PRO L 451 8.72 7.34 -17.02
N VAL L 452 8.82 6.53 -15.97
CA VAL L 452 8.94 7.01 -14.61
C VAL L 452 10.32 6.58 -14.12
N PRO L 453 11.27 7.50 -13.98
CA PRO L 453 12.61 7.09 -13.56
C PRO L 453 12.62 6.60 -12.12
N ALA L 454 13.46 5.61 -11.89
CA ALA L 454 13.85 5.20 -10.56
C ALA L 454 14.67 6.30 -9.89
N ASP L 455 14.84 6.19 -8.59
CA ASP L 455 15.48 7.25 -7.81
C ASP L 455 16.84 7.65 -8.38
N PRO L 456 17.03 8.93 -8.68
CA PRO L 456 18.32 9.39 -9.17
C PRO L 456 19.33 9.48 -8.05
N PRO L 457 20.62 9.57 -8.37
CA PRO L 457 21.63 9.73 -7.32
C PRO L 457 21.57 11.11 -6.68
N THR L 458 22.24 11.24 -5.54
CA THR L 458 22.11 12.47 -4.76
C THR L 458 23.18 13.49 -5.12
N ALA L 459 24.03 13.17 -6.08
CA ALA L 459 24.94 14.14 -6.66
C ALA L 459 24.63 14.27 -8.14
N PHE L 460 24.71 15.48 -8.67
CA PHE L 460 24.35 15.68 -10.06
C PHE L 460 25.26 14.91 -10.99
N ASN L 461 24.65 14.30 -12.00
CA ASN L 461 25.33 13.58 -13.05
C ASN L 461 24.65 13.96 -14.36
N LYS L 462 25.45 14.19 -15.40
CA LYS L 462 24.87 14.75 -16.62
C LYS L 462 24.25 13.68 -17.51
N ASP L 463 24.51 12.42 -17.23
CA ASP L 463 24.03 11.37 -18.11
C ASP L 463 22.52 11.29 -18.10
N LYS L 464 21.95 10.76 -19.17
CA LYS L 464 20.55 10.42 -19.13
C LYS L 464 20.35 9.29 -18.13
N LEU L 465 19.20 9.30 -17.47
CA LEU L 465 18.89 8.27 -16.50
C LEU L 465 18.57 6.97 -17.22
N ASN L 466 19.24 5.89 -16.84
CA ASN L 466 19.04 4.60 -17.45
C ASN L 466 18.19 3.66 -16.60
N SER L 467 17.64 4.11 -15.50
CA SER L 467 17.01 3.23 -14.53
C SER L 467 15.57 3.67 -14.31
N PHE L 468 14.62 2.76 -14.50
CA PHE L 468 13.22 3.12 -14.52
C PHE L 468 12.39 2.17 -13.68
N ILE L 469 11.29 2.70 -13.16
CA ILE L 469 10.31 1.85 -12.50
C ILE L 469 9.60 0.99 -13.53
N THR L 470 9.49 -0.30 -13.23
CA THR L 470 8.90 -1.23 -14.17
C THR L 470 7.39 -1.07 -14.21
N GLN L 471 6.86 -0.75 -15.39
CA GLN L 471 5.44 -0.45 -15.49
C GLN L 471 4.88 -1.07 -16.75
N TYR L 472 3.57 -1.27 -16.72
CA TYR L 472 2.81 -1.53 -17.93
C TYR L 472 1.43 -0.96 -17.70
N SER L 473 0.70 -0.76 -18.79
CA SER L 473 -0.64 -0.23 -18.69
C SER L 473 -1.63 -1.17 -19.36
N THR L 474 -2.90 -0.96 -19.07
CA THR L 474 -3.98 -1.71 -19.69
C THR L 474 -5.24 -0.87 -19.69
N GLY L 475 -6.17 -1.24 -20.56
CA GLY L 475 -7.40 -0.50 -20.64
C GLY L 475 -8.36 -1.04 -21.67
N GLN L 476 -9.31 -0.20 -22.08
CA GLN L 476 -10.32 -0.59 -23.05
C GLN L 476 -10.15 0.25 -24.30
N VAL L 477 -10.52 -0.30 -25.43
CA VAL L 477 -10.62 0.45 -26.69
C VAL L 477 -11.97 0.14 -27.29
N SER L 478 -12.62 1.17 -27.82
CA SER L 478 -13.80 0.98 -28.62
C SER L 478 -13.59 1.65 -29.97
N VAL L 479 -13.99 0.96 -31.01
CA VAL L 479 -13.93 1.48 -32.37
C VAL L 479 -15.29 1.27 -33.01
N GLU L 480 -15.81 2.32 -33.66
CA GLU L 480 -17.13 2.33 -34.25
C GLU L 480 -16.98 2.74 -35.70
N ILE L 481 -17.52 1.94 -36.62
CA ILE L 481 -17.46 2.26 -38.03
C ILE L 481 -18.87 2.24 -38.62
N GLU L 482 -19.22 3.31 -39.31
CA GLU L 482 -20.41 3.33 -40.15
C GLU L 482 -20.02 2.84 -41.55
N TRP L 483 -20.77 1.88 -42.06
CA TRP L 483 -20.54 1.29 -43.37
C TRP L 483 -21.73 1.58 -44.26
N GLU L 484 -21.50 2.04 -45.48
CA GLU L 484 -22.57 2.24 -46.45
C GLU L 484 -22.79 0.95 -47.25
N LEU L 485 -24.04 0.57 -47.41
CA LEU L 485 -24.40 -0.65 -48.12
C LEU L 485 -24.96 -0.35 -49.50
N GLN L 486 -24.68 -1.24 -50.43
CA GLN L 486 -25.30 -1.23 -51.74
C GLN L 486 -26.17 -2.47 -51.83
N LYS L 487 -27.47 -2.30 -51.82
CA LYS L 487 -28.35 -3.46 -51.77
C LYS L 487 -28.51 -4.09 -53.14
N GLU L 488 -28.62 -5.41 -53.13
CA GLU L 488 -28.89 -6.20 -54.34
C GLU L 488 -30.26 -5.91 -54.95
N ASN L 489 -30.25 -5.59 -56.24
CA ASN L 489 -31.46 -5.25 -56.99
C ASN L 489 -31.97 -6.34 -57.93
N SER L 490 -31.45 -7.56 -57.85
CA SER L 490 -31.51 -8.50 -58.98
C SER L 490 -32.92 -8.90 -59.41
N LYS L 491 -33.06 -9.20 -60.70
CA LYS L 491 -34.24 -9.83 -61.27
C LYS L 491 -34.10 -11.32 -61.51
N ARG L 492 -33.00 -11.93 -61.11
CA ARG L 492 -32.80 -13.37 -61.27
C ARG L 492 -33.93 -14.19 -60.66
N TRP L 493 -34.43 -15.13 -61.44
CA TRP L 493 -35.59 -15.94 -61.04
C TRP L 493 -35.20 -17.04 -60.05
N ASN L 494 -34.14 -17.76 -60.32
CA ASN L 494 -33.77 -18.90 -59.47
C ASN L 494 -32.96 -18.46 -58.26
N PRO L 495 -32.93 -19.28 -57.21
CA PRO L 495 -32.26 -18.86 -55.99
C PRO L 495 -30.75 -18.77 -56.14
N GLU L 496 -30.16 -17.88 -55.36
CA GLU L 496 -28.75 -17.58 -55.36
C GLU L 496 -27.97 -18.61 -54.54
N ILE L 497 -26.65 -18.50 -54.58
CA ILE L 497 -25.75 -19.16 -53.66
C ILE L 497 -25.60 -18.26 -52.44
N GLN L 498 -25.59 -18.85 -51.28
CA GLN L 498 -25.54 -18.12 -50.03
C GLN L 498 -24.48 -18.78 -49.16
N TYR L 499 -23.74 -17.99 -48.40
CA TYR L 499 -22.86 -18.60 -47.42
C TYR L 499 -23.70 -19.18 -46.29
N THR L 500 -23.41 -20.42 -45.92
CA THR L 500 -24.23 -21.10 -44.93
C THR L 500 -23.35 -21.95 -44.03
N SER L 501 -23.84 -22.19 -42.82
CA SER L 501 -23.37 -23.28 -42.00
C SER L 501 -23.92 -24.60 -42.51
N ASN L 502 -23.24 -25.68 -42.17
CA ASN L 502 -23.69 -27.02 -42.51
C ASN L 502 -24.39 -27.62 -41.29
N TYR L 503 -25.48 -28.34 -41.52
CA TYR L 503 -26.24 -28.87 -40.40
C TYR L 503 -25.49 -30.01 -39.71
N TYR L 504 -24.65 -30.73 -40.45
CA TYR L 504 -24.17 -32.03 -39.98
C TYR L 504 -23.38 -31.90 -38.69
N LYS L 505 -23.53 -32.92 -37.84
CA LYS L 505 -22.98 -32.86 -36.48
C LYS L 505 -21.46 -32.88 -36.46
N SER L 506 -20.90 -32.31 -35.41
CA SER L 506 -19.47 -32.18 -35.25
C SER L 506 -19.15 -31.98 -33.78
N ASN L 507 -17.87 -32.10 -33.43
CA ASN L 507 -17.46 -31.94 -32.04
C ASN L 507 -17.57 -30.49 -31.59
N ASN L 508 -17.50 -29.54 -32.51
CA ASN L 508 -17.46 -28.14 -32.14
C ASN L 508 -18.40 -27.36 -33.05
N VAL L 509 -18.93 -26.27 -32.53
CA VAL L 509 -19.55 -25.27 -33.38
C VAL L 509 -18.46 -24.47 -34.08
N GLU L 510 -18.65 -24.20 -35.36
CA GLU L 510 -17.70 -23.38 -36.08
C GLU L 510 -17.85 -21.91 -35.69
N PHE L 511 -16.72 -21.23 -35.58
CA PHE L 511 -16.65 -19.86 -35.10
C PHE L 511 -17.12 -19.76 -33.65
N ALA L 512 -16.65 -20.69 -32.83
CA ALA L 512 -16.93 -20.73 -31.41
C ALA L 512 -15.66 -21.13 -30.67
N VAL L 513 -15.70 -21.05 -29.35
CA VAL L 513 -14.61 -21.58 -28.55
C VAL L 513 -14.77 -23.10 -28.44
N ASN L 514 -13.67 -23.78 -28.24
CA ASN L 514 -13.65 -25.21 -27.99
C ASN L 514 -13.67 -25.46 -26.49
N THR L 515 -13.36 -26.69 -26.08
CA THR L 515 -13.39 -27.03 -24.66
C THR L 515 -12.29 -26.35 -23.86
N GLU L 516 -11.27 -25.84 -24.51
CA GLU L 516 -10.21 -25.15 -23.79
C GLU L 516 -10.36 -23.65 -23.80
N GLY L 517 -11.42 -23.13 -24.39
CA GLY L 517 -11.60 -21.70 -24.44
C GLY L 517 -10.96 -21.04 -25.61
N VAL L 518 -10.62 -21.78 -26.65
CA VAL L 518 -9.87 -21.27 -27.78
C VAL L 518 -10.83 -20.97 -28.90
N TYR L 519 -10.96 -19.71 -29.25
CA TYR L 519 -11.73 -19.30 -30.40
C TYR L 519 -10.94 -19.58 -31.67
N SER L 520 -11.64 -20.00 -32.71
CA SER L 520 -10.99 -20.23 -33.97
C SER L 520 -11.90 -19.85 -35.12
N GLU L 521 -11.29 -19.55 -36.25
CA GLU L 521 -11.99 -19.31 -37.50
C GLU L 521 -11.63 -20.45 -38.44
N PRO L 522 -12.54 -21.40 -38.70
CA PRO L 522 -12.13 -22.62 -39.40
C PRO L 522 -11.85 -22.43 -40.88
N ARG L 523 -12.38 -21.40 -41.52
CA ARG L 523 -12.21 -21.18 -42.94
C ARG L 523 -12.13 -19.69 -43.24
N PRO L 524 -11.57 -19.33 -44.39
CA PRO L 524 -11.75 -17.96 -44.88
C PRO L 524 -13.11 -17.79 -45.51
N ILE L 525 -13.71 -16.63 -45.34
CA ILE L 525 -15.00 -16.33 -45.93
C ILE L 525 -14.83 -15.10 -46.81
N GLY L 526 -14.97 -15.31 -48.10
CA GLY L 526 -14.95 -14.21 -49.02
C GLY L 526 -16.26 -13.49 -49.05
N THR L 527 -16.33 -12.49 -49.89
CA THR L 527 -17.51 -11.67 -49.90
C THR L 527 -18.45 -11.98 -51.07
N ARG L 528 -18.11 -12.90 -51.97
CA ARG L 528 -18.78 -12.99 -53.27
C ARG L 528 -19.68 -14.22 -53.36
N TYR L 529 -20.98 -13.99 -53.28
CA TYR L 529 -22.01 -15.02 -53.29
C TYR L 529 -23.13 -14.69 -54.26
N LEU L 530 -23.72 -13.52 -54.07
CA LEU L 530 -24.72 -12.99 -54.98
C LEU L 530 -24.09 -12.78 -56.36
N THR L 531 -24.95 -12.68 -57.37
CA THR L 531 -24.49 -12.50 -58.74
C THR L 531 -25.05 -11.23 -59.36
N ARG L 532 -24.36 -10.76 -60.39
CA ARG L 532 -24.82 -9.69 -61.25
C ARG L 532 -24.57 -10.10 -62.70
N ASN L 533 -25.31 -9.48 -63.61
CA ASN L 533 -24.99 -9.62 -65.03
C ASN L 533 -23.71 -8.88 -65.37
N LEU L 534 -23.10 -9.28 -66.46
CA LEU L 534 -21.84 -8.70 -66.85
C LEU L 534 -22.01 -7.51 -67.78
N ASP M 17 -5.61 19.60 -9.03
CA ASP M 17 -6.98 19.25 -9.34
C ASP M 17 -7.38 17.88 -8.81
N GLY M 18 -6.72 16.82 -9.26
CA GLY M 18 -7.01 15.49 -8.77
C GLY M 18 -5.84 14.55 -8.97
N VAL M 19 -5.83 13.49 -8.16
CA VAL M 19 -4.82 12.44 -8.27
C VAL M 19 -4.93 11.72 -9.60
N GLY M 20 -6.14 11.36 -10.01
CA GLY M 20 -6.30 10.53 -11.18
C GLY M 20 -6.38 11.31 -12.46
N SER M 21 -6.20 12.62 -12.39
CA SER M 21 -6.29 13.45 -13.57
C SER M 21 -4.92 14.01 -13.91
N SER M 22 -4.70 14.24 -15.19
CA SER M 22 -3.43 14.76 -15.66
C SER M 22 -3.47 16.28 -15.71
N SER M 23 -2.36 16.91 -15.32
CA SER M 23 -2.29 18.36 -15.26
C SER M 23 -1.64 18.99 -16.48
N GLY M 24 -1.26 18.21 -17.47
CA GLY M 24 -0.73 18.78 -18.70
C GLY M 24 -0.53 17.72 -19.75
N ASN M 25 -0.34 18.19 -20.97
CA ASN M 25 -0.14 17.34 -22.13
C ASN M 25 1.22 17.62 -22.72
N TRP M 26 1.68 16.67 -23.51
CA TRP M 26 3.00 16.74 -24.11
C TRP M 26 2.99 17.63 -25.36
N HIS M 27 3.86 18.63 -25.39
CA HIS M 27 3.96 19.50 -26.57
C HIS M 27 5.41 19.58 -27.01
N CYS M 28 5.73 18.96 -28.14
CA CYS M 28 6.98 19.20 -28.85
C CYS M 28 6.61 19.50 -30.29
N ASP M 29 6.98 20.67 -30.77
CA ASP M 29 6.55 21.08 -32.08
C ASP M 29 7.44 22.23 -32.52
N SER M 30 7.44 22.50 -33.81
CA SER M 30 7.87 23.79 -34.29
C SER M 30 6.78 24.33 -35.20
N GLN M 31 6.58 25.63 -35.17
CA GLN M 31 5.59 26.27 -36.01
C GLN M 31 6.26 27.43 -36.72
N TRP M 32 6.39 27.32 -38.03
CA TRP M 32 7.05 28.32 -38.85
C TRP M 32 5.99 29.18 -39.50
N LEU M 33 5.84 30.41 -39.02
CA LEU M 33 4.82 31.30 -39.53
C LEU M 33 5.49 32.58 -39.98
N GLY M 34 5.69 32.73 -41.27
CA GLY M 34 6.21 34.00 -41.75
C GLY M 34 7.54 34.38 -41.16
N ASP M 35 7.52 35.51 -40.46
CA ASP M 35 8.70 36.13 -39.86
C ASP M 35 8.99 35.62 -38.46
N ARG M 36 8.34 34.54 -38.06
CA ARG M 36 8.58 34.05 -36.74
C ARG M 36 8.47 32.54 -36.67
N VAL M 37 9.18 32.00 -35.71
CA VAL M 37 9.14 30.56 -35.41
C VAL M 37 8.75 30.41 -33.96
N ILE M 38 7.97 29.39 -33.66
CA ILE M 38 7.64 29.06 -32.28
C ILE M 38 8.08 27.63 -32.04
N THR M 39 8.98 27.45 -31.10
CA THR M 39 9.43 26.13 -30.68
C THR M 39 8.71 25.74 -29.40
N THR M 40 8.41 24.48 -29.25
CA THR M 40 7.96 23.96 -27.98
C THR M 40 8.60 22.61 -27.74
N SER M 41 9.04 22.39 -26.52
CA SER M 41 9.74 21.17 -26.14
C SER M 41 9.21 20.69 -24.80
N THR M 42 8.96 19.39 -24.72
CA THR M 42 8.61 18.74 -23.47
C THR M 42 9.68 17.73 -23.16
N ARG M 43 10.07 17.65 -21.89
CA ARG M 43 11.01 16.64 -21.43
C ARG M 43 10.50 16.06 -20.13
N THR M 44 11.08 14.96 -19.73
CA THR M 44 10.81 14.35 -18.45
C THR M 44 12.03 14.53 -17.54
N TRP M 45 11.78 15.03 -16.34
CA TRP M 45 12.82 15.37 -15.40
C TRP M 45 12.70 14.52 -14.15
N ALA M 46 13.79 14.46 -13.40
CA ALA M 46 13.85 13.82 -12.10
C ALA M 46 14.63 14.71 -11.15
N LEU M 47 14.04 15.02 -10.00
CA LEU M 47 14.66 15.86 -9.00
C LEU M 47 14.98 15.03 -7.77
N PRO M 48 16.24 14.88 -7.40
CA PRO M 48 16.56 14.24 -6.13
C PRO M 48 16.43 15.19 -4.95
N THR M 49 16.68 14.68 -3.76
CA THR M 49 16.97 15.52 -2.62
C THR M 49 18.46 15.79 -2.59
N TYR M 50 18.85 17.06 -2.68
CA TYR M 50 20.25 17.43 -2.61
C TYR M 50 20.61 17.85 -1.19
N ASN M 51 21.82 17.49 -0.77
CA ASN M 51 22.39 17.77 0.54
C ASN M 51 21.54 17.28 1.70
N ASN M 52 20.62 16.35 1.45
CA ASN M 52 19.65 15.93 2.46
C ASN M 52 19.04 17.13 3.19
N HIS M 53 18.56 18.10 2.42
CA HIS M 53 17.83 19.27 2.90
C HIS M 53 18.72 20.27 3.65
N LEU M 54 20.00 20.34 3.32
CA LEU M 54 20.88 21.26 4.01
C LEU M 54 21.45 22.31 3.06
N TYR M 55 21.66 23.50 3.60
CA TYR M 55 22.58 24.47 3.04
C TYR M 55 23.96 24.19 3.61
N LYS M 56 24.98 24.21 2.77
CA LYS M 56 26.34 24.00 3.26
C LYS M 56 27.30 25.01 2.65
N GLN M 57 28.10 25.62 3.50
CA GLN M 57 29.28 26.35 3.08
C GLN M 57 30.28 25.43 2.42
N ILE M 58 30.71 25.79 1.21
CA ILE M 58 31.74 25.08 0.48
C ILE M 58 32.88 26.05 0.19
N SER M 59 34.06 25.49 -0.01
CA SER M 59 35.20 26.31 -0.39
C SER M 59 36.20 25.41 -1.07
N ASN M 60 37.30 26.00 -1.52
CA ASN M 60 38.34 25.22 -2.16
C ASN M 60 39.05 24.34 -1.16
N SER M 61 38.93 24.68 0.13
CA SER M 61 39.49 23.82 1.17
C SER M 61 38.58 22.63 1.45
N THR M 62 37.26 22.83 1.42
CA THR M 62 36.37 21.69 1.54
C THR M 62 36.54 20.76 0.35
N SER M 63 36.97 21.32 -0.79
CA SER M 63 37.37 20.50 -1.93
C SER M 63 38.82 20.02 -1.82
N GLY M 64 39.72 20.89 -1.37
CA GLY M 64 41.12 20.52 -1.17
C GLY M 64 42.12 21.15 -2.13
N GLY M 65 41.68 21.84 -3.18
CA GLY M 65 42.62 22.49 -4.07
C GLY M 65 43.24 23.73 -3.43
N SER M 66 44.56 23.87 -3.60
CA SER M 66 45.30 24.89 -2.88
C SER M 66 45.67 26.15 -3.66
N SER M 67 45.41 26.23 -4.96
CA SER M 67 46.05 27.29 -5.74
C SER M 67 45.25 28.59 -5.67
N ASN M 68 45.97 29.70 -5.63
CA ASN M 68 45.35 31.01 -5.45
C ASN M 68 44.39 31.32 -6.59
N ASP M 69 44.76 30.97 -7.82
CA ASP M 69 43.90 31.25 -8.95
C ASP M 69 42.57 30.50 -8.84
N ASN M 70 42.56 29.38 -8.14
CA ASN M 70 41.39 28.54 -8.05
C ASN M 70 40.60 28.69 -6.75
N ALA M 71 40.95 29.61 -5.86
CA ALA M 71 40.29 29.69 -4.57
C ALA M 71 38.85 30.21 -4.70
N TYR M 72 37.96 29.71 -3.84
CA TYR M 72 36.59 30.18 -3.86
C TYR M 72 35.93 29.99 -2.51
N PHE M 73 34.80 30.66 -2.33
CA PHE M 73 33.97 30.56 -1.15
C PHE M 73 32.52 30.63 -1.60
N GLY M 74 31.66 29.78 -1.03
CA GLY M 74 30.29 29.81 -1.46
C GLY M 74 29.41 28.87 -0.69
N TYR M 75 28.28 28.54 -1.29
CA TYR M 75 27.29 27.71 -0.66
C TYR M 75 26.70 26.76 -1.67
N SER M 76 26.32 25.59 -1.19
CA SER M 76 25.47 24.68 -1.93
C SER M 76 24.11 24.66 -1.26
N THR M 77 23.06 24.52 -2.05
CA THR M 77 21.71 24.62 -1.51
C THR M 77 20.96 23.32 -1.76
N PRO M 78 19.88 23.08 -1.03
CA PRO M 78 19.06 21.90 -1.33
C PRO M 78 18.29 22.00 -2.65
N TRP M 79 18.22 23.17 -3.25
CA TRP M 79 17.39 23.41 -4.42
C TRP M 79 18.06 22.94 -5.71
N GLY M 80 17.23 22.62 -6.69
CA GLY M 80 17.65 22.49 -8.07
C GLY M 80 17.15 23.62 -8.93
N TYR M 81 17.54 23.66 -10.19
CA TYR M 81 17.07 24.68 -11.11
C TYR M 81 16.97 24.11 -12.50
N PHE M 82 16.07 24.69 -13.29
CA PHE M 82 15.90 24.31 -14.69
C PHE M 82 16.79 25.16 -15.59
N ASP M 83 17.39 24.50 -16.58
CA ASP M 83 18.29 25.13 -17.54
C ASP M 83 17.89 24.73 -18.95
N PHE M 84 17.29 25.66 -19.68
CA PHE M 84 17.00 25.49 -21.09
C PHE M 84 17.89 26.36 -21.99
N ASN M 85 19.03 26.81 -21.50
CA ASN M 85 19.85 27.87 -22.11
C ASN M 85 20.75 27.36 -23.25
N ARG M 86 20.46 26.23 -23.84
CA ARG M 86 21.16 25.85 -25.06
C ARG M 86 20.19 25.77 -26.23
N PHE M 87 20.70 25.98 -27.43
CA PHE M 87 19.82 26.03 -28.60
C PHE M 87 19.22 24.67 -28.94
N HIS M 88 19.93 23.59 -28.67
CA HIS M 88 19.33 22.31 -29.00
C HIS M 88 18.21 21.94 -28.04
N CYS M 89 18.00 22.71 -26.98
CA CYS M 89 16.82 22.49 -26.18
C CYS M 89 15.57 22.82 -26.98
N HIS M 90 15.68 23.81 -27.85
CA HIS M 90 14.53 24.29 -28.60
C HIS M 90 14.48 23.90 -30.06
N PHE M 91 15.59 23.48 -30.66
CA PHE M 91 15.62 23.22 -32.09
C PHE M 91 16.07 21.80 -32.34
N SER M 92 15.28 21.05 -33.08
CA SER M 92 15.78 19.83 -33.66
C SER M 92 16.80 20.18 -34.73
N PRO M 93 17.69 19.26 -35.09
CA PRO M 93 18.68 19.56 -36.12
C PRO M 93 18.08 19.96 -37.46
N ARG M 94 16.96 19.37 -37.85
CA ARG M 94 16.27 19.82 -39.06
C ARG M 94 15.74 21.23 -38.89
N ASP M 95 15.19 21.55 -37.71
CA ASP M 95 14.76 22.91 -37.43
C ASP M 95 15.91 23.89 -37.54
N TRP M 96 17.08 23.52 -37.02
CA TRP M 96 18.22 24.41 -37.06
C TRP M 96 18.68 24.66 -38.49
N GLN M 97 18.70 23.62 -39.31
CA GLN M 97 19.01 23.76 -40.72
C GLN M 97 18.00 24.68 -41.40
N ARG M 98 16.73 24.45 -41.11
CA ARG M 98 15.67 25.26 -41.68
C ARG M 98 15.83 26.71 -41.25
N LEU M 99 16.36 26.93 -40.05
CA LEU M 99 16.64 28.29 -39.59
C LEU M 99 17.80 28.91 -40.34
N ILE M 100 18.95 28.23 -40.37
CA ILE M 100 20.18 28.88 -40.79
C ILE M 100 20.33 28.98 -42.30
N ASN M 101 19.61 28.18 -43.07
CA ASN M 101 19.78 28.30 -44.51
C ASN M 101 18.92 29.39 -45.10
N ASN M 102 17.86 29.81 -44.42
CA ASN M 102 16.94 30.75 -45.00
C ASN M 102 16.92 32.14 -44.38
N ASN M 103 17.67 32.39 -43.33
CA ASN M 103 17.44 33.60 -42.57
C ASN M 103 18.75 34.32 -42.31
N TRP M 104 18.71 35.64 -42.45
CA TRP M 104 19.86 36.47 -42.12
C TRP M 104 20.00 36.72 -40.63
N GLY M 105 18.93 36.59 -39.87
CA GLY M 105 19.01 36.83 -38.46
C GLY M 105 17.80 36.29 -37.74
N PHE M 106 17.93 36.21 -36.43
CA PHE M 106 16.86 35.76 -35.56
C PHE M 106 17.17 36.28 -34.16
N ARG M 107 16.18 36.18 -33.29
CA ARG M 107 16.31 36.62 -31.91
C ARG M 107 15.07 36.22 -31.13
N PRO M 108 15.20 35.96 -29.84
CA PRO M 108 14.05 35.53 -29.05
C PRO M 108 13.11 36.68 -28.69
N LYS M 109 11.83 36.35 -28.54
CA LYS M 109 10.77 37.31 -28.27
C LYS M 109 10.01 36.96 -26.99
N ARG M 110 9.36 35.81 -26.96
CA ARG M 110 8.56 35.40 -25.81
C ARG M 110 8.88 34.02 -25.32
N LEU M 111 8.57 33.79 -24.06
CA LEU M 111 8.79 32.50 -23.43
C LEU M 111 7.58 32.06 -22.63
N ASN M 112 7.27 30.76 -22.69
CA ASN M 112 6.19 30.17 -21.94
C ASN M 112 6.83 28.96 -21.26
N PHE M 113 6.53 28.74 -19.99
CA PHE M 113 7.14 27.66 -19.22
C PHE M 113 6.08 26.94 -18.42
N LYS M 114 6.08 25.62 -18.47
CA LYS M 114 5.13 24.83 -17.70
C LYS M 114 5.81 23.71 -16.94
N LEU M 115 5.24 23.39 -15.80
CA LEU M 115 5.72 22.30 -14.95
C LEU M 115 4.49 21.53 -14.50
N PHE M 116 4.40 20.26 -14.85
CA PHE M 116 3.14 19.54 -14.71
C PHE M 116 3.41 18.05 -14.59
N ASN M 117 2.37 17.33 -14.16
CA ASN M 117 2.41 15.88 -13.93
C ASN M 117 3.44 15.51 -12.89
N ILE M 118 3.39 16.22 -11.77
CA ILE M 118 4.33 16.04 -10.68
C ILE M 118 4.06 14.70 -9.98
N GLN M 119 5.12 13.96 -9.71
CA GLN M 119 5.05 12.69 -9.00
C GLN M 119 6.13 12.66 -7.94
N VAL M 120 5.76 12.55 -6.68
CA VAL M 120 6.72 12.41 -5.59
C VAL M 120 6.78 10.94 -5.18
N LYS M 121 7.97 10.41 -5.02
CA LYS M 121 8.20 9.01 -4.74
C LYS M 121 8.89 8.82 -3.40
N GLU M 122 8.58 7.72 -2.72
CA GLU M 122 9.25 7.34 -1.49
C GLU M 122 10.09 6.11 -1.76
N VAL M 123 11.35 6.14 -1.33
CA VAL M 123 12.27 5.04 -1.54
C VAL M 123 12.55 4.37 -0.20
N THR M 124 12.35 3.06 -0.15
CA THR M 124 12.65 2.27 1.03
C THR M 124 13.70 1.25 0.67
N ASP M 125 14.72 1.06 1.52
CA ASP M 125 15.76 0.09 1.19
C ASP M 125 16.10 -0.89 2.32
N ASN M 126 15.33 -1.96 2.45
CA ASN M 126 15.57 -2.93 3.53
C ASN M 126 16.89 -3.72 3.48
N ASN M 127 17.26 -4.24 2.32
CA ASN M 127 18.51 -5.02 2.21
C ASN M 127 19.32 -4.81 0.94
N GLY M 128 19.38 -3.58 0.43
CA GLY M 128 20.09 -3.30 -0.80
C GLY M 128 19.17 -3.37 -2.01
N VAL M 129 17.92 -3.77 -1.80
CA VAL M 129 16.92 -3.83 -2.86
C VAL M 129 15.90 -2.75 -2.59
N LYS M 130 15.90 -1.75 -3.45
CA LYS M 130 15.03 -0.58 -3.32
C LYS M 130 13.59 -0.89 -3.68
N THR M 131 12.67 -0.44 -2.83
CA THR M 131 11.25 -0.41 -3.10
C THR M 131 10.83 1.04 -3.28
N ILE M 132 9.99 1.31 -4.27
CA ILE M 132 9.56 2.67 -4.58
C ILE M 132 8.05 2.71 -4.56
N ALA M 133 7.51 3.70 -3.86
CA ALA M 133 6.07 3.89 -3.75
C ALA M 133 5.72 5.37 -3.94
N ASN M 134 4.47 5.62 -4.28
CA ASN M 134 3.94 6.96 -4.41
C ASN M 134 3.75 7.54 -3.03
N ASN M 135 4.10 8.80 -2.87
CA ASN M 135 3.68 9.56 -1.70
C ASN M 135 2.74 10.65 -2.21
N LEU M 136 1.45 10.47 -1.96
CA LEU M 136 0.47 11.29 -2.62
C LEU M 136 0.33 12.67 -2.01
N THR M 137 0.76 12.85 -0.76
CA THR M 137 0.60 14.10 -0.05
C THR M 137 1.85 14.97 -0.05
N SER M 138 2.94 14.54 -0.65
CA SER M 138 4.14 15.37 -0.61
C SER M 138 4.10 16.48 -1.65
N THR M 139 4.82 17.55 -1.37
CA THR M 139 4.86 18.70 -2.25
C THR M 139 6.25 18.91 -2.82
N VAL M 140 6.26 19.64 -3.93
CA VAL M 140 7.45 20.25 -4.49
C VAL M 140 7.26 21.75 -4.46
N GLN M 141 8.35 22.49 -4.27
CA GLN M 141 8.33 23.95 -4.25
C GLN M 141 9.04 24.48 -5.47
N VAL M 142 8.50 25.54 -6.06
CA VAL M 142 9.08 26.14 -7.24
C VAL M 142 8.86 27.64 -7.19
N PHE M 143 9.87 28.40 -7.58
CA PHE M 143 9.68 29.83 -7.79
C PHE M 143 10.64 30.29 -8.86
N THR M 144 10.32 31.42 -9.46
CA THR M 144 11.22 32.10 -10.36
C THR M 144 11.80 33.29 -9.62
N ASP M 145 13.04 33.64 -9.94
CA ASP M 145 13.64 34.83 -9.35
C ASP M 145 13.43 35.92 -10.39
N SER M 146 12.32 36.63 -10.26
CA SER M 146 11.95 37.56 -11.31
C SER M 146 12.46 38.96 -11.03
N ASP M 147 12.93 39.22 -9.82
CA ASP M 147 13.61 40.44 -9.44
C ASP M 147 15.12 40.31 -9.51
N TYR M 148 15.64 39.16 -9.92
CA TYR M 148 17.07 38.94 -10.12
C TYR M 148 17.84 39.14 -8.83
N GLN M 149 17.27 38.64 -7.74
CA GLN M 149 17.82 38.79 -6.41
C GLN M 149 18.80 37.67 -6.03
N LEU M 150 18.82 36.58 -6.74
CA LEU M 150 19.83 35.56 -6.51
C LEU M 150 21.03 35.74 -7.41
N PRO M 151 22.18 35.18 -7.04
CA PRO M 151 23.28 35.03 -7.98
C PRO M 151 22.84 34.22 -9.19
N TYR M 152 23.25 34.65 -10.37
CA TYR M 152 22.71 34.13 -11.61
C TYR M 152 23.74 33.21 -12.25
N VAL M 153 23.48 31.90 -12.21
CA VAL M 153 24.43 30.93 -12.73
C VAL M 153 24.06 30.39 -14.10
N LEU M 154 22.97 30.85 -14.70
CA LEU M 154 22.57 30.31 -15.99
C LEU M 154 23.46 30.76 -17.14
N GLY M 155 24.36 31.70 -16.94
CA GLY M 155 25.19 32.19 -18.03
C GLY M 155 26.63 31.74 -18.00
N SER M 156 26.93 30.67 -17.29
CA SER M 156 28.29 30.15 -17.17
C SER M 156 28.58 28.92 -18.01
N ALA M 157 27.65 28.52 -18.88
CA ALA M 157 27.82 27.37 -19.78
C ALA M 157 27.95 26.06 -19.01
N HIS M 158 27.12 25.90 -17.99
CA HIS M 158 27.11 24.67 -17.21
C HIS M 158 26.26 23.59 -17.86
N GLU M 159 26.60 22.36 -17.52
CA GLU M 159 25.82 21.21 -17.91
C GLU M 159 24.51 21.18 -17.13
N GLY M 160 23.64 20.25 -17.46
CA GLY M 160 22.35 20.16 -16.81
C GLY M 160 21.21 20.73 -17.60
N CYS M 161 21.39 20.98 -18.89
CA CYS M 161 20.33 21.46 -19.74
C CYS M 161 19.25 20.39 -19.93
N LEU M 162 18.09 20.85 -20.36
CA LEU M 162 17.15 19.96 -21.02
C LEU M 162 17.87 19.30 -22.19
N PRO M 163 17.79 17.97 -22.34
CA PRO M 163 18.64 17.30 -23.31
C PRO M 163 18.17 17.53 -24.74
N PRO M 164 19.08 17.51 -25.71
CA PRO M 164 18.68 17.72 -27.10
C PRO M 164 17.69 16.70 -27.60
N PHE M 165 17.75 15.52 -27.13
CA PHE M 165 16.92 14.51 -27.72
C PHE M 165 15.69 14.27 -26.87
N PRO M 166 14.49 14.40 -27.42
CA PRO M 166 13.29 14.50 -26.58
C PRO M 166 12.97 13.26 -25.79
N ALA M 167 13.54 12.10 -26.12
CA ALA M 167 13.15 10.89 -25.39
C ALA M 167 14.01 10.67 -24.16
N ASP M 168 15.04 11.47 -23.97
CA ASP M 168 15.92 11.25 -22.83
C ASP M 168 15.35 11.88 -21.57
N VAL M 169 15.59 11.22 -20.44
CA VAL M 169 15.13 11.68 -19.14
C VAL M 169 16.32 12.27 -18.41
N PHE M 170 16.19 13.50 -17.94
CA PHE M 170 17.34 14.20 -17.42
C PHE M 170 17.17 14.51 -15.95
N MET M 171 18.30 14.76 -15.34
CA MET M 171 18.40 15.05 -13.92
C MET M 171 18.50 16.55 -13.73
N ILE M 172 17.72 17.08 -12.80
CA ILE M 172 17.79 18.52 -12.51
C ILE M 172 19.06 18.81 -11.72
N PRO M 173 19.88 19.76 -12.15
CA PRO M 173 21.14 20.03 -11.44
C PRO M 173 20.95 20.82 -10.16
N GLN M 174 21.97 20.79 -9.32
CA GLN M 174 21.89 21.43 -8.02
C GLN M 174 22.31 22.89 -8.10
N TYR M 175 21.54 23.77 -7.46
CA TYR M 175 21.88 25.18 -7.43
C TYR M 175 22.91 25.48 -6.34
N GLY M 176 23.94 26.23 -6.71
CA GLY M 176 24.96 26.69 -5.78
C GLY M 176 25.54 27.97 -6.30
N TYR M 177 26.10 28.77 -5.41
CA TYR M 177 26.61 30.06 -5.82
C TYR M 177 27.89 30.38 -5.07
N LEU M 178 28.61 31.36 -5.58
CA LEU M 178 29.82 31.86 -4.96
C LEU M 178 29.64 33.31 -4.55
N THR M 179 30.40 33.70 -3.54
CA THR M 179 30.42 35.09 -3.10
C THR M 179 31.87 35.49 -2.96
N LEU M 180 32.16 36.65 -2.38
CA LEU M 180 33.53 37.10 -2.29
C LEU M 180 34.36 36.19 -1.42
N ASN M 181 35.58 35.91 -1.83
CA ASN M 181 36.49 35.15 -1.01
C ASN M 181 37.82 35.85 -0.91
N ASP M 182 38.56 35.53 0.14
CA ASP M 182 39.99 35.78 0.23
C ASP M 182 40.65 34.48 0.63
N GLY M 183 41.43 33.90 -0.28
CA GLY M 183 41.82 32.52 -0.09
C GLY M 183 40.59 31.67 -0.04
N SER M 184 40.48 30.83 0.98
CA SER M 184 39.27 30.06 1.20
C SER M 184 38.32 30.73 2.19
N GLN M 185 38.72 31.83 2.79
CA GLN M 185 37.91 32.55 3.75
C GLN M 185 36.92 33.51 3.10
N ALA M 186 35.87 33.82 3.84
CA ALA M 186 34.96 34.88 3.45
C ALA M 186 35.43 36.22 4.02
N VAL M 187 34.72 37.28 3.64
CA VAL M 187 34.92 38.61 4.20
C VAL M 187 33.56 39.12 4.61
N GLY M 188 33.56 40.23 5.34
CA GLY M 188 32.31 40.80 5.77
C GLY M 188 31.41 41.21 4.62
N ARG M 189 31.98 41.40 3.44
CA ARG M 189 31.15 41.80 2.33
C ARG M 189 30.49 40.60 1.65
N SER M 190 30.80 39.38 2.08
CA SER M 190 30.24 38.18 1.47
C SER M 190 28.77 38.00 1.84
N SER M 191 27.98 37.56 0.87
CA SER M 191 26.55 37.40 1.07
C SER M 191 26.16 35.94 1.14
N PHE M 192 25.19 35.66 2.00
CA PHE M 192 24.61 34.35 2.14
C PHE M 192 23.13 34.44 1.81
N TYR M 193 22.63 33.49 1.03
CA TYR M 193 21.25 33.51 0.60
C TYR M 193 20.56 32.25 1.07
N CYS M 194 19.37 32.41 1.63
CA CYS M 194 18.47 31.30 1.88
C CYS M 194 17.37 31.37 0.84
N LEU M 195 17.16 30.28 0.12
CA LEU M 195 16.13 30.30 -0.90
C LEU M 195 14.77 30.04 -0.29
N GLU M 196 14.71 29.65 0.98
CA GLU M 196 13.46 29.52 1.68
C GLU M 196 12.85 30.87 1.97
N TYR M 197 13.69 31.87 1.87
CA TYR M 197 13.34 33.22 2.18
C TYR M 197 12.58 33.90 1.05
N PHE M 198 12.16 33.12 0.08
CA PHE M 198 11.39 33.66 -1.02
C PHE M 198 10.06 32.99 -1.01
N PRO M 199 9.04 33.70 -1.46
CA PRO M 199 7.78 32.97 -1.62
C PRO M 199 7.84 32.02 -2.81
N SER M 200 7.25 30.84 -2.64
CA SER M 200 7.23 29.86 -3.71
C SER M 200 5.91 29.11 -3.72
N GLN M 201 5.60 28.51 -4.86
CA GLN M 201 4.39 27.73 -5.04
C GLN M 201 4.66 26.29 -4.67
N MET M 202 3.74 25.70 -3.90
CA MET M 202 3.88 24.32 -3.46
C MET M 202 2.95 23.46 -4.27
N LEU M 203 3.45 22.32 -4.74
CA LEU M 203 2.75 21.49 -5.70
C LEU M 203 2.63 20.08 -5.17
N ARG M 204 1.41 19.62 -4.95
CA ARG M 204 1.16 18.20 -4.85
C ARG M 204 0.93 17.64 -6.25
N THR M 205 0.70 16.33 -6.31
CA THR M 205 0.74 15.64 -7.59
C THR M 205 -0.34 16.12 -8.56
N GLY M 206 -1.40 16.74 -8.09
CA GLY M 206 -2.37 17.29 -9.00
C GLY M 206 -2.12 18.69 -9.49
N ASN M 207 -1.19 19.41 -8.90
CA ASN M 207 -0.95 20.80 -9.23
C ASN M 207 0.00 20.96 -10.41
N ASN M 208 -0.13 22.08 -11.10
CA ASN M 208 0.81 22.44 -12.15
C ASN M 208 1.29 23.87 -11.95
N PHE M 209 2.32 24.24 -12.69
CA PHE M 209 2.99 25.51 -12.55
C PHE M 209 3.23 26.13 -13.92
N GLN M 210 3.08 27.44 -14.04
CA GLN M 210 3.45 28.07 -15.29
C GLN M 210 3.83 29.51 -15.04
N PHE M 211 4.57 30.08 -15.99
CA PHE M 211 4.73 31.52 -16.07
C PHE M 211 5.19 31.85 -17.49
N SER M 212 5.02 33.11 -17.84
CA SER M 212 5.49 33.59 -19.12
C SER M 212 6.48 34.72 -18.89
N TYR M 213 7.31 34.94 -19.88
CA TYR M 213 8.40 35.90 -19.83
C TYR M 213 8.52 36.62 -21.15
N GLU M 214 8.80 37.91 -21.09
CA GLU M 214 9.06 38.71 -22.28
C GLU M 214 10.54 39.04 -22.33
N PHE M 215 11.20 38.65 -23.42
CA PHE M 215 12.57 39.06 -23.67
C PHE M 215 12.65 40.56 -23.89
N GLU M 216 13.72 41.16 -23.40
CA GLU M 216 13.95 42.54 -23.74
C GLU M 216 14.56 42.65 -25.13
N ASN M 217 14.35 43.80 -25.74
CA ASN M 217 14.82 44.03 -27.10
C ASN M 217 16.32 43.80 -27.19
N VAL M 218 16.72 42.93 -28.12
CA VAL M 218 18.12 42.68 -28.42
C VAL M 218 18.29 42.75 -29.92
N PRO M 219 19.51 42.95 -30.40
CA PRO M 219 19.74 42.89 -31.85
C PRO M 219 19.53 41.48 -32.38
N PHE M 220 19.18 41.39 -33.65
CA PHE M 220 19.23 40.10 -34.33
C PHE M 220 20.65 39.57 -34.32
N HIS M 221 20.79 38.31 -33.98
CA HIS M 221 22.09 37.68 -34.05
C HIS M 221 22.35 37.58 -35.54
N SER M 222 23.51 38.00 -35.98
CA SER M 222 23.77 37.93 -37.40
C SER M 222 24.06 36.50 -37.79
N SER M 223 23.33 35.97 -38.77
CA SER M 223 23.55 34.60 -39.18
C SER M 223 23.77 34.58 -40.67
N TYR M 224 24.90 35.15 -41.02
CA TYR M 224 25.38 35.27 -42.38
C TYR M 224 26.87 35.52 -42.30
N ALA M 225 27.55 35.32 -43.42
CA ALA M 225 28.97 35.56 -43.50
C ALA M 225 29.14 36.62 -44.57
N HIS M 226 30.07 37.53 -44.39
CA HIS M 226 30.28 38.56 -45.38
C HIS M 226 30.94 38.01 -46.65
N SER M 227 30.34 38.32 -47.79
CA SER M 227 30.87 37.96 -49.09
C SER M 227 31.86 39.00 -49.61
N GLN M 228 32.20 39.96 -48.78
CA GLN M 228 33.10 41.05 -49.14
C GLN M 228 33.98 41.26 -47.91
N SER M 229 35.20 41.72 -48.10
CA SER M 229 36.07 41.92 -46.94
C SER M 229 36.37 43.40 -46.75
N LEU M 230 36.72 43.74 -45.50
CA LEU M 230 36.84 45.14 -45.10
C LEU M 230 37.89 45.89 -45.91
N ASP M 231 38.91 45.20 -46.39
CA ASP M 231 39.94 45.91 -47.14
C ASP M 231 39.71 45.93 -48.65
N ARG M 232 38.68 45.26 -49.14
CA ARG M 232 38.38 45.22 -50.56
C ARG M 232 37.18 46.06 -50.99
N LEU M 233 36.69 46.96 -50.12
CA LEU M 233 35.42 47.63 -50.39
C LEU M 233 35.44 48.59 -51.58
N MET M 234 36.59 48.83 -52.19
CA MET M 234 36.74 49.79 -53.28
C MET M 234 36.17 49.28 -54.60
N ASN M 235 35.94 50.23 -55.51
CA ASN M 235 35.71 49.92 -56.92
C ASN M 235 37.04 49.58 -57.59
N PRO M 236 37.20 48.35 -58.08
CA PRO M 236 38.52 47.92 -58.59
C PRO M 236 38.96 48.61 -59.88
N LEU M 237 38.07 49.31 -60.57
CA LEU M 237 38.36 49.89 -61.87
C LEU M 237 38.87 51.33 -61.80
N ILE M 238 38.72 52.01 -60.68
CA ILE M 238 38.88 53.46 -60.64
C ILE M 238 39.98 53.80 -59.65
N ASP M 239 40.67 54.91 -59.90
CA ASP M 239 41.64 55.44 -58.97
C ASP M 239 40.99 56.20 -57.82
N GLN M 240 41.74 56.38 -56.75
CA GLN M 240 41.42 57.39 -55.77
C GLN M 240 41.92 58.76 -56.21
N TYR M 241 41.31 59.79 -55.66
CA TYR M 241 41.85 61.13 -55.76
C TYR M 241 42.80 61.44 -54.62
N LEU M 242 43.16 60.46 -53.80
CA LEU M 242 44.11 60.64 -52.72
C LEU M 242 45.48 60.12 -53.11
N TYR M 243 46.52 60.79 -52.63
CA TYR M 243 47.90 60.41 -52.85
C TYR M 243 48.49 59.79 -51.59
N TYR M 244 49.40 58.85 -51.79
CA TYR M 244 50.18 58.28 -50.71
C TYR M 244 51.65 58.49 -51.02
N LEU M 245 52.48 58.41 -49.99
CA LEU M 245 53.91 58.63 -50.18
C LEU M 245 54.57 57.37 -50.70
N SER M 246 55.03 57.40 -51.94
CA SER M 246 55.61 56.23 -52.59
C SER M 246 57.11 56.05 -52.39
N LYS M 247 57.93 57.10 -52.46
CA LYS M 247 59.39 56.93 -52.37
C LYS M 247 60.04 58.00 -51.50
N THR M 248 60.92 57.56 -50.60
CA THR M 248 61.73 58.45 -49.79
C THR M 248 63.16 58.68 -50.28
N ILE M 249 63.67 57.94 -51.25
CA ILE M 249 65.02 58.18 -51.77
C ILE M 249 65.03 58.02 -53.27
N ASN M 250 65.90 58.79 -53.94
CA ASN M 250 66.07 58.67 -55.38
C ASN M 250 66.72 57.36 -55.75
N GLY M 251 67.82 57.01 -55.11
CA GLY M 251 68.54 55.81 -55.47
C GLY M 251 69.58 55.50 -54.44
N SER M 252 70.51 54.63 -54.83
CA SER M 252 71.63 54.31 -53.97
C SER M 252 72.57 55.49 -53.82
N GLY M 253 73.37 55.46 -52.77
CA GLY M 253 74.33 56.51 -52.50
C GLY M 253 73.86 57.45 -51.42
N GLN M 254 74.69 58.44 -51.17
CA GLN M 254 74.45 59.39 -50.09
C GLN M 254 73.55 60.53 -50.55
N ASN M 255 72.78 61.07 -49.61
CA ASN M 255 72.08 62.33 -49.79
C ASN M 255 71.00 62.21 -50.87
N GLN M 256 70.32 61.07 -50.87
CA GLN M 256 69.31 60.79 -51.88
C GLN M 256 67.89 61.12 -51.43
N GLN M 257 67.73 61.74 -50.26
CA GLN M 257 66.39 61.99 -49.73
C GLN M 257 65.50 62.70 -50.75
N THR M 258 64.26 62.24 -50.82
CA THR M 258 63.28 62.86 -51.69
C THR M 258 61.89 62.49 -51.18
N LEU M 259 60.90 63.20 -51.66
CA LEU M 259 59.51 62.89 -51.37
C LEU M 259 58.78 62.69 -52.69
N LYS M 260 58.33 61.47 -52.93
CA LYS M 260 57.57 61.13 -54.13
C LYS M 260 56.20 60.61 -53.73
N PHE M 261 55.18 61.03 -54.46
CA PHE M 261 53.81 60.68 -54.14
C PHE M 261 53.15 60.07 -55.36
N SER M 262 52.27 59.09 -55.13
CA SER M 262 51.55 58.43 -56.19
C SER M 262 50.08 58.35 -55.86
N VAL M 263 49.27 58.19 -56.89
CA VAL M 263 47.85 57.92 -56.75
C VAL M 263 47.68 56.48 -56.28
N ALA M 264 46.82 56.28 -55.29
CA ALA M 264 46.46 54.91 -54.92
C ALA M 264 45.32 54.45 -55.81
N GLY M 265 45.48 53.27 -56.38
CA GLY M 265 44.63 52.84 -57.46
C GLY M 265 44.52 51.35 -57.47
N PRO M 266 43.89 50.81 -58.51
CA PRO M 266 43.63 49.37 -58.58
C PRO M 266 44.86 48.51 -58.38
N SER M 267 46.03 48.93 -58.84
CA SER M 267 47.18 48.03 -58.81
C SER M 267 47.81 47.95 -57.43
N ASN M 268 47.74 49.01 -56.65
CA ASN M 268 48.18 48.93 -55.27
C ASN M 268 46.97 49.20 -54.39
N MET M 269 46.32 48.15 -53.91
CA MET M 269 45.15 48.31 -53.08
C MET M 269 45.49 48.41 -51.61
N ALA M 270 46.71 48.04 -51.25
CA ALA M 270 47.09 48.06 -49.84
C ALA M 270 47.18 49.46 -49.29
N VAL M 271 47.48 50.46 -50.13
CA VAL M 271 47.75 51.80 -49.64
C VAL M 271 46.56 52.73 -49.75
N GLN M 272 45.42 52.27 -50.24
CA GLN M 272 44.33 53.21 -50.43
C GLN M 272 43.77 53.68 -49.09
N GLY M 273 43.32 54.92 -49.05
CA GLY M 273 42.64 55.41 -47.87
C GLY M 273 41.33 54.68 -47.64
N ARG M 274 41.06 54.34 -46.39
CA ARG M 274 39.90 53.57 -46.04
C ARG M 274 39.15 54.24 -44.89
N ASN M 275 37.84 54.12 -44.93
CA ASN M 275 37.00 54.72 -43.91
C ASN M 275 36.86 53.89 -42.65
N TYR M 276 36.97 52.58 -42.76
CA TYR M 276 36.70 51.71 -41.63
C TYR M 276 37.81 50.69 -41.50
N ILE M 277 38.14 50.32 -40.28
CA ILE M 277 39.29 49.47 -40.00
C ILE M 277 38.81 48.27 -39.20
N PRO M 278 39.60 47.21 -39.15
CA PRO M 278 39.19 46.01 -38.43
C PRO M 278 39.08 46.22 -36.94
N GLY M 279 38.29 45.34 -36.33
CA GLY M 279 37.97 45.39 -34.92
C GLY M 279 39.11 44.99 -33.99
N PRO M 280 38.81 44.97 -32.70
CA PRO M 280 39.85 44.84 -31.69
C PRO M 280 40.36 43.41 -31.55
N SER M 281 41.52 43.29 -30.91
CA SER M 281 42.23 42.03 -30.85
C SER M 281 43.02 41.90 -29.55
N TYR M 282 43.13 40.67 -29.07
CA TYR M 282 43.98 40.34 -27.92
C TYR M 282 44.66 39.03 -28.29
N ARG M 283 45.98 39.02 -28.50
CA ARG M 283 46.55 37.90 -29.25
C ARG M 283 46.51 36.60 -28.45
N GLN M 284 46.09 35.54 -29.13
CA GLN M 284 46.11 34.15 -28.71
C GLN M 284 47.30 33.41 -29.31
N GLN M 285 47.80 32.45 -28.56
CA GLN M 285 48.86 31.56 -29.04
C GLN M 285 48.30 30.52 -30.01
N ARG M 286 49.12 30.16 -31.00
CA ARG M 286 48.67 29.28 -32.06
C ARG M 286 49.13 27.85 -31.81
N VAL M 287 48.21 26.90 -31.98
CA VAL M 287 48.46 25.48 -31.76
C VAL M 287 48.05 24.72 -33.00
N SER M 288 48.82 23.70 -33.36
CA SER M 288 48.51 22.87 -34.52
C SER M 288 47.94 21.52 -34.10
N THR M 289 46.94 21.05 -34.84
CA THR M 289 46.41 19.70 -34.59
C THR M 289 47.30 18.64 -35.19
N THR M 290 48.31 19.04 -35.96
CA THR M 290 49.43 18.17 -36.28
C THR M 290 50.50 18.40 -35.23
N VAL M 291 50.71 17.43 -34.34
CA VAL M 291 51.37 17.73 -33.08
C VAL M 291 52.88 17.86 -33.26
N THR M 292 53.43 17.32 -34.35
CA THR M 292 54.87 17.45 -34.54
C THR M 292 55.25 18.88 -34.89
N GLN M 293 54.29 19.66 -35.38
CA GLN M 293 54.55 21.06 -35.67
C GLN M 293 54.53 21.88 -34.39
N ASN M 294 53.98 21.34 -33.32
CA ASN M 294 54.00 22.02 -32.03
C ASN M 294 55.32 21.79 -31.33
N ASN M 295 55.65 22.71 -30.42
CA ASN M 295 56.88 22.69 -29.65
C ASN M 295 56.87 21.62 -28.57
N ASN M 296 58.03 21.03 -28.31
CA ASN M 296 58.15 19.97 -27.32
C ASN M 296 58.32 20.50 -25.90
N SER M 297 57.26 21.07 -25.34
CA SER M 297 57.25 21.60 -23.98
C SER M 297 55.82 21.76 -23.51
N GLU M 298 55.63 21.99 -22.22
CA GLU M 298 54.29 22.18 -21.71
C GLU M 298 54.04 23.69 -21.71
N PHE M 299 53.06 24.14 -22.48
CA PHE M 299 52.78 25.57 -22.57
C PHE M 299 51.30 25.86 -22.51
N ALA M 300 50.50 24.85 -22.21
CA ALA M 300 49.05 25.04 -22.16
C ALA M 300 48.66 26.14 -21.18
N TRP M 301 49.04 26.01 -19.92
CA TRP M 301 48.92 27.15 -19.03
C TRP M 301 49.98 28.23 -19.29
N PRO M 302 51.28 27.90 -19.36
CA PRO M 302 52.29 28.97 -19.45
C PRO M 302 52.18 29.85 -20.68
N GLY M 303 51.75 29.32 -21.82
CA GLY M 303 51.60 30.17 -22.98
C GLY M 303 50.24 30.80 -23.15
N ALA M 304 49.39 30.78 -22.14
CA ALA M 304 48.02 31.20 -22.31
C ALA M 304 47.86 32.71 -22.17
N SER M 305 46.93 33.27 -22.93
CA SER M 305 46.53 34.65 -22.73
C SER M 305 45.60 34.73 -21.53
N SER M 306 45.82 35.73 -20.69
CA SER M 306 45.09 35.77 -19.43
C SER M 306 44.76 37.20 -19.07
N TRP M 307 43.84 37.33 -18.14
CA TRP M 307 43.60 38.58 -17.45
C TRP M 307 43.63 38.35 -15.96
N ALA M 308 43.86 39.42 -15.22
CA ALA M 308 44.08 39.35 -13.79
C ALA M 308 42.98 40.13 -13.08
N LEU M 309 42.47 39.58 -12.00
CA LEU M 309 41.49 40.28 -11.21
C LEU M 309 41.83 40.07 -9.75
N ASN M 310 42.14 41.16 -9.06
CA ASN M 310 42.41 41.13 -7.62
C ASN M 310 43.46 40.08 -7.27
N GLY M 311 44.48 39.97 -8.10
CA GLY M 311 45.58 39.07 -7.81
C GLY M 311 45.48 37.67 -8.36
N ARG M 312 44.34 37.27 -8.92
CA ARG M 312 44.15 35.94 -9.47
C ARG M 312 44.16 35.99 -10.99
N ASN M 313 44.65 34.94 -11.61
CA ASN M 313 44.75 34.86 -13.06
C ASN M 313 43.60 34.03 -13.63
N SER M 314 42.89 34.59 -14.58
CA SER M 314 41.92 33.84 -15.36
C SER M 314 42.39 33.75 -16.80
N LEU M 315 42.15 32.61 -17.41
CA LEU M 315 42.41 32.41 -18.82
C LEU M 315 41.54 33.36 -19.65
N MET M 316 42.06 33.84 -20.77
CA MET M 316 41.21 34.63 -21.65
C MET M 316 40.53 33.62 -22.56
N ASN M 317 39.28 33.34 -22.25
CA ASN M 317 38.59 32.24 -22.87
C ASN M 317 37.09 32.47 -22.95
N PRO M 318 36.51 32.34 -24.15
CA PRO M 318 37.14 32.28 -25.46
C PRO M 318 37.77 33.60 -25.85
N GLY M 319 37.46 34.66 -25.11
CA GLY M 319 38.04 35.95 -25.35
C GLY M 319 37.30 36.75 -26.40
N PRO M 320 37.94 37.81 -26.88
CA PRO M 320 37.33 38.63 -27.93
C PRO M 320 37.19 37.86 -29.23
N ALA M 321 36.16 38.20 -29.99
CA ALA M 321 35.81 37.41 -31.17
C ALA M 321 36.76 37.71 -32.30
N MET M 322 37.48 36.70 -32.73
CA MET M 322 38.53 36.87 -33.71
C MET M 322 38.52 35.70 -34.66
N ALA M 323 39.00 35.94 -35.87
CA ALA M 323 39.13 34.89 -36.86
C ALA M 323 40.07 33.82 -36.34
N SER M 324 39.65 32.56 -36.45
CA SER M 324 40.39 31.46 -35.83
C SER M 324 41.75 31.26 -36.48
N HIS M 325 41.84 31.39 -37.79
CA HIS M 325 43.08 31.11 -38.50
C HIS M 325 43.08 31.84 -39.82
N LYS M 326 44.25 31.90 -40.45
CA LYS M 326 44.36 32.48 -41.77
C LYS M 326 43.77 31.57 -42.83
N GLU M 327 43.43 32.16 -43.97
CA GLU M 327 42.94 31.42 -45.12
C GLU M 327 43.85 30.26 -45.45
N GLY M 328 43.24 29.09 -45.62
CA GLY M 328 43.98 27.92 -46.03
C GLY M 328 44.64 27.14 -44.92
N GLU M 329 44.69 27.66 -43.71
CA GLU M 329 45.33 26.94 -42.61
C GLU M 329 44.25 26.57 -41.61
N ASP M 330 43.68 25.38 -41.76
CA ASP M 330 42.62 25.00 -40.84
C ASP M 330 43.12 24.06 -39.76
N ARG M 331 44.41 23.72 -39.78
CA ARG M 331 44.98 22.89 -38.74
C ARG M 331 45.32 23.68 -37.49
N PHE M 332 45.33 25.00 -37.56
CA PHE M 332 45.70 25.84 -36.43
C PHE M 332 44.44 26.32 -35.72
N PHE M 333 44.56 26.49 -34.42
CA PHE M 333 43.47 27.04 -33.63
C PHE M 333 44.06 27.82 -32.47
N PRO M 334 43.35 28.87 -32.04
CA PRO M 334 43.79 29.68 -30.90
C PRO M 334 43.74 28.79 -29.66
N LEU M 335 44.69 28.93 -28.75
CA LEU M 335 44.75 28.02 -27.60
C LEU M 335 43.50 28.04 -26.71
N SER M 336 43.03 29.22 -26.34
CA SER M 336 41.78 29.31 -25.59
C SER M 336 40.79 30.22 -26.35
N GLY M 337 41.06 30.37 -27.64
CA GLY M 337 40.28 31.15 -28.58
C GLY M 337 38.89 30.69 -28.94
N SER M 338 38.70 29.38 -29.05
CA SER M 338 37.43 28.82 -29.50
C SER M 338 36.68 27.95 -28.51
N LEU M 339 35.37 27.99 -28.60
CA LEU M 339 34.54 27.15 -27.77
C LEU M 339 34.82 25.73 -28.21
N ILE M 340 35.02 24.82 -27.27
CA ILE M 340 35.30 23.43 -27.62
C ILE M 340 34.28 22.49 -27.00
N PHE M 341 33.60 21.73 -27.84
CA PHE M 341 32.60 20.81 -27.36
C PHE M 341 33.11 19.38 -27.38
N GLY M 342 32.60 18.56 -26.48
CA GLY M 342 32.94 17.15 -26.46
C GLY M 342 31.97 16.31 -27.29
N LYS M 343 32.47 15.20 -27.80
CA LYS M 343 31.64 14.23 -28.47
C LYS M 343 30.87 13.40 -27.45
N GLN M 344 29.78 12.79 -27.91
CA GLN M 344 29.02 11.89 -27.07
C GLN M 344 29.91 10.75 -26.60
N GLY M 345 29.94 10.54 -25.28
CA GLY M 345 30.76 9.52 -24.69
C GLY M 345 32.15 9.95 -24.29
N THR M 346 32.54 11.18 -24.55
CA THR M 346 33.89 11.64 -24.25
C THR M 346 34.05 11.84 -22.76
N GLY M 347 35.21 11.47 -22.23
CA GLY M 347 35.44 11.52 -20.82
C GLY M 347 35.70 12.91 -20.29
N ARG M 348 35.96 12.97 -19.00
CA ARG M 348 36.07 14.24 -18.31
C ARG M 348 37.46 14.86 -18.44
N ASP M 349 38.51 14.05 -18.39
CA ASP M 349 39.86 14.56 -18.20
C ASP M 349 40.86 13.94 -19.17
N ASN M 350 41.61 14.82 -19.86
CA ASN M 350 42.75 14.44 -20.71
C ASN M 350 42.36 13.54 -21.86
N VAL M 351 41.30 13.90 -22.56
CA VAL M 351 40.90 13.18 -23.75
C VAL M 351 41.72 13.65 -24.94
N ASP M 352 41.82 12.81 -25.97
CA ASP M 352 42.55 13.15 -27.17
C ASP M 352 41.76 14.15 -28.03
N ALA M 353 42.41 14.58 -29.11
CA ALA M 353 41.83 15.63 -29.95
C ALA M 353 40.65 15.11 -30.75
N ASP M 354 40.68 13.84 -31.11
CA ASP M 354 39.57 13.27 -31.87
C ASP M 354 38.35 13.08 -30.99
N LYS M 355 38.47 13.33 -29.69
CA LYS M 355 37.33 13.20 -28.80
C LYS M 355 36.55 14.51 -28.69
N VAL M 356 37.13 15.60 -29.16
CA VAL M 356 36.50 16.89 -29.00
C VAL M 356 36.23 17.50 -30.37
N MET M 357 35.35 18.48 -30.39
CA MET M 357 34.99 19.20 -31.59
C MET M 357 35.35 20.65 -31.38
N ILE M 358 36.29 21.15 -32.16
CA ILE M 358 36.80 22.50 -32.02
C ILE M 358 36.09 23.39 -33.05
N THR M 359 35.36 24.39 -32.57
CA THR M 359 34.73 25.32 -33.50
C THR M 359 35.79 26.26 -34.05
N ASN M 360 35.49 26.83 -35.21
CA ASN M 360 36.32 27.90 -35.75
C ASN M 360 35.45 29.03 -36.26
N GLU M 361 35.97 30.24 -36.08
CA GLU M 361 35.26 31.48 -36.39
C GLU M 361 35.62 32.06 -37.75
N GLU M 362 36.20 31.25 -38.64
CA GLU M 362 36.78 31.78 -39.88
C GLU M 362 35.85 32.69 -40.67
N GLU M 363 34.52 32.53 -40.57
CA GLU M 363 33.64 33.35 -41.39
C GLU M 363 33.81 34.83 -41.10
N ILE M 364 34.32 35.18 -39.91
CA ILE M 364 34.44 36.59 -39.57
C ILE M 364 35.79 37.19 -39.94
N LYS M 365 36.64 36.47 -40.67
CA LYS M 365 37.92 37.03 -41.07
C LYS M 365 37.78 38.20 -42.02
N THR M 366 36.59 38.42 -42.57
CA THR M 366 36.40 39.56 -43.44
C THR M 366 36.47 40.87 -42.66
N THR M 367 35.83 40.96 -41.50
CA THR M 367 36.02 42.11 -40.63
C THR M 367 36.86 41.92 -39.38
N ASN M 368 37.04 40.70 -38.89
CA ASN M 368 37.70 40.61 -37.58
C ASN M 368 39.13 40.14 -37.76
N PRO M 369 40.10 40.75 -37.08
CA PRO M 369 41.49 40.30 -37.19
C PRO M 369 41.67 38.85 -36.76
N VAL M 370 42.74 38.23 -37.26
CA VAL M 370 43.05 36.85 -36.92
C VAL M 370 43.55 36.76 -35.49
N ALA M 371 43.12 35.70 -34.79
CA ALA M 371 43.35 35.60 -33.35
C ALA M 371 44.82 35.33 -33.01
N THR M 372 45.53 34.64 -33.89
CA THR M 372 46.92 34.28 -33.65
C THR M 372 47.92 35.22 -34.30
N GLU M 373 47.47 36.33 -34.85
CA GLU M 373 48.32 37.29 -35.52
C GLU M 373 48.34 38.57 -34.72
N SER M 374 49.35 39.39 -34.96
CA SER M 374 49.32 40.75 -34.47
C SER M 374 48.22 41.56 -35.15
N TYR M 375 47.74 42.58 -34.45
CA TYR M 375 46.78 43.49 -35.07
C TYR M 375 47.44 44.25 -36.20
N GLY M 376 48.68 44.66 -36.01
CA GLY M 376 49.39 45.41 -37.03
C GLY M 376 50.68 45.96 -36.47
N GLN M 377 51.14 47.04 -37.09
CA GLN M 377 52.37 47.70 -36.70
C GLN M 377 52.14 49.18 -36.45
N VAL M 378 52.88 49.72 -35.49
CA VAL M 378 52.94 51.16 -35.27
C VAL M 378 54.39 51.61 -35.25
N ALA M 379 54.58 52.90 -35.52
CA ALA M 379 55.90 53.51 -35.45
C ALA M 379 56.33 53.68 -34.01
N THR M 380 57.58 53.32 -33.72
CA THR M 380 58.10 53.43 -32.36
C THR M 380 59.03 54.60 -32.11
N ASN M 381 59.36 55.42 -33.10
CA ASN M 381 60.34 56.48 -32.84
C ASN M 381 60.09 57.64 -33.79
N HIS M 382 60.99 58.61 -33.73
CA HIS M 382 61.15 59.63 -34.77
C HIS M 382 62.36 59.25 -35.61
N GLN M 383 62.11 58.87 -36.84
CA GLN M 383 63.20 58.70 -37.78
C GLN M 383 63.88 60.03 -38.01
N SER M 384 65.12 60.00 -38.47
CA SER M 384 65.83 61.23 -38.78
C SER M 384 66.99 60.88 -39.68
N ALA M 385 67.85 61.87 -39.93
CA ALA M 385 69.07 61.61 -40.68
C ALA M 385 69.93 60.58 -39.97
N GLN M 386 69.90 60.55 -38.64
CA GLN M 386 70.69 59.60 -37.88
C GLN M 386 69.92 58.38 -37.41
N ALA M 387 68.61 58.29 -37.64
CA ALA M 387 67.82 57.20 -37.10
C ALA M 387 66.88 56.65 -38.15
N GLN M 388 66.93 55.34 -38.35
CA GLN M 388 66.02 54.70 -39.26
C GLN M 388 64.62 54.57 -38.67
N ALA M 389 63.63 54.50 -39.54
CA ALA M 389 62.26 54.32 -39.10
C ALA M 389 62.09 52.96 -38.45
N GLN M 390 61.52 52.95 -37.25
CA GLN M 390 61.34 51.73 -36.49
C GLN M 390 59.86 51.48 -36.25
N THR M 391 59.48 50.21 -36.28
CA THR M 391 58.12 49.79 -36.01
C THR M 391 58.13 48.72 -34.92
N GLY M 392 56.96 48.46 -34.38
CA GLY M 392 56.79 47.40 -33.42
C GLY M 392 55.42 46.77 -33.61
N TRP M 393 55.27 45.59 -33.03
CA TRP M 393 54.06 44.82 -33.27
C TRP M 393 53.00 45.14 -32.23
N VAL M 394 51.77 45.27 -32.67
CA VAL M 394 50.65 45.52 -31.78
C VAL M 394 50.06 44.16 -31.43
N GLN M 395 50.24 43.73 -30.19
CA GLN M 395 49.77 42.41 -29.79
C GLN M 395 48.35 42.47 -29.26
N ASN M 396 47.88 43.66 -28.89
CA ASN M 396 46.54 43.85 -28.40
C ASN M 396 46.10 45.26 -28.72
N GLN M 397 44.86 45.41 -29.15
CA GLN M 397 44.38 46.68 -29.65
C GLN M 397 42.96 46.90 -29.16
N GLY M 398 42.76 47.94 -28.40
CA GLY M 398 41.42 48.32 -27.99
C GLY M 398 40.65 49.03 -29.08
N ILE M 399 39.38 49.27 -28.80
CA ILE M 399 38.46 49.95 -29.70
C ILE M 399 39.03 51.28 -30.17
N LEU M 400 39.01 51.48 -31.36
CA LEU M 400 39.31 52.74 -32.00
C LEU M 400 38.08 53.24 -32.75
N PRO M 401 37.91 54.56 -32.88
CA PRO M 401 36.84 55.05 -33.73
C PRO M 401 37.04 54.56 -35.17
N GLY M 402 35.96 54.06 -35.76
CA GLY M 402 36.01 53.51 -37.08
C GLY M 402 36.22 52.03 -37.20
N MET M 403 36.25 51.30 -36.08
CA MET M 403 36.30 49.85 -36.14
C MET M 403 34.92 49.25 -36.36
N VAL M 404 34.88 48.16 -37.09
CA VAL M 404 33.69 47.35 -37.24
C VAL M 404 34.14 45.92 -37.01
N TRP M 405 33.25 45.09 -36.47
CA TRP M 405 33.57 43.70 -36.17
C TRP M 405 32.27 42.91 -36.16
N GLN M 406 32.41 41.60 -36.23
CA GLN M 406 31.32 40.66 -36.03
C GLN M 406 31.49 39.96 -34.69
N ASP M 407 30.39 39.72 -34.01
CA ASP M 407 30.39 38.96 -32.77
C ASP M 407 30.64 37.50 -33.06
N ARG M 408 30.76 36.70 -32.02
CA ARG M 408 30.99 35.29 -32.20
C ARG M 408 29.70 34.59 -32.59
N ASP M 409 29.86 33.44 -33.25
CA ASP M 409 28.77 32.66 -33.77
C ASP M 409 28.06 31.92 -32.63
N VAL M 410 26.83 31.51 -32.90
CA VAL M 410 26.08 30.64 -32.02
C VAL M 410 26.01 29.27 -32.66
N TYR M 411 25.84 28.26 -31.84
CA TYR M 411 25.84 26.88 -32.29
C TYR M 411 24.58 26.18 -31.82
N LEU M 412 24.28 25.06 -32.47
CA LEU M 412 23.20 24.20 -31.99
C LEU M 412 23.48 23.74 -30.57
N GLN M 413 24.74 23.46 -30.26
CA GLN M 413 25.20 23.04 -28.94
C GLN M 413 25.44 24.20 -27.98
N GLY M 414 25.38 25.44 -28.44
CA GLY M 414 25.87 26.53 -27.65
C GLY M 414 24.84 27.21 -26.79
N PRO M 415 25.29 28.21 -26.04
CA PRO M 415 24.39 28.98 -25.20
C PRO M 415 23.56 29.98 -26.00
N ILE M 416 22.43 30.37 -25.42
CA ILE M 416 21.52 31.31 -26.05
C ILE M 416 21.71 32.70 -25.47
N TRP M 417 21.50 32.85 -24.18
CA TRP M 417 21.57 34.16 -23.55
C TRP M 417 22.57 34.15 -22.41
N ALA M 418 23.02 35.34 -22.03
CA ALA M 418 23.73 35.55 -20.78
C ALA M 418 23.10 36.72 -20.06
N LYS M 419 23.35 36.80 -18.76
CA LYS M 419 23.03 37.97 -17.99
C LYS M 419 24.18 38.96 -18.06
N ILE M 420 23.87 40.17 -18.49
CA ILE M 420 24.85 41.26 -18.44
C ILE M 420 25.09 41.64 -16.99
N PRO M 421 26.34 41.69 -16.54
CA PRO M 421 26.60 42.08 -15.14
C PRO M 421 26.04 43.45 -14.84
N HIS M 422 25.66 43.66 -13.60
CA HIS M 422 25.04 44.92 -13.20
C HIS M 422 26.18 45.85 -12.78
N THR M 423 26.50 46.81 -13.63
CA THR M 423 27.69 47.63 -13.45
C THR M 423 27.41 49.03 -13.95
N ASP M 424 28.29 49.95 -13.60
CA ASP M 424 28.22 51.31 -14.09
C ASP M 424 28.37 51.36 -15.60
N GLY M 425 29.31 50.59 -16.13
CA GLY M 425 29.58 50.67 -17.55
C GLY M 425 30.04 49.35 -18.10
N ASN M 426 29.74 49.18 -19.36
CA ASN M 426 30.09 48.01 -20.13
C ASN M 426 30.16 48.46 -21.58
N PHE M 427 30.91 47.75 -22.39
CA PHE M 427 30.93 48.14 -23.78
C PHE M 427 30.54 46.99 -24.66
N HIS M 428 29.54 47.21 -25.50
CA HIS M 428 29.07 46.20 -26.44
C HIS M 428 28.85 44.86 -25.75
N PRO M 429 27.97 44.84 -24.73
CA PRO M 429 27.67 43.71 -23.85
C PRO M 429 27.19 42.41 -24.48
N SER M 430 27.72 42.05 -25.63
CA SER M 430 27.36 40.79 -26.24
C SER M 430 28.21 39.74 -25.53
N PRO M 431 27.59 38.67 -24.99
CA PRO M 431 28.31 37.62 -24.27
C PRO M 431 29.43 37.03 -25.13
N LEU M 432 30.62 36.89 -24.58
CA LEU M 432 31.75 36.41 -25.37
C LEU M 432 31.64 34.96 -25.80
N MET M 433 31.05 34.09 -25.01
CA MET M 433 30.82 32.74 -25.50
C MET M 433 29.71 32.68 -26.56
N GLY M 434 29.00 33.77 -26.80
CA GLY M 434 28.09 33.92 -27.90
C GLY M 434 26.63 33.96 -27.45
N GLY M 435 25.80 34.58 -28.28
CA GLY M 435 24.40 34.76 -27.97
C GLY M 435 24.03 36.16 -27.55
N PHE M 436 22.90 36.25 -26.87
CA PHE M 436 22.20 37.49 -26.65
C PHE M 436 22.44 37.97 -25.22
N GLY M 437 23.03 39.15 -25.07
CA GLY M 437 23.21 39.70 -23.74
C GLY M 437 21.97 40.46 -23.29
N MET M 438 21.63 40.29 -22.03
CA MET M 438 20.39 40.86 -21.52
C MET M 438 20.60 41.34 -20.11
N LYS M 439 20.11 42.53 -19.80
CA LYS M 439 20.14 42.97 -18.41
C LYS M 439 19.08 42.29 -17.59
N HIS M 440 18.01 41.82 -18.23
CA HIS M 440 16.98 41.04 -17.56
C HIS M 440 16.74 39.79 -18.39
N PRO M 441 17.56 38.78 -18.22
CA PRO M 441 17.45 37.56 -19.01
C PRO M 441 16.25 36.74 -18.60
N PRO M 442 16.05 35.57 -19.19
CA PRO M 442 15.06 34.65 -18.64
C PRO M 442 15.39 34.34 -17.19
N PRO M 443 14.42 34.45 -16.30
CA PRO M 443 14.73 34.32 -14.88
C PRO M 443 14.99 32.88 -14.48
N GLN M 444 15.75 32.74 -13.41
CA GLN M 444 16.05 31.42 -12.86
C GLN M 444 14.81 30.78 -12.25
N ILE M 445 14.67 29.48 -12.47
CA ILE M 445 13.52 28.71 -12.04
C ILE M 445 14.04 27.68 -11.06
N LEU M 446 13.68 27.81 -9.79
CA LEU M 446 14.25 27.01 -8.71
C LEU M 446 13.25 25.98 -8.24
N ILE M 447 13.73 24.80 -7.87
CA ILE M 447 12.82 23.72 -7.52
C ILE M 447 13.47 22.83 -6.46
N LYS M 448 12.67 22.35 -5.53
CA LYS M 448 13.15 21.42 -4.50
C LYS M 448 12.00 20.55 -4.04
N ASN M 449 12.36 19.40 -3.49
CA ASN M 449 11.41 18.59 -2.75
C ASN M 449 11.22 19.18 -1.37
N THR M 450 9.98 19.36 -0.96
CA THR M 450 9.71 19.78 0.40
C THR M 450 10.11 18.66 1.34
N PRO M 451 10.93 18.92 2.36
CA PRO M 451 11.35 17.85 3.27
C PRO M 451 10.18 17.29 4.06
N VAL M 452 10.13 15.98 4.16
CA VAL M 452 9.15 15.28 4.99
C VAL M 452 9.92 14.59 6.10
N PRO M 453 9.85 15.07 7.33
CA PRO M 453 10.63 14.45 8.40
C PRO M 453 10.14 13.06 8.73
N ALA M 454 11.08 12.20 9.07
CA ALA M 454 10.81 10.92 9.69
C ALA M 454 10.25 11.15 11.09
N ASP M 455 9.68 10.09 11.66
CA ASP M 455 8.99 10.21 12.94
C ASP M 455 9.85 10.87 14.02
N PRO M 456 9.38 11.94 14.64
CA PRO M 456 10.12 12.57 15.71
C PRO M 456 10.02 11.77 16.99
N PRO M 457 10.90 12.03 17.97
CA PRO M 457 10.80 11.33 19.25
C PRO M 457 9.59 11.78 20.05
N THR M 458 9.26 11.00 21.07
CA THR M 458 8.02 11.26 21.80
C THR M 458 8.24 12.17 22.99
N ALA M 459 9.46 12.65 23.19
CA ALA M 459 9.72 13.72 24.15
C ALA M 459 10.29 14.90 23.40
N PHE M 460 9.92 16.10 23.82
CA PHE M 460 10.37 17.28 23.09
C PHE M 460 11.87 17.43 23.15
N ASN M 461 12.44 17.78 22.01
CA ASN M 461 13.85 18.06 21.84
C ASN M 461 13.96 19.31 20.98
N LYS M 462 14.86 20.21 21.35
CA LYS M 462 14.88 21.51 20.67
C LYS M 462 15.66 21.48 19.37
N ASP M 463 16.40 20.42 19.11
CA ASP M 463 17.25 20.37 17.93
C ASP M 463 16.41 20.36 16.67
N LYS M 464 17.00 20.82 15.58
CA LYS M 464 16.36 20.58 14.30
C LYS M 464 16.36 19.09 14.00
N LEU M 465 15.32 18.65 13.32
CA LEU M 465 15.21 17.25 12.96
C LEU M 465 16.20 16.92 11.85
N ASN M 466 17.02 15.91 12.07
CA ASN M 466 18.02 15.49 11.09
C ASN M 466 17.61 14.26 10.29
N SER M 467 16.41 13.75 10.47
CA SER M 467 16.03 12.46 9.92
C SER M 467 14.81 12.64 9.02
N PHE M 468 14.91 12.20 7.78
CA PHE M 468 13.89 12.49 6.78
C PHE M 468 13.51 11.25 5.99
N ILE M 469 12.27 11.24 5.52
CA ILE M 469 11.83 10.22 4.59
C ILE M 469 12.51 10.42 3.25
N THR M 470 13.05 9.35 2.69
CA THR M 470 13.79 9.44 1.45
C THR M 470 12.84 9.62 0.27
N GLN M 471 13.00 10.72 -0.45
CA GLN M 471 12.06 11.05 -1.51
C GLN M 471 12.80 11.57 -2.71
N TYR M 472 12.16 11.45 -3.86
CA TYR M 472 12.54 12.20 -5.04
C TYR M 472 11.28 12.46 -5.83
N SER M 473 11.35 13.41 -6.74
CA SER M 473 10.21 13.73 -7.56
C SER M 473 10.57 13.62 -9.03
N THR M 474 9.54 13.59 -9.86
CA THR M 474 9.71 13.58 -11.30
C THR M 474 8.49 14.18 -11.96
N GLY M 475 8.65 14.60 -13.20
CA GLY M 475 7.54 15.20 -13.92
C GLY M 475 7.88 15.63 -15.32
N GLN M 476 7.07 16.52 -15.87
CA GLN M 476 7.27 17.00 -17.23
C GLN M 476 7.55 18.49 -17.17
N VAL M 477 8.30 18.98 -18.14
CA VAL M 477 8.50 20.41 -18.35
C VAL M 477 8.24 20.69 -19.82
N SER M 478 7.55 21.78 -20.08
CA SER M 478 7.42 22.29 -21.42
C SER M 478 7.90 23.73 -21.46
N VAL M 479 8.66 24.06 -22.48
CA VAL M 479 9.15 25.41 -22.71
C VAL M 479 8.84 25.78 -24.14
N GLU M 480 8.29 26.97 -24.33
CA GLU M 480 7.84 27.46 -25.63
C GLU M 480 8.49 28.81 -25.86
N ILE M 481 9.17 28.97 -26.99
CA ILE M 481 9.81 30.24 -27.34
C ILE M 481 9.33 30.70 -28.70
N GLU M 482 8.88 31.94 -28.77
CA GLU M 482 8.66 32.61 -30.04
C GLU M 482 9.95 33.30 -30.46
N TRP M 483 10.37 33.06 -31.69
CA TRP M 483 11.58 33.63 -32.24
C TRP M 483 11.22 34.52 -33.42
N GLU M 484 11.77 35.73 -33.47
CA GLU M 484 11.57 36.60 -34.62
C GLU M 484 12.65 36.34 -35.66
N LEU M 485 12.25 36.25 -36.92
CA LEU M 485 13.17 35.97 -38.01
C LEU M 485 13.42 37.21 -38.84
N GLN M 486 14.63 37.29 -39.36
CA GLN M 486 15.01 38.29 -40.35
C GLN M 486 15.30 37.54 -41.63
N LYS M 487 14.43 37.70 -42.63
CA LYS M 487 14.59 36.90 -43.84
C LYS M 487 15.64 37.51 -44.76
N GLU M 488 16.36 36.61 -45.44
CA GLU M 488 17.35 36.99 -46.45
C GLU M 488 16.72 37.68 -47.66
N ASN M 489 17.25 38.85 -48.00
CA ASN M 489 16.77 39.67 -49.11
C ASN M 489 17.65 39.66 -50.36
N SER M 490 18.63 38.76 -50.45
CA SER M 490 19.79 38.98 -51.32
C SER M 490 19.44 39.06 -52.81
N LYS M 491 20.27 39.82 -53.54
CA LYS M 491 20.28 39.87 -55.00
C LYS M 491 21.38 39.04 -55.63
N ARG M 492 22.16 38.29 -54.85
CA ARG M 492 23.21 37.45 -55.39
C ARG M 492 22.71 36.47 -56.46
N TRP M 493 23.42 36.44 -57.58
CA TRP M 493 23.00 35.63 -58.73
C TRP M 493 23.32 34.15 -58.54
N ASN M 494 24.52 33.83 -58.08
CA ASN M 494 24.94 32.45 -57.98
C ASN M 494 24.47 31.81 -56.68
N PRO M 495 24.39 30.48 -56.63
CA PRO M 495 23.84 29.83 -55.45
C PRO M 495 24.75 29.96 -54.23
N GLU M 496 24.11 29.97 -53.06
CA GLU M 496 24.77 30.12 -51.77
C GLU M 496 25.37 28.80 -51.30
N ILE M 497 26.09 28.88 -50.19
CA ILE M 497 26.48 27.72 -49.40
C ILE M 497 25.36 27.42 -48.44
N GLN M 498 25.06 26.16 -48.25
CA GLN M 498 23.95 25.72 -47.43
C GLN M 498 24.48 24.61 -46.54
N TYR M 499 24.01 24.54 -45.29
CA TYR M 499 24.34 23.39 -44.48
C TYR M 499 23.57 22.19 -45.01
N THR M 500 24.26 21.06 -45.19
CA THR M 500 23.65 19.91 -45.79
C THR M 500 24.15 18.63 -45.12
N SER M 501 23.32 17.59 -45.18
CA SER M 501 23.79 16.24 -44.98
C SER M 501 24.55 15.75 -46.20
N ASN M 502 25.39 14.76 -46.00
CA ASN M 502 26.11 14.12 -47.09
C ASN M 502 25.40 12.84 -47.48
N TYR M 503 25.31 12.56 -48.78
CA TYR M 503 24.57 11.39 -49.21
C TYR M 503 25.29 10.09 -48.85
N TYR M 504 26.62 10.14 -48.76
CA TYR M 504 27.41 8.90 -48.77
C TYR M 504 27.07 8.00 -47.60
N LYS M 505 27.11 6.70 -47.85
CA LYS M 505 26.63 5.71 -46.89
C LYS M 505 27.52 5.65 -45.64
N SER M 506 26.90 5.24 -44.53
CA SER M 506 27.57 5.16 -43.25
C SER M 506 26.81 4.21 -42.36
N ASN M 507 27.43 3.83 -41.25
CA ASN M 507 26.79 2.89 -40.32
C ASN M 507 25.61 3.52 -39.60
N ASN M 508 25.61 4.84 -39.45
CA ASN M 508 24.59 5.50 -38.67
C ASN M 508 24.10 6.73 -39.42
N VAL M 509 22.84 7.09 -39.18
CA VAL M 509 22.37 8.41 -39.55
C VAL M 509 22.92 9.42 -38.57
N GLU M 510 23.34 10.57 -39.08
CA GLU M 510 23.82 11.62 -38.19
C GLU M 510 22.64 12.33 -37.54
N PHE M 511 22.83 12.66 -36.27
CA PHE M 511 21.79 13.22 -35.42
C PHE M 511 20.65 12.22 -35.23
N ALA M 512 21.02 10.98 -34.96
CA ALA M 512 20.08 9.91 -34.67
C ALA M 512 20.65 9.05 -33.54
N VAL M 513 19.83 8.13 -33.04
CA VAL M 513 20.34 7.15 -32.10
C VAL M 513 21.07 6.05 -32.86
N ASN M 514 22.01 5.42 -32.20
CA ASN M 514 22.74 4.28 -32.73
C ASN M 514 22.03 2.99 -32.30
N THR M 515 22.71 1.87 -32.43
CA THR M 515 22.10 0.57 -32.09
C THR M 515 21.89 0.40 -30.60
N GLU M 516 22.54 1.20 -29.77
CA GLU M 516 22.34 1.10 -28.34
C GLU M 516 21.37 2.12 -27.79
N GLY M 517 20.77 2.94 -28.64
CA GLY M 517 19.84 3.93 -28.17
C GLY M 517 20.48 5.23 -27.79
N VAL M 518 21.70 5.49 -28.23
CA VAL M 518 22.46 6.65 -27.80
C VAL M 518 22.36 7.71 -28.88
N TYR M 519 21.72 8.82 -28.54
CA TYR M 519 21.67 9.97 -29.42
C TYR M 519 23.00 10.71 -29.37
N SER M 520 23.43 11.21 -30.51
CA SER M 520 24.66 11.97 -30.55
C SER M 520 24.54 13.11 -31.55
N GLU M 521 25.34 14.13 -31.34
CA GLU M 521 25.50 15.24 -32.26
C GLU M 521 26.91 15.16 -32.83
N PRO M 522 27.09 14.75 -34.07
CA PRO M 522 28.44 14.44 -34.56
C PRO M 522 29.32 15.65 -34.79
N ARG M 523 28.76 16.83 -34.99
CA ARG M 523 29.53 18.03 -35.30
C ARG M 523 28.86 19.25 -34.67
N PRO M 524 29.60 20.32 -34.48
CA PRO M 524 28.96 21.61 -34.20
C PRO M 524 28.42 22.24 -35.47
N ILE M 525 27.29 22.89 -35.37
CA ILE M 525 26.69 23.57 -36.52
C ILE M 525 26.56 25.04 -36.17
N GLY M 526 27.31 25.86 -36.84
CA GLY M 526 27.19 27.28 -36.68
C GLY M 526 26.03 27.83 -37.44
N THR M 527 25.86 29.13 -37.37
CA THR M 527 24.69 29.71 -37.96
C THR M 527 24.98 30.40 -39.29
N ARG M 528 26.24 30.45 -39.76
CA ARG M 528 26.63 31.36 -40.83
C ARG M 528 26.89 30.63 -42.14
N TYR M 529 25.95 30.76 -43.08
CA TYR M 529 25.99 30.10 -44.38
C TYR M 529 25.67 31.09 -45.50
N LEU M 530 24.53 31.74 -45.40
CA LEU M 530 24.16 32.81 -46.30
C LEU M 530 25.16 33.95 -46.21
N THR M 531 25.17 34.80 -47.24
CA THR M 531 26.10 35.91 -47.29
C THR M 531 25.36 37.24 -47.42
N ARG M 532 26.06 38.30 -47.02
CA ARG M 532 25.63 39.67 -47.24
C ARG M 532 26.82 40.46 -47.75
N ASN M 533 26.55 41.58 -48.42
CA ASN M 533 27.60 42.53 -48.75
C ASN M 533 28.09 43.24 -47.50
N LEU M 534 29.29 43.77 -47.59
CA LEU M 534 29.90 44.40 -46.44
C LEU M 534 29.61 45.90 -46.40
N ASP N 17 -9.87 20.01 0.81
CA ASP N 17 -10.30 20.05 -0.58
C ASP N 17 -10.01 18.76 -1.32
N GLY N 18 -8.74 18.36 -1.42
CA GLY N 18 -8.39 17.12 -2.06
C GLY N 18 -7.05 16.60 -1.61
N VAL N 19 -6.86 15.29 -1.78
CA VAL N 19 -5.59 14.64 -1.45
C VAL N 19 -4.48 15.14 -2.36
N GLY N 20 -4.75 15.24 -3.66
CA GLY N 20 -3.68 15.55 -4.59
C GLY N 20 -3.48 17.04 -4.79
N SER N 21 -4.19 17.85 -4.04
CA SER N 21 -4.08 19.30 -4.17
C SER N 21 -3.43 19.88 -2.93
N SER N 22 -2.72 20.97 -3.12
CA SER N 22 -2.04 21.64 -2.03
C SER N 22 -2.94 22.69 -1.40
N SER N 23 -2.89 22.80 -0.08
CA SER N 23 -3.74 23.71 0.66
C SER N 23 -3.07 25.03 1.01
N GLY N 24 -1.83 25.23 0.61
CA GLY N 24 -1.17 26.50 0.83
C GLY N 24 0.17 26.58 0.15
N ASN N 25 0.67 27.78 0.05
CA ASN N 25 1.94 28.07 -0.59
C ASN N 25 2.90 28.65 0.42
N TRP N 26 4.18 28.60 0.08
CA TRP N 26 5.24 29.05 0.97
C TRP N 26 5.38 30.56 0.89
N HIS N 27 5.31 31.24 2.03
CA HIS N 27 5.52 32.69 2.06
C HIS N 27 6.55 33.04 3.12
N CYS N 28 7.74 33.44 2.69
CA CYS N 28 8.72 34.10 3.55
C CYS N 28 9.12 35.37 2.85
N ASP N 29 8.91 36.50 3.50
CA ASP N 29 9.16 37.77 2.84
C ASP N 29 9.23 38.83 3.91
N SER N 30 9.78 39.97 3.55
CA SER N 30 9.54 41.18 4.30
C SER N 30 9.10 42.25 3.32
N GLN N 31 8.20 43.11 3.74
CA GLN N 31 7.71 44.19 2.91
C GLN N 31 7.81 45.47 3.71
N TRP N 32 8.69 46.37 3.28
CA TRP N 32 8.93 47.63 3.97
C TRP N 32 8.16 48.72 3.24
N LEU N 33 7.07 49.18 3.84
CA LEU N 33 6.24 50.19 3.22
C LEU N 33 6.12 51.36 4.18
N GLY N 34 6.87 52.42 3.92
CA GLY N 34 6.68 53.60 4.73
C GLY N 34 6.89 53.39 6.20
N ASP N 35 5.82 53.61 6.96
CA ASP N 35 5.80 53.56 8.41
C ASP N 35 5.49 52.17 8.94
N ARG N 36 5.51 51.17 8.08
CA ARG N 36 5.22 49.85 8.55
C ARG N 36 6.01 48.80 7.81
N VAL N 37 6.21 47.69 8.51
CA VAL N 37 6.87 46.52 7.94
C VAL N 37 5.93 45.36 8.10
N ILE N 38 5.91 44.47 7.11
CA ILE N 38 5.15 43.23 7.20
C ILE N 38 6.11 42.07 7.02
N THR N 39 6.22 41.23 8.03
CA THR N 39 7.03 40.03 7.95
C THR N 39 6.14 38.84 7.68
N THR N 40 6.63 37.89 6.92
CA THR N 40 5.96 36.61 6.80
C THR N 40 7.01 35.52 6.81
N SER N 41 6.71 34.45 7.51
CA SER N 41 7.62 33.33 7.68
C SER N 41 6.86 32.04 7.53
N THR N 42 7.44 31.10 6.78
CA THR N 42 6.92 29.76 6.67
C THR N 42 7.97 28.81 7.21
N ARG N 43 7.54 27.81 7.96
CA ARG N 43 8.42 26.77 8.45
C ARG N 43 7.74 25.43 8.24
N THR N 44 8.51 24.37 8.39
CA THR N 44 8.00 23.02 8.37
C THR N 44 8.09 22.43 9.77
N TRP N 45 6.97 21.89 10.24
CA TRP N 45 6.86 21.39 11.60
C TRP N 45 6.58 19.89 11.58
N ALA N 46 6.84 19.26 12.72
CA ALA N 46 6.52 17.87 12.96
C ALA N 46 5.91 17.74 14.35
N LEU N 47 4.75 17.11 14.41
CA LEU N 47 4.05 16.91 15.68
C LEU N 47 4.04 15.43 16.04
N PRO N 48 4.64 15.03 17.12
CA PRO N 48 4.51 13.64 17.56
C PRO N 48 3.22 13.40 18.32
N THR N 49 2.99 12.18 18.74
CA THR N 49 2.02 11.89 19.78
C THR N 49 2.71 12.00 21.13
N TYR N 50 2.23 12.90 21.97
CA TYR N 50 2.77 13.07 23.30
C TYR N 50 1.95 12.29 24.30
N ASN N 51 2.63 11.69 25.28
CA ASN N 51 2.06 10.89 26.36
C ASN N 51 1.21 9.73 25.88
N ASN N 52 1.37 9.32 24.62
CA ASN N 52 0.50 8.32 24.01
C ASN N 52 -0.99 8.59 24.34
N HIS N 53 -1.40 9.82 24.07
CA HIS N 53 -2.79 10.28 24.18
C HIS N 53 -3.29 10.36 25.63
N LEU N 54 -2.41 10.62 26.58
CA LEU N 54 -2.83 10.70 27.96
C LEU N 54 -2.61 12.09 28.55
N TYR N 55 -3.48 12.48 29.45
CA TYR N 55 -3.22 13.52 30.43
C TYR N 55 -2.57 12.86 31.64
N LYS N 56 -1.53 13.48 32.17
CA LYS N 56 -0.88 12.95 33.36
C LYS N 56 -0.59 14.04 34.37
N GLN N 57 -0.97 13.78 35.61
CA GLN N 57 -0.48 14.56 36.74
C GLN N 57 1.01 14.40 36.90
N ILE N 58 1.72 15.52 36.96
CA ILE N 58 3.15 15.57 37.23
C ILE N 58 3.40 16.39 38.47
N SER N 59 4.52 16.14 39.11
CA SER N 59 4.91 16.93 40.27
C SER N 59 6.41 16.81 40.42
N ASN N 60 6.93 17.50 41.42
CA ASN N 60 8.36 17.43 41.68
C ASN N 60 8.73 16.07 42.25
N SER N 61 7.74 15.34 42.77
CA SER N 61 7.99 13.99 43.22
C SER N 61 8.02 13.00 42.07
N THR N 62 7.16 13.20 41.06
CA THR N 62 7.25 12.37 39.87
C THR N 62 8.57 12.63 39.16
N SER N 63 9.13 13.84 39.34
CA SER N 63 10.48 14.13 38.88
C SER N 63 11.53 13.68 39.89
N GLY N 64 11.29 13.90 41.18
CA GLY N 64 12.20 13.47 42.22
C GLY N 64 12.95 14.56 42.96
N GLY N 65 12.88 15.82 42.52
CA GLY N 65 13.52 16.90 43.25
C GLY N 65 12.79 17.23 44.54
N SER N 66 13.56 17.40 45.61
CA SER N 66 12.97 17.54 46.94
C SER N 66 12.88 18.96 47.52
N SER N 67 13.41 19.98 46.86
CA SER N 67 13.58 21.25 47.57
C SER N 67 12.31 22.09 47.51
N ASN N 68 12.04 22.78 48.62
CA ASN N 68 10.81 23.54 48.76
C ASN N 68 10.72 24.62 47.69
N ASP N 69 11.82 25.30 47.39
CA ASP N 69 11.78 26.35 46.38
C ASP N 69 11.41 25.80 45.01
N ASN N 70 11.67 24.53 44.77
CA ASN N 70 11.44 23.93 43.46
C ASN N 70 10.17 23.09 43.37
N ALA N 71 9.32 23.04 44.40
CA ALA N 71 8.18 22.15 44.37
C ALA N 71 7.11 22.64 43.38
N TYR N 72 6.41 21.69 42.75
CA TYR N 72 5.35 22.06 41.83
C TYR N 72 4.32 20.95 41.71
N PHE N 73 3.17 21.30 41.15
CA PHE N 73 2.08 20.38 40.87
C PHE N 73 1.46 20.80 39.55
N GLY N 74 1.16 19.84 38.69
CA GLY N 74 0.58 20.22 37.43
C GLY N 74 0.20 19.03 36.57
N TYR N 75 0.08 19.30 35.29
CA TYR N 75 -0.35 18.31 34.34
C TYR N 75 0.44 18.42 33.06
N SER N 76 0.65 17.29 32.41
CA SER N 76 1.11 17.28 31.04
C SER N 76 -0.05 16.79 30.16
N THR N 77 -0.13 17.32 28.95
CA THR N 77 -1.27 17.02 28.10
C THR N 77 -0.78 16.36 26.81
N PRO N 78 -1.67 15.69 26.09
CA PRO N 78 -1.28 15.15 24.78
C PRO N 78 -1.04 16.21 23.72
N TRP N 79 -1.45 17.44 23.96
CA TRP N 79 -1.42 18.49 22.96
C TRP N 79 -0.03 19.11 22.82
N GLY N 80 0.23 19.65 21.63
CA GLY N 80 1.31 20.57 21.40
C GLY N 80 0.84 21.99 21.18
N TYR N 81 1.75 22.93 21.06
CA TYR N 81 1.37 24.32 20.80
C TYR N 81 2.44 24.97 19.94
N PHE N 82 2.02 25.97 19.17
CA PHE N 82 2.92 26.76 18.35
C PHE N 82 3.44 27.97 19.12
N ASP N 83 4.73 28.25 18.94
CA ASP N 83 5.41 29.35 19.61
C ASP N 83 6.20 30.13 18.58
N PHE N 84 5.71 31.32 18.23
CA PHE N 84 6.44 32.27 17.39
C PHE N 84 6.94 33.49 18.18
N ASN N 85 7.05 33.39 19.49
CA ASN N 85 7.24 34.53 20.40
C ASN N 85 8.69 35.01 20.49
N ARG N 86 9.53 34.70 19.52
CA ARG N 86 10.84 35.33 19.48
C ARG N 86 10.98 36.17 18.22
N PHE N 87 11.83 37.20 18.28
CA PHE N 87 11.94 38.13 17.15
C PHE N 87 12.59 37.49 15.93
N HIS N 88 13.50 36.53 16.13
CA HIS N 88 14.09 35.93 14.95
C HIS N 88 13.13 35.01 14.23
N CYS N 89 11.96 34.74 14.79
CA CYS N 89 10.95 34.04 14.02
C CYS N 89 10.48 34.90 12.87
N HIS N 90 10.44 36.20 13.06
CA HIS N 90 9.91 37.10 12.07
C HIS N 90 10.94 37.93 11.31
N PHE N 91 12.16 38.06 11.81
CA PHE N 91 13.14 38.95 11.19
C PHE N 91 14.38 38.17 10.83
N SER N 92 14.78 38.24 9.57
CA SER N 92 16.12 37.83 9.22
C SER N 92 17.10 38.83 9.82
N PRO N 93 18.36 38.45 10.00
CA PRO N 93 19.34 39.41 10.55
C PRO N 93 19.51 40.68 9.75
N ARG N 94 19.42 40.61 8.42
CA ARG N 94 19.42 41.82 7.63
C ARG N 94 18.18 42.66 7.87
N ASP N 95 17.03 42.01 8.01
CA ASP N 95 15.80 42.73 8.37
C ASP N 95 15.94 43.44 9.70
N TRP N 96 16.55 42.77 10.68
CA TRP N 96 16.70 43.36 12.00
C TRP N 96 17.62 44.57 11.95
N GLN N 97 18.71 44.47 11.20
CA GLN N 97 19.59 45.61 10.99
C GLN N 97 18.84 46.76 10.33
N ARG N 98 18.09 46.43 9.29
CA ARG N 98 17.30 47.42 8.58
C ARG N 98 16.30 48.07 9.52
N LEU N 99 15.80 47.32 10.49
CA LEU N 99 14.90 47.88 11.48
C LEU N 99 15.62 48.82 12.44
N ILE N 100 16.70 48.35 13.07
CA ILE N 100 17.27 49.06 14.21
C ILE N 100 18.13 50.25 13.82
N ASN N 101 18.62 50.30 12.59
CA ASN N 101 19.45 51.44 12.24
C ASN N 101 18.64 52.65 11.80
N ASN N 102 17.41 52.44 11.38
CA ASN N 102 16.63 53.54 10.83
C ASN N 102 15.46 54.01 11.66
N ASN N 103 15.15 53.37 12.78
CA ASN N 103 13.87 53.63 13.41
C ASN N 103 14.05 53.88 14.89
N TRP N 104 13.34 54.87 15.40
CA TRP N 104 13.31 55.14 16.83
C TRP N 104 12.41 54.20 17.61
N GLY N 105 11.44 53.58 16.95
CA GLY N 105 10.55 52.69 17.65
C GLY N 105 9.78 51.83 16.68
N PHE N 106 9.17 50.80 17.24
CA PHE N 106 8.34 49.88 16.49
C PHE N 106 7.42 49.19 17.49
N ARG N 107 6.42 48.50 16.97
CA ARG N 107 5.47 47.76 17.78
C ARG N 107 4.55 46.96 16.88
N PRO N 108 4.06 45.82 17.35
CA PRO N 108 3.20 44.98 16.51
C PRO N 108 1.77 45.51 16.39
N LYS N 109 1.16 45.21 15.26
CA LYS N 109 -0.19 45.68 14.92
C LYS N 109 -1.13 44.53 14.61
N ARG N 110 -0.83 43.75 13.59
CA ARG N 110 -1.70 42.65 13.20
C ARG N 110 -0.96 41.35 13.03
N LEU N 111 -1.72 40.27 13.11
CA LEU N 111 -1.18 38.94 12.96
C LEU N 111 -2.06 38.06 12.06
N ASN N 112 -1.42 37.26 11.22
CA ASN N 112 -2.11 36.34 10.35
C ASN N 112 -1.41 35.00 10.58
N PHE N 113 -2.17 33.92 10.71
CA PHE N 113 -1.60 32.62 11.02
C PHE N 113 -2.24 31.57 10.12
N LYS N 114 -1.42 30.72 9.52
CA LYS N 114 -1.94 29.65 8.68
C LYS N 114 -1.29 28.32 9.02
N LEU N 115 -2.07 27.27 8.84
CA LEU N 115 -1.62 25.90 9.05
C LEU N 115 -2.13 25.08 7.88
N PHE N 116 -1.23 24.49 7.11
CA PHE N 116 -1.61 23.95 5.82
C PHE N 116 -0.63 22.85 5.40
N ASN N 117 -1.05 22.07 4.40
CA ASN N 117 -0.28 20.94 3.88
C ASN N 117 -0.06 19.88 4.94
N ILE N 118 -1.15 19.53 5.63
CA ILE N 118 -1.09 18.57 6.71
C ILE N 118 -0.85 17.18 6.16
N GLN N 119 0.05 16.44 6.80
CA GLN N 119 0.37 15.07 6.43
C GLN N 119 0.44 14.23 7.69
N VAL N 120 -0.43 13.23 7.80
CA VAL N 120 -0.39 12.30 8.93
C VAL N 120 0.28 11.02 8.47
N LYS N 121 1.20 10.50 9.27
CA LYS N 121 2.00 9.34 8.93
C LYS N 121 1.77 8.21 9.91
N GLU N 122 1.86 6.98 9.42
CA GLU N 122 1.78 5.79 10.25
C GLU N 122 3.16 5.13 10.29
N VAL N 123 3.62 4.81 11.49
CA VAL N 123 4.94 4.20 11.67
C VAL N 123 4.74 2.75 12.09
N THR N 124 5.37 1.84 11.38
CA THR N 124 5.35 0.42 11.71
C THR N 124 6.77 -0.03 11.97
N ASP N 125 7.00 -0.80 13.02
CA ASP N 125 8.36 -1.24 13.33
C ASP N 125 8.51 -2.74 13.59
N ASN N 126 8.62 -3.54 12.53
CA ASN N 126 8.74 -4.99 12.69
C ASN N 126 10.00 -5.53 13.41
N ASN N 127 11.18 -5.03 13.05
CA ASN N 127 12.42 -5.50 13.67
C ASN N 127 13.48 -4.44 13.97
N GLY N 128 13.06 -3.24 14.36
CA GLY N 128 14.00 -2.16 14.61
C GLY N 128 14.19 -1.28 13.38
N VAL N 129 13.58 -1.67 12.27
CA VAL N 129 13.63 -0.90 11.04
C VAL N 129 12.23 -0.34 10.78
N LYS N 130 12.13 0.96 10.90
CA LYS N 130 10.87 1.67 10.77
C LYS N 130 10.41 1.77 9.31
N THR N 131 9.14 1.47 9.08
CA THR N 131 8.45 1.74 7.83
C THR N 131 7.45 2.85 8.07
N ILE N 132 7.35 3.80 7.14
CA ILE N 132 6.47 4.95 7.29
C ILE N 132 5.55 5.00 6.09
N ALA N 133 4.26 5.16 6.33
CA ALA N 133 3.25 5.25 5.30
C ALA N 133 2.29 6.38 5.59
N ASN N 134 1.61 6.85 4.55
CA ASN N 134 0.57 7.85 4.67
C ASN N 134 -0.66 7.22 5.28
N ASN N 135 -1.30 7.93 6.20
CA ASN N 135 -2.64 7.59 6.62
C ASN N 135 -3.54 8.72 6.16
N LEU N 136 -4.33 8.45 5.12
CA LEU N 136 -5.01 9.53 4.44
C LEU N 136 -6.25 10.00 5.17
N THR N 137 -6.80 9.18 6.05
CA THR N 137 -8.04 9.50 6.75
C THR N 137 -7.83 10.05 8.15
N SER N 138 -6.61 10.17 8.63
CA SER N 138 -6.43 10.65 9.98
C SER N 138 -6.52 12.17 10.06
N THR N 139 -6.91 12.66 11.23
CA THR N 139 -7.07 14.08 11.45
C THR N 139 -6.09 14.61 12.47
N VAL N 140 -5.88 15.92 12.39
CA VAL N 140 -5.24 16.71 13.42
C VAL N 140 -6.27 17.70 13.95
N GLN N 141 -6.19 18.02 15.24
CA GLN N 141 -7.07 18.99 15.87
C GLN N 141 -6.30 20.24 16.24
N VAL N 142 -6.91 21.39 16.05
CA VAL N 142 -6.27 22.66 16.36
C VAL N 142 -7.32 23.64 16.86
N PHE N 143 -6.97 24.40 17.88
CA PHE N 143 -7.81 25.51 18.28
C PHE N 143 -6.93 26.59 18.89
N THR N 144 -7.45 27.80 18.89
CA THR N 144 -6.83 28.90 19.61
C THR N 144 -7.62 29.13 20.88
N ASP N 145 -6.93 29.56 21.93
CA ASP N 145 -7.62 29.91 23.15
C ASP N 145 -7.80 31.41 23.08
N SER N 146 -8.94 31.83 22.56
CA SER N 146 -9.13 33.24 22.27
C SER N 146 -9.83 33.95 23.41
N ASP N 147 -10.37 33.21 24.36
CA ASP N 147 -10.92 33.72 25.61
C ASP N 147 -9.93 33.65 26.75
N TYR N 148 -8.73 33.17 26.51
CA TYR N 148 -7.66 33.14 27.50
C TYR N 148 -8.05 32.28 28.69
N GLN N 149 -8.69 31.17 28.41
CA GLN N 149 -9.20 30.26 29.43
C GLN N 149 -8.19 29.20 29.85
N LEU N 150 -7.12 29.00 29.13
CA LEU N 150 -6.06 28.11 29.58
C LEU N 150 -4.96 28.86 30.31
N PRO N 151 -4.18 28.17 31.14
CA PRO N 151 -2.92 28.75 31.61
C PRO N 151 -2.02 29.11 30.45
N TYR N 152 -1.39 30.27 30.54
CA TYR N 152 -0.70 30.85 29.40
C TYR N 152 0.80 30.69 29.60
N VAL N 153 1.41 29.79 28.82
CA VAL N 153 2.82 29.49 28.97
C VAL N 153 3.69 30.16 27.92
N LEU N 154 3.13 30.94 27.02
CA LEU N 154 3.93 31.55 25.97
C LEU N 154 4.83 32.68 26.46
N GLY N 155 4.68 33.14 27.70
CA GLY N 155 5.48 34.24 28.19
C GLY N 155 6.56 33.88 29.18
N SER N 156 6.97 32.63 29.21
CA SER N 156 8.00 32.15 30.13
C SER N 156 9.36 31.96 29.49
N ALA N 157 9.56 32.35 28.24
CA ALA N 157 10.83 32.24 27.53
C ALA N 157 11.26 30.79 27.35
N HIS N 158 10.31 29.95 26.98
CA HIS N 158 10.60 28.55 26.71
C HIS N 158 11.12 28.34 25.30
N GLU N 159 11.85 27.25 25.15
CA GLU N 159 12.30 26.79 23.86
C GLU N 159 11.13 26.22 23.07
N GLY N 160 11.35 25.88 21.82
CA GLY N 160 10.31 25.38 20.97
C GLY N 160 9.74 26.37 19.99
N CYS N 161 10.42 27.49 19.79
CA CYS N 161 10.00 28.48 18.81
C CYS N 161 10.12 27.93 17.40
N LEU N 162 9.42 28.58 16.49
CA LEU N 162 9.77 28.51 15.09
C LEU N 162 11.23 28.91 14.94
N PRO N 163 12.05 28.14 14.22
CA PRO N 163 13.50 28.38 14.26
C PRO N 163 13.88 29.60 13.45
N PRO N 164 14.96 30.28 13.83
CA PRO N 164 15.38 31.47 13.08
C PRO N 164 15.70 31.18 11.64
N PHE N 165 16.17 30.04 11.33
CA PHE N 165 16.62 29.83 9.98
C PHE N 165 15.57 29.07 9.19
N PRO N 166 15.12 29.61 8.06
CA PRO N 166 13.89 29.09 7.45
C PRO N 166 14.00 27.67 6.93
N ALA N 167 15.20 27.12 6.75
CA ALA N 167 15.29 25.79 6.16
C ALA N 167 15.23 24.70 7.22
N ASP N 168 15.25 25.07 8.49
CA ASP N 168 15.24 24.05 9.53
C ASP N 168 13.83 23.55 9.82
N VAL N 169 13.73 22.27 10.13
CA VAL N 169 12.48 21.62 10.44
C VAL N 169 12.41 21.44 11.95
N PHE N 170 11.33 21.91 12.56
CA PHE N 170 11.30 21.98 14.01
C PHE N 170 10.19 21.09 14.54
N MET N 171 10.34 20.78 15.81
CA MET N 171 9.45 19.91 16.54
C MET N 171 8.50 20.77 17.36
N ILE N 172 7.22 20.47 17.31
CA ILE N 172 6.25 21.20 18.11
C ILE N 172 6.37 20.79 19.57
N PRO N 173 6.51 21.71 20.51
CA PRO N 173 6.68 21.33 21.91
C PRO N 173 5.39 20.92 22.58
N GLN N 174 5.53 20.25 23.71
CA GLN N 174 4.38 19.70 24.42
C GLN N 174 3.79 20.73 25.39
N TYR N 175 2.46 20.86 25.38
CA TYR N 175 1.81 21.77 26.29
C TYR N 175 1.62 21.14 27.67
N GLY N 176 1.98 21.89 28.71
CA GLY N 176 1.77 21.47 30.08
C GLY N 176 1.63 22.72 30.94
N TYR N 177 0.98 22.56 32.08
CA TYR N 177 0.75 23.72 32.92
C TYR N 177 0.87 23.34 34.38
N LEU N 178 1.00 24.35 35.21
CA LEU N 178 1.05 24.20 36.66
C LEU N 178 -0.14 24.86 37.31
N THR N 179 -0.51 24.36 38.48
CA THR N 179 -1.57 24.95 39.27
C THR N 179 -1.04 25.08 40.69
N LEU N 180 -1.89 25.42 41.65
CA LEU N 180 -1.41 25.62 43.00
C LEU N 180 -0.87 24.33 43.60
N ASN N 181 0.22 24.42 44.31
CA ASN N 181 0.74 23.27 45.03
C ASN N 181 1.04 23.64 46.46
N ASP N 182 1.07 22.61 47.30
CA ASP N 182 1.69 22.68 48.62
C ASP N 182 2.63 21.49 48.72
N GLY N 183 3.93 21.76 48.77
CA GLY N 183 4.88 20.67 48.55
C GLY N 183 4.63 20.10 47.16
N SER N 184 4.51 18.80 47.09
CA SER N 184 4.14 18.15 45.84
C SER N 184 2.65 17.88 45.73
N GLN N 185 1.88 18.17 46.77
CA GLN N 185 0.45 17.95 46.79
C GLN N 185 -0.33 19.11 46.16
N ALA N 186 -1.54 18.81 45.72
CA ALA N 186 -2.48 19.83 45.30
C ALA N 186 -3.32 20.29 46.49
N VAL N 187 -4.15 21.30 46.25
CA VAL N 187 -5.13 21.77 47.21
C VAL N 187 -6.45 21.85 46.48
N GLY N 188 -7.51 22.05 47.25
CA GLY N 188 -8.82 22.15 46.63
C GLY N 188 -8.95 23.30 45.67
N ARG N 189 -8.07 24.28 45.77
CA ARG N 189 -8.17 25.40 44.86
C ARG N 189 -7.46 25.12 43.54
N SER N 190 -6.79 23.98 43.41
CA SER N 190 -6.06 23.64 42.19
C SER N 190 -7.01 23.29 41.05
N SER N 191 -6.66 23.74 39.85
CA SER N 191 -7.50 23.53 38.69
C SER N 191 -6.90 22.51 37.74
N PHE N 192 -7.77 21.70 37.16
CA PHE N 192 -7.41 20.75 36.14
C PHE N 192 -8.14 21.09 34.86
N TYR N 193 -7.43 21.05 33.74
CA TYR N 193 -7.99 21.41 32.46
C TYR N 193 -7.91 20.24 31.51
N CYS N 194 -9.00 19.97 30.82
CA CYS N 194 -9.01 19.07 29.68
C CYS N 194 -9.10 19.93 28.43
N LEU N 195 -8.17 19.73 27.52
CA LEU N 195 -8.21 20.52 26.30
C LEU N 195 -9.19 19.94 25.30
N GLU N 196 -9.69 18.74 25.55
CA GLU N 196 -10.73 18.17 24.73
C GLU N 196 -12.04 18.87 24.94
N TYR N 197 -12.10 19.60 26.05
CA TYR N 197 -13.29 20.29 26.47
C TYR N 197 -13.49 21.60 25.74
N PHE N 198 -12.73 21.81 24.68
CA PHE N 198 -12.88 23.01 23.90
C PHE N 198 -13.25 22.58 22.52
N PRO N 199 -14.01 23.43 21.83
CA PRO N 199 -14.23 23.08 20.42
C PRO N 199 -12.96 23.32 19.60
N SER N 200 -12.70 22.43 18.66
CA SER N 200 -11.53 22.58 17.81
C SER N 200 -11.84 22.12 16.39
N GLN N 201 -11.02 22.57 15.46
CA GLN N 201 -11.17 22.23 14.06
C GLN N 201 -10.36 20.96 13.77
N MET N 202 -10.97 20.03 13.05
CA MET N 202 -10.31 18.78 12.71
C MET N 202 -9.89 18.83 11.25
N LEU N 203 -8.67 18.39 10.99
CA LEU N 203 -8.04 18.58 9.70
C LEU N 203 -7.55 17.25 9.16
N ARG N 204 -8.11 16.81 8.06
CA ARG N 204 -7.47 15.79 7.25
C ARG N 204 -6.48 16.45 6.30
N THR N 205 -5.81 15.64 5.50
CA THR N 205 -4.66 16.11 4.76
C THR N 205 -5.03 17.19 3.73
N GLY N 206 -6.27 17.28 3.31
CA GLY N 206 -6.65 18.37 2.43
C GLY N 206 -7.06 19.65 3.08
N ASN N 207 -7.29 19.67 4.37
CA ASN N 207 -7.79 20.84 5.07
C ASN N 207 -6.67 21.80 5.47
N ASN N 208 -7.03 23.06 5.62
CA ASN N 208 -6.11 24.06 6.15
C ASN N 208 -6.80 24.85 7.24
N PHE N 209 -6.00 25.61 7.98
CA PHE N 209 -6.45 26.35 9.14
C PHE N 209 -5.91 27.76 9.11
N GLN N 210 -6.72 28.73 9.52
CA GLN N 210 -6.18 30.08 9.64
C GLN N 210 -6.95 30.85 10.69
N PHE N 211 -6.33 31.91 11.19
CA PHE N 211 -7.04 32.93 11.94
C PHE N 211 -6.19 34.18 11.93
N SER N 212 -6.83 35.31 12.22
CA SER N 212 -6.14 36.56 12.35
C SER N 212 -6.36 37.12 13.74
N TYR N 213 -5.46 37.98 14.15
CA TYR N 213 -5.43 38.54 15.48
C TYR N 213 -5.05 40.01 15.41
N GLU N 214 -5.69 40.82 16.23
CA GLU N 214 -5.35 42.22 16.36
C GLU N 214 -4.66 42.45 17.70
N PHE N 215 -3.45 42.97 17.66
CA PHE N 215 -2.75 43.40 18.87
C PHE N 215 -3.47 44.56 19.53
N GLU N 216 -3.48 44.57 20.84
CA GLU N 216 -3.98 45.74 21.52
C GLU N 216 -2.92 46.83 21.55
N ASN N 217 -3.39 48.06 21.66
CA ASN N 217 -2.49 49.20 21.64
C ASN N 217 -1.43 49.08 22.74
N VAL N 218 -0.17 49.17 22.33
CA VAL N 218 0.96 49.18 23.25
C VAL N 218 1.86 50.34 22.86
N PRO N 219 2.71 50.79 23.76
CA PRO N 219 3.69 51.82 23.39
C PRO N 219 4.70 51.28 22.40
N PHE N 220 5.27 52.18 21.60
CA PHE N 220 6.44 51.81 20.82
C PHE N 220 7.56 51.41 21.74
N HIS N 221 8.22 50.31 21.41
CA HIS N 221 9.37 49.90 22.17
C HIS N 221 10.41 50.93 21.79
N SER N 222 11.08 51.51 22.76
CA SER N 222 12.07 52.51 22.41
C SER N 222 13.31 51.82 21.86
N SER N 223 13.75 52.22 20.68
CA SER N 223 14.92 51.60 20.09
C SER N 223 15.88 52.69 19.71
N TYR N 224 16.40 53.30 20.76
CA TYR N 224 17.36 54.37 20.70
C TYR N 224 18.04 54.45 22.06
N ALA N 225 19.18 55.11 22.10
CA ALA N 225 19.90 55.30 23.33
C ALA N 225 19.97 56.79 23.55
N HIS N 226 19.85 57.24 24.78
CA HIS N 226 19.93 58.66 25.04
C HIS N 226 21.34 59.21 24.86
N SER N 227 21.44 60.30 24.10
CA SER N 227 22.69 61.00 23.88
C SER N 227 22.93 62.05 24.96
N GLN N 228 22.10 62.07 25.98
CA GLN N 228 22.17 63.03 27.05
C GLN N 228 21.86 62.25 28.32
N SER N 229 22.41 62.66 29.46
CA SER N 229 22.15 61.91 30.69
C SER N 229 21.32 62.74 31.66
N LEU N 230 20.63 62.04 32.56
CA LEU N 230 19.64 62.68 33.42
C LEU N 230 20.26 63.75 34.31
N ASP N 231 21.53 63.62 34.67
CA ASP N 231 22.13 64.61 35.54
C ASP N 231 22.82 65.75 34.80
N ARG N 232 22.90 65.70 33.48
CA ARG N 232 23.55 66.73 32.70
C ARG N 232 22.58 67.65 31.93
N LEU N 233 21.29 67.62 32.25
CA LEU N 233 20.29 68.30 31.42
C LEU N 233 20.40 69.83 31.42
N MET N 234 21.27 70.41 32.24
CA MET N 234 21.39 71.86 32.38
C MET N 234 22.11 72.52 31.20
N ASN N 235 21.92 73.83 31.11
CA ASN N 235 22.75 74.69 30.26
C ASN N 235 24.11 74.91 30.94
N PRO N 236 25.20 74.44 30.35
CA PRO N 236 26.51 74.50 31.04
C PRO N 236 27.06 75.90 31.22
N LEU N 237 26.52 76.91 30.56
CA LEU N 237 27.08 78.25 30.58
C LEU N 237 26.48 79.15 31.65
N ILE N 238 25.35 78.78 32.24
CA ILE N 238 24.56 79.72 33.03
C ILE N 238 24.45 79.18 34.45
N ASP N 239 24.33 80.09 35.42
CA ASP N 239 24.05 79.72 36.80
C ASP N 239 22.57 79.40 37.01
N GLN N 240 22.32 78.69 38.11
CA GLN N 240 20.98 78.66 38.66
C GLN N 240 20.70 79.89 39.51
N TYR N 241 19.43 80.20 39.67
CA TYR N 241 18.99 81.14 40.68
C TYR N 241 18.72 80.48 42.02
N LEU N 242 19.06 79.21 42.17
CA LEU N 242 18.89 78.49 43.43
C LEU N 242 20.22 78.40 44.17
N TYR N 243 20.15 78.46 45.49
CA TYR N 243 21.30 78.33 46.36
C TYR N 243 21.31 76.98 47.04
N TYR N 244 22.50 76.46 47.30
CA TYR N 244 22.67 75.25 48.07
C TYR N 244 23.58 75.57 49.25
N LEU N 245 23.54 74.74 50.28
CA LEU N 245 24.33 75.00 51.47
C LEU N 245 25.76 74.51 51.26
N SER N 246 26.70 75.43 51.19
CA SER N 246 28.09 75.13 50.90
C SER N 246 28.96 74.81 52.11
N LYS N 247 28.85 75.54 53.22
CA LYS N 247 29.74 75.32 54.37
C LYS N 247 29.00 75.37 55.69
N THR N 248 29.26 74.38 56.55
CA THR N 248 28.75 74.35 57.91
C THR N 248 29.71 74.84 58.99
N ILE N 249 31.00 75.04 58.71
CA ILE N 249 31.92 75.54 59.73
C ILE N 249 32.87 76.56 59.11
N ASN N 250 33.28 77.53 59.92
CA ASN N 250 34.25 78.52 59.48
C ASN N 250 35.63 77.91 59.27
N GLY N 251 36.10 77.17 60.27
CA GLY N 251 37.43 76.61 60.17
C GLY N 251 37.65 75.60 61.27
N SER N 252 38.92 75.29 61.50
CA SER N 252 39.28 74.40 62.58
C SER N 252 39.03 75.05 63.93
N GLY N 253 38.92 74.23 64.96
CA GLY N 253 38.71 74.71 66.31
C GLY N 253 37.27 74.55 66.75
N GLN N 254 37.02 75.00 67.97
CA GLN N 254 35.72 74.84 68.58
C GLN N 254 34.77 75.98 68.19
N ASN N 255 33.48 75.65 68.14
CA ASN N 255 32.43 76.65 68.07
C ASN N 255 32.48 77.40 66.74
N GLN N 256 32.77 76.68 65.67
CA GLN N 256 32.91 77.25 64.35
C GLN N 256 31.64 77.18 63.51
N GLN N 257 30.52 76.73 64.08
CA GLN N 257 29.30 76.55 63.30
C GLN N 257 28.94 77.80 62.52
N THR N 258 28.54 77.60 61.28
CA THR N 258 28.09 78.67 60.42
C THR N 258 27.22 78.08 59.33
N LEU N 259 26.50 78.95 58.65
CA LEU N 259 25.72 78.56 57.49
C LEU N 259 26.14 79.43 56.31
N LYS N 260 26.75 78.81 55.31
CA LYS N 260 27.18 79.49 54.10
C LYS N 260 26.47 78.89 52.91
N PHE N 261 26.04 79.74 51.99
CA PHE N 261 25.28 79.30 50.83
C PHE N 261 25.93 79.82 49.57
N SER N 262 25.88 79.02 48.50
CA SER N 262 26.46 79.39 47.23
C SER N 262 25.46 79.13 46.11
N VAL N 263 25.67 79.81 45.00
CA VAL N 263 24.93 79.55 43.78
C VAL N 263 25.42 78.25 43.17
N ALA N 264 24.50 77.41 42.75
CA ALA N 264 24.88 76.23 41.98
C ALA N 264 25.01 76.61 40.52
N GLY N 265 26.12 76.24 39.91
CA GLY N 265 26.48 76.78 38.63
C GLY N 265 27.31 75.78 37.86
N PRO N 266 27.85 76.23 36.73
CA PRO N 266 28.59 75.31 35.86
C PRO N 266 29.70 74.55 36.54
N SER N 267 30.38 75.14 37.53
CA SER N 267 31.57 74.48 38.06
C SER N 267 31.21 73.39 39.05
N ASN N 268 30.10 73.52 39.76
CA ASN N 268 29.64 72.44 40.59
C ASN N 268 28.28 72.00 40.06
N MET N 269 28.26 70.96 39.23
CA MET N 269 27.02 70.48 38.65
C MET N 269 26.34 69.45 39.52
N ALA N 270 27.06 68.89 40.48
CA ALA N 270 26.49 67.86 41.33
C ALA N 270 25.40 68.39 42.24
N VAL N 271 25.46 69.66 42.61
CA VAL N 271 24.54 70.19 43.61
C VAL N 271 23.35 70.93 43.01
N GLN N 272 23.24 71.02 41.70
CA GLN N 272 22.16 71.82 41.15
C GLN N 272 20.81 71.16 41.40
N GLY N 273 19.78 71.98 41.60
CA GLY N 273 18.44 71.44 41.70
C GLY N 273 17.99 70.82 40.40
N ARG N 274 17.35 69.67 40.49
CA ARG N 274 16.93 68.93 39.31
C ARG N 274 15.46 68.54 39.44
N ASN N 275 14.78 68.54 38.31
CA ASN N 275 13.37 68.21 38.26
C ASN N 275 13.10 66.72 38.25
N TYR N 276 14.00 65.91 37.72
CA TYR N 276 13.72 64.51 37.52
C TYR N 276 14.90 63.69 38.01
N ILE N 277 14.62 62.53 38.57
CA ILE N 277 15.64 61.72 39.25
C ILE N 277 15.63 60.34 38.61
N PRO N 278 16.69 59.57 38.82
CA PRO N 278 16.76 58.24 38.20
C PRO N 278 15.74 57.27 38.75
N GLY N 279 15.47 56.25 37.95
CA GLY N 279 14.46 55.26 38.24
C GLY N 279 14.83 54.27 39.32
N PRO N 280 13.96 53.31 39.54
CA PRO N 280 14.07 52.43 40.71
C PRO N 280 15.14 51.36 40.55
N SER N 281 15.53 50.78 41.67
CA SER N 281 16.65 49.86 41.71
C SER N 281 16.46 48.79 42.77
N TYR N 282 16.98 47.60 42.51
CA TYR N 282 17.02 46.51 43.48
C TYR N 282 18.40 45.88 43.31
N ARG N 283 19.28 46.00 44.29
CA ARG N 283 20.70 45.79 43.99
C ARG N 283 21.01 44.33 43.67
N GLN N 284 21.78 44.13 42.60
CA GLN N 284 22.38 42.88 42.16
C GLN N 284 23.84 42.81 42.58
N GLN N 285 24.30 41.59 42.84
CA GLN N 285 25.69 41.32 43.12
C GLN N 285 26.54 41.36 41.85
N ARG N 286 27.77 41.83 41.98
CA ARG N 286 28.63 42.04 40.84
C ARG N 286 29.60 40.87 40.67
N VAL N 287 29.73 40.40 39.43
CA VAL N 287 30.60 39.27 39.10
C VAL N 287 31.51 39.70 37.96
N SER N 288 32.75 39.26 37.99
CA SER N 288 33.71 39.57 36.94
C SER N 288 33.96 38.38 36.03
N THR N 289 34.08 38.63 34.73
CA THR N 289 34.42 37.57 33.81
C THR N 289 35.92 37.27 33.83
N THR N 290 36.68 38.08 34.54
CA THR N 290 38.03 37.70 34.95
C THR N 290 37.93 37.04 36.32
N VAL N 291 38.12 35.73 36.38
CA VAL N 291 37.63 34.98 37.53
C VAL N 291 38.52 35.16 38.75
N THR N 292 39.77 35.59 38.55
CA THR N 292 40.63 35.78 39.71
C THR N 292 40.19 36.98 40.52
N GLN N 293 39.45 37.89 39.90
CA GLN N 293 38.93 39.04 40.64
C GLN N 293 37.72 38.64 41.47
N ASN N 294 37.12 37.50 41.16
CA ASN N 294 36.01 37.00 41.96
C ASN N 294 36.51 36.28 43.20
N ASN N 295 35.65 36.22 44.21
CA ASN N 295 35.95 35.60 45.49
C ASN N 295 35.98 34.08 45.40
N ASN N 296 36.84 33.46 46.19
CA ASN N 296 36.99 32.02 46.19
C ASN N 296 35.98 31.30 47.08
N SER N 297 34.72 31.32 46.68
CA SER N 297 33.65 30.66 47.41
C SER N 297 32.46 30.45 46.49
N GLU N 298 31.48 29.65 46.92
CA GLU N 298 30.31 29.45 46.10
C GLU N 298 29.27 30.46 46.57
N PHE N 299 28.87 31.36 45.68
CA PHE N 299 27.91 32.39 46.05
C PHE N 299 26.84 32.58 44.99
N ALA N 300 26.82 31.71 44.01
CA ALA N 300 25.83 31.83 42.93
C ALA N 300 24.40 31.85 43.47
N TRP N 301 24.00 30.83 44.18
CA TRP N 301 22.76 30.94 44.92
C TRP N 301 22.88 31.82 46.17
N PRO N 302 23.86 31.61 47.06
CA PRO N 302 23.86 32.37 48.33
C PRO N 302 23.96 33.88 48.17
N GLY N 303 24.67 34.37 47.16
CA GLY N 303 24.72 35.80 46.98
C GLY N 303 23.65 36.40 46.09
N ALA N 304 22.60 35.66 45.78
CA ALA N 304 21.66 36.11 44.78
C ALA N 304 20.60 37.02 45.37
N SER N 305 20.15 37.98 44.57
CA SER N 305 18.99 38.76 44.94
C SER N 305 17.73 37.96 44.66
N SER N 306 16.79 37.99 45.60
CA SER N 306 15.65 37.11 45.49
C SER N 306 14.40 37.81 45.98
N TRP N 307 13.27 37.23 45.64
CA TRP N 307 12.00 37.57 46.26
C TRP N 307 11.34 36.31 46.74
N ALA N 308 10.41 36.47 47.66
CA ALA N 308 9.77 35.35 48.35
C ALA N 308 8.29 35.39 48.06
N LEU N 309 7.71 34.23 47.80
CA LEU N 309 6.27 34.14 47.60
C LEU N 309 5.79 32.91 48.33
N ASN N 310 4.93 33.11 49.32
CA ASN N 310 4.31 32.02 50.06
C ASN N 310 5.34 31.02 50.58
N GLY N 311 6.46 31.53 51.05
CA GLY N 311 7.47 30.69 51.66
C GLY N 311 8.56 30.16 50.75
N ARG N 312 8.44 30.35 49.44
CA ARG N 312 9.44 29.87 48.49
C ARG N 312 10.26 31.03 47.95
N ASN N 313 11.52 30.77 47.65
CA ASN N 313 12.42 31.79 47.16
C ASN N 313 12.57 31.68 45.65
N SER N 314 12.37 32.78 44.96
CA SER N 314 12.68 32.89 43.54
C SER N 314 13.81 33.88 43.36
N LEU N 315 14.69 33.58 42.43
CA LEU N 315 15.75 34.49 42.03
C LEU N 315 15.14 35.76 41.44
N MET N 316 15.80 36.91 41.67
CA MET N 316 15.32 38.11 40.99
C MET N 316 16.04 38.13 39.65
N ASN N 317 15.30 37.75 38.63
CA ASN N 317 15.90 37.48 37.35
C ASN N 317 14.94 37.75 36.19
N PRO N 318 15.35 38.56 35.21
CA PRO N 318 16.49 39.48 35.21
C PRO N 318 16.28 40.63 36.18
N GLY N 319 15.07 40.80 36.67
CA GLY N 319 14.76 41.83 37.63
C GLY N 319 14.46 43.17 36.99
N PRO N 320 14.46 44.21 37.80
CA PRO N 320 14.20 45.56 37.28
C PRO N 320 15.31 46.01 36.34
N ALA N 321 14.93 46.83 35.37
CA ALA N 321 15.85 47.19 34.30
C ALA N 321 16.86 48.21 34.79
N MET N 322 18.12 47.82 34.78
CA MET N 322 19.17 48.64 35.34
C MET N 322 20.40 48.56 34.46
N ALA N 323 21.20 49.61 34.51
CA ALA N 323 22.46 49.62 33.78
C ALA N 323 23.35 48.50 34.27
N SER N 324 23.92 47.75 33.33
CA SER N 324 24.65 46.54 33.67
C SER N 324 25.92 46.83 34.44
N HIS N 325 26.62 47.91 34.09
CA HIS N 325 27.90 48.20 34.71
C HIS N 325 28.20 49.68 34.54
N LYS N 326 29.20 50.14 35.30
CA LYS N 326 29.66 51.51 35.15
C LYS N 326 30.45 51.70 33.87
N GLU N 327 30.54 52.96 33.45
CA GLU N 327 31.33 53.33 32.28
C GLU N 327 32.74 52.77 32.38
N GLY N 328 33.18 52.13 31.31
CA GLY N 328 34.53 51.63 31.24
C GLY N 328 34.76 50.26 31.84
N GLU N 329 33.80 49.71 32.55
CA GLU N 329 33.98 48.40 33.17
C GLU N 329 33.02 47.43 32.49
N ASP N 330 33.48 46.77 31.44
CA ASP N 330 32.57 45.85 30.76
C ASP N 330 32.83 44.41 31.15
N ARG N 331 33.78 44.16 32.03
CA ARG N 331 34.03 42.82 32.52
C ARG N 331 33.05 42.42 33.61
N PHE N 332 32.31 43.36 34.18
CA PHE N 332 31.40 43.06 35.27
C PHE N 332 29.99 42.89 34.72
N PHE N 333 29.22 42.04 35.38
CA PHE N 333 27.83 41.85 35.01
C PHE N 333 27.06 41.51 36.27
N PRO N 334 25.78 41.90 36.33
CA PRO N 334 24.92 41.58 37.47
C PRO N 334 24.73 40.08 37.49
N LEU N 335 24.68 39.46 38.66
CA LEU N 335 24.61 38.00 38.74
C LEU N 335 23.39 37.39 38.06
N SER N 336 22.20 37.91 38.33
CA SER N 336 21.02 37.45 37.63
C SER N 336 20.33 38.65 36.95
N GLY N 337 21.11 39.71 36.76
CA GLY N 337 20.72 40.95 36.12
C GLY N 337 20.40 40.95 34.65
N SER N 338 21.13 40.17 33.87
CA SER N 338 20.97 40.15 32.42
C SER N 338 20.51 38.86 31.79
N LEU N 339 19.76 38.98 30.70
CA LEU N 339 19.32 37.83 29.96
C LEU N 339 20.59 37.19 29.39
N ILE N 340 20.71 35.89 29.50
CA ILE N 340 21.89 35.21 28.97
C ILE N 340 21.52 34.15 27.96
N PHE N 341 22.04 34.28 26.76
CA PHE N 341 21.74 33.33 25.71
C PHE N 341 22.90 32.38 25.48
N GLY N 342 22.59 31.18 25.02
CA GLY N 342 23.61 30.22 24.69
C GLY N 342 24.01 30.29 23.22
N LYS N 343 25.24 29.91 22.95
CA LYS N 343 25.71 29.78 21.58
C LYS N 343 25.20 28.49 20.96
N GLN N 344 25.18 28.46 19.64
CA GLN N 344 24.82 27.24 18.93
C GLN N 344 25.73 26.11 19.33
N GLY N 345 25.14 25.00 19.74
CA GLY N 345 25.89 23.84 20.17
C GLY N 345 26.22 23.79 21.64
N THR N 346 25.86 24.81 22.41
CA THR N 346 26.20 24.85 23.82
C THR N 346 25.33 23.87 24.60
N GLY N 347 25.94 23.21 25.58
CA GLY N 347 25.24 22.17 26.30
C GLY N 347 24.28 22.72 27.33
N ARG N 348 23.68 21.78 28.05
CA ARG N 348 22.59 22.12 28.96
C ARG N 348 23.11 22.60 30.32
N ASP N 349 24.16 21.98 30.84
CA ASP N 349 24.53 22.15 32.24
C ASP N 349 26.02 22.43 32.41
N ASN N 350 26.32 23.49 33.16
CA ASN N 350 27.68 23.84 33.61
C ASN N 350 28.64 24.11 32.47
N VAL N 351 28.20 24.89 31.51
CA VAL N 351 29.06 25.30 30.41
C VAL N 351 29.92 26.49 30.86
N ASP N 352 31.04 26.68 30.18
CA ASP N 352 31.94 27.79 30.48
C ASP N 352 31.38 29.12 29.97
N ALA N 353 32.10 30.19 30.28
CA ALA N 353 31.61 31.52 29.97
C ALA N 353 31.68 31.80 28.48
N ASP N 354 32.66 31.22 27.80
CA ASP N 354 32.77 31.43 26.37
C ASP N 354 31.68 30.68 25.60
N LYS N 355 30.89 29.89 26.30
CA LYS N 355 29.81 29.17 25.64
C LYS N 355 28.52 29.99 25.63
N VAL N 356 28.47 31.06 26.41
CA VAL N 356 27.24 31.82 26.53
C VAL N 356 27.49 33.24 26.08
N MET N 357 26.41 33.94 25.79
CA MET N 357 26.44 35.33 25.37
C MET N 357 25.67 36.13 26.39
N ILE N 358 26.36 37.02 27.09
CA ILE N 358 25.77 37.81 28.16
C ILE N 358 25.41 39.18 27.59
N THR N 359 24.12 39.51 27.62
CA THR N 359 23.72 40.85 27.18
C THR N 359 24.09 41.87 28.25
N ASN N 360 24.23 43.11 27.83
CA ASN N 360 24.38 44.20 28.78
C ASN N 360 23.48 45.37 28.40
N GLU N 361 22.96 46.03 29.41
CA GLU N 361 21.98 47.11 29.28
C GLU N 361 22.61 48.49 29.33
N GLU N 362 23.92 48.60 29.12
CA GLU N 362 24.63 49.85 29.36
C GLU N 362 24.00 51.07 28.71
N GLU N 363 23.26 50.92 27.61
CA GLU N 363 22.73 52.10 26.94
C GLU N 363 21.79 52.89 27.85
N ILE N 364 21.21 52.23 28.85
CA ILE N 364 20.24 52.91 29.72
C ILE N 364 20.88 53.55 30.94
N LYS N 365 22.21 53.58 31.04
CA LYS N 365 22.84 54.22 32.19
C LYS N 365 22.59 55.72 32.24
N THR N 366 22.08 56.31 31.16
CA THR N 366 21.77 57.72 31.20
C THR N 366 20.61 58.02 32.14
N THR N 367 19.54 57.22 32.09
CA THR N 367 18.47 57.35 33.06
C THR N 367 18.37 56.28 34.13
N ASN N 368 18.93 55.09 33.92
CA ASN N 368 18.64 54.03 34.89
C ASN N 368 19.84 53.81 35.79
N PRO N 369 19.65 53.70 37.10
CA PRO N 369 20.79 53.43 37.99
C PRO N 369 21.52 52.13 37.65
N VAL N 370 22.78 52.06 38.06
CA VAL N 370 23.59 50.87 37.82
C VAL N 370 23.14 49.73 38.72
N ALA N 371 23.13 48.52 38.16
CA ALA N 371 22.51 47.38 38.84
C ALA N 371 23.34 46.90 40.04
N THR N 372 24.64 47.07 39.99
CA THR N 372 25.53 46.61 41.06
C THR N 372 25.92 47.70 42.04
N GLU N 373 25.31 48.86 41.97
CA GLU N 373 25.60 49.97 42.84
C GLU N 373 24.40 50.24 43.72
N SER N 374 24.63 50.95 44.82
CA SER N 374 23.53 51.50 45.58
C SER N 374 22.79 52.57 44.78
N TYR N 375 21.52 52.75 45.12
CA TYR N 375 20.77 53.85 44.51
C TYR N 375 21.33 55.17 44.96
N GLY N 376 21.70 55.28 46.23
CA GLY N 376 22.24 56.50 46.76
C GLY N 376 22.34 56.43 48.27
N GLN N 377 22.31 57.60 48.90
CA GLN N 377 22.41 57.70 50.34
C GLN N 377 21.26 58.52 50.90
N VAL N 378 20.83 58.15 52.10
CA VAL N 378 19.87 58.95 52.88
C VAL N 378 20.45 59.19 54.26
N ALA N 379 19.94 60.25 54.90
CA ALA N 379 20.30 60.57 56.26
C ALA N 379 19.64 59.60 57.23
N THR N 380 20.41 59.12 58.19
CA THR N 380 19.89 58.17 59.16
C THR N 380 19.60 58.74 60.55
N ASN N 381 19.85 60.01 60.81
CA ASN N 381 19.64 60.50 62.17
C ASN N 381 19.34 62.00 62.14
N HIS N 382 19.26 62.58 63.32
CA HIS N 382 19.32 64.01 63.53
C HIS N 382 20.71 64.35 64.03
N GLN N 383 21.49 65.03 63.19
CA GLN N 383 22.74 65.57 63.66
C GLN N 383 22.47 66.61 64.73
N SER N 384 23.46 66.89 65.55
CA SER N 384 23.32 67.94 66.56
C SER N 384 24.70 68.33 67.02
N ALA N 385 24.74 69.16 68.07
CA ALA N 385 26.02 69.50 68.68
C ALA N 385 26.74 68.26 69.18
N GLN N 386 25.99 67.26 69.63
CA GLN N 386 26.59 66.03 70.14
C GLN N 386 26.61 64.89 69.14
N ALA N 387 26.04 65.04 67.95
CA ALA N 387 25.92 63.93 67.02
C ALA N 387 26.30 64.36 65.62
N GLN N 388 27.21 63.63 65.00
CA GLN N 388 27.59 63.91 63.63
C GLN N 388 26.51 63.42 62.65
N ALA N 389 26.48 64.05 61.49
CA ALA N 389 25.54 63.64 60.46
C ALA N 389 25.89 62.25 59.96
N GLN N 390 24.89 61.38 59.93
CA GLN N 390 25.08 60.00 59.52
C GLN N 390 24.25 59.69 58.29
N THR N 391 24.80 58.87 57.40
CA THR N 391 24.11 58.43 56.21
C THR N 391 24.14 56.92 56.15
N GLY N 392 23.31 56.37 55.27
CA GLY N 392 23.31 54.95 55.01
C GLY N 392 23.00 54.70 53.55
N TRP N 393 23.29 53.50 53.12
CA TRP N 393 23.19 53.19 51.71
C TRP N 393 21.80 52.65 51.37
N VAL N 394 21.26 53.11 50.26
CA VAL N 394 19.97 52.65 49.79
C VAL N 394 20.24 51.50 48.83
N GLN N 395 19.90 50.28 49.25
CA GLN N 395 20.19 49.12 48.43
C GLN N 395 19.04 48.80 47.50
N ASN N 396 17.86 49.34 47.78
CA ASN N 396 16.69 49.14 46.95
C ASN N 396 15.78 50.34 47.09
N GLN N 397 15.21 50.79 45.99
CA GLN N 397 14.46 52.02 45.98
C GLN N 397 13.23 51.85 45.10
N GLY N 398 12.06 51.99 45.68
CA GLY N 398 10.84 51.97 44.91
C GLY N 398 10.58 53.29 44.20
N ILE N 399 9.55 53.26 43.37
CA ILE N 399 9.12 54.42 42.59
C ILE N 399 8.93 55.65 43.48
N LEU N 400 9.46 56.66 43.10
CA LEU N 400 9.23 57.98 43.68
C LEU N 400 8.64 58.90 42.63
N PRO N 401 7.83 59.87 43.02
CA PRO N 401 7.40 60.88 42.05
C PRO N 401 8.61 61.61 41.46
N GLY N 402 8.62 61.74 40.15
CA GLY N 402 9.71 62.36 39.45
C GLY N 402 10.78 61.44 38.91
N MET N 403 10.60 60.13 39.02
CA MET N 403 11.53 59.20 38.40
C MET N 403 11.20 59.00 36.93
N VAL N 404 12.24 58.82 36.14
CA VAL N 404 12.12 58.41 34.75
C VAL N 404 13.11 57.27 34.56
N TRP N 405 12.77 56.34 33.68
CA TRP N 405 13.62 55.18 33.43
C TRP N 405 13.34 54.67 32.02
N GLN N 406 14.23 53.84 31.52
CA GLN N 406 14.04 53.10 30.29
C GLN N 406 13.81 51.64 30.62
N ASP N 407 12.94 51.00 29.85
CA ASP N 407 12.70 49.57 30.00
C ASP N 407 13.88 48.80 29.42
N ARG N 408 13.83 47.49 29.56
CA ARG N 408 14.91 46.67 29.05
C ARG N 408 14.81 46.52 27.54
N ASP N 409 15.94 46.25 26.92
CA ASP N 409 16.06 46.14 25.49
C ASP N 409 15.46 44.82 25.00
N VAL N 410 15.14 44.78 23.71
CA VAL N 410 14.73 43.55 23.05
C VAL N 410 15.87 43.12 22.14
N TYR N 411 15.91 41.84 21.85
CA TYR N 411 16.98 41.26 21.07
C TYR N 411 16.40 40.47 19.91
N LEU N 412 17.25 40.21 18.92
CA LEU N 412 16.88 39.31 17.84
C LEU N 412 16.51 37.94 18.39
N GLN N 413 17.24 37.48 19.41
CA GLN N 413 17.02 36.22 20.09
C GLN N 413 15.93 36.27 21.15
N GLY N 414 15.42 37.44 21.48
CA GLY N 414 14.61 37.58 22.66
C GLY N 414 13.13 37.42 22.45
N PRO N 415 12.38 37.52 23.54
CA PRO N 415 10.92 37.44 23.45
C PRO N 415 10.30 38.73 22.92
N ILE N 416 9.09 38.59 22.38
CA ILE N 416 8.37 39.72 21.84
C ILE N 416 7.33 40.21 22.83
N TRP N 417 6.39 39.36 23.19
CA TRP N 417 5.31 39.77 24.07
C TRP N 417 5.25 38.89 25.30
N ALA N 418 4.59 39.39 26.33
CA ALA N 418 4.17 38.58 27.47
C ALA N 418 2.71 38.84 27.75
N LYS N 419 2.08 37.92 28.46
CA LYS N 419 0.76 38.15 29.01
C LYS N 419 0.88 38.84 30.36
N ILE N 420 0.22 39.98 30.50
CA ILE N 420 0.12 40.64 31.80
C ILE N 420 -0.78 39.81 32.70
N PRO N 421 -0.34 39.46 33.90
CA PRO N 421 -1.19 38.69 34.80
C PRO N 421 -2.51 39.40 35.07
N HIS N 422 -3.55 38.63 35.31
CA HIS N 422 -4.86 39.19 35.52
C HIS N 422 -5.00 39.47 37.02
N THR N 423 -4.91 40.74 37.39
CA THR N 423 -4.82 41.12 38.80
C THR N 423 -5.53 42.44 39.00
N ASP N 424 -5.76 42.77 40.27
CA ASP N 424 -6.33 44.05 40.62
C ASP N 424 -5.43 45.19 40.21
N GLY N 425 -4.14 45.05 40.45
CA GLY N 425 -3.24 46.14 40.18
C GLY N 425 -1.88 45.65 39.76
N ASN N 426 -1.25 46.49 38.96
CA ASN N 426 0.08 46.26 38.44
C ASN N 426 0.66 47.64 38.17
N PHE N 427 1.97 47.74 38.16
CA PHE N 427 2.53 49.04 37.84
C PHE N 427 3.48 48.92 36.69
N HIS N 428 3.24 49.73 35.65
CA HIS N 428 4.10 49.76 34.48
C HIS N 428 4.37 48.36 33.96
N PRO N 429 3.32 47.62 33.61
CA PRO N 429 3.32 46.21 33.19
C PRO N 429 4.17 45.81 31.99
N SER N 430 5.33 46.41 31.82
CA SER N 430 6.20 46.03 30.75
C SER N 430 6.93 44.77 31.24
N PRO N 431 6.91 43.69 30.45
CA PRO N 431 7.54 42.42 30.85
C PRO N 431 9.02 42.64 31.17
N LEU N 432 9.49 42.10 32.29
CA LEU N 432 10.87 42.34 32.70
C LEU N 432 11.90 41.68 31.80
N MET N 433 11.64 40.53 31.23
CA MET N 433 12.58 40.00 30.25
C MET N 433 12.57 40.77 28.94
N GLY N 434 11.64 41.71 28.76
CA GLY N 434 11.64 42.64 27.66
C GLY N 434 10.51 42.38 26.66
N GLY N 435 10.15 43.43 25.96
CA GLY N 435 9.05 43.37 25.01
C GLY N 435 7.77 44.01 25.48
N PHE N 436 6.69 43.58 24.86
CA PHE N 436 5.41 44.28 24.92
C PHE N 436 4.47 43.53 25.85
N GLY N 437 4.03 44.18 26.92
CA GLY N 437 3.06 43.57 27.80
C GLY N 437 1.64 43.78 27.30
N MET N 438 0.83 42.74 27.41
CA MET N 438 -0.49 42.79 26.84
C MET N 438 -1.45 42.05 27.76
N LYS N 439 -2.62 42.63 28.00
CA LYS N 439 -3.64 41.90 28.73
C LYS N 439 -4.31 40.86 27.86
N HIS N 440 -4.29 41.04 26.55
CA HIS N 440 -4.80 40.06 25.61
C HIS N 440 -3.73 39.85 24.54
N PRO N 441 -2.74 39.02 24.83
CA PRO N 441 -1.64 38.79 23.91
C PRO N 441 -2.08 37.96 22.72
N PRO N 442 -1.17 37.63 21.80
CA PRO N 442 -1.50 36.63 20.80
C PRO N 442 -1.94 35.35 21.47
N PRO N 443 -3.06 34.78 21.06
CA PRO N 443 -3.60 33.63 21.78
C PRO N 443 -2.81 32.38 21.50
N GLN N 444 -2.89 31.46 22.44
CA GLN N 444 -2.24 30.16 22.30
C GLN N 444 -2.92 29.31 21.24
N ILE N 445 -2.10 28.61 20.46
CA ILE N 445 -2.55 27.81 19.34
C ILE N 445 -2.18 26.37 19.67
N LEU N 446 -3.18 25.53 19.90
CA LEU N 446 -2.99 24.18 20.41
C LEU N 446 -3.21 23.17 19.31
N ILE N 447 -2.44 22.09 19.32
CA ILE N 447 -2.52 21.13 18.22
C ILE N 447 -2.20 19.74 18.74
N LYS N 448 -2.91 18.73 18.22
CA LYS N 448 -2.64 17.34 18.58
C LYS N 448 -3.04 16.44 17.43
N ASN N 449 -2.47 15.25 17.42
CA ASN N 449 -2.95 14.20 16.55
C ASN N 449 -4.18 13.56 17.18
N THR N 450 -5.23 13.43 16.40
CA THR N 450 -6.40 12.70 16.87
C THR N 450 -6.03 11.23 17.04
N PRO N 451 -6.27 10.64 18.21
CA PRO N 451 -5.90 9.23 18.41
C PRO N 451 -6.69 8.31 17.51
N VAL N 452 -6.00 7.35 16.91
CA VAL N 452 -6.61 6.30 16.12
C VAL N 452 -6.37 5.00 16.85
N PRO N 453 -7.39 4.40 17.46
CA PRO N 453 -7.17 3.17 18.22
C PRO N 453 -6.81 2.01 17.31
N ALA N 454 -5.94 1.15 17.82
CA ALA N 454 -5.69 -0.15 17.27
C ALA N 454 -6.93 -1.02 17.43
N ASP N 455 -6.95 -2.14 16.70
CA ASP N 455 -8.14 -2.99 16.66
C ASP N 455 -8.63 -3.37 18.06
N PRO N 456 -9.88 -3.10 18.37
CA PRO N 456 -10.43 -3.49 19.67
C PRO N 456 -10.73 -4.98 19.71
N PRO N 457 -10.93 -5.55 20.89
CA PRO N 457 -11.28 -6.96 20.97
C PRO N 457 -12.69 -7.23 20.48
N THR N 458 -13.00 -8.50 20.25
CA THR N 458 -14.27 -8.83 19.63
C THR N 458 -15.35 -9.11 20.65
N ALA N 459 -15.04 -8.97 21.93
CA ALA N 459 -16.05 -8.98 22.96
C ALA N 459 -16.02 -7.65 23.69
N PHE N 460 -17.18 -7.14 24.07
CA PHE N 460 -17.21 -5.83 24.69
C PHE N 460 -16.46 -5.82 26.01
N ASN N 461 -15.70 -4.75 26.21
CA ASN N 461 -14.96 -4.48 27.41
C ASN N 461 -15.16 -3.01 27.74
N LYS N 462 -15.38 -2.70 29.02
CA LYS N 462 -15.76 -1.33 29.37
C LYS N 462 -14.56 -0.41 29.50
N ASP N 463 -13.35 -0.95 29.54
CA ASP N 463 -12.19 -0.12 29.77
C ASP N 463 -11.96 0.83 28.61
N LYS N 464 -11.28 1.93 28.89
CA LYS N 464 -10.79 2.74 27.80
C LYS N 464 -9.74 1.96 27.02
N LEU N 465 -9.70 2.20 25.72
CA LEU N 465 -8.73 1.53 24.87
C LEU N 465 -7.34 2.11 25.13
N ASN N 466 -6.39 1.24 25.43
CA ASN N 466 -5.02 1.66 25.69
C ASN N 466 -4.07 1.43 24.52
N SER N 467 -4.56 1.01 23.38
CA SER N 467 -3.71 0.56 22.29
C SER N 467 -4.02 1.37 21.03
N PHE N 468 -3.00 2.00 20.46
CA PHE N 468 -3.21 2.97 19.39
C PHE N 468 -2.25 2.73 18.24
N ILE N 469 -2.71 3.12 17.05
CA ILE N 469 -1.84 3.14 15.89
C ILE N 469 -0.80 4.24 16.04
N THR N 470 0.46 3.92 15.80
CA THR N 470 1.53 4.88 15.98
C THR N 470 1.52 5.91 14.86
N GLN N 471 1.36 7.18 15.20
CA GLN N 471 1.22 8.20 14.20
C GLN N 471 2.01 9.43 14.58
N TYR N 472 2.35 10.22 13.57
CA TYR N 472 2.78 11.58 13.80
C TYR N 472 2.34 12.38 12.58
N SER N 473 2.33 13.69 12.72
CA SER N 473 1.93 14.55 11.63
C SER N 473 3.03 15.56 11.33
N THR N 474 2.92 16.18 10.17
CA THR N 474 3.83 17.23 9.78
C THR N 474 3.13 18.16 8.79
N GLY N 475 3.67 19.36 8.67
CA GLY N 475 3.08 20.32 7.76
C GLY N 475 3.79 21.64 7.70
N GLN N 476 3.10 22.67 7.24
CA GLN N 476 3.69 23.98 7.11
C GLN N 476 2.94 24.94 8.02
N VAL N 477 3.63 25.97 8.50
CA VAL N 477 3.01 27.07 9.22
C VAL N 477 3.50 28.36 8.59
N SER N 478 2.60 29.30 8.42
CA SER N 478 2.99 30.64 8.05
C SER N 478 2.43 31.62 9.07
N VAL N 479 3.23 32.58 9.44
CA VAL N 479 2.84 33.63 10.36
C VAL N 479 3.24 34.97 9.74
N GLU N 480 2.33 35.91 9.75
CA GLU N 480 2.50 37.21 9.13
C GLU N 480 2.20 38.27 10.17
N ILE N 481 3.14 39.20 10.38
CA ILE N 481 2.95 40.28 11.34
C ILE N 481 3.16 41.62 10.64
N GLU N 482 2.20 42.51 10.80
CA GLU N 482 2.38 43.91 10.45
C GLU N 482 2.94 44.65 11.66
N TRP N 483 4.01 45.39 11.43
CA TRP N 483 4.70 46.14 12.47
C TRP N 483 4.62 47.63 12.13
N GLU N 484 4.25 48.47 13.09
CA GLU N 484 4.25 49.90 12.91
C GLU N 484 5.61 50.47 13.29
N LEU N 485 6.14 51.36 12.46
CA LEU N 485 7.45 51.95 12.67
C LEU N 485 7.32 53.39 13.13
N GLN N 486 8.27 53.80 13.96
CA GLN N 486 8.43 55.19 14.34
C GLN N 486 9.77 55.63 13.77
N LYS N 487 9.73 56.51 12.76
CA LYS N 487 10.96 56.86 12.09
C LYS N 487 11.74 57.91 12.87
N GLU N 488 13.06 57.81 12.81
CA GLU N 488 13.97 58.77 13.41
C GLU N 488 13.88 60.16 12.75
N ASN N 489 13.67 61.18 13.58
CA ASN N 489 13.53 62.55 13.14
C ASN N 489 14.75 63.45 13.39
N SER N 490 15.90 62.89 13.77
CA SER N 490 16.93 63.65 14.47
C SER N 490 17.50 64.83 13.69
N LYS N 491 17.94 65.86 14.42
CA LYS N 491 18.73 66.96 13.92
C LYS N 491 20.22 66.84 14.21
N ARG N 492 20.68 65.75 14.80
CA ARG N 492 22.09 65.55 15.09
C ARG N 492 22.97 65.70 13.85
N TRP N 493 24.03 66.49 13.99
CA TRP N 493 24.91 66.81 12.87
C TRP N 493 25.87 65.67 12.54
N ASN N 494 26.49 65.08 13.54
CA ASN N 494 27.51 64.07 13.31
C ASN N 494 26.88 62.70 13.11
N PRO N 495 27.60 61.77 12.48
CA PRO N 495 27.01 60.46 12.18
C PRO N 495 26.78 59.62 13.44
N GLU N 496 25.75 58.79 13.35
CA GLU N 496 25.32 57.91 14.42
C GLU N 496 26.18 56.66 14.50
N ILE N 497 25.93 55.87 15.54
CA ILE N 497 26.41 54.50 15.63
C ILE N 497 25.40 53.61 14.94
N GLN N 498 25.87 52.63 14.21
CA GLN N 498 25.04 51.76 13.41
C GLN N 498 25.51 50.34 13.67
N TYR N 499 24.58 49.40 13.72
CA TYR N 499 25.01 48.00 13.78
C TYR N 499 25.56 47.61 12.42
N THR N 500 26.73 46.98 12.42
CA THR N 500 27.40 46.66 11.17
C THR N 500 28.07 45.30 11.28
N SER N 501 28.25 44.68 10.12
CA SER N 501 29.21 43.60 9.97
C SER N 501 30.62 44.17 9.92
N ASN N 502 31.59 43.32 10.23
CA ASN N 502 32.99 43.68 10.13
C ASN N 502 33.55 43.13 8.84
N TYR N 503 34.40 43.92 8.16
CA TYR N 503 34.91 43.47 6.87
C TYR N 503 35.89 42.32 7.02
N TYR N 504 36.58 42.23 8.16
CA TYR N 504 37.77 41.40 8.24
C TYR N 504 37.46 39.94 8.00
N LYS N 505 38.40 39.25 7.37
CA LYS N 505 38.18 37.89 6.89
C LYS N 505 38.03 36.89 8.04
N SER N 506 37.30 35.82 7.77
CA SER N 506 37.02 34.79 8.76
C SER N 506 36.65 33.51 8.04
N ASN N 507 36.61 32.41 8.79
CA ASN N 507 36.28 31.12 8.19
C ASN N 507 34.81 31.04 7.79
N ASN N 508 33.94 31.81 8.42
CA ASN N 508 32.52 31.71 8.17
C ASN N 508 31.93 33.10 8.04
N VAL N 509 30.86 33.20 7.27
CA VAL N 509 30.01 34.37 7.33
C VAL N 509 29.17 34.31 8.60
N GLU N 510 29.02 35.44 9.27
CA GLU N 510 28.18 35.48 10.44
C GLU N 510 26.71 35.49 10.05
N PHE N 511 25.91 34.77 10.82
CA PHE N 511 24.50 34.54 10.53
C PHE N 511 24.33 33.76 9.23
N ALA N 512 25.13 32.72 9.08
CA ALA N 512 25.06 31.81 7.94
C ALA N 512 25.26 30.40 8.44
N VAL N 513 25.06 29.43 7.55
CA VAL N 513 25.42 28.05 7.88
C VAL N 513 26.91 27.87 7.71
N ASN N 514 27.47 26.92 8.44
CA ASN N 514 28.86 26.53 8.32
C ASN N 514 28.97 25.37 7.33
N THR N 515 30.12 24.69 7.33
CA THR N 515 30.34 23.60 6.39
C THR N 515 29.48 22.38 6.69
N GLU N 516 28.92 22.28 7.89
CA GLU N 516 28.08 21.15 8.21
C GLU N 516 26.59 21.46 8.08
N GLY N 517 26.24 22.66 7.64
CA GLY N 517 24.85 23.00 7.49
C GLY N 517 24.23 23.57 8.74
N VAL N 518 25.03 24.04 9.68
CA VAL N 518 24.54 24.47 10.97
C VAL N 518 24.45 25.98 10.97
N TYR N 519 23.24 26.50 11.07
CA TYR N 519 23.02 27.92 11.21
C TYR N 519 23.32 28.33 12.64
N SER N 520 23.90 29.51 12.79
CA SER N 520 24.17 30.01 14.13
C SER N 520 24.00 31.52 14.15
N GLU N 521 23.74 32.03 15.35
CA GLU N 521 23.69 33.44 15.62
C GLU N 521 24.86 33.78 16.53
N PRO N 522 25.91 34.42 16.03
CA PRO N 522 27.15 34.53 16.82
C PRO N 522 27.06 35.49 17.99
N ARG N 523 26.15 36.45 17.98
CA ARG N 523 26.05 37.45 19.02
C ARG N 523 24.60 37.82 19.25
N PRO N 524 24.27 38.38 20.40
CA PRO N 524 22.99 39.06 20.56
C PRO N 524 23.02 40.43 19.93
N ILE N 525 21.90 40.83 19.33
CA ILE N 525 21.80 42.15 18.73
C ILE N 525 20.65 42.88 19.40
N GLY N 526 20.98 43.90 20.13
CA GLY N 526 19.97 44.74 20.73
C GLY N 526 19.41 45.71 19.74
N THR N 527 18.49 46.52 20.21
CA THR N 527 17.80 47.40 19.30
C THR N 527 18.30 48.84 19.34
N ARG N 528 19.27 49.17 20.22
CA ARG N 528 19.55 50.57 20.55
C ARG N 528 20.86 51.05 19.94
N TYR N 529 20.76 51.86 18.89
CA TYR N 529 21.90 52.38 18.15
C TYR N 529 21.76 53.87 17.91
N LEU N 530 20.65 54.28 17.32
CA LEU N 530 20.31 55.67 17.15
C LEU N 530 20.16 56.35 18.51
N THR N 531 20.24 57.67 18.52
CA THR N 531 20.15 58.43 19.75
C THR N 531 19.00 59.43 19.69
N ARG N 532 18.55 59.83 20.87
CA ARG N 532 17.61 60.92 21.06
C ARG N 532 18.11 61.80 22.19
N ASN N 533 17.67 63.05 22.22
CA ASN N 533 17.89 63.89 23.38
C ASN N 533 17.06 63.43 24.55
N LEU N 534 17.49 63.81 25.74
CA LEU N 534 16.82 63.37 26.94
C LEU N 534 15.74 64.35 27.38
N ASP O 17 -18.06 13.08 1.15
CA ASP O 17 -17.55 14.15 0.30
C ASP O 17 -16.19 13.83 -0.32
N GLY O 18 -15.18 13.60 0.52
CA GLY O 18 -13.87 13.23 0.01
C GLY O 18 -13.03 12.51 1.04
N VAL O 19 -12.06 11.74 0.54
CA VAL O 19 -11.12 11.04 1.42
C VAL O 19 -10.27 12.02 2.21
N GLY O 20 -9.76 13.05 1.56
CA GLY O 20 -8.81 13.93 2.22
C GLY O 20 -9.46 15.06 2.97
N SER O 21 -10.79 15.07 3.03
CA SER O 21 -11.49 16.13 3.71
C SER O 21 -12.16 15.59 4.96
N SER O 22 -12.29 16.44 5.95
CA SER O 22 -12.91 16.05 7.22
C SER O 22 -14.41 16.32 7.18
N SER O 23 -15.18 15.41 7.76
CA SER O 23 -16.62 15.50 7.74
C SER O 23 -17.21 16.10 9.01
N GLY O 24 -16.40 16.49 9.96
CA GLY O 24 -16.90 17.16 11.14
C GLY O 24 -15.78 17.67 12.01
N ASN O 25 -16.16 18.56 12.93
CA ASN O 25 -15.24 19.19 13.85
C ASN O 25 -15.60 18.79 15.27
N TRP O 26 -14.64 18.97 16.16
CA TRP O 26 -14.79 18.58 17.55
C TRP O 26 -15.56 19.66 18.31
N HIS O 27 -16.64 19.27 18.98
CA HIS O 27 -17.40 20.20 19.81
C HIS O 27 -17.59 19.61 21.19
N CYS O 28 -16.91 20.17 22.18
CA CYS O 28 -17.22 19.95 23.59
C CYS O 28 -17.35 21.32 24.23
N ASP O 29 -18.51 21.60 24.80
CA ASP O 29 -18.75 22.93 25.32
C ASP O 29 -19.94 22.84 26.25
N SER O 30 -20.10 23.86 27.08
CA SER O 30 -21.38 24.11 27.70
C SER O 30 -21.72 25.57 27.44
N GLN O 31 -22.99 25.85 27.24
CA GLN O 31 -23.45 27.21 27.02
C GLN O 31 -24.60 27.47 27.97
N TRP O 32 -24.39 28.36 28.92
CA TRP O 32 -25.38 28.69 29.93
C TRP O 32 -26.07 29.98 29.52
N LEU O 33 -27.31 29.87 29.07
CA LEU O 33 -28.04 31.04 28.61
C LEU O 33 -29.34 31.12 29.38
N GLY O 34 -29.40 31.99 30.38
CA GLY O 34 -30.65 32.20 31.04
C GLY O 34 -31.24 30.94 31.67
N ASP O 35 -32.41 30.57 31.17
CA ASP O 35 -33.20 29.46 31.67
C ASP O 35 -32.85 28.14 30.99
N ARG O 36 -31.75 28.12 30.25
CA ARG O 36 -31.40 26.90 29.59
C ARG O 36 -29.91 26.70 29.49
N VAL O 37 -29.52 25.44 29.43
CA VAL O 37 -28.12 25.06 29.24
C VAL O 37 -28.07 24.19 28.01
N ILE O 38 -27.00 24.32 27.24
CA ILE O 38 -26.76 23.45 26.10
C ILE O 38 -25.41 22.80 26.31
N THR O 39 -25.40 21.47 26.39
CA THR O 39 -24.18 20.70 26.49
C THR O 39 -23.85 20.13 25.13
N THR O 40 -22.56 20.05 24.83
CA THR O 40 -22.12 19.30 23.66
C THR O 40 -20.87 18.53 24.03
N SER O 41 -20.79 17.30 23.58
CA SER O 41 -19.71 16.40 23.88
C SER O 41 -19.28 15.67 22.63
N THR O 42 -17.98 15.59 22.41
CA THR O 42 -17.42 14.78 21.34
C THR O 42 -16.55 13.72 21.98
N ARG O 43 -16.63 12.50 21.46
CA ARG O 43 -15.77 11.42 21.89
C ARG O 43 -15.25 10.68 20.68
N THR O 44 -14.24 9.86 20.89
CA THR O 44 -13.73 8.97 19.86
C THR O 44 -14.12 7.54 20.20
N TRP O 45 -14.70 6.85 19.22
CA TRP O 45 -15.23 5.52 19.39
C TRP O 45 -14.48 4.53 18.50
N ALA O 46 -14.60 3.27 18.85
CA ALA O 46 -14.10 2.16 18.06
C ALA O 46 -15.14 1.06 18.02
N LEU O 47 -15.48 0.62 16.82
CA LEU O 47 -16.46 -0.43 16.62
C LEU O 47 -15.80 -1.68 16.10
N PRO O 48 -15.81 -2.78 16.82
CA PRO O 48 -15.31 -4.03 16.24
C PRO O 48 -16.35 -4.72 15.36
N THR O 49 -15.97 -5.83 14.79
CA THR O 49 -16.95 -6.78 14.26
C THR O 49 -17.37 -7.72 15.36
N TYR O 50 -18.65 -7.73 15.69
CA TYR O 50 -19.18 -8.63 16.70
C TYR O 50 -19.75 -9.87 16.05
N ASN O 51 -19.54 -11.02 16.69
CA ASN O 51 -20.01 -12.34 16.27
C ASN O 51 -19.53 -12.72 14.89
N ASN O 52 -18.50 -12.08 14.38
CA ASN O 52 -18.07 -12.27 12.99
C ASN O 52 -19.26 -12.29 12.03
N HIS O 53 -20.09 -11.25 12.14
CA HIS O 53 -21.23 -10.98 11.25
C HIS O 53 -22.38 -11.99 11.42
N LEU O 54 -22.55 -12.55 12.61
CA LEU O 54 -23.63 -13.52 12.80
C LEU O 54 -24.64 -13.03 13.82
N TYR O 55 -25.88 -13.40 13.61
CA TYR O 55 -26.89 -13.45 14.65
C TYR O 55 -26.81 -14.80 15.33
N LYS O 56 -26.85 -14.81 16.66
CA LYS O 56 -26.84 -16.07 17.39
C LYS O 56 -27.88 -16.09 18.49
N GLN O 57 -28.64 -17.18 18.53
CA GLN O 57 -29.45 -17.51 19.68
C GLN O 57 -28.58 -17.77 20.90
N ILE O 58 -28.88 -17.08 22.00
CA ILE O 58 -28.22 -17.29 23.28
C ILE O 58 -29.27 -17.67 24.30
N SER O 59 -28.83 -18.35 25.34
CA SER O 59 -29.72 -18.69 26.44
C SER O 59 -28.86 -18.93 27.67
N ASN O 60 -29.54 -19.22 28.77
CA ASN O 60 -28.81 -19.50 30.01
C ASN O 60 -28.11 -20.84 29.90
N SER O 61 -28.54 -21.69 28.97
CA SER O 61 -27.84 -22.95 28.74
C SER O 61 -26.60 -22.74 27.89
N THR O 62 -26.65 -21.84 26.91
CA THR O 62 -25.43 -21.52 26.17
C THR O 62 -24.43 -20.85 27.10
N SER O 63 -24.92 -20.20 28.16
CA SER O 63 -24.06 -19.69 29.22
C SER O 63 -23.74 -20.77 30.25
N GLY O 64 -24.73 -21.58 30.63
CA GLY O 64 -24.54 -22.67 31.57
C GLY O 64 -25.17 -22.51 32.95
N GLY O 65 -25.71 -21.33 33.27
CA GLY O 65 -26.39 -21.17 34.55
C GLY O 65 -27.72 -21.88 34.59
N SER O 66 -27.99 -22.59 35.69
CA SER O 66 -29.15 -23.46 35.76
C SER O 66 -30.36 -22.94 36.52
N SER O 67 -30.30 -21.79 37.18
CA SER O 67 -31.35 -21.46 38.14
C SER O 67 -32.56 -20.82 37.46
N ASN O 68 -33.74 -21.17 37.96
CA ASN O 68 -34.99 -20.72 37.34
C ASN O 68 -35.09 -19.21 37.35
N ASP O 69 -34.68 -18.57 38.44
CA ASP O 69 -34.76 -17.12 38.50
C ASP O 69 -33.89 -16.46 37.44
N ASN O 70 -32.84 -17.13 37.00
CA ASN O 70 -31.89 -16.56 36.06
C ASN O 70 -32.08 -17.02 34.62
N ALA O 71 -33.10 -17.78 34.29
CA ALA O 71 -33.22 -18.32 32.94
C ALA O 71 -33.58 -17.24 31.92
N TYR O 72 -33.08 -17.40 30.70
CA TYR O 72 -33.39 -16.43 29.66
C TYR O 72 -33.25 -17.06 28.28
N PHE O 73 -33.82 -16.37 27.30
CA PHE O 73 -33.74 -16.75 25.90
C PHE O 73 -33.61 -15.47 25.09
N GLY O 74 -32.73 -15.47 24.09
CA GLY O 74 -32.59 -14.25 23.32
C GLY O 74 -31.62 -14.41 22.18
N TYR O 75 -31.14 -13.27 21.72
CA TYR O 75 -30.26 -13.23 20.56
C TYR O 75 -29.16 -12.21 20.79
N SER O 76 -28.01 -12.49 20.22
CA SER O 76 -26.96 -11.50 20.07
C SER O 76 -26.86 -11.14 18.60
N THR O 77 -26.54 -9.89 18.31
CA THR O 77 -26.55 -9.42 16.94
C THR O 77 -25.15 -8.92 16.57
N PRO O 78 -24.87 -8.81 15.28
CA PRO O 78 -23.59 -8.22 14.87
C PRO O 78 -23.49 -6.73 15.14
N TRP O 79 -24.59 -6.06 15.45
CA TRP O 79 -24.64 -4.62 15.57
C TRP O 79 -24.13 -4.14 16.92
N GLY O 80 -23.64 -2.90 16.93
CA GLY O 80 -23.42 -2.15 18.14
C GLY O 80 -24.42 -1.02 18.30
N TYR O 81 -24.39 -0.32 19.43
CA TYR O 81 -25.28 0.81 19.64
C TYR O 81 -24.58 1.86 20.48
N PHE O 82 -24.99 3.11 20.29
CA PHE O 82 -24.47 4.22 21.08
C PHE O 82 -25.32 4.44 22.33
N ASP O 83 -24.65 4.72 23.43
CA ASP O 83 -25.28 4.94 24.72
C ASP O 83 -24.71 6.22 25.33
N PHE O 84 -25.51 7.28 25.34
CA PHE O 84 -25.18 8.52 26.05
C PHE O 84 -26.05 8.74 27.28
N ASN O 85 -26.67 7.69 27.82
CA ASN O 85 -27.74 7.78 28.81
C ASN O 85 -27.24 7.99 30.25
N ARG O 86 -26.03 8.48 30.44
CA ARG O 86 -25.62 8.89 31.77
C ARG O 86 -25.34 10.39 31.79
N PHE O 87 -25.50 11.01 32.96
CA PHE O 87 -25.35 12.46 33.05
C PHE O 87 -23.91 12.91 32.84
N HIS O 88 -22.94 12.11 33.23
CA HIS O 88 -21.58 12.57 33.01
C HIS O 88 -21.17 12.51 31.54
N CYS O 89 -22.01 11.95 30.68
CA CYS O 89 -21.74 12.07 29.26
C CYS O 89 -21.87 13.52 28.84
N HIS O 90 -22.79 14.25 29.46
CA HIS O 90 -23.07 15.60 29.06
C HIS O 90 -22.55 16.69 29.98
N PHE O 91 -22.20 16.38 31.22
CA PHE O 91 -21.81 17.40 32.18
C PHE O 91 -20.43 17.11 32.71
N SER O 92 -19.54 18.08 32.60
CA SER O 92 -18.33 18.03 33.39
C SER O 92 -18.70 18.23 34.85
N PRO O 93 -17.84 17.81 35.78
CA PRO O 93 -18.15 18.01 37.20
C PRO O 93 -18.36 19.45 37.61
N ARG O 94 -17.63 20.39 37.02
CA ARG O 94 -17.90 21.80 37.27
C ARG O 94 -19.26 22.20 36.71
N ASP O 95 -19.62 21.70 35.53
CA ASP O 95 -20.95 21.95 35.00
C ASP O 95 -22.04 21.43 35.91
N TRP O 96 -21.83 20.25 36.47
CA TRP O 96 -22.83 19.65 37.35
C TRP O 96 -23.00 20.48 38.62
N GLN O 97 -21.89 20.94 39.19
CA GLN O 97 -21.94 21.84 40.34
C GLN O 97 -22.69 23.11 39.99
N ARG O 98 -22.36 23.68 38.85
CA ARG O 98 -22.99 24.89 38.39
C ARG O 98 -24.48 24.66 38.20
N LEU O 99 -24.87 23.45 37.82
CA LEU O 99 -26.28 23.11 37.70
C LEU O 99 -26.95 23.01 39.07
N ILE O 100 -26.40 22.21 39.96
CA ILE O 100 -27.14 21.82 41.17
C ILE O 100 -27.12 22.88 42.25
N ASN O 101 -26.18 23.81 42.22
CA ASN O 101 -26.18 24.81 43.28
C ASN O 101 -27.12 25.97 42.99
N ASN O 102 -27.48 26.18 41.74
CA ASN O 102 -28.28 27.34 41.39
C ASN O 102 -29.70 27.06 40.94
N ASN O 103 -30.12 25.82 40.83
CA ASN O 103 -31.36 25.57 40.13
C ASN O 103 -32.23 24.62 40.94
N TRP O 104 -33.53 24.93 40.98
CA TRP O 104 -34.49 24.05 41.61
C TRP O 104 -34.89 22.88 40.75
N GLY O 105 -34.72 22.97 39.45
CA GLY O 105 -35.09 21.89 38.58
C GLY O 105 -34.50 22.04 37.21
N PHE O 106 -34.54 20.96 36.46
CA PHE O 106 -34.06 20.92 35.09
C PHE O 106 -34.73 19.74 34.41
N ARG O 107 -34.62 19.69 33.10
CA ARG O 107 -35.18 18.63 32.29
C ARG O 107 -34.72 18.78 30.85
N PRO O 108 -34.59 17.69 30.12
CA PRO O 108 -34.13 17.77 28.74
C PRO O 108 -35.19 18.26 27.76
N LYS O 109 -34.74 18.92 26.70
CA LYS O 109 -35.60 19.52 25.69
C LYS O 109 -35.29 19.00 24.30
N ARG O 110 -34.10 19.27 23.79
CA ARG O 110 -33.72 18.86 22.44
C ARG O 110 -32.41 18.11 22.40
N LEU O 111 -32.26 17.28 21.37
CA LEU O 111 -31.07 16.48 21.16
C LEU O 111 -30.57 16.60 19.72
N ASN O 112 -29.26 16.66 19.57
CA ASN O 112 -28.61 16.70 18.27
C ASN O 112 -27.55 15.62 18.33
N PHE O 113 -27.41 14.82 17.28
CA PHE O 113 -26.48 13.71 17.29
C PHE O 113 -25.72 13.69 15.96
N LYS O 114 -24.41 13.54 16.03
CA LYS O 114 -23.59 13.47 14.83
C LYS O 114 -22.62 12.31 14.88
N LEU O 115 -22.35 11.76 13.71
CA LEU O 115 -21.39 10.67 13.55
C LEU O 115 -20.54 11.01 12.33
N PHE O 116 -19.24 11.15 12.52
CA PHE O 116 -18.42 11.77 11.49
C PHE O 116 -16.98 11.31 11.65
N ASN O 117 -16.19 11.54 10.59
CA ASN O 117 -14.77 11.15 10.51
C ASN O 117 -14.60 9.65 10.62
N ILE O 118 -15.42 8.93 9.84
CA ILE O 118 -15.42 7.49 9.86
C ILE O 118 -14.14 6.95 9.24
N GLN O 119 -13.54 5.96 9.87
CA GLN O 119 -12.33 5.31 9.39
C GLN O 119 -12.50 3.81 9.53
N VAL O 120 -12.47 3.08 8.43
CA VAL O 120 -12.52 1.62 8.46
C VAL O 120 -11.11 1.07 8.26
N LYS O 121 -10.73 0.11 9.08
CA LYS O 121 -9.38 -0.44 9.10
C LYS O 121 -9.39 -1.91 8.77
N GLU O 122 -8.33 -2.37 8.11
CA GLU O 122 -8.13 -3.79 7.82
C GLU O 122 -6.97 -4.29 8.67
N VAL O 123 -7.17 -5.40 9.35
CA VAL O 123 -6.16 -5.99 10.21
C VAL O 123 -5.65 -7.27 9.56
N THR O 124 -4.34 -7.37 9.42
CA THR O 124 -3.69 -8.55 8.89
C THR O 124 -2.74 -9.09 9.95
N ASP O 125 -2.75 -10.40 10.17
CA ASP O 125 -1.86 -10.96 11.20
C ASP O 125 -1.03 -12.16 10.75
N ASN O 126 0.10 -11.91 10.10
CA ASN O 126 0.95 -13.01 9.61
C ASN O 126 1.58 -13.93 10.66
N ASN O 127 2.16 -13.37 11.71
CA ASN O 127 2.82 -14.18 12.74
C ASN O 127 2.64 -13.72 14.18
N GLY O 128 1.46 -13.19 14.52
CA GLY O 128 1.22 -12.69 15.86
C GLY O 128 1.49 -11.19 15.95
N VAL O 129 2.00 -10.61 14.87
CA VAL O 129 2.26 -9.17 14.80
C VAL O 129 1.27 -8.58 13.82
N LYS O 130 0.36 -7.78 14.36
CA LYS O 130 -0.72 -7.17 13.60
C LYS O 130 -0.23 -6.01 12.73
N THR O 131 -0.66 -6.02 11.48
CA THR O 131 -0.52 -4.89 10.56
C THR O 131 -1.91 -4.29 10.33
N ILE O 132 -1.99 -2.97 10.32
CA ILE O 132 -3.26 -2.28 10.17
C ILE O 132 -3.16 -1.33 9.00
N ALA O 133 -4.14 -1.37 8.11
CA ALA O 133 -4.19 -0.51 6.95
C ALA O 133 -5.60 0.06 6.77
N ASN O 134 -5.68 1.16 6.04
CA ASN O 134 -6.94 1.77 5.68
C ASN O 134 -7.63 0.93 4.63
N ASN O 135 -8.92 0.76 4.77
CA ASN O 135 -9.73 0.24 3.68
C ASN O 135 -10.67 1.37 3.27
N LEU O 136 -10.38 1.98 2.13
CA LEU O 136 -11.03 3.23 1.80
C LEU O 136 -12.44 3.03 1.25
N THR O 137 -12.76 1.85 0.78
CA THR O 137 -14.06 1.58 0.17
C THR O 137 -15.05 0.90 1.10
N SER O 138 -14.69 0.60 2.33
CA SER O 138 -15.63 -0.10 3.20
C SER O 138 -16.63 0.87 3.82
N THR O 139 -17.79 0.34 4.16
CA THR O 139 -18.86 1.13 4.73
C THR O 139 -19.17 0.71 6.16
N VAL O 140 -19.79 1.63 6.88
CA VAL O 140 -20.46 1.37 8.13
C VAL O 140 -21.94 1.67 7.92
N GLN O 141 -22.80 0.94 8.61
CA GLN O 141 -24.24 1.13 8.55
C GLN O 141 -24.74 1.67 9.88
N VAL O 142 -25.68 2.60 9.82
CA VAL O 142 -26.23 3.21 11.02
C VAL O 142 -27.70 3.52 10.78
N PHE O 143 -28.52 3.26 11.79
CA PHE O 143 -29.89 3.75 11.75
C PHE O 143 -30.36 3.98 13.16
N THR O 144 -31.39 4.80 13.28
CA THR O 144 -32.08 5.00 14.54
C THR O 144 -33.38 4.23 14.48
N ASP O 145 -33.83 3.72 15.61
CA ASP O 145 -35.11 3.05 15.66
C ASP O 145 -36.08 4.12 16.15
N SER O 146 -36.69 4.82 15.22
CA SER O 146 -37.48 5.98 15.58
C SER O 146 -38.95 5.64 15.75
N ASP O 147 -39.35 4.45 15.33
CA ASP O 147 -40.66 3.89 15.58
C ASP O 147 -40.70 2.96 16.78
N TYR O 148 -39.57 2.78 17.46
CA TYR O 148 -39.49 1.99 18.68
C TYR O 148 -39.88 0.54 18.42
N GLN O 149 -39.42 0.03 17.30
CA GLN O 149 -39.74 -1.32 16.84
C GLN O 149 -38.78 -2.38 17.37
N LEU O 150 -37.63 -2.00 17.88
CA LEU O 150 -36.75 -2.96 18.52
C LEU O 150 -36.96 -3.03 20.02
N PRO O 151 -36.56 -4.13 20.65
CA PRO O 151 -36.44 -4.14 22.11
C PRO O 151 -35.48 -3.05 22.57
N TYR O 152 -35.86 -2.37 23.64
CA TYR O 152 -35.18 -1.15 24.04
C TYR O 152 -34.31 -1.44 25.26
N VAL O 153 -33.00 -1.49 25.07
CA VAL O 153 -32.08 -1.83 26.14
C VAL O 153 -31.39 -0.63 26.77
N LEU O 154 -31.68 0.58 26.32
CA LEU O 154 -31.00 1.74 26.86
C LEU O 154 -31.42 2.10 28.28
N GLY O 155 -32.47 1.50 28.81
CA GLY O 155 -32.95 1.85 30.13
C GLY O 155 -32.65 0.85 31.22
N SER O 156 -31.68 -0.02 31.01
CA SER O 156 -31.33 -1.06 31.98
C SER O 156 -30.07 -0.76 32.78
N ALA O 157 -29.49 0.42 32.64
CA ALA O 157 -28.29 0.84 33.38
C ALA O 157 -27.07 0.00 33.00
N HIS O 158 -26.91 -0.27 31.71
CA HIS O 158 -25.77 -1.01 31.23
C HIS O 158 -24.56 -0.13 31.03
N GLU O 159 -23.40 -0.76 31.10
CA GLU O 159 -22.14 -0.12 30.79
C GLU O 159 -22.05 0.12 29.27
N GLY O 160 -21.00 0.81 28.85
CA GLY O 160 -20.85 1.13 27.46
C GLY O 160 -21.21 2.54 27.08
N CYS O 161 -21.36 3.43 28.05
CA CYS O 161 -21.65 4.82 27.79
C CYS O 161 -20.47 5.51 27.12
N LEU O 162 -20.76 6.63 26.50
CA LEU O 162 -19.72 7.61 26.24
C LEU O 162 -19.04 7.95 27.55
N PRO O 163 -17.71 7.94 27.62
CA PRO O 163 -17.04 8.04 28.91
C PRO O 163 -17.09 9.44 29.47
N PRO O 164 -17.08 9.59 30.79
CA PRO O 164 -17.13 10.93 31.38
C PRO O 164 -15.97 11.80 30.98
N PHE O 165 -14.84 11.25 30.75
CA PHE O 165 -13.71 12.10 30.52
C PHE O 165 -13.42 12.20 29.03
N PRO O 166 -13.37 13.41 28.49
CA PRO O 166 -13.42 13.55 27.03
C PRO O 166 -12.22 13.00 26.28
N ALA O 167 -11.11 12.73 26.95
CA ALA O 167 -9.94 12.26 26.23
C ALA O 167 -9.91 10.74 26.08
N ASP O 168 -10.84 10.05 26.72
CA ASP O 168 -10.81 8.59 26.66
C ASP O 168 -11.49 8.09 25.39
N VAL O 169 -10.96 7.01 24.86
CA VAL O 169 -11.48 6.38 23.66
C VAL O 169 -12.25 5.14 24.09
N PHE O 170 -13.50 5.03 23.65
CA PHE O 170 -14.36 4.00 24.17
C PHE O 170 -14.77 3.04 23.08
N MET O 171 -15.20 1.89 23.53
CA MET O 171 -15.61 0.80 22.68
C MET O 171 -17.13 0.78 22.61
N ILE O 172 -17.67 0.65 21.40
CA ILE O 172 -19.12 0.59 21.23
C ILE O 172 -19.61 -0.79 21.69
N PRO O 173 -20.60 -0.88 22.56
CA PRO O 173 -21.05 -2.17 23.05
C PRO O 173 -21.94 -2.91 22.05
N GLN O 174 -22.09 -4.20 22.28
CA GLN O 174 -22.83 -5.05 21.37
C GLN O 174 -24.31 -5.06 21.71
N TYR O 175 -25.15 -4.94 20.69
CA TYR O 175 -26.60 -4.99 20.89
C TYR O 175 -27.08 -6.42 20.97
N GLY O 176 -27.91 -6.71 21.98
CA GLY O 176 -28.55 -8.00 22.13
C GLY O 176 -29.84 -7.80 22.89
N TYR O 177 -30.77 -8.74 22.72
CA TYR O 177 -32.07 -8.57 23.35
C TYR O 177 -32.58 -9.91 23.82
N LEU O 178 -33.58 -9.87 24.68
CA LEU O 178 -34.25 -11.04 25.20
C LEU O 178 -35.70 -11.04 24.75
N THR O 179 -36.27 -12.22 24.66
CA THR O 179 -37.68 -12.39 24.36
C THR O 179 -38.24 -13.37 25.37
N LEU O 180 -39.47 -13.83 25.18
CA LEU O 180 -40.07 -14.72 26.17
C LEU O 180 -39.32 -16.04 26.25
N ASN O 181 -39.14 -16.54 27.45
CA ASN O 181 -38.56 -17.86 27.62
C ASN O 181 -39.41 -18.68 28.57
N ASP O 182 -39.25 -20.00 28.45
CA ASP O 182 -39.66 -20.95 29.46
C ASP O 182 -38.47 -21.85 29.74
N GLY O 183 -37.90 -21.74 30.93
CA GLY O 183 -36.59 -22.32 31.14
C GLY O 183 -35.61 -21.68 30.19
N SER O 184 -34.87 -22.50 29.47
CA SER O 184 -34.00 -21.99 28.42
C SER O 184 -34.65 -22.04 27.03
N GLN O 185 -35.84 -22.59 26.93
CA GLN O 185 -36.55 -22.71 25.67
C GLN O 185 -37.34 -21.46 25.33
N ALA O 186 -37.61 -21.30 24.04
CA ALA O 186 -38.53 -20.28 23.57
C ALA O 186 -39.96 -20.83 23.54
N VAL O 187 -40.89 -19.95 23.22
CA VAL O 187 -42.28 -20.31 22.97
C VAL O 187 -42.68 -19.68 21.66
N GLY O 188 -43.85 -20.09 21.17
CA GLY O 188 -44.32 -19.53 19.92
C GLY O 188 -44.53 -18.04 19.98
N ARG O 189 -44.67 -17.49 21.16
CA ARG O 189 -44.89 -16.06 21.25
C ARG O 189 -43.56 -15.28 21.22
N SER O 190 -42.43 -15.97 21.20
CA SER O 190 -41.13 -15.31 21.20
C SER O 190 -40.83 -14.67 19.85
N SER O 191 -40.23 -13.50 19.88
CA SER O 191 -39.94 -12.74 18.67
C SER O 191 -38.46 -12.75 18.35
N PHE O 192 -38.15 -12.83 17.07
CA PHE O 192 -36.80 -12.72 16.57
C PHE O 192 -36.71 -11.52 15.65
N TYR O 193 -35.65 -10.74 15.80
CA TYR O 193 -35.48 -9.53 15.03
C TYR O 193 -34.20 -9.62 14.22
N CYS O 194 -34.29 -9.25 12.95
CA CYS O 194 -33.13 -9.01 12.13
C CYS O 194 -32.99 -7.51 11.97
N LEU O 195 -31.83 -6.97 12.30
CA LEU O 195 -31.64 -5.55 12.17
C LEU O 195 -31.30 -5.17 10.75
N GLU O 196 -31.02 -6.14 9.90
CA GLU O 196 -30.82 -5.89 8.48
C GLU O 196 -32.11 -5.54 7.80
N TYR O 197 -33.19 -5.87 8.49
CA TYR O 197 -34.52 -5.68 7.98
C TYR O 197 -35.02 -4.26 8.13
N PHE O 198 -34.11 -3.35 8.46
CA PHE O 198 -34.47 -1.96 8.57
C PHE O 198 -33.66 -1.20 7.58
N PRO O 199 -34.21 -0.11 7.07
CA PRO O 199 -33.36 0.71 6.23
C PRO O 199 -32.31 1.44 7.06
N SER O 200 -31.09 1.54 6.53
CA SER O 200 -30.03 2.23 7.24
C SER O 200 -29.16 2.99 6.25
N GLN O 201 -28.42 3.95 6.78
CA GLN O 201 -27.52 4.76 5.99
C GLN O 201 -26.14 4.11 5.97
N MET O 202 -25.54 4.04 4.80
CA MET O 202 -24.22 3.43 4.64
C MET O 202 -23.19 4.53 4.48
N LEU O 203 -22.08 4.40 5.18
CA LEU O 203 -21.10 5.47 5.30
C LEU O 203 -19.74 4.96 4.91
N ARG O 204 -19.17 5.50 3.84
CA ARG O 204 -17.76 5.40 3.61
C ARG O 204 -17.04 6.53 4.35
N THR O 205 -15.72 6.55 4.25
CA THR O 205 -14.92 7.39 5.13
C THR O 205 -15.20 8.88 4.93
N GLY O 206 -15.74 9.30 3.80
CA GLY O 206 -16.11 10.69 3.65
C GLY O 206 -17.49 11.08 4.12
N ASN O 207 -18.34 10.13 4.42
CA ASN O 207 -19.72 10.41 4.80
C ASN O 207 -19.87 10.72 6.28
N ASN O 208 -20.91 11.47 6.60
CA ASN O 208 -21.26 11.72 8.00
C ASN O 208 -22.75 11.45 8.19
N PHE O 209 -23.16 11.39 9.45
CA PHE O 209 -24.51 11.04 9.84
C PHE O 209 -25.01 12.00 10.90
N GLN O 210 -26.29 12.37 10.83
CA GLN O 210 -26.84 13.15 11.91
C GLN O 210 -28.34 12.91 12.02
N PHE O 211 -28.89 13.24 13.18
CA PHE O 211 -30.33 13.39 13.33
C PHE O 211 -30.58 14.21 14.57
N SER O 212 -31.77 14.76 14.65
CA SER O 212 -32.18 15.50 15.83
C SER O 212 -33.42 14.83 16.41
N TYR O 213 -33.65 15.08 17.68
CA TYR O 213 -34.71 14.47 18.45
C TYR O 213 -35.33 15.50 19.38
N GLU O 214 -36.63 15.44 19.53
CA GLU O 214 -37.34 16.28 20.48
C GLU O 214 -37.82 15.42 21.63
N PHE O 215 -37.41 15.76 22.84
CA PHE O 215 -37.94 15.13 24.04
C PHE O 215 -39.41 15.44 24.22
N GLU O 216 -40.16 14.47 24.70
CA GLU O 216 -41.52 14.77 25.06
C GLU O 216 -41.58 15.44 26.42
N ASN O 217 -42.64 16.19 26.64
CA ASN O 217 -42.79 16.95 27.88
C ASN O 217 -42.71 16.03 29.08
N VAL O 218 -41.81 16.36 30.00
CA VAL O 218 -41.67 15.65 31.27
C VAL O 218 -41.63 16.69 32.37
N PRO O 219 -41.92 16.30 33.61
CA PRO O 219 -41.75 17.23 34.72
C PRO O 219 -40.30 17.57 34.94
N PHE O 220 -40.05 18.76 35.50
CA PHE O 220 -38.72 19.06 36.00
C PHE O 220 -38.34 18.07 37.09
N HIS O 221 -37.12 17.56 37.01
CA HIS O 221 -36.64 16.69 38.05
C HIS O 221 -36.44 17.64 39.21
N SER O 222 -36.94 17.28 40.38
CA SER O 222 -36.76 18.18 41.50
C SER O 222 -35.34 18.09 42.00
N SER O 223 -34.67 19.23 42.10
CA SER O 223 -33.29 19.21 42.55
C SER O 223 -33.17 20.20 43.69
N TYR O 224 -33.82 19.82 44.76
CA TYR O 224 -33.86 20.55 46.01
C TYR O 224 -34.27 19.57 47.09
N ALA O 225 -34.04 19.96 48.33
CA ALA O 225 -34.42 19.14 49.46
C ALA O 225 -35.39 19.98 50.26
N HIS O 226 -36.41 19.37 50.83
CA HIS O 226 -37.36 20.13 51.62
C HIS O 226 -36.77 20.59 52.95
N SER O 227 -36.92 21.87 53.23
CA SER O 227 -36.51 22.46 54.49
C SER O 227 -37.59 22.37 55.54
N GLN O 228 -38.65 21.65 55.25
CA GLN O 228 -39.79 21.49 56.13
C GLN O 228 -40.20 20.04 56.01
N SER O 229 -40.77 19.45 57.04
CA SER O 229 -41.15 18.05 56.97
C SER O 229 -42.67 17.90 57.03
N LEU O 230 -43.16 16.79 56.48
CA LEU O 230 -44.59 16.61 56.27
C LEU O 230 -45.37 16.64 57.58
N ASP O 231 -44.75 16.26 58.69
CA ASP O 231 -45.49 16.26 59.94
C ASP O 231 -45.36 17.55 60.74
N ARG O 232 -44.54 18.49 60.30
CA ARG O 232 -44.35 19.75 60.99
C ARG O 232 -45.02 20.95 60.34
N LEU O 233 -45.93 20.74 59.38
CA LEU O 233 -46.44 21.84 58.56
C LEU O 233 -47.28 22.85 59.34
N MET O 234 -47.59 22.62 60.60
CA MET O 234 -48.46 23.47 61.41
C MET O 234 -47.78 24.77 61.84
N ASN O 235 -48.62 25.73 62.24
CA ASN O 235 -48.17 26.90 62.99
C ASN O 235 -47.90 26.52 64.43
N PRO O 236 -46.66 26.60 64.91
CA PRO O 236 -46.33 26.10 66.24
C PRO O 236 -46.94 26.88 67.40
N LEU O 237 -47.48 28.07 67.14
CA LEU O 237 -47.97 28.94 68.21
C LEU O 237 -49.45 28.76 68.52
N ILE O 238 -50.21 28.10 67.67
CA ILE O 238 -51.66 28.16 67.72
C ILE O 238 -52.21 26.76 67.91
N ASP O 239 -53.35 26.65 68.58
CA ASP O 239 -54.07 25.38 68.70
C ASP O 239 -54.85 25.05 67.43
N GLN O 240 -55.19 23.78 67.31
CA GLN O 240 -56.25 23.39 66.41
C GLN O 240 -57.62 23.58 67.05
N TYR O 241 -58.63 23.70 66.21
CA TYR O 241 -60.01 23.60 66.64
C TYR O 241 -60.52 22.17 66.63
N LEU O 242 -59.65 21.20 66.39
CA LEU O 242 -60.02 19.79 66.40
C LEU O 242 -59.62 19.14 67.71
N TYR O 243 -60.43 18.20 68.17
CA TYR O 243 -60.18 17.43 69.38
C TYR O 243 -59.75 16.03 69.03
N TYR O 244 -58.89 15.45 69.87
CA TYR O 244 -58.50 14.06 69.77
C TYR O 244 -58.83 13.38 71.09
N LEU O 245 -58.93 12.06 71.06
CA LEU O 245 -59.28 11.32 72.27
C LEU O 245 -58.05 11.12 73.12
N SER O 246 -58.03 11.76 74.28
CA SER O 246 -56.87 11.73 75.17
C SER O 246 -56.87 10.59 76.19
N LYS O 247 -57.98 10.25 76.83
CA LYS O 247 -57.97 9.23 77.89
C LYS O 247 -59.17 8.31 77.79
N THR O 248 -58.90 7.00 77.88
CA THR O 248 -59.95 5.98 77.96
C THR O 248 -60.29 5.47 79.36
N ILE O 249 -59.51 5.78 80.39
CA ILE O 249 -59.85 5.35 81.75
C ILE O 249 -59.56 6.46 82.74
N ASN O 250 -60.35 6.50 83.81
CA ASN O 250 -60.13 7.46 84.88
C ASN O 250 -58.86 7.16 85.65
N GLY O 251 -58.70 5.91 86.08
CA GLY O 251 -57.54 5.57 86.88
C GLY O 251 -57.43 4.08 87.02
N SER O 252 -56.64 3.66 87.99
CA SER O 252 -56.50 2.25 88.29
C SER O 252 -57.79 1.69 88.89
N GLY O 253 -57.93 0.38 88.80
CA GLY O 253 -59.10 -0.29 89.35
C GLY O 253 -60.08 -0.69 88.27
N GLN O 254 -61.17 -1.28 88.72
CA GLN O 254 -62.18 -1.80 87.81
C GLN O 254 -63.18 -0.73 87.40
N ASN O 255 -63.71 -0.88 86.19
CA ASN O 255 -64.86 -0.12 85.74
C ASN O 255 -64.54 1.37 85.62
N GLN O 256 -63.35 1.67 85.13
CA GLN O 256 -62.87 3.03 85.04
C GLN O 256 -63.09 3.63 83.65
N GLN O 257 -63.79 2.95 82.75
CA GLN O 257 -63.95 3.44 81.38
C GLN O 257 -64.47 4.87 81.36
N THR O 258 -63.88 5.66 80.48
CA THR O 258 -64.31 7.03 80.27
C THR O 258 -63.85 7.47 78.89
N LEU O 259 -64.40 8.58 78.44
CA LEU O 259 -63.97 9.21 77.20
C LEU O 259 -63.58 10.64 77.51
N LYS O 260 -62.31 10.95 77.35
CA LYS O 260 -61.79 12.30 77.55
C LYS O 260 -61.18 12.80 76.26
N PHE O 261 -61.41 14.07 75.95
CA PHE O 261 -60.95 14.66 74.71
C PHE O 261 -60.17 15.92 75.00
N SER O 262 -59.13 16.17 74.22
CA SER O 262 -58.30 17.36 74.38
C SER O 262 -58.10 18.03 73.03
N VAL O 263 -57.77 19.31 73.09
CA VAL O 263 -57.37 20.06 71.92
C VAL O 263 -55.96 19.63 71.52
N ALA O 264 -55.76 19.41 70.24
CA ALA O 264 -54.41 19.17 69.75
C ALA O 264 -53.74 20.51 69.48
N GLY O 265 -52.54 20.69 69.99
CA GLY O 265 -51.94 21.99 70.05
C GLY O 265 -50.44 21.87 70.00
N PRO O 266 -49.75 22.99 70.22
CA PRO O 266 -48.29 23.00 70.10
C PRO O 266 -47.58 21.95 70.91
N SER O 267 -48.09 21.60 72.10
CA SER O 267 -47.32 20.73 72.97
C SER O 267 -47.42 19.28 72.56
N ASN O 268 -48.54 18.87 71.97
CA ASN O 268 -48.63 17.53 71.41
C ASN O 268 -48.85 17.67 69.92
N MET O 269 -47.78 17.59 69.15
CA MET O 269 -47.88 17.74 67.70
C MET O 269 -48.15 16.42 67.01
N ALA O 270 -47.95 15.31 67.69
CA ALA O 270 -48.13 14.01 67.09
C ALA O 270 -49.58 13.72 66.77
N VAL O 271 -50.52 14.30 67.52
CA VAL O 271 -51.91 13.93 67.38
C VAL O 271 -52.71 14.91 66.52
N GLN O 272 -52.09 15.95 65.98
CA GLN O 272 -52.89 16.91 65.25
C GLN O 272 -53.42 16.33 63.94
N GLY O 273 -54.61 16.75 63.55
CA GLY O 273 -55.13 16.36 62.25
C GLY O 273 -54.29 16.93 61.13
N ARG O 274 -54.02 16.11 60.13
CA ARG O 274 -53.17 16.49 59.02
C ARG O 274 -53.85 16.19 57.71
N ASN O 275 -53.61 17.03 56.73
CA ASN O 275 -54.21 16.89 55.42
C ASN O 275 -53.48 15.92 54.52
N TYR O 276 -52.18 15.74 54.69
CA TYR O 276 -51.40 14.95 53.77
C TYR O 276 -50.51 14.01 54.56
N ILE O 277 -50.28 12.83 54.02
CA ILE O 277 -49.59 11.76 54.74
C ILE O 277 -48.42 11.30 53.88
N PRO O 278 -47.46 10.60 54.48
CA PRO O 278 -46.28 10.18 53.72
C PRO O 278 -46.61 9.14 52.66
N GLY O 279 -45.71 9.06 51.68
CA GLY O 279 -45.85 8.21 50.53
C GLY O 279 -45.66 6.73 50.79
N PRO O 280 -45.73 5.95 49.74
CA PRO O 280 -45.79 4.50 49.87
C PRO O 280 -44.44 3.87 50.21
N SER O 281 -44.50 2.63 50.66
CA SER O 281 -43.32 1.96 51.20
C SER O 281 -43.40 0.45 50.96
N TYR O 282 -42.24 -0.16 50.76
CA TYR O 282 -42.10 -1.61 50.67
C TYR O 282 -40.84 -1.94 51.46
N ARG O 283 -40.95 -2.62 52.58
CA ARG O 283 -39.83 -2.59 53.53
C ARG O 283 -38.60 -3.33 53.02
N GLN O 284 -37.45 -2.69 53.17
CA GLN O 284 -36.12 -3.21 52.93
C GLN O 284 -35.47 -3.62 54.24
N GLN O 285 -34.62 -4.64 54.17
CA GLN O 285 -33.81 -5.07 55.30
C GLN O 285 -32.63 -4.13 55.53
N ARG O 286 -32.27 -3.95 56.79
CA ARG O 286 -31.26 -2.97 57.17
C ARG O 286 -29.92 -3.65 57.38
N VAL O 287 -28.87 -3.06 56.82
CA VAL O 287 -27.50 -3.58 56.90
C VAL O 287 -26.60 -2.48 57.41
N SER O 288 -25.63 -2.84 58.24
CA SER O 288 -24.68 -1.88 58.77
C SER O 288 -23.32 -2.02 58.10
N THR O 289 -22.67 -0.88 57.83
CA THR O 289 -21.32 -0.91 57.30
C THR O 289 -20.30 -1.17 58.39
N THR O 290 -20.74 -1.18 59.65
CA THR O 290 -19.96 -1.78 60.72
C THR O 290 -20.39 -3.22 60.85
N VAL O 291 -19.53 -4.15 60.45
CA VAL O 291 -20.02 -5.49 60.13
C VAL O 291 -20.29 -6.30 61.40
N THR O 292 -19.71 -5.91 62.53
CA THR O 292 -19.97 -6.67 63.75
C THR O 292 -21.39 -6.45 64.23
N GLN O 293 -22.01 -5.36 63.80
CA GLN O 293 -23.41 -5.13 64.16
C GLN O 293 -24.34 -5.97 63.30
N ASN O 294 -23.84 -6.50 62.18
CA ASN O 294 -24.63 -7.39 61.36
C ASN O 294 -24.60 -8.81 61.91
N ASN O 295 -25.62 -9.57 61.56
CA ASN O 295 -25.79 -10.94 61.99
C ASN O 295 -24.83 -11.90 61.30
N ASN O 296 -24.40 -12.92 62.03
CA ASN O 296 -23.45 -13.89 61.51
C ASN O 296 -24.11 -15.01 60.70
N SER O 297 -24.62 -14.66 59.52
CA SER O 297 -25.26 -15.62 58.63
C SER O 297 -25.31 -15.03 57.22
N GLU O 298 -25.63 -15.86 56.24
CA GLU O 298 -25.74 -15.35 54.88
C GLU O 298 -27.20 -15.00 54.65
N PHE O 299 -27.47 -13.73 54.40
CA PHE O 299 -28.84 -13.28 54.21
C PHE O 299 -28.99 -12.34 53.04
N ALA O 300 -27.94 -12.19 52.26
CA ALA O 300 -27.98 -11.28 51.12
C ALA O 300 -29.12 -11.63 50.17
N TRP O 301 -29.13 -12.82 49.65
CA TRP O 301 -30.33 -13.26 48.95
C TRP O 301 -31.48 -13.61 49.90
N PRO O 302 -31.29 -14.44 50.94
CA PRO O 302 -32.45 -14.87 51.75
C PRO O 302 -33.20 -13.75 52.44
N GLY O 303 -32.53 -12.69 52.86
CA GLY O 303 -33.25 -11.60 53.47
C GLY O 303 -33.72 -10.51 52.55
N ALA O 304 -33.71 -10.74 51.24
CA ALA O 304 -33.96 -9.67 50.30
C ALA O 304 -35.46 -9.47 50.05
N SER O 305 -35.84 -8.23 49.83
CA SER O 305 -37.18 -7.94 49.37
C SER O 305 -37.27 -8.24 47.88
N SER O 306 -38.35 -8.88 47.48
CA SER O 306 -38.44 -9.35 46.11
C SER O 306 -39.85 -9.22 45.58
N TRP O 307 -39.97 -9.32 44.27
CA TRP O 307 -41.25 -9.51 43.63
C TRP O 307 -41.15 -10.70 42.69
N ALA O 308 -42.29 -11.26 42.36
CA ALA O 308 -42.38 -12.49 41.60
C ALA O 308 -43.10 -12.22 40.29
N LEU O 309 -42.60 -12.77 39.21
CA LEU O 309 -43.26 -12.65 37.93
C LEU O 309 -43.22 -14.01 37.25
N ASN O 310 -44.39 -14.58 37.01
CA ASN O 310 -44.52 -15.84 36.29
C ASN O 310 -43.62 -16.92 36.87
N GLY O 311 -43.53 -16.96 38.20
CA GLY O 311 -42.78 -18.01 38.87
C GLY O 311 -41.34 -17.71 39.18
N ARG O 312 -40.78 -16.61 38.68
CA ARG O 312 -39.39 -16.26 38.93
C ARG O 312 -39.30 -15.10 39.92
N ASN O 313 -38.26 -15.10 40.72
CA ASN O 313 -38.07 -14.07 41.73
C ASN O 313 -37.07 -13.03 41.25
N SER O 314 -37.46 -11.77 41.31
CA SER O 314 -36.55 -10.66 41.10
C SER O 314 -36.38 -9.88 42.39
N LEU O 315 -35.17 -9.42 42.63
CA LEU O 315 -34.89 -8.55 43.74
C LEU O 315 -35.66 -7.24 43.60
N MET O 316 -36.09 -6.66 44.72
CA MET O 316 -36.70 -5.35 44.62
C MET O 316 -35.55 -4.36 44.72
N ASN O 317 -35.17 -3.83 43.57
CA ASN O 317 -33.96 -3.07 43.46
C ASN O 317 -34.02 -2.00 42.38
N PRO O 318 -33.73 -0.76 42.71
CA PRO O 318 -33.62 -0.16 44.04
C PRO O 318 -34.96 -0.11 44.75
N GLY O 319 -36.04 -0.33 44.01
CA GLY O 319 -37.36 -0.34 44.58
C GLY O 319 -37.97 1.03 44.68
N PRO O 320 -39.06 1.13 45.45
CA PRO O 320 -39.70 2.42 45.65
C PRO O 320 -38.81 3.40 46.40
N ALA O 321 -38.98 4.68 46.10
CA ALA O 321 -38.06 5.69 46.62
C ALA O 321 -38.36 5.98 48.07
N MET O 322 -37.40 5.70 48.93
CA MET O 322 -37.58 5.78 50.36
C MET O 322 -36.33 6.36 50.99
N ALA O 323 -36.53 7.01 52.14
CA ALA O 323 -35.41 7.52 52.89
C ALA O 323 -34.49 6.38 53.30
N SER O 324 -33.19 6.56 53.07
CA SER O 324 -32.23 5.47 53.27
C SER O 324 -32.10 5.06 54.72
N HIS O 325 -32.14 6.02 55.64
CA HIS O 325 -31.92 5.72 57.05
C HIS O 325 -32.54 6.83 57.89
N LYS O 326 -32.66 6.56 59.19
CA LYS O 326 -33.13 7.56 60.12
C LYS O 326 -32.06 8.61 60.37
N GLU O 327 -32.52 9.77 60.84
CA GLU O 327 -31.63 10.86 61.22
C GLU O 327 -30.54 10.37 62.16
N GLY O 328 -29.31 10.73 61.83
CA GLY O 328 -28.20 10.41 62.70
C GLY O 328 -27.59 9.04 62.50
N GLU O 329 -28.21 8.16 61.73
CA GLU O 329 -27.67 6.83 61.52
C GLU O 329 -27.27 6.71 60.06
N ASP O 330 -26.03 7.02 59.75
CA ASP O 330 -25.62 6.95 58.35
C ASP O 330 -24.83 5.69 58.06
N ARG O 331 -24.62 4.84 59.05
CA ARG O 331 -23.96 3.57 58.84
C ARG O 331 -24.90 2.51 58.26
N PHE O 332 -26.19 2.75 58.29
CA PHE O 332 -27.15 1.77 57.81
C PHE O 332 -27.56 2.09 56.39
N PHE O 333 -27.86 1.06 55.62
CA PHE O 333 -28.37 1.24 54.28
C PHE O 333 -29.30 0.10 53.96
N PRO O 334 -30.30 0.37 53.11
CA PRO O 334 -31.25 -0.67 52.69
C PRO O 334 -30.47 -1.70 51.87
N LEU O 335 -30.79 -2.98 52.00
CA LEU O 335 -30.02 -4.01 51.31
C LEU O 335 -29.97 -3.87 49.79
N SER O 336 -31.12 -3.70 49.17
CA SER O 336 -31.14 -3.44 47.72
C SER O 336 -31.87 -2.12 47.45
N GLY O 337 -31.94 -1.30 48.49
CA GLY O 337 -32.55 0.01 48.48
C GLY O 337 -31.91 1.12 47.67
N SER O 338 -30.59 1.15 47.64
CA SER O 338 -29.86 2.23 46.97
C SER O 338 -29.01 1.84 45.78
N LEU O 339 -28.91 2.75 44.82
CA LEU O 339 -28.05 2.54 43.68
C LEU O 339 -26.64 2.50 44.22
N ILE O 340 -25.85 1.55 43.77
CA ILE O 340 -24.47 1.45 44.24
C ILE O 340 -23.49 1.50 43.08
N PHE O 341 -22.59 2.47 43.13
CA PHE O 341 -21.61 2.62 42.07
C PHE O 341 -20.25 2.12 42.52
N GLY O 342 -19.46 1.67 41.56
CA GLY O 342 -18.10 1.24 41.83
C GLY O 342 -17.10 2.37 41.65
N LYS O 343 -16.01 2.28 42.39
CA LYS O 343 -14.89 3.19 42.20
C LYS O 343 -14.07 2.80 40.98
N GLN O 344 -13.33 3.77 40.46
CA GLN O 344 -12.43 3.49 39.36
C GLN O 344 -11.45 2.40 39.76
N GLY O 345 -11.36 1.38 38.93
CA GLY O 345 -10.48 0.26 39.20
C GLY O 345 -11.08 -0.88 39.97
N THR O 346 -12.32 -0.76 40.42
CA THR O 346 -12.94 -1.79 41.24
C THR O 346 -13.29 -2.99 40.39
N GLY O 347 -13.09 -4.18 40.94
CA GLY O 347 -13.28 -5.39 40.19
C GLY O 347 -14.74 -5.77 40.02
N ARG O 348 -14.93 -6.91 39.38
CA ARG O 348 -16.27 -7.33 38.99
C ARG O 348 -17.02 -8.03 40.12
N ASP O 349 -16.33 -8.86 40.90
CA ASP O 349 -16.99 -9.79 41.79
C ASP O 349 -16.40 -9.78 43.19
N ASN O 350 -17.27 -9.63 44.19
CA ASN O 350 -16.96 -9.76 45.62
C ASN O 350 -15.91 -8.76 46.10
N VAL O 351 -16.10 -7.51 45.73
CA VAL O 351 -15.24 -6.45 46.22
C VAL O 351 -15.69 -6.01 47.61
N ASP O 352 -14.77 -5.42 48.36
CA ASP O 352 -15.08 -4.92 49.69
C ASP O 352 -15.91 -3.64 49.64
N ALA O 353 -16.31 -3.17 50.81
CA ALA O 353 -17.22 -2.04 50.89
C ALA O 353 -16.51 -0.74 50.53
N ASP O 354 -15.21 -0.65 50.81
CA ASP O 354 -14.47 0.55 50.47
C ASP O 354 -14.23 0.64 48.97
N LYS O 355 -14.61 -0.38 48.22
CA LYS O 355 -14.44 -0.34 46.78
C LYS O 355 -15.67 0.25 46.09
N VAL O 356 -16.76 0.39 46.80
CA VAL O 356 -18.00 0.84 46.20
C VAL O 356 -18.45 2.13 46.86
N MET O 357 -19.32 2.84 46.18
CA MET O 357 -19.90 4.07 46.67
C MET O 357 -21.39 3.87 46.79
N ILE O 358 -21.91 3.94 48.00
CA ILE O 358 -23.32 3.69 48.26
C ILE O 358 -24.03 5.03 48.37
N THR O 359 -24.98 5.28 47.47
CA THR O 359 -25.76 6.50 47.58
C THR O 359 -26.76 6.38 48.73
N ASN O 360 -27.19 7.52 49.24
CA ASN O 360 -28.28 7.54 50.20
C ASN O 360 -29.27 8.64 49.84
N GLU O 361 -30.53 8.34 50.09
CA GLU O 361 -31.67 9.18 49.72
C GLU O 361 -32.16 10.05 50.87
N GLU O 362 -31.34 10.25 51.90
CA GLU O 362 -31.80 10.89 53.13
C GLU O 362 -32.54 12.21 52.92
N GLU O 363 -32.26 12.95 51.85
CA GLU O 363 -32.90 14.25 51.69
C GLU O 363 -34.41 14.12 51.61
N ILE O 364 -34.92 12.96 51.21
CA ILE O 364 -36.37 12.80 51.05
C ILE O 364 -37.06 12.29 52.30
N LYS O 365 -36.36 12.20 53.44
CA LYS O 365 -37.02 11.76 54.66
C LYS O 365 -38.09 12.73 55.14
N THR O 366 -38.13 13.94 54.59
CA THR O 366 -39.17 14.87 54.98
C THR O 366 -40.54 14.41 54.52
N THR O 367 -40.66 13.95 53.27
CA THR O 367 -41.91 13.35 52.82
C THR O 367 -41.91 11.82 52.65
N ASN O 368 -40.77 11.18 52.50
CA ASN O 368 -40.85 9.75 52.16
C ASN O 368 -40.52 8.90 53.37
N PRO O 369 -41.30 7.86 53.64
CA PRO O 369 -40.98 6.98 54.79
C PRO O 369 -39.60 6.35 54.67
N VAL O 370 -39.06 5.96 55.82
CA VAL O 370 -37.75 5.33 55.87
C VAL O 370 -37.82 3.91 55.33
N ALA O 371 -36.80 3.51 54.58
CA ALA O 371 -36.86 2.26 53.82
C ALA O 371 -36.77 1.03 54.71
N THR O 372 -36.09 1.13 55.85
CA THR O 372 -35.90 0.02 56.76
C THR O 372 -36.87 0.00 57.92
N GLU O 373 -37.87 0.85 57.91
CA GLU O 373 -38.86 0.94 58.97
C GLU O 373 -40.20 0.49 58.44
N SER O 374 -41.09 0.15 59.35
CA SER O 374 -42.49 -0.02 58.97
C SER O 374 -43.11 1.31 58.55
N TYR O 375 -44.13 1.23 57.72
CA TYR O 375 -44.88 2.43 57.37
C TYR O 375 -45.60 2.97 58.58
N GLY O 376 -46.15 2.08 59.41
CA GLY O 376 -46.87 2.50 60.58
C GLY O 376 -47.61 1.33 61.19
N GLN O 377 -48.67 1.63 61.92
CA GLN O 377 -49.48 0.63 62.59
C GLN O 377 -50.95 0.80 62.22
N VAL O 378 -51.65 -0.32 62.14
CA VAL O 378 -53.10 -0.34 62.01
C VAL O 378 -53.69 -1.22 63.10
N ALA O 379 -54.96 -0.97 63.38
CA ALA O 379 -55.71 -1.78 64.33
C ALA O 379 -56.06 -3.13 63.72
N THR O 380 -55.86 -4.19 64.48
CA THR O 380 -56.15 -5.53 64.00
C THR O 380 -57.43 -6.17 64.52
N ASN O 381 -58.19 -5.51 65.40
CA ASN O 381 -59.35 -6.19 65.95
C ASN O 381 -60.40 -5.16 66.36
N HIS O 382 -61.46 -5.65 66.98
CA HIS O 382 -62.39 -4.83 67.75
C HIS O 382 -62.07 -5.02 69.21
N GLN O 383 -61.55 -3.97 69.84
CA GLN O 383 -61.41 -4.00 71.28
C GLN O 383 -62.78 -4.08 71.91
N SER O 384 -62.84 -4.53 73.16
CA SER O 384 -64.11 -4.57 73.87
C SER O 384 -63.81 -4.69 75.36
N ALA O 385 -64.85 -4.92 76.15
CA ALA O 385 -64.66 -5.17 77.57
C ALA O 385 -63.78 -6.40 77.78
N GLN O 386 -63.87 -7.39 76.89
CA GLN O 386 -63.08 -8.60 77.02
C GLN O 386 -61.83 -8.62 76.16
N ALA O 387 -61.59 -7.62 75.32
CA ALA O 387 -60.48 -7.67 74.39
C ALA O 387 -59.73 -6.35 74.37
N GLN O 388 -58.43 -6.41 74.56
CA GLN O 388 -57.61 -5.22 74.48
C GLN O 388 -57.40 -4.79 73.03
N ALA O 389 -57.14 -3.50 72.84
CA ALA O 389 -56.86 -2.99 71.52
C ALA O 389 -55.55 -3.55 70.99
N GLN O 390 -55.59 -4.09 69.79
CA GLN O 390 -54.44 -4.71 69.18
C GLN O 390 -54.05 -3.98 67.91
N THR O 391 -52.75 -3.89 67.66
CA THR O 391 -52.21 -3.28 66.47
C THR O 391 -51.26 -4.25 65.80
N GLY O 392 -50.93 -3.95 64.56
CA GLY O 392 -49.94 -4.70 63.83
C GLY O 392 -49.15 -3.77 62.93
N TRP O 393 -48.02 -4.26 62.45
CA TRP O 393 -47.11 -3.41 61.71
C TRP O 393 -47.41 -3.49 60.22
N VAL O 394 -47.38 -2.34 59.56
CA VAL O 394 -47.58 -2.27 58.12
C VAL O 394 -46.21 -2.34 57.49
N GLN O 395 -45.91 -3.45 56.83
CA GLN O 395 -44.60 -3.63 56.24
C GLN O 395 -44.55 -3.11 54.82
N ASN O 396 -45.70 -2.93 54.20
CA ASN O 396 -45.80 -2.41 52.85
C ASN O 396 -47.12 -1.70 52.70
N GLN O 397 -47.10 -0.57 52.03
CA GLN O 397 -48.27 0.29 51.95
C GLN O 397 -48.38 0.87 50.55
N GLY O 398 -49.46 0.56 49.88
CA GLY O 398 -49.73 1.15 48.59
C GLY O 398 -50.26 2.57 48.70
N ILE O 399 -50.38 3.20 47.54
CA ILE O 399 -50.89 4.56 47.41
C ILE O 399 -52.22 4.74 48.12
N LEU O 400 -52.31 5.67 48.87
CA LEU O 400 -53.54 6.13 49.48
C LEU O 400 -53.84 7.56 49.03
N PRO O 401 -55.11 7.94 48.95
CA PRO O 401 -55.42 9.35 48.68
C PRO O 401 -54.83 10.23 49.78
N GLY O 402 -54.17 11.30 49.35
CA GLY O 402 -53.51 12.20 50.27
C GLY O 402 -52.05 11.94 50.52
N MET O 403 -51.43 11.00 49.84
CA MET O 403 -49.99 10.81 49.95
C MET O 403 -49.24 11.77 49.05
N VAL O 404 -48.09 12.21 49.52
CA VAL O 404 -47.14 12.96 48.74
C VAL O 404 -45.79 12.32 48.96
N TRP O 405 -44.93 12.36 47.94
CA TRP O 405 -43.62 11.75 48.03
C TRP O 405 -42.69 12.47 47.05
N GLN O 406 -41.40 12.26 47.23
CA GLN O 406 -40.38 12.68 46.29
C GLN O 406 -39.83 11.46 45.57
N ASP O 407 -39.53 11.62 44.29
CA ASP O 407 -38.89 10.58 43.51
C ASP O 407 -37.44 10.44 43.92
N ARG O 408 -36.76 9.47 43.35
CA ARG O 408 -35.36 9.26 43.67
C ARG O 408 -34.49 10.30 42.97
N ASP O 409 -33.33 10.53 43.54
CA ASP O 409 -32.38 11.51 43.06
C ASP O 409 -31.68 11.01 41.80
N VAL O 410 -31.12 11.95 41.05
CA VAL O 410 -30.26 11.64 39.92
C VAL O 410 -28.83 11.99 40.32
N TYR O 411 -27.89 11.35 39.68
CA TYR O 411 -26.49 11.50 40.00
C TYR O 411 -25.70 11.85 38.75
N LEU O 412 -24.50 12.39 38.97
CA LEU O 412 -23.59 12.60 37.85
C LEU O 412 -23.29 11.29 37.15
N GLN O 413 -23.16 10.21 37.92
CA GLN O 413 -22.91 8.86 37.42
C GLN O 413 -24.18 8.14 36.96
N GLY O 414 -25.35 8.69 37.18
CA GLY O 414 -26.56 7.92 37.02
C GLY O 414 -27.20 8.02 35.66
N PRO O 415 -28.30 7.31 35.49
CA PRO O 415 -29.06 7.36 34.25
C PRO O 415 -29.88 8.63 34.12
N ILE O 416 -30.20 8.96 32.87
CA ILE O 416 -30.98 10.15 32.58
C ILE O 416 -32.43 9.78 32.31
N TRP O 417 -32.67 8.96 31.31
CA TRP O 417 -34.02 8.61 30.93
C TRP O 417 -34.22 7.11 30.95
N ALA O 418 -35.48 6.70 31.01
CA ALA O 418 -35.88 5.32 30.74
C ALA O 418 -37.03 5.34 29.76
N LYS O 419 -37.24 4.21 29.11
CA LYS O 419 -38.45 4.00 28.33
C LYS O 419 -39.55 3.45 29.24
N ILE O 420 -40.68 4.13 29.26
CA ILE O 420 -41.86 3.61 29.95
C ILE O 420 -42.39 2.41 29.18
N PRO O 421 -42.61 1.27 29.83
CA PRO O 421 -43.13 0.11 29.13
C PRO O 421 -44.47 0.42 28.47
N HIS O 422 -44.74 -0.25 27.36
CA HIS O 422 -45.97 0.01 26.62
C HIS O 422 -47.04 -0.90 27.19
N THR O 423 -47.95 -0.33 27.97
CA THR O 423 -48.90 -1.13 28.73
C THR O 423 -50.22 -0.38 28.80
N ASP O 424 -51.25 -1.09 29.24
CA ASP O 424 -52.54 -0.47 29.46
C ASP O 424 -52.48 0.56 30.56
N GLY O 425 -51.78 0.27 31.64
CA GLY O 425 -51.75 1.17 32.76
C GLY O 425 -50.44 1.12 33.50
N ASN O 426 -50.13 2.24 34.09
CA ASN O 426 -48.94 2.44 34.87
C ASN O 426 -49.27 3.55 35.86
N PHE O 427 -48.57 3.60 36.98
CA PHE O 427 -48.83 4.67 37.89
C PHE O 427 -47.57 5.43 38.18
N HIS O 428 -47.62 6.74 37.96
CA HIS O 428 -46.48 7.61 38.23
C HIS O 428 -45.19 7.05 37.66
N PRO O 429 -45.17 6.84 36.33
CA PRO O 429 -44.10 6.21 35.54
C PRO O 429 -42.70 6.82 35.61
N SER O 430 -42.30 7.31 36.77
CA SER O 430 -40.96 7.83 36.91
C SER O 430 -40.08 6.60 37.13
N PRO O 431 -39.00 6.45 36.33
CA PRO O 431 -38.10 5.29 36.44
C PRO O 431 -37.55 5.15 37.86
N LEU O 432 -37.58 3.96 38.42
CA LEU O 432 -37.15 3.76 39.80
C LEU O 432 -35.67 3.97 40.02
N MET O 433 -34.82 3.63 39.08
CA MET O 433 -33.41 3.97 39.25
C MET O 433 -33.15 5.47 39.10
N GLY O 434 -34.13 6.25 38.69
CA GLY O 434 -34.08 7.70 38.70
C GLY O 434 -34.01 8.28 37.31
N GLY O 435 -34.46 9.53 37.20
CA GLY O 435 -34.53 10.22 35.94
C GLY O 435 -35.91 10.34 35.34
N PHE O 436 -35.94 10.55 34.05
CA PHE O 436 -37.12 10.99 33.34
C PHE O 436 -37.74 9.83 32.59
N GLY O 437 -38.98 9.49 32.91
CA GLY O 437 -39.68 8.46 32.17
C GLY O 437 -40.33 9.01 30.92
N MET O 438 -40.24 8.25 29.84
CA MET O 438 -40.72 8.75 28.56
C MET O 438 -41.35 7.59 27.80
N LYS O 439 -42.50 7.84 27.19
CA LYS O 439 -43.07 6.84 26.31
C LYS O 439 -42.35 6.80 24.98
N HIS O 440 -41.72 7.90 24.59
CA HIS O 440 -40.89 7.95 23.39
C HIS O 440 -39.56 8.57 23.77
N PRO O 441 -38.66 7.76 24.31
CA PRO O 441 -37.37 8.27 24.77
C PRO O 441 -36.47 8.62 23.60
N PRO O 442 -35.23 9.05 23.85
CA PRO O 442 -34.27 9.13 22.77
C PRO O 442 -34.14 7.79 22.09
N PRO O 443 -34.21 7.75 20.77
CA PRO O 443 -34.25 6.46 20.09
C PRO O 443 -32.88 5.80 20.07
N GLN O 444 -32.91 4.48 19.94
CA GLN O 444 -31.69 3.70 19.85
C GLN O 444 -30.98 3.95 18.52
N ILE O 445 -29.66 4.03 18.58
CA ILE O 445 -28.81 4.34 17.45
C ILE O 445 -27.92 3.12 17.23
N LEU O 446 -28.13 2.41 16.13
CA LEU O 446 -27.51 1.13 15.88
C LEU O 446 -26.42 1.27 14.84
N ILE O 447 -25.33 0.52 14.99
CA ILE O 447 -24.20 0.69 14.09
C ILE O 447 -23.48 -0.63 13.92
N LYS O 448 -23.00 -0.90 12.71
CA LYS O 448 -22.22 -2.11 12.44
C LYS O 448 -21.27 -1.84 11.29
N ASN O 449 -20.22 -2.65 11.22
CA ASN O 449 -19.38 -2.69 10.04
C ASN O 449 -20.07 -3.55 8.99
N THR O 450 -20.16 -3.03 7.78
CA THR O 450 -20.67 -3.83 6.68
C THR O 450 -19.69 -4.95 6.39
N PRO O 451 -20.12 -6.20 6.35
CA PRO O 451 -19.18 -7.31 6.11
C PRO O 451 -18.58 -7.24 4.72
N VAL O 452 -17.28 -7.46 4.63
CA VAL O 452 -16.57 -7.55 3.37
C VAL O 452 -16.07 -8.98 3.26
N PRO O 453 -16.63 -9.80 2.39
CA PRO O 453 -16.20 -11.19 2.30
C PRO O 453 -14.79 -11.30 1.75
N ALA O 454 -14.06 -12.28 2.27
CA ALA O 454 -12.83 -12.75 1.69
C ALA O 454 -13.12 -13.42 0.35
N ASP O 455 -12.07 -13.63 -0.43
CA ASP O 455 -12.23 -14.15 -1.79
C ASP O 455 -13.06 -15.41 -1.85
N PRO O 456 -14.12 -15.44 -2.64
CA PRO O 456 -14.94 -16.64 -2.78
C PRO O 456 -14.24 -17.66 -3.67
N PRO O 457 -14.67 -18.91 -3.65
CA PRO O 457 -14.09 -19.91 -4.54
C PRO O 457 -14.48 -19.68 -5.98
N THR O 458 -13.76 -20.35 -6.88
CA THR O 458 -13.95 -20.07 -8.30
C THR O 458 -14.99 -20.99 -8.93
N ALA O 459 -15.59 -21.85 -8.14
CA ALA O 459 -16.76 -22.60 -8.58
C ALA O 459 -17.94 -22.24 -7.70
N PHE O 460 -19.12 -22.16 -8.28
CA PHE O 460 -20.27 -21.74 -7.50
C PHE O 460 -20.58 -22.72 -6.38
N ASN O 461 -20.88 -22.18 -5.22
CA ASN O 461 -21.29 -22.93 -4.05
C ASN O 461 -22.47 -22.18 -3.43
N LYS O 462 -23.49 -22.91 -3.00
CA LYS O 462 -24.71 -22.24 -2.57
C LYS O 462 -24.65 -21.76 -1.13
N ASP O 463 -23.64 -22.18 -0.39
CA ASP O 463 -23.59 -21.83 1.02
C ASP O 463 -23.38 -20.34 1.21
N LYS O 464 -23.80 -19.83 2.35
CA LYS O 464 -23.39 -18.49 2.71
C LYS O 464 -21.89 -18.46 2.93
N LEU O 465 -21.27 -17.34 2.59
CA LEU O 465 -19.84 -17.19 2.77
C LEU O 465 -19.53 -17.02 4.25
N ASN O 466 -18.62 -17.85 4.76
CA ASN O 466 -18.23 -17.81 6.15
C ASN O 466 -16.89 -17.12 6.40
N SER O 467 -16.29 -16.54 5.38
CA SER O 467 -14.92 -16.06 5.47
C SER O 467 -14.89 -14.58 5.12
N PHE O 468 -14.35 -13.76 6.02
CA PHE O 468 -14.45 -12.31 5.88
C PHE O 468 -13.12 -11.64 6.13
N ILE O 469 -12.94 -10.49 5.49
CA ILE O 469 -11.79 -9.65 5.78
C ILE O 469 -11.95 -9.04 7.17
N THR O 470 -10.89 -9.11 7.96
CA THR O 470 -10.94 -8.63 9.33
C THR O 470 -10.92 -7.11 9.37
N GLN O 471 -11.96 -6.51 9.93
CA GLN O 471 -12.09 -5.07 9.89
C GLN O 471 -12.58 -4.57 11.23
N TYR O 472 -12.29 -3.30 11.49
CA TYR O 472 -12.97 -2.56 12.52
C TYR O 472 -13.03 -1.12 12.07
N SER O 473 -13.90 -0.34 12.70
CA SER O 473 -14.02 1.06 12.35
C SER O 473 -13.83 1.92 13.59
N THR O 474 -13.61 3.20 13.34
CA THR O 474 -13.49 4.18 14.41
C THR O 474 -13.89 5.55 13.89
N GLY O 475 -14.23 6.44 14.81
CA GLY O 475 -14.63 7.76 14.42
C GLY O 475 -14.98 8.66 15.57
N GLN O 476 -15.72 9.72 15.29
CA GLN O 476 -16.10 10.69 16.31
C GLN O 476 -17.61 10.66 16.46
N VAL O 477 -18.09 10.98 17.65
CA VAL O 477 -19.50 11.21 17.91
C VAL O 477 -19.64 12.51 18.65
N SER O 478 -20.61 13.30 18.28
CA SER O 478 -20.99 14.47 19.04
C SER O 478 -22.46 14.38 19.39
N VAL O 479 -22.78 14.72 20.63
CA VAL O 479 -24.14 14.75 21.12
C VAL O 479 -24.35 16.09 21.81
N GLU O 480 -25.45 16.75 21.48
CA GLU O 480 -25.78 18.07 21.98
C GLU O 480 -27.17 18.02 22.60
N ILE O 481 -27.29 18.45 23.84
CA ILE O 481 -28.59 18.48 24.51
C ILE O 481 -28.87 19.87 25.03
N GLU O 482 -30.04 20.39 24.71
CA GLU O 482 -30.58 21.58 25.35
C GLU O 482 -31.36 21.17 26.58
N TRP O 483 -31.06 21.79 27.70
CA TRP O 483 -31.70 21.51 28.98
C TRP O 483 -32.43 22.76 29.45
N GLU O 484 -33.68 22.60 29.87
CA GLU O 484 -34.43 23.71 30.45
C GLU O 484 -34.19 23.77 31.95
N LEU O 485 -33.95 24.97 32.46
CA LEU O 485 -33.67 25.17 33.87
C LEU O 485 -34.85 25.80 34.58
N GLN O 486 -35.01 25.42 35.84
CA GLN O 486 -35.96 26.06 36.73
C GLN O 486 -35.12 26.76 37.81
N LYS O 487 -35.11 28.09 37.79
CA LYS O 487 -34.22 28.79 38.71
C LYS O 487 -34.85 28.90 40.10
N GLU O 488 -33.99 28.83 41.10
CA GLU O 488 -34.37 29.01 42.50
C GLU O 488 -34.87 30.42 42.79
N ASN O 489 -36.06 30.49 43.39
CA ASN O 489 -36.73 31.75 43.72
C ASN O 489 -36.69 32.13 45.21
N SER O 490 -35.91 31.44 46.04
CA SER O 490 -36.15 31.40 47.48
C SER O 490 -36.08 32.75 48.19
N LYS O 491 -36.85 32.88 49.27
CA LYS O 491 -36.76 33.97 50.22
C LYS O 491 -35.99 33.64 51.48
N ARG O 492 -35.42 32.46 51.58
CA ARG O 492 -34.64 32.07 52.75
C ARG O 492 -33.53 33.06 53.09
N TRP O 493 -33.47 33.46 54.35
CA TRP O 493 -32.53 34.47 54.80
C TRP O 493 -31.11 33.93 54.95
N ASN O 494 -30.96 32.78 55.58
CA ASN O 494 -29.64 32.25 55.86
C ASN O 494 -29.08 31.48 54.67
N PRO O 495 -27.76 31.31 54.61
CA PRO O 495 -27.15 30.67 53.43
C PRO O 495 -27.48 29.19 53.33
N GLU O 496 -27.52 28.73 52.09
CA GLU O 496 -27.86 27.35 51.75
C GLU O 496 -26.66 26.43 51.93
N ILE O 497 -26.91 25.14 51.76
CA ILE O 497 -25.87 24.14 51.57
C ILE O 497 -25.55 24.09 50.09
N GLN O 498 -24.28 23.97 49.77
CA GLN O 498 -23.80 23.99 48.41
C GLN O 498 -22.84 22.84 48.26
N TYR O 499 -22.83 22.19 47.10
CA TYR O 499 -21.79 21.21 46.85
C TYR O 499 -20.47 21.94 46.63
N THR O 500 -19.42 21.48 47.29
CA THR O 500 -18.15 22.17 47.24
C THR O 500 -17.01 21.17 47.22
N SER O 501 -15.89 21.60 46.65
CA SER O 501 -14.60 20.96 46.91
C SER O 501 -14.10 21.35 48.29
N ASN O 502 -13.22 20.52 48.82
CA ASN O 502 -12.56 20.80 50.08
C ASN O 502 -11.19 21.37 49.82
N TYR O 503 -10.79 22.37 50.61
CA TYR O 503 -9.51 23.02 50.35
C TYR O 503 -8.34 22.10 50.70
N TYR O 504 -8.52 21.20 51.65
CA TYR O 504 -7.39 20.53 52.28
C TYR O 504 -6.56 19.74 51.28
N LYS O 505 -5.25 19.73 51.50
CA LYS O 505 -4.31 19.18 50.54
C LYS O 505 -4.44 17.67 50.41
N SER O 506 -4.08 17.16 49.23
CA SER O 506 -4.18 15.75 48.91
C SER O 506 -3.23 15.44 47.77
N ASN O 507 -3.02 14.14 47.53
CA ASN O 507 -2.11 13.73 46.46
C ASN O 507 -2.67 14.02 45.08
N ASN O 508 -4.00 14.09 44.95
CA ASN O 508 -4.61 14.24 43.66
C ASN O 508 -5.71 15.29 43.74
N VAL O 509 -5.96 15.96 42.62
CA VAL O 509 -7.19 16.72 42.48
C VAL O 509 -8.34 15.77 42.23
N GLU O 510 -9.47 16.03 42.87
CA GLU O 510 -10.64 15.21 42.63
C GLU O 510 -11.27 15.55 41.29
N PHE O 511 -11.74 14.52 40.60
CA PHE O 511 -12.26 14.63 39.25
C PHE O 511 -11.17 15.07 38.28
N ALA O 512 -10.00 14.46 38.41
CA ALA O 512 -8.87 14.70 37.53
C ALA O 512 -8.18 13.37 37.25
N VAL O 513 -7.23 13.39 36.32
CA VAL O 513 -6.38 12.22 36.13
C VAL O 513 -5.31 12.18 37.20
N ASN O 514 -4.84 10.99 37.50
CA ASN O 514 -3.73 10.78 38.42
C ASN O 514 -2.43 10.72 37.63
N THR O 515 -1.36 10.24 38.27
CA THR O 515 -0.07 10.20 37.60
C THR O 515 0.00 9.19 36.48
N GLU O 516 -0.94 8.26 36.42
CA GLU O 516 -0.93 7.28 35.34
C GLU O 516 -1.90 7.62 34.22
N GLY O 517 -2.56 8.76 34.31
CA GLY O 517 -3.49 9.14 33.27
C GLY O 517 -4.89 8.61 33.48
N VAL O 518 -5.23 8.20 34.69
CA VAL O 518 -6.50 7.54 34.96
C VAL O 518 -7.44 8.57 35.56
N TYR O 519 -8.51 8.87 34.84
CA TYR O 519 -9.56 9.73 35.34
C TYR O 519 -10.43 8.93 36.30
N SER O 520 -10.87 9.59 37.36
CA SER O 520 -11.75 8.93 38.29
C SER O 520 -12.78 9.92 38.83
N GLU O 521 -13.89 9.38 39.29
CA GLU O 521 -14.92 10.13 39.98
C GLU O 521 -14.95 9.64 41.42
N PRO O 522 -14.44 10.42 42.37
CA PRO O 522 -14.24 9.87 43.72
C PRO O 522 -15.50 9.65 44.52
N ARG O 523 -16.60 10.31 44.19
CA ARG O 523 -17.84 10.21 44.94
C ARG O 523 -19.03 10.34 44.00
N PRO O 524 -20.19 9.87 44.43
CA PRO O 524 -21.42 10.23 43.73
C PRO O 524 -21.87 11.63 44.13
N ILE O 525 -22.42 12.37 43.18
CA ILE O 525 -22.93 13.69 43.46
C ILE O 525 -24.39 13.73 43.09
N GLY O 526 -25.24 13.86 44.09
CA GLY O 526 -26.64 14.00 43.87
C GLY O 526 -26.99 15.40 43.47
N THR O 527 -28.26 15.62 43.26
CA THR O 527 -28.68 16.90 42.74
C THR O 527 -29.27 17.82 43.81
N ARG O 528 -29.40 17.38 45.07
CA ARG O 528 -30.26 18.05 46.04
C ARG O 528 -29.44 18.79 47.11
N TYR O 529 -29.40 20.11 47.00
CA TYR O 529 -28.63 20.98 47.89
C TYR O 529 -29.47 22.15 48.34
N LEU O 530 -30.01 22.90 47.40
CA LEU O 530 -30.95 23.97 47.68
C LEU O 530 -32.19 23.42 48.36
N THR O 531 -32.94 24.29 49.02
CA THR O 531 -34.13 23.89 49.72
C THR O 531 -35.36 24.64 49.22
N ARG O 532 -36.52 24.04 49.47
CA ARG O 532 -37.82 24.66 49.26
C ARG O 532 -38.67 24.39 50.48
N ASN O 533 -39.69 25.23 50.68
CA ASN O 533 -40.71 24.93 51.67
C ASN O 533 -41.58 23.77 51.22
N LEU O 534 -42.22 23.13 52.18
CA LEU O 534 -43.02 21.96 51.88
C LEU O 534 -44.47 22.31 51.60
#